data_2K73
#
_entry.id   2K73
#
_entity_poly.entity_id   1
_entity_poly.type   'polypeptide(L)'
_entity_poly.pdbx_seq_one_letter_code
;MLRFLNQASQGRGAWLLMAFTALALELTALWFQHVMLLKPCVLSIYERAALFGVLGAALIGAIAPKTPLRYVAMVIWLYS
AFRGVQLTYEHTMLQLYPSPFATSDFMVRFPEWLPLDKWVPQVFVASGDCAERQWDFLGLEMPQWLLGIFIAYLIVAVLV
VISQPFKAKKRDLFGRGHHHHHH
;
_entity_poly.pdbx_strand_id   A
#
# COMPACT_ATOMS: atom_id res chain seq x y z
N MET A 1 -18.39 -18.93 -4.21
CA MET A 1 -17.19 -18.83 -5.09
C MET A 1 -16.82 -17.36 -5.28
N LEU A 2 -16.59 -16.97 -6.53
CA LEU A 2 -16.24 -15.60 -6.83
C LEU A 2 -17.38 -14.67 -6.42
N ARG A 3 -18.59 -14.99 -6.88
CA ARG A 3 -19.76 -14.18 -6.55
C ARG A 3 -19.77 -13.83 -5.07
N PHE A 4 -19.42 -14.80 -4.23
CA PHE A 4 -19.40 -14.58 -2.79
C PHE A 4 -18.35 -13.51 -2.44
N LEU A 5 -17.20 -13.59 -3.09
CA LEU A 5 -16.14 -12.63 -2.84
C LEU A 5 -16.69 -11.20 -2.92
N ASN A 6 -17.57 -10.96 -3.88
CA ASN A 6 -18.16 -9.64 -4.04
C ASN A 6 -19.09 -9.34 -2.86
N GLN A 7 -19.66 -10.41 -2.29
CA GLN A 7 -20.56 -10.27 -1.15
C GLN A 7 -19.77 -9.95 0.11
N ALA A 8 -18.74 -10.76 0.38
CA ALA A 8 -17.92 -10.56 1.57
C ALA A 8 -17.16 -9.24 1.49
N SER A 9 -16.79 -8.85 0.28
CA SER A 9 -16.05 -7.60 0.08
C SER A 9 -16.98 -6.40 0.17
N GLN A 10 -18.21 -6.56 -0.32
CA GLN A 10 -19.19 -5.48 -0.29
C GLN A 10 -19.67 -5.24 1.15
N GLY A 11 -19.10 -5.99 2.09
CA GLY A 11 -19.46 -5.83 3.49
C GLY A 11 -18.42 -4.97 4.21
N ARG A 12 -18.87 -4.23 5.21
CA ARG A 12 -17.98 -3.36 5.97
C ARG A 12 -17.03 -4.18 6.83
N GLY A 13 -17.58 -5.14 7.57
CA GLY A 13 -16.77 -5.99 8.44
C GLY A 13 -15.50 -6.44 7.72
N ALA A 14 -15.67 -6.84 6.47
CA ALA A 14 -14.55 -7.29 5.67
C ALA A 14 -13.57 -6.14 5.44
N TRP A 15 -14.10 -4.98 5.06
CA TRP A 15 -13.25 -3.82 4.82
C TRP A 15 -12.47 -3.48 6.08
N LEU A 16 -13.16 -3.46 7.22
CA LEU A 16 -12.51 -3.14 8.48
C LEU A 16 -11.42 -4.17 8.78
N LEU A 17 -11.60 -5.37 8.26
CA LEU A 17 -10.63 -6.45 8.47
C LEU A 17 -9.35 -6.17 7.69
N MET A 18 -9.49 -5.51 6.54
CA MET A 18 -8.33 -5.18 5.71
C MET A 18 -7.49 -4.12 6.39
N ALA A 19 -8.14 -3.21 7.11
CA ALA A 19 -7.43 -2.13 7.78
C ALA A 19 -6.62 -2.67 8.95
N PHE A 20 -7.28 -3.44 9.82
CA PHE A 20 -6.62 -4.01 10.98
C PHE A 20 -5.40 -4.84 10.57
N THR A 21 -5.48 -5.46 9.40
CA THR A 21 -4.38 -6.28 8.91
C THR A 21 -3.16 -5.42 8.61
N ALA A 22 -3.36 -4.38 7.80
CA ALA A 22 -2.26 -3.49 7.44
C ALA A 22 -1.77 -2.73 8.67
N LEU A 23 -2.66 -2.52 9.62
CA LEU A 23 -2.30 -1.81 10.85
C LEU A 23 -1.54 -2.75 11.78
N ALA A 24 -2.03 -3.99 11.89
CA ALA A 24 -1.39 -4.97 12.75
C ALA A 24 0.09 -5.11 12.41
N LEU A 25 0.42 -4.96 11.13
CA LEU A 25 1.81 -5.06 10.70
C LEU A 25 2.60 -3.83 11.13
N GLU A 26 1.94 -2.68 11.12
CA GLU A 26 2.59 -1.44 11.51
C GLU A 26 2.83 -1.41 13.02
N LEU A 27 1.83 -1.84 13.79
CA LEU A 27 1.96 -1.85 15.24
C LEU A 27 2.98 -2.90 15.68
N THR A 28 2.75 -4.14 15.31
CA THR A 28 3.66 -5.22 15.67
C THR A 28 5.09 -4.85 15.30
N ALA A 29 5.24 -4.05 14.25
CA ALA A 29 6.56 -3.61 13.80
C ALA A 29 7.05 -2.45 14.64
N LEU A 30 6.16 -1.50 14.91
CA LEU A 30 6.50 -0.33 15.70
C LEU A 30 7.05 -0.77 17.07
N TRP A 31 6.84 -2.03 17.41
CA TRP A 31 7.31 -2.56 18.68
C TRP A 31 8.70 -3.17 18.53
N PHE A 32 8.93 -3.81 17.38
CA PHE A 32 10.22 -4.42 17.11
C PHE A 32 11.32 -3.38 17.17
N GLN A 33 11.05 -2.20 16.64
CA GLN A 33 12.02 -1.12 16.65
C GLN A 33 12.12 -0.51 18.04
N HIS A 34 10.99 -0.43 18.72
CA HIS A 34 10.94 0.13 20.07
C HIS A 34 11.86 -0.64 21.00
N VAL A 35 12.05 -1.93 20.71
CA VAL A 35 12.92 -2.77 21.54
C VAL A 35 14.24 -3.04 20.83
N MET A 36 14.18 -3.23 19.52
CA MET A 36 15.37 -3.49 18.73
C MET A 36 16.12 -2.19 18.42
N LEU A 37 15.57 -1.08 18.91
CA LEU A 37 16.19 0.22 18.69
C LEU A 37 16.55 0.40 17.22
N LEU A 38 15.62 0.09 16.33
CA LEU A 38 15.85 0.22 14.90
C LEU A 38 15.61 1.65 14.43
N LYS A 39 16.33 2.06 13.39
CA LYS A 39 16.18 3.42 12.85
C LYS A 39 15.67 3.36 11.41
N PRO A 40 14.75 4.22 11.06
CA PRO A 40 14.19 4.26 9.67
C PRO A 40 15.16 4.90 8.66
N CYS A 41 14.86 4.75 7.38
CA CYS A 41 15.70 5.32 6.33
C CYS A 41 14.87 6.21 5.42
N VAL A 42 15.54 6.87 4.47
CA VAL A 42 14.85 7.76 3.54
C VAL A 42 13.77 7.00 2.77
N LEU A 43 14.18 5.91 2.15
CA LEU A 43 13.25 5.10 1.35
C LEU A 43 12.18 4.47 2.23
N SER A 44 12.60 3.86 3.34
CA SER A 44 11.68 3.22 4.26
C SER A 44 10.52 4.16 4.60
N ILE A 45 10.85 5.39 4.94
CA ILE A 45 9.83 6.38 5.27
C ILE A 45 8.91 6.62 4.08
N TYR A 46 9.50 6.76 2.91
CA TYR A 46 8.73 6.98 1.69
C TYR A 46 7.76 5.82 1.45
N GLU A 47 8.28 4.60 1.57
CA GLU A 47 7.46 3.41 1.36
C GLU A 47 6.31 3.40 2.35
N ARG A 48 6.58 3.83 3.58
CA ARG A 48 5.55 3.86 4.61
C ARG A 48 4.42 4.78 4.19
N ALA A 49 4.76 5.79 3.38
CA ALA A 49 3.76 6.73 2.90
C ALA A 49 2.84 6.07 1.88
N ALA A 50 3.42 5.19 1.06
CA ALA A 50 2.65 4.49 0.04
C ALA A 50 1.52 3.69 0.68
N LEU A 51 1.86 2.90 1.70
CA LEU A 51 0.86 2.09 2.39
C LEU A 51 0.04 2.95 3.33
N PHE A 52 0.72 3.69 4.21
CA PHE A 52 0.01 4.56 5.15
C PHE A 52 -1.08 5.31 4.40
N GLY A 53 -0.77 5.73 3.18
CA GLY A 53 -1.73 6.46 2.36
C GLY A 53 -2.89 5.54 1.96
N VAL A 54 -2.57 4.30 1.60
CA VAL A 54 -3.61 3.35 1.22
C VAL A 54 -4.54 3.11 2.40
N LEU A 55 -3.95 2.85 3.56
CA LEU A 55 -4.73 2.62 4.76
C LEU A 55 -5.85 3.65 4.84
N GLY A 56 -5.48 4.92 4.66
CA GLY A 56 -6.46 6.00 4.69
C GLY A 56 -7.50 5.80 3.60
N ALA A 57 -7.08 5.17 2.52
CA ALA A 57 -7.98 4.92 1.39
C ALA A 57 -9.04 3.89 1.77
N ALA A 58 -8.66 2.95 2.62
CA ALA A 58 -9.59 1.90 3.05
C ALA A 58 -10.58 2.45 4.07
N LEU A 59 -10.20 3.51 4.76
CA LEU A 59 -11.07 4.12 5.76
C LEU A 59 -12.20 4.88 5.08
N ILE A 60 -11.89 5.57 3.99
CA ILE A 60 -12.88 6.34 3.27
C ILE A 60 -13.69 5.44 2.33
N GLY A 61 -13.02 4.45 1.76
CA GLY A 61 -13.67 3.53 0.84
C GLY A 61 -14.73 2.70 1.55
N ALA A 62 -14.43 2.30 2.79
CA ALA A 62 -15.37 1.49 3.57
C ALA A 62 -16.59 2.31 3.96
N ILE A 63 -16.74 3.49 3.39
CA ILE A 63 -17.88 4.35 3.69
C ILE A 63 -19.09 3.94 2.86
N ALA A 64 -18.84 3.40 1.67
CA ALA A 64 -19.92 2.97 0.79
C ALA A 64 -19.36 2.47 -0.54
N PRO A 65 -18.85 1.26 -0.58
CA PRO A 65 -18.27 0.68 -1.81
C PRO A 65 -19.35 0.19 -2.77
N LYS A 66 -20.56 0.75 -2.64
CA LYS A 66 -21.68 0.38 -3.48
C LYS A 66 -22.03 1.54 -4.40
N THR A 67 -21.37 2.67 -4.18
CA THR A 67 -21.59 3.87 -4.99
C THR A 67 -20.33 4.20 -5.78
N PRO A 68 -20.44 5.03 -6.78
CA PRO A 68 -19.28 5.43 -7.63
C PRO A 68 -18.02 5.68 -6.79
N LEU A 69 -18.20 5.79 -5.48
CA LEU A 69 -17.08 6.04 -4.57
C LEU A 69 -15.88 5.19 -4.97
N ARG A 70 -16.14 3.97 -5.45
CA ARG A 70 -15.06 3.09 -5.85
C ARG A 70 -13.96 3.87 -6.56
N TYR A 71 -14.24 4.41 -7.74
CA TYR A 71 -13.23 5.18 -8.47
C TYR A 71 -12.57 6.21 -7.55
N VAL A 72 -13.34 6.75 -6.62
CA VAL A 72 -12.80 7.77 -5.72
C VAL A 72 -11.76 7.21 -4.75
N ALA A 73 -12.05 6.07 -4.12
CA ALA A 73 -11.10 5.47 -3.18
C ALA A 73 -9.99 4.73 -3.91
N MET A 74 -10.36 3.95 -4.93
CA MET A 74 -9.37 3.19 -5.69
C MET A 74 -8.34 4.12 -6.33
N VAL A 75 -8.67 5.40 -6.41
CA VAL A 75 -7.75 6.37 -7.00
C VAL A 75 -6.42 6.34 -6.25
N ILE A 76 -6.52 6.07 -4.95
CA ILE A 76 -5.34 6.00 -4.10
C ILE A 76 -4.78 4.59 -4.11
N TRP A 77 -5.67 3.60 -4.20
CA TRP A 77 -5.26 2.21 -4.24
C TRP A 77 -4.43 1.94 -5.48
N LEU A 78 -4.90 2.43 -6.63
CA LEU A 78 -4.20 2.25 -7.88
C LEU A 78 -2.89 3.04 -7.88
N TYR A 79 -2.97 4.30 -7.45
CA TYR A 79 -1.77 5.13 -7.40
C TYR A 79 -0.61 4.36 -6.78
N SER A 80 -0.90 3.61 -5.72
CA SER A 80 0.13 2.83 -5.05
C SER A 80 0.37 1.51 -5.80
N ALA A 81 -0.61 1.07 -6.56
CA ALA A 81 -0.48 -0.17 -7.31
C ALA A 81 0.68 -0.10 -8.30
N PHE A 82 0.61 0.87 -9.22
CA PHE A 82 1.67 1.03 -10.22
C PHE A 82 2.91 1.66 -9.60
N ARG A 83 2.74 2.80 -8.95
CA ARG A 83 3.88 3.51 -8.34
C ARG A 83 4.49 2.71 -7.20
N GLY A 84 3.66 2.21 -6.30
CA GLY A 84 4.18 1.42 -5.17
C GLY A 84 5.01 0.25 -5.68
N VAL A 85 4.48 -0.48 -6.66
CA VAL A 85 5.19 -1.63 -7.21
C VAL A 85 6.45 -1.19 -7.95
N GLN A 86 6.31 -0.17 -8.79
CA GLN A 86 7.45 0.34 -9.54
C GLN A 86 8.56 0.76 -8.59
N LEU A 87 8.18 1.47 -7.53
CA LEU A 87 9.16 1.92 -6.55
C LEU A 87 9.79 0.73 -5.83
N THR A 88 8.95 -0.16 -5.32
CA THR A 88 9.44 -1.34 -4.62
C THR A 88 10.53 -2.01 -5.45
N TYR A 89 10.52 -1.78 -6.75
CA TYR A 89 11.50 -2.36 -7.65
C TYR A 89 12.85 -1.68 -7.48
N GLU A 90 12.82 -0.35 -7.42
CA GLU A 90 14.05 0.42 -7.24
C GLU A 90 14.82 -0.09 -6.03
N HIS A 91 14.09 -0.45 -4.99
CA HIS A 91 14.71 -0.96 -3.77
C HIS A 91 15.35 -2.33 -4.03
N THR A 92 14.65 -3.18 -4.78
CA THR A 92 15.15 -4.51 -5.08
C THR A 92 16.38 -4.42 -5.98
N MET A 93 16.26 -3.68 -7.07
CA MET A 93 17.38 -3.53 -8.02
C MET A 93 18.60 -2.98 -7.29
N LEU A 94 18.42 -1.88 -6.57
CA LEU A 94 19.52 -1.27 -5.85
C LEU A 94 20.05 -2.21 -4.78
N GLN A 95 19.16 -2.89 -4.09
CA GLN A 95 19.54 -3.83 -3.05
C GLN A 95 20.50 -4.88 -3.62
N LEU A 96 20.16 -5.39 -4.80
CA LEU A 96 21.00 -6.41 -5.45
C LEU A 96 21.95 -5.74 -6.44
N TYR A 97 21.77 -4.44 -6.65
CA TYR A 97 22.61 -3.69 -7.58
C TYR A 97 22.97 -2.33 -6.99
N PRO A 98 23.74 -2.31 -5.94
CA PRO A 98 24.15 -1.03 -5.27
C PRO A 98 25.07 -0.19 -6.15
N SER A 99 24.60 0.99 -6.53
CA SER A 99 25.39 1.89 -7.37
C SER A 99 24.73 3.26 -7.45
N PRO A 100 24.53 3.90 -6.33
CA PRO A 100 23.89 5.25 -6.27
C PRO A 100 24.81 6.35 -6.82
N PHE A 101 24.29 7.57 -6.86
CA PHE A 101 25.07 8.69 -7.36
C PHE A 101 26.12 9.11 -6.35
N ALA A 102 26.32 10.42 -6.20
CA ALA A 102 27.30 10.93 -5.25
C ALA A 102 26.81 10.77 -3.82
N THR A 103 25.93 11.68 -3.39
CA THR A 103 25.38 11.63 -2.04
C THR A 103 23.90 11.98 -2.05
N SER A 104 23.17 11.42 -3.00
CA SER A 104 21.73 11.69 -3.11
C SER A 104 21.05 11.51 -1.75
N ASP A 105 21.65 10.68 -0.90
CA ASP A 105 21.09 10.43 0.42
C ASP A 105 21.15 11.69 1.28
N PHE A 106 20.25 12.63 0.97
CA PHE A 106 20.20 13.89 1.71
C PHE A 106 18.82 14.10 2.32
N MET A 107 18.55 13.40 3.42
CA MET A 107 17.26 13.51 4.09
C MET A 107 16.12 13.47 3.07
N VAL A 108 14.93 13.90 3.51
CA VAL A 108 13.77 13.91 2.62
C VAL A 108 13.58 15.29 2.00
N ARG A 109 13.60 15.35 0.67
CA ARG A 109 13.42 16.61 -0.03
C ARG A 109 11.96 16.82 -0.39
N PHE A 110 11.31 17.77 0.30
CA PHE A 110 9.90 18.06 0.04
C PHE A 110 9.67 19.57 0.00
N PRO A 111 8.74 20.03 -0.80
CA PRO A 111 8.43 21.49 -0.91
C PRO A 111 7.81 22.05 0.37
N GLU A 112 8.29 23.21 0.79
CA GLU A 112 7.77 23.84 2.00
C GLU A 112 6.34 24.30 1.80
N TRP A 113 5.75 23.92 0.66
CA TRP A 113 4.39 24.30 0.35
C TRP A 113 3.41 23.24 0.89
N LEU A 114 3.96 22.18 1.49
CA LEU A 114 3.14 21.12 2.05
C LEU A 114 3.54 20.87 3.52
N PRO A 115 3.05 21.70 4.41
CA PRO A 115 3.36 21.57 5.87
C PRO A 115 3.07 20.17 6.40
N LEU A 116 2.72 19.26 5.50
CA LEU A 116 2.42 17.89 5.88
C LEU A 116 3.65 17.24 6.51
N ASP A 117 4.82 17.64 6.01
CA ASP A 117 6.08 17.12 6.53
C ASP A 117 6.67 18.08 7.56
N LYS A 118 6.61 19.38 7.25
CA LYS A 118 7.15 20.39 8.16
C LYS A 118 6.32 20.43 9.44
N TRP A 119 5.00 20.42 9.29
CA TRP A 119 4.11 20.44 10.44
C TRP A 119 4.10 19.07 11.12
N VAL A 120 4.66 18.08 10.43
CA VAL A 120 4.73 16.72 10.98
C VAL A 120 6.04 16.04 10.58
N PRO A 121 7.14 16.46 11.18
CA PRO A 121 8.48 15.87 10.90
C PRO A 121 8.67 14.53 11.59
N GLN A 122 7.83 14.26 12.58
CA GLN A 122 7.92 13.01 13.33
C GLN A 122 7.85 11.81 12.39
N VAL A 123 6.83 11.75 11.55
CA VAL A 123 6.68 10.65 10.61
C VAL A 123 7.01 11.09 9.19
N PHE A 124 8.24 11.58 9.01
CA PHE A 124 8.69 12.04 7.70
C PHE A 124 10.21 12.14 7.68
N VAL A 125 10.78 12.68 8.75
CA VAL A 125 12.23 12.82 8.85
C VAL A 125 12.90 11.46 8.85
N ALA A 126 13.92 11.31 7.99
CA ALA A 126 14.66 10.05 7.89
C ALA A 126 15.90 10.08 8.75
N SER A 127 16.39 8.90 9.14
CA SER A 127 17.59 8.81 9.97
C SER A 127 18.18 7.40 9.88
N GLY A 128 19.22 7.25 9.06
CA GLY A 128 19.87 5.96 8.89
C GLY A 128 20.18 5.70 7.42
N ASP A 129 20.79 4.55 7.14
CA ASP A 129 21.14 4.19 5.76
C ASP A 129 19.97 3.47 5.09
N CYS A 130 19.86 3.63 3.78
CA CYS A 130 18.79 2.98 3.03
C CYS A 130 19.29 1.73 2.31
N ALA A 131 18.57 0.63 2.51
CA ALA A 131 18.92 -0.66 1.89
C ALA A 131 19.62 -1.58 2.89
N GLU A 132 20.00 -1.03 4.04
CA GLU A 132 20.68 -1.83 5.05
C GLU A 132 19.70 -2.83 5.67
N ARG A 133 20.20 -4.01 6.04
CA ARG A 133 19.36 -5.04 6.63
C ARG A 133 19.52 -5.05 8.15
N GLN A 134 18.40 -5.09 8.87
CA GLN A 134 18.43 -5.11 10.33
C GLN A 134 17.55 -6.23 10.87
N TRP A 135 16.78 -6.86 9.99
CA TRP A 135 15.90 -7.95 10.40
C TRP A 135 15.25 -8.61 9.19
N ASP A 136 15.27 -9.94 9.15
CA ASP A 136 14.70 -10.66 8.01
C ASP A 136 13.90 -11.89 8.46
N PHE A 137 13.03 -12.35 7.57
CA PHE A 137 12.20 -13.52 7.83
C PHE A 137 12.55 -14.61 6.81
N LEU A 138 12.63 -15.86 7.27
CA LEU A 138 12.95 -16.96 6.38
C LEU A 138 14.19 -16.64 5.54
N GLY A 139 14.95 -15.64 5.98
CA GLY A 139 16.17 -15.25 5.26
C GLY A 139 15.89 -14.17 4.20
N LEU A 140 14.77 -13.47 4.37
CA LEU A 140 14.40 -12.41 3.44
C LEU A 140 14.20 -11.10 4.21
N GLU A 141 14.67 -10.00 3.62
CA GLU A 141 14.54 -8.69 4.26
C GLU A 141 13.08 -8.25 4.25
N MET A 142 12.68 -7.52 5.30
CA MET A 142 11.30 -7.04 5.38
C MET A 142 10.86 -6.43 4.05
N PRO A 143 11.55 -5.42 3.58
CA PRO A 143 11.22 -4.75 2.29
C PRO A 143 10.75 -5.75 1.23
N GLN A 144 11.36 -6.92 1.21
CA GLN A 144 10.99 -7.95 0.23
C GLN A 144 9.61 -8.52 0.57
N TRP A 145 9.40 -8.81 1.85
CA TRP A 145 8.12 -9.34 2.27
C TRP A 145 7.02 -8.30 2.11
N LEU A 146 7.20 -7.16 2.74
CA LEU A 146 6.22 -6.08 2.64
C LEU A 146 5.77 -5.93 1.19
N LEU A 147 6.70 -6.11 0.25
CA LEU A 147 6.35 -6.01 -1.17
C LEU A 147 5.37 -7.12 -1.52
N GLY A 148 5.56 -8.27 -0.88
CA GLY A 148 4.68 -9.40 -1.12
C GLY A 148 3.22 -9.01 -0.85
N ILE A 149 3.03 -8.21 0.20
CA ILE A 149 1.70 -7.76 0.57
C ILE A 149 1.19 -6.73 -0.44
N PHE A 150 2.06 -5.79 -0.83
CA PHE A 150 1.67 -4.77 -1.80
C PHE A 150 0.99 -5.43 -3.00
N ILE A 151 1.54 -6.55 -3.44
CA ILE A 151 0.98 -7.27 -4.58
C ILE A 151 -0.42 -7.77 -4.23
N ALA A 152 -0.55 -8.36 -3.04
CA ALA A 152 -1.84 -8.86 -2.58
C ALA A 152 -2.87 -7.74 -2.60
N TYR A 153 -2.55 -6.64 -1.92
CA TYR A 153 -3.46 -5.49 -1.86
C TYR A 153 -3.81 -5.00 -3.26
N LEU A 154 -2.83 -5.03 -4.15
CA LEU A 154 -3.03 -4.57 -5.52
C LEU A 154 -4.08 -5.44 -6.23
N ILE A 155 -4.15 -6.70 -5.84
CA ILE A 155 -5.08 -7.65 -6.46
C ILE A 155 -6.50 -7.51 -5.93
N VAL A 156 -6.64 -7.29 -4.62
CA VAL A 156 -7.98 -7.18 -4.04
C VAL A 156 -8.73 -5.99 -4.64
N ALA A 157 -8.02 -4.89 -4.87
CA ALA A 157 -8.66 -3.71 -5.44
C ALA A 157 -8.99 -3.93 -6.91
N VAL A 158 -8.01 -4.43 -7.67
CA VAL A 158 -8.22 -4.66 -9.09
C VAL A 158 -9.34 -5.68 -9.31
N LEU A 159 -9.42 -6.68 -8.44
CA LEU A 159 -10.44 -7.71 -8.57
C LEU A 159 -11.79 -7.21 -8.04
N VAL A 160 -11.76 -6.52 -6.90
CA VAL A 160 -12.99 -6.02 -6.30
C VAL A 160 -13.57 -4.86 -7.11
N VAL A 161 -12.71 -4.18 -7.87
CA VAL A 161 -13.14 -3.07 -8.69
C VAL A 161 -13.88 -3.59 -9.92
N ILE A 162 -13.29 -4.60 -10.57
CA ILE A 162 -13.90 -5.18 -11.76
C ILE A 162 -15.14 -5.99 -11.39
N SER A 163 -15.21 -6.40 -10.12
CA SER A 163 -16.35 -7.18 -9.65
C SER A 163 -17.65 -6.38 -9.79
N GLN A 164 -17.49 -5.08 -10.03
CA GLN A 164 -18.65 -4.20 -10.17
C GLN A 164 -19.62 -4.77 -11.22
N PRO A 165 -20.90 -4.54 -11.07
CA PRO A 165 -21.92 -5.04 -12.02
C PRO A 165 -21.44 -4.96 -13.47
N PHE A 166 -20.59 -3.99 -13.75
CA PHE A 166 -20.05 -3.81 -15.09
C PHE A 166 -21.14 -3.99 -16.14
N LYS A 167 -20.84 -4.74 -17.20
CA LYS A 167 -21.80 -4.98 -18.26
C LYS A 167 -22.23 -3.67 -18.90
N ALA A 168 -23.54 -3.48 -19.07
CA ALA A 168 -24.06 -2.26 -19.67
C ALA A 168 -23.63 -2.17 -21.13
N LYS A 169 -24.61 -2.04 -22.03
CA LYS A 169 -24.32 -1.94 -23.45
C LYS A 169 -24.30 -0.49 -23.92
N LYS A 170 -25.01 0.37 -23.19
CA LYS A 170 -25.06 1.79 -23.54
C LYS A 170 -23.65 2.32 -23.78
N ARG A 171 -23.09 2.99 -22.79
CA ARG A 171 -21.76 3.55 -22.92
C ARG A 171 -21.63 4.34 -24.21
N ASP A 172 -22.26 5.51 -24.26
CA ASP A 172 -22.20 6.35 -25.45
C ASP A 172 -20.84 7.03 -25.57
N LEU A 173 -20.16 6.79 -26.69
CA LEU A 173 -18.85 7.38 -26.92
C LEU A 173 -17.88 6.98 -25.83
N PHE A 174 -16.63 6.73 -26.21
CA PHE A 174 -15.61 6.33 -25.25
C PHE A 174 -14.23 6.29 -25.91
N GLY A 175 -13.42 7.31 -25.65
CA GLY A 175 -12.08 7.38 -26.23
C GLY A 175 -12.08 8.20 -27.51
N ARG A 176 -11.08 9.06 -27.65
CA ARG A 176 -10.98 9.92 -28.83
C ARG A 176 -10.36 9.15 -29.99
N GLY A 177 -10.57 9.64 -31.21
CA GLY A 177 -10.03 8.99 -32.40
C GLY A 177 -8.78 9.71 -32.90
N HIS A 178 -8.96 10.59 -33.87
CA HIS A 178 -7.84 11.35 -34.43
C HIS A 178 -6.75 10.39 -34.91
N HIS A 179 -6.93 9.85 -36.11
CA HIS A 179 -5.95 8.94 -36.68
C HIS A 179 -6.12 8.85 -38.19
N HIS A 180 -6.85 9.82 -38.76
CA HIS A 180 -7.08 9.84 -40.20
C HIS A 180 -5.85 10.39 -40.92
N HIS A 181 -4.95 11.03 -40.17
CA HIS A 181 -3.75 11.60 -40.75
C HIS A 181 -4.09 12.75 -41.70
N HIS A 182 -3.17 13.06 -42.60
CA HIS A 182 -3.39 14.14 -43.57
C HIS A 182 -2.61 13.89 -44.84
N HIS A 183 -3.10 14.41 -45.96
CA HIS A 183 -2.42 14.24 -47.23
C HIS A 183 -0.98 14.72 -47.16
N MET A 1 -16.19 -19.18 -4.51
CA MET A 1 -16.62 -18.72 -5.85
C MET A 1 -16.29 -17.23 -6.01
N LEU A 2 -16.17 -16.79 -7.26
CA LEU A 2 -15.86 -15.39 -7.52
C LEU A 2 -17.03 -14.49 -7.12
N ARG A 3 -18.24 -14.96 -7.39
CA ARG A 3 -19.43 -14.19 -7.05
C ARG A 3 -19.47 -13.90 -5.55
N PHE A 4 -18.86 -14.78 -4.77
CA PHE A 4 -18.83 -14.61 -3.32
C PHE A 4 -17.80 -13.56 -2.93
N LEU A 5 -16.62 -13.61 -3.56
CA LEU A 5 -15.57 -12.65 -3.28
C LEU A 5 -16.11 -11.23 -3.33
N ASN A 6 -16.96 -10.96 -4.33
CA ASN A 6 -17.54 -9.63 -4.47
C ASN A 6 -18.45 -9.33 -3.30
N GLN A 7 -19.01 -10.38 -2.71
CA GLN A 7 -19.91 -10.22 -1.57
C GLN A 7 -19.11 -9.99 -0.29
N ALA A 8 -18.10 -10.82 -0.07
CA ALA A 8 -17.27 -10.70 1.12
C ALA A 8 -16.58 -9.33 1.17
N SER A 9 -16.26 -8.80 0.00
CA SER A 9 -15.60 -7.50 -0.09
C SER A 9 -16.60 -6.38 0.15
N GLN A 10 -17.80 -6.53 -0.39
CA GLN A 10 -18.84 -5.52 -0.23
C GLN A 10 -19.28 -5.45 1.23
N GLY A 11 -18.59 -6.19 2.09
CA GLY A 11 -18.89 -6.20 3.52
C GLY A 11 -17.90 -5.32 4.25
N ARG A 12 -18.39 -4.59 5.25
CA ARG A 12 -17.53 -3.70 6.04
C ARG A 12 -16.54 -4.50 6.86
N GLY A 13 -17.02 -5.52 7.57
CA GLY A 13 -16.18 -6.36 8.41
C GLY A 13 -14.88 -6.70 7.68
N ALA A 14 -15.01 -7.08 6.42
CA ALA A 14 -13.86 -7.43 5.61
C ALA A 14 -12.95 -6.22 5.44
N TRP A 15 -13.54 -5.09 5.06
CA TRP A 15 -12.78 -3.87 4.87
C TRP A 15 -11.97 -3.54 6.13
N LEU A 16 -12.61 -3.70 7.28
CA LEU A 16 -11.95 -3.43 8.55
C LEU A 16 -10.85 -4.47 8.80
N LEU A 17 -11.04 -5.66 8.22
CA LEU A 17 -10.07 -6.74 8.39
C LEU A 17 -8.78 -6.42 7.63
N MET A 18 -8.91 -5.76 6.49
CA MET A 18 -7.74 -5.41 5.70
C MET A 18 -6.96 -4.29 6.39
N ALA A 19 -7.67 -3.41 7.07
CA ALA A 19 -7.03 -2.31 7.77
C ALA A 19 -6.20 -2.82 8.95
N PHE A 20 -6.83 -3.64 9.79
CA PHE A 20 -6.14 -4.18 10.95
C PHE A 20 -4.82 -4.84 10.55
N THR A 21 -4.86 -5.61 9.47
CA THR A 21 -3.66 -6.30 8.98
C THR A 21 -2.55 -5.30 8.68
N ALA A 22 -2.81 -4.41 7.73
CA ALA A 22 -1.82 -3.41 7.34
C ALA A 22 -1.27 -2.68 8.58
N LEU A 23 -2.15 -2.41 9.54
CA LEU A 23 -1.74 -1.73 10.76
C LEU A 23 -0.89 -2.64 11.63
N ALA A 24 -1.30 -3.90 11.74
CA ALA A 24 -0.57 -4.85 12.57
C ALA A 24 0.92 -4.77 12.29
N LEU A 25 1.29 -4.64 11.03
CA LEU A 25 2.69 -4.54 10.65
C LEU A 25 3.27 -3.20 11.08
N GLU A 26 2.43 -2.17 11.07
CA GLU A 26 2.87 -0.83 11.45
C GLU A 26 3.12 -0.77 12.95
N LEU A 27 2.16 -1.24 13.73
CA LEU A 27 2.30 -1.22 15.19
C LEU A 27 3.41 -2.17 15.63
N THR A 28 3.27 -3.44 15.27
CA THR A 28 4.26 -4.44 15.64
C THR A 28 5.67 -3.96 15.29
N ALA A 29 5.76 -3.15 14.23
CA ALA A 29 7.05 -2.62 13.81
C ALA A 29 7.45 -1.41 14.64
N LEU A 30 6.51 -0.49 14.82
CA LEU A 30 6.77 0.71 15.60
C LEU A 30 7.30 0.35 16.98
N TRP A 31 7.15 -0.91 17.36
CA TRP A 31 7.61 -1.37 18.67
C TRP A 31 8.99 -2.00 18.56
N PHE A 32 9.24 -2.70 17.45
CA PHE A 32 10.52 -3.35 17.23
C PHE A 32 11.65 -2.32 17.31
N GLN A 33 11.43 -1.15 16.70
CA GLN A 33 12.45 -0.10 16.71
C GLN A 33 12.62 0.47 18.11
N HIS A 34 11.50 0.77 18.75
CA HIS A 34 11.53 1.34 20.11
C HIS A 34 12.24 0.40 21.07
N VAL A 35 12.35 -0.87 20.69
CA VAL A 35 13.00 -1.86 21.53
C VAL A 35 14.42 -2.14 21.03
N MET A 36 14.57 -2.30 19.72
CA MET A 36 15.88 -2.57 19.13
C MET A 36 16.60 -1.27 18.78
N LEU A 37 16.03 -0.15 19.21
CA LEU A 37 16.63 1.15 18.94
C LEU A 37 17.09 1.25 17.49
N LEU A 38 16.23 0.82 16.58
CA LEU A 38 16.56 0.86 15.16
C LEU A 38 16.35 2.26 14.61
N LYS A 39 17.07 2.57 13.53
CA LYS A 39 16.97 3.89 12.90
C LYS A 39 16.70 3.74 11.40
N PRO A 40 15.46 3.56 11.03
CA PRO A 40 15.06 3.39 9.59
C PRO A 40 15.71 4.44 8.68
N CYS A 41 15.43 4.33 7.38
CA CYS A 41 15.99 5.26 6.40
C CYS A 41 14.87 6.05 5.73
N VAL A 42 15.25 6.88 4.76
CA VAL A 42 14.26 7.69 4.04
C VAL A 42 13.30 6.80 3.28
N LEU A 43 13.81 5.70 2.74
CA LEU A 43 13.00 4.77 1.96
C LEU A 43 11.99 4.05 2.84
N SER A 44 12.46 3.53 3.97
CA SER A 44 11.59 2.80 4.89
C SER A 44 10.38 3.65 5.26
N ILE A 45 10.62 4.89 5.66
CA ILE A 45 9.54 5.79 6.04
C ILE A 45 8.66 6.09 4.83
N TYR A 46 9.29 6.25 3.67
CA TYR A 46 8.55 6.54 2.45
C TYR A 46 7.56 5.42 2.16
N GLU A 47 8.03 4.18 2.22
CA GLU A 47 7.17 3.03 1.97
C GLU A 47 6.00 3.04 2.94
N ARG A 48 6.26 3.45 4.18
CA ARG A 48 5.22 3.51 5.20
C ARG A 48 4.10 4.45 4.73
N ALA A 49 4.47 5.47 3.98
CA ALA A 49 3.51 6.44 3.47
C ALA A 49 2.61 5.78 2.42
N ALA A 50 3.20 4.89 1.62
CA ALA A 50 2.46 4.20 0.58
C ALA A 50 1.31 3.39 1.18
N LEU A 51 1.60 2.62 2.22
CA LEU A 51 0.58 1.82 2.89
C LEU A 51 -0.28 2.70 3.78
N PHE A 52 0.35 3.48 4.65
CA PHE A 52 -0.39 4.36 5.53
C PHE A 52 -1.47 5.09 4.74
N GLY A 53 -1.11 5.50 3.52
CA GLY A 53 -2.04 6.20 2.65
C GLY A 53 -3.18 5.27 2.22
N VAL A 54 -2.84 4.05 1.84
CA VAL A 54 -3.85 3.09 1.43
C VAL A 54 -4.81 2.81 2.59
N LEU A 55 -4.23 2.57 3.76
CA LEU A 55 -5.04 2.32 4.95
C LEU A 55 -6.18 3.33 5.02
N GLY A 56 -5.84 4.60 4.80
CA GLY A 56 -6.85 5.66 4.82
C GLY A 56 -7.87 5.45 3.72
N ALA A 57 -7.40 4.87 2.62
CA ALA A 57 -8.27 4.61 1.47
C ALA A 57 -9.29 3.54 1.81
N ALA A 58 -8.85 2.51 2.53
CA ALA A 58 -9.73 1.43 2.92
C ALA A 58 -10.82 1.94 3.86
N LEU A 59 -10.49 2.97 4.62
CA LEU A 59 -11.45 3.55 5.56
C LEU A 59 -12.44 4.44 4.82
N ILE A 60 -11.99 5.02 3.69
CA ILE A 60 -12.84 5.89 2.90
C ILE A 60 -13.75 5.07 1.99
N GLY A 61 -13.19 4.00 1.42
CA GLY A 61 -13.96 3.13 0.53
C GLY A 61 -15.04 2.39 1.29
N ALA A 62 -14.76 2.06 2.56
CA ALA A 62 -15.73 1.35 3.38
C ALA A 62 -16.96 2.21 3.64
N ILE A 63 -17.02 3.37 2.99
CA ILE A 63 -18.16 4.27 3.15
C ILE A 63 -19.36 3.76 2.36
N ALA A 64 -19.09 3.19 1.19
CA ALA A 64 -20.16 2.67 0.35
C ALA A 64 -19.61 2.14 -0.97
N PRO A 65 -18.93 1.03 -0.92
CA PRO A 65 -18.32 0.40 -2.13
C PRO A 65 -19.37 -0.05 -3.14
N LYS A 66 -20.59 0.46 -2.98
CA LYS A 66 -21.69 0.10 -3.88
C LYS A 66 -22.05 1.30 -4.76
N THR A 67 -21.41 2.43 -4.49
CA THR A 67 -21.65 3.65 -5.24
C THR A 67 -20.39 4.03 -6.01
N PRO A 68 -20.49 4.91 -6.98
CA PRO A 68 -19.32 5.36 -7.79
C PRO A 68 -18.08 5.59 -6.93
N LEU A 69 -18.27 5.61 -5.61
CA LEU A 69 -17.16 5.82 -4.69
C LEU A 69 -15.96 4.96 -5.10
N ARG A 70 -16.23 3.77 -5.62
CA ARG A 70 -15.16 2.87 -6.04
C ARG A 70 -14.05 3.65 -6.73
N TYR A 71 -14.29 4.19 -7.92
CA TYR A 71 -13.26 4.95 -8.62
C TYR A 71 -12.70 6.06 -7.73
N VAL A 72 -13.51 6.55 -6.81
CA VAL A 72 -13.06 7.62 -5.92
C VAL A 72 -12.04 7.13 -4.91
N ALA A 73 -12.35 6.06 -4.18
CA ALA A 73 -11.41 5.52 -3.20
C ALA A 73 -10.28 4.79 -3.92
N MET A 74 -10.64 4.05 -4.97
CA MET A 74 -9.65 3.32 -5.74
C MET A 74 -8.61 4.28 -6.31
N VAL A 75 -8.88 5.57 -6.20
CA VAL A 75 -7.97 6.58 -6.70
C VAL A 75 -6.63 6.51 -5.95
N ILE A 76 -6.73 6.22 -4.66
CA ILE A 76 -5.55 6.09 -3.81
C ILE A 76 -5.00 4.68 -3.90
N TRP A 77 -5.89 3.71 -4.08
CA TRP A 77 -5.49 2.31 -4.19
C TRP A 77 -4.60 2.12 -5.41
N LEU A 78 -5.09 2.57 -6.56
CA LEU A 78 -4.34 2.45 -7.81
C LEU A 78 -3.05 3.25 -7.73
N TYR A 79 -3.15 4.49 -7.25
CA TYR A 79 -1.97 5.35 -7.13
C TYR A 79 -0.82 4.58 -6.48
N SER A 80 -1.11 3.87 -5.41
CA SER A 80 -0.09 3.10 -4.71
C SER A 80 0.25 1.83 -5.47
N ALA A 81 -0.70 1.34 -6.25
CA ALA A 81 -0.49 0.11 -7.01
C ALA A 81 0.68 0.26 -7.97
N PHE A 82 0.58 1.21 -8.90
CA PHE A 82 1.63 1.44 -9.87
C PHE A 82 2.84 2.11 -9.23
N ARG A 83 2.61 3.24 -8.56
CA ARG A 83 3.70 3.99 -7.94
C ARG A 83 4.31 3.22 -6.77
N GLY A 84 3.48 2.69 -5.88
CA GLY A 84 4.00 1.94 -4.74
C GLY A 84 4.91 0.82 -5.21
N VAL A 85 4.45 0.04 -6.20
CA VAL A 85 5.24 -1.05 -6.73
C VAL A 85 6.45 -0.51 -7.50
N GLN A 86 6.19 0.41 -8.42
CA GLN A 86 7.27 0.99 -9.21
C GLN A 86 8.42 1.43 -8.32
N LEU A 87 8.09 1.77 -7.07
CA LEU A 87 9.10 2.20 -6.12
C LEU A 87 9.87 1.00 -5.56
N THR A 88 9.15 -0.09 -5.32
CA THR A 88 9.79 -1.30 -4.80
C THR A 88 10.94 -1.71 -5.70
N TYR A 89 10.82 -1.38 -6.99
CA TYR A 89 11.86 -1.73 -7.95
C TYR A 89 13.14 -0.94 -7.65
N GLU A 90 13.00 0.36 -7.46
CA GLU A 90 14.14 1.21 -7.17
C GLU A 90 14.91 0.68 -5.95
N HIS A 91 14.17 0.22 -4.95
CA HIS A 91 14.79 -0.31 -3.74
C HIS A 91 15.45 -1.65 -4.02
N THR A 92 14.66 -2.61 -4.51
CA THR A 92 15.18 -3.93 -4.81
C THR A 92 16.40 -3.84 -5.70
N MET A 93 16.26 -3.13 -6.83
CA MET A 93 17.37 -2.98 -7.76
C MET A 93 18.63 -2.54 -7.04
N LEU A 94 18.50 -1.56 -6.16
CA LEU A 94 19.64 -1.05 -5.41
C LEU A 94 20.15 -2.11 -4.44
N GLN A 95 19.23 -2.75 -3.73
CA GLN A 95 19.60 -3.79 -2.77
C GLN A 95 20.38 -4.90 -3.46
N LEU A 96 19.96 -5.24 -4.69
CA LEU A 96 20.63 -6.29 -5.44
C LEU A 96 21.69 -5.70 -6.38
N TYR A 97 21.66 -4.37 -6.53
CA TYR A 97 22.63 -3.70 -7.39
C TYR A 97 23.15 -2.42 -6.73
N PRO A 98 23.85 -2.55 -5.64
CA PRO A 98 24.41 -1.39 -4.90
C PRO A 98 25.15 -0.41 -5.83
N SER A 99 24.73 0.85 -5.80
CA SER A 99 25.36 1.87 -6.64
C SER A 99 26.57 2.49 -5.94
N PRO A 100 26.41 2.89 -4.70
CA PRO A 100 27.50 3.50 -3.91
C PRO A 100 28.40 2.45 -3.25
N PHE A 101 29.28 2.90 -2.37
CA PHE A 101 30.18 1.98 -1.68
C PHE A 101 30.98 2.73 -0.60
N ALA A 102 30.68 2.42 0.66
CA ALA A 102 31.38 3.06 1.77
C ALA A 102 31.10 4.56 1.79
N THR A 103 30.20 5.00 0.93
CA THR A 103 29.85 6.42 0.85
C THR A 103 28.57 6.62 0.04
N SER A 104 27.57 7.22 0.67
CA SER A 104 26.30 7.47 0.00
C SER A 104 25.78 8.87 0.33
N ASP A 105 24.77 9.31 -0.40
CA ASP A 105 24.19 10.63 -0.18
C ASP A 105 23.15 10.60 0.93
N PHE A 106 22.28 11.60 0.96
CA PHE A 106 21.24 11.67 1.97
C PHE A 106 20.08 12.54 1.48
N MET A 107 19.26 13.01 2.43
CA MET A 107 18.12 13.85 2.09
C MET A 107 17.93 14.93 3.15
N VAL A 108 17.10 14.64 4.15
CA VAL A 108 16.84 15.59 5.22
C VAL A 108 16.08 16.81 4.70
N ARG A 109 16.37 17.21 3.47
CA ARG A 109 15.72 18.38 2.88
C ARG A 109 14.31 18.02 2.41
N PHE A 110 13.31 18.39 3.21
CA PHE A 110 11.92 18.12 2.87
C PHE A 110 11.32 19.29 2.11
N PRO A 111 10.25 19.07 1.39
CA PRO A 111 9.56 20.14 0.61
C PRO A 111 9.01 21.24 1.50
N GLU A 112 8.85 22.43 0.94
CA GLU A 112 8.33 23.56 1.71
C GLU A 112 6.87 23.83 1.36
N TRP A 113 6.41 23.24 0.26
CA TRP A 113 5.03 23.44 -0.16
C TRP A 113 4.14 22.29 0.32
N LEU A 114 4.75 21.29 0.94
CA LEU A 114 4.01 20.14 1.46
C LEU A 114 4.27 19.97 2.96
N PRO A 115 3.62 20.76 3.78
CA PRO A 115 3.80 20.68 5.26
C PRO A 115 3.60 19.26 5.79
N LEU A 116 3.32 18.34 4.88
CA LEU A 116 3.11 16.94 5.26
C LEU A 116 4.35 16.39 5.94
N ASP A 117 5.52 16.87 5.51
CA ASP A 117 6.78 16.44 6.08
C ASP A 117 7.27 17.41 7.14
N LYS A 118 7.13 18.71 6.87
CA LYS A 118 7.55 19.73 7.81
C LYS A 118 6.63 19.75 9.03
N TRP A 119 5.33 19.70 8.79
CA TRP A 119 4.35 19.70 9.87
C TRP A 119 4.35 18.35 10.59
N VAL A 120 4.92 17.34 9.94
CA VAL A 120 4.96 16.00 10.52
C VAL A 120 6.33 15.36 10.30
N PRO A 121 7.35 15.85 10.97
CA PRO A 121 8.73 15.31 10.85
C PRO A 121 8.91 14.03 11.65
N GLN A 122 8.02 13.81 12.61
CA GLN A 122 8.10 12.62 13.46
C GLN A 122 8.17 11.36 12.62
N VAL A 123 7.33 11.29 11.58
CA VAL A 123 7.33 10.12 10.70
C VAL A 123 7.66 10.53 9.27
N PHE A 124 8.83 11.16 9.11
CA PHE A 124 9.27 11.60 7.80
C PHE A 124 10.78 11.85 7.79
N VAL A 125 11.28 12.42 8.88
CA VAL A 125 12.71 12.70 8.99
C VAL A 125 13.52 11.42 8.81
N ALA A 126 14.48 11.45 7.89
CA ALA A 126 15.31 10.28 7.62
C ALA A 126 16.56 10.29 8.52
N SER A 127 17.02 9.10 8.87
CA SER A 127 18.21 8.97 9.72
C SER A 127 18.68 7.52 9.76
N GLY A 128 19.76 7.24 9.02
CA GLY A 128 20.31 5.88 8.98
C GLY A 128 20.69 5.49 7.55
N ASP A 129 21.13 4.24 7.38
CA ASP A 129 21.52 3.76 6.06
C ASP A 129 20.29 3.23 5.30
N CYS A 130 20.26 3.50 4.01
CA CYS A 130 19.14 3.07 3.18
C CYS A 130 19.40 1.67 2.60
N ALA A 131 18.38 0.83 2.66
CA ALA A 131 18.47 -0.54 2.16
C ALA A 131 18.92 -1.49 3.27
N GLU A 132 19.13 -0.94 4.46
CA GLU A 132 19.56 -1.74 5.60
C GLU A 132 18.45 -2.71 6.00
N ARG A 133 18.84 -3.90 6.44
CA ARG A 133 17.86 -4.91 6.86
C ARG A 133 17.72 -4.94 8.37
N GLN A 134 16.48 -4.90 8.83
CA GLN A 134 16.19 -4.93 10.27
C GLN A 134 15.35 -6.15 10.62
N TRP A 135 14.62 -6.67 9.63
CA TRP A 135 13.77 -7.84 9.84
C TRP A 135 14.12 -8.91 8.81
N ASP A 136 14.13 -10.18 9.23
CA ASP A 136 14.45 -11.27 8.33
C ASP A 136 13.58 -12.50 8.61
N PHE A 137 12.80 -12.91 7.61
CA PHE A 137 11.94 -14.08 7.74
C PHE A 137 12.23 -15.05 6.59
N LEU A 138 12.37 -16.33 6.91
CA LEU A 138 12.65 -17.33 5.88
C LEU A 138 13.91 -16.94 5.09
N GLY A 139 14.70 -16.04 5.65
CA GLY A 139 15.93 -15.60 4.98
C GLY A 139 15.65 -14.46 4.01
N LEU A 140 14.50 -13.79 4.19
CA LEU A 140 14.14 -12.68 3.31
C LEU A 140 13.84 -11.44 4.16
N GLU A 141 14.19 -10.27 3.64
CA GLU A 141 13.96 -9.02 4.35
C GLU A 141 12.48 -8.63 4.29
N MET A 142 12.05 -7.81 5.24
CA MET A 142 10.66 -7.37 5.30
C MET A 142 10.25 -6.70 4.00
N PRO A 143 11.02 -5.74 3.53
CA PRO A 143 10.71 -5.02 2.26
C PRO A 143 10.25 -5.97 1.15
N GLN A 144 10.88 -7.14 1.09
CA GLN A 144 10.54 -8.12 0.07
C GLN A 144 9.17 -8.72 0.37
N TRP A 145 9.00 -9.21 1.60
CA TRP A 145 7.74 -9.80 1.99
C TRP A 145 6.61 -8.77 1.85
N LEU A 146 6.77 -7.64 2.52
CA LEU A 146 5.77 -6.57 2.44
C LEU A 146 5.32 -6.39 1.00
N LEU A 147 6.27 -6.51 0.07
CA LEU A 147 5.95 -6.38 -1.35
C LEU A 147 4.94 -7.45 -1.73
N GLY A 148 5.09 -8.62 -1.11
CA GLY A 148 4.18 -9.72 -1.36
C GLY A 148 2.75 -9.33 -1.04
N ILE A 149 2.59 -8.68 0.11
CA ILE A 149 1.27 -8.21 0.54
C ILE A 149 0.82 -7.04 -0.31
N PHE A 150 1.74 -6.15 -0.63
CA PHE A 150 1.42 -4.99 -1.46
C PHE A 150 0.72 -5.43 -2.73
N ILE A 151 1.28 -6.44 -3.39
CA ILE A 151 0.71 -6.96 -4.63
C ILE A 151 -0.72 -7.44 -4.40
N ALA A 152 -0.90 -8.22 -3.34
CA ALA A 152 -2.23 -8.75 -3.02
C ALA A 152 -3.26 -7.62 -2.95
N TYR A 153 -2.91 -6.53 -2.27
CA TYR A 153 -3.81 -5.40 -2.13
C TYR A 153 -4.27 -4.89 -3.50
N LEU A 154 -3.36 -4.84 -4.46
CA LEU A 154 -3.70 -4.35 -5.80
C LEU A 154 -4.69 -5.29 -6.47
N ILE A 155 -4.61 -6.57 -6.13
CA ILE A 155 -5.50 -7.57 -6.72
C ILE A 155 -6.89 -7.48 -6.10
N VAL A 156 -6.94 -7.05 -4.85
CA VAL A 156 -8.21 -6.93 -4.15
C VAL A 156 -9.03 -5.78 -4.73
N ALA A 157 -8.36 -4.71 -5.11
CA ALA A 157 -9.05 -3.55 -5.67
C ALA A 157 -9.40 -3.77 -7.14
N VAL A 158 -8.51 -4.45 -7.86
CA VAL A 158 -8.74 -4.70 -9.28
C VAL A 158 -9.94 -5.62 -9.49
N LEU A 159 -10.10 -6.61 -8.62
CA LEU A 159 -11.23 -7.53 -8.75
C LEU A 159 -12.48 -6.94 -8.12
N VAL A 160 -12.30 -6.08 -7.13
CA VAL A 160 -13.44 -5.46 -6.45
C VAL A 160 -14.03 -4.32 -7.28
N VAL A 161 -13.22 -3.71 -8.14
CA VAL A 161 -13.69 -2.63 -8.98
C VAL A 161 -14.38 -3.17 -10.22
N ILE A 162 -13.79 -4.21 -10.81
CA ILE A 162 -14.35 -4.83 -12.01
C ILE A 162 -15.57 -5.67 -11.65
N SER A 163 -15.70 -6.03 -10.38
CA SER A 163 -16.83 -6.84 -9.94
C SER A 163 -18.04 -5.95 -9.63
N GLN A 164 -17.88 -4.64 -9.80
CA GLN A 164 -18.96 -3.71 -9.53
C GLN A 164 -19.86 -3.55 -10.75
N PRO A 165 -19.30 -3.18 -11.88
CA PRO A 165 -20.10 -3.00 -13.13
C PRO A 165 -21.12 -4.12 -13.33
N PHE A 166 -20.68 -5.35 -13.07
CA PHE A 166 -21.56 -6.51 -13.22
C PHE A 166 -22.50 -6.34 -14.42
N LYS A 167 -21.94 -5.86 -15.54
CA LYS A 167 -22.72 -5.66 -16.75
C LYS A 167 -22.22 -6.57 -17.87
N ALA A 168 -23.10 -6.85 -18.83
CA ALA A 168 -22.73 -7.71 -19.96
C ALA A 168 -23.88 -7.79 -20.95
N LYS A 169 -23.54 -7.77 -22.24
CA LYS A 169 -24.55 -7.84 -23.30
C LYS A 169 -24.12 -8.83 -24.38
N LYS A 170 -25.10 -9.35 -25.11
CA LYS A 170 -24.81 -10.31 -26.18
C LYS A 170 -26.01 -10.45 -27.10
N ARG A 171 -26.90 -9.47 -27.06
CA ARG A 171 -28.09 -9.49 -27.90
C ARG A 171 -28.59 -8.08 -28.16
N ASP A 172 -28.72 -7.72 -29.43
CA ASP A 172 -29.19 -6.39 -29.80
C ASP A 172 -30.40 -6.00 -28.96
N LEU A 173 -31.51 -6.70 -29.17
CA LEU A 173 -32.74 -6.42 -28.44
C LEU A 173 -32.49 -6.51 -26.93
N PHE A 174 -33.40 -5.93 -26.16
CA PHE A 174 -33.28 -5.96 -24.70
C PHE A 174 -31.97 -5.30 -24.26
N GLY A 175 -31.82 -5.14 -22.95
CA GLY A 175 -30.61 -4.52 -22.41
C GLY A 175 -30.70 -4.39 -20.89
N ARG A 176 -30.94 -3.18 -20.42
CA ARG A 176 -31.06 -2.93 -18.98
C ARG A 176 -32.14 -3.80 -18.38
N GLY A 177 -33.33 -3.79 -19.00
CA GLY A 177 -34.45 -4.57 -18.52
C GLY A 177 -35.61 -3.68 -18.11
N HIS A 178 -36.52 -4.22 -17.30
CA HIS A 178 -37.68 -3.46 -16.84
C HIS A 178 -38.22 -4.03 -15.53
N HIS A 179 -37.98 -5.32 -15.32
CA HIS A 179 -38.44 -5.98 -14.12
C HIS A 179 -39.90 -5.62 -13.83
N HIS A 180 -40.67 -5.42 -14.90
CA HIS A 180 -42.07 -5.06 -14.76
C HIS A 180 -42.89 -6.28 -14.33
N HIS A 181 -42.19 -7.37 -14.01
CA HIS A 181 -42.85 -8.59 -13.57
C HIS A 181 -42.07 -9.27 -12.45
N HIS A 182 -42.55 -10.42 -12.01
CA HIS A 182 -41.89 -11.15 -10.94
C HIS A 182 -40.77 -12.03 -11.51
N HIS A 183 -40.44 -11.81 -12.77
CA HIS A 183 -39.39 -12.59 -13.43
C HIS A 183 -38.91 -11.89 -14.69
N MET A 1 -17.69 -19.24 -6.78
CA MET A 1 -17.49 -18.61 -5.45
C MET A 1 -17.19 -17.13 -5.64
N LEU A 2 -16.78 -16.76 -6.85
CA LEU A 2 -16.48 -15.36 -7.14
C LEU A 2 -17.63 -14.48 -6.69
N ARG A 3 -18.86 -14.96 -6.89
CA ARG A 3 -20.04 -14.20 -6.50
C ARG A 3 -19.98 -13.87 -5.02
N PHE A 4 -19.31 -14.72 -4.25
CA PHE A 4 -19.18 -14.51 -2.81
C PHE A 4 -18.19 -13.38 -2.52
N LEU A 5 -17.08 -13.38 -3.25
CA LEU A 5 -16.06 -12.34 -3.07
C LEU A 5 -16.69 -10.95 -3.16
N ASN A 6 -17.62 -10.78 -4.10
CA ASN A 6 -18.29 -9.50 -4.26
C ASN A 6 -19.16 -9.19 -3.04
N GLN A 7 -19.70 -10.24 -2.44
CA GLN A 7 -20.55 -10.07 -1.27
C GLN A 7 -19.73 -9.79 -0.02
N ALA A 8 -18.70 -10.62 0.20
CA ALA A 8 -17.84 -10.44 1.36
C ALA A 8 -17.10 -9.11 1.29
N SER A 9 -16.78 -8.68 0.09
CA SER A 9 -16.05 -7.42 -0.10
C SER A 9 -16.99 -6.24 0.08
N GLN A 10 -18.24 -6.40 -0.32
CA GLN A 10 -19.22 -5.32 -0.20
C GLN A 10 -19.65 -5.17 1.25
N GLY A 11 -19.01 -5.91 2.15
CA GLY A 11 -19.31 -5.82 3.57
C GLY A 11 -18.32 -4.89 4.26
N ARG A 12 -18.80 -4.16 5.26
CA ARG A 12 -17.96 -3.23 6.00
C ARG A 12 -16.95 -3.98 6.85
N GLY A 13 -17.23 -5.24 7.15
CA GLY A 13 -16.33 -6.05 7.96
C GLY A 13 -15.05 -6.35 7.19
N ALA A 14 -15.20 -6.73 5.93
CA ALA A 14 -14.04 -7.04 5.09
C ALA A 14 -13.15 -5.81 4.95
N TRP A 15 -13.76 -4.68 4.60
CA TRP A 15 -13.00 -3.44 4.44
C TRP A 15 -12.25 -3.12 5.73
N LEU A 16 -12.91 -3.32 6.87
CA LEU A 16 -12.29 -3.04 8.16
C LEU A 16 -11.19 -4.07 8.43
N LEU A 17 -11.38 -5.28 7.92
CA LEU A 17 -10.40 -6.34 8.11
C LEU A 17 -9.12 -6.04 7.33
N MET A 18 -9.26 -5.30 6.23
CA MET A 18 -8.11 -4.96 5.41
C MET A 18 -7.31 -3.85 6.08
N ALA A 19 -8.01 -2.96 6.79
CA ALA A 19 -7.36 -1.87 7.47
C ALA A 19 -6.56 -2.37 8.67
N PHE A 20 -7.23 -3.07 9.58
CA PHE A 20 -6.58 -3.60 10.76
C PHE A 20 -5.30 -4.35 10.39
N THR A 21 -5.40 -5.23 9.41
CA THR A 21 -4.24 -6.00 8.97
C THR A 21 -3.05 -5.08 8.68
N ALA A 22 -3.23 -4.20 7.70
CA ALA A 22 -2.16 -3.27 7.33
C ALA A 22 -1.70 -2.46 8.54
N LEU A 23 -2.61 -2.20 9.46
CA LEU A 23 -2.29 -1.43 10.66
C LEU A 23 -1.44 -2.28 11.62
N ALA A 24 -1.83 -3.54 11.77
CA ALA A 24 -1.10 -4.45 12.65
C ALA A 24 0.38 -4.47 12.32
N LEU A 25 0.70 -4.35 11.04
CA LEU A 25 2.10 -4.36 10.60
C LEU A 25 2.81 -3.08 11.03
N GLU A 26 2.07 -1.97 11.03
CA GLU A 26 2.64 -0.68 11.42
C GLU A 26 2.93 -0.65 12.91
N LEU A 27 2.00 -1.17 13.71
CA LEU A 27 2.17 -1.18 15.15
C LEU A 27 3.23 -2.21 15.55
N THR A 28 3.00 -3.46 15.18
CA THR A 28 3.94 -4.52 15.50
C THR A 28 5.37 -4.09 15.15
N ALA A 29 5.50 -3.27 14.11
CA ALA A 29 6.80 -2.79 13.69
C ALA A 29 7.24 -1.61 14.54
N LEU A 30 6.27 -0.82 15.00
CA LEU A 30 6.56 0.35 15.83
C LEU A 30 7.18 -0.08 17.15
N TRP A 31 7.03 -1.37 17.49
CA TRP A 31 7.58 -1.89 18.73
C TRP A 31 8.96 -2.50 18.50
N PHE A 32 9.11 -3.16 17.35
CA PHE A 32 10.39 -3.79 17.01
C PHE A 32 11.52 -2.78 17.10
N GLN A 33 11.31 -1.60 16.53
CA GLN A 33 12.33 -0.56 16.56
C GLN A 33 12.42 0.07 17.94
N HIS A 34 11.30 0.11 18.64
CA HIS A 34 11.25 0.68 19.98
C HIS A 34 12.18 -0.09 20.91
N VAL A 35 12.30 -1.39 20.67
CA VAL A 35 13.16 -2.24 21.51
C VAL A 35 14.47 -2.55 20.80
N MET A 36 14.40 -2.83 19.51
CA MET A 36 15.60 -3.15 18.73
C MET A 36 16.36 -1.87 18.38
N LEU A 37 15.84 -0.73 18.80
CA LEU A 37 16.48 0.55 18.53
C LEU A 37 16.84 0.66 17.06
N LEU A 38 15.87 0.38 16.19
CA LEU A 38 16.10 0.44 14.75
C LEU A 38 15.85 1.85 14.24
N LYS A 39 16.59 2.24 13.20
CA LYS A 39 16.44 3.57 12.61
C LYS A 39 15.78 3.47 11.23
N PRO A 40 14.84 4.32 10.93
CA PRO A 40 14.13 4.31 9.62
C PRO A 40 15.00 4.86 8.49
N CYS A 41 14.86 4.27 7.30
CA CYS A 41 15.63 4.71 6.13
C CYS A 41 14.75 5.59 5.25
N VAL A 42 15.40 6.35 4.37
CA VAL A 42 14.68 7.24 3.47
C VAL A 42 13.58 6.47 2.74
N LEU A 43 13.95 5.36 2.13
CA LEU A 43 13.00 4.54 1.39
C LEU A 43 11.91 3.99 2.31
N SER A 44 12.31 3.52 3.49
CA SER A 44 11.36 2.98 4.44
C SER A 44 10.19 3.94 4.62
N ILE A 45 10.51 5.23 4.73
CA ILE A 45 9.48 6.26 4.88
C ILE A 45 8.58 6.28 3.66
N TYR A 46 9.20 6.28 2.48
CA TYR A 46 8.44 6.30 1.24
C TYR A 46 7.48 5.11 1.20
N GLU A 47 7.99 3.94 1.54
CA GLU A 47 7.18 2.73 1.55
C GLU A 47 6.07 2.84 2.59
N ARG A 48 6.40 3.39 3.75
CA ARG A 48 5.42 3.56 4.82
C ARG A 48 4.30 4.50 4.36
N ALA A 49 4.67 5.50 3.59
CA ALA A 49 3.69 6.47 3.08
C ALA A 49 2.77 5.80 2.07
N ALA A 50 3.31 4.87 1.30
CA ALA A 50 2.53 4.16 0.30
C ALA A 50 1.36 3.44 0.95
N LEU A 51 1.64 2.73 2.04
CA LEU A 51 0.59 2.00 2.75
C LEU A 51 -0.21 2.95 3.63
N PHE A 52 0.48 3.76 4.43
CA PHE A 52 -0.21 4.71 5.30
C PHE A 52 -1.28 5.44 4.50
N GLY A 53 -0.94 5.81 3.27
CA GLY A 53 -1.87 6.51 2.40
C GLY A 53 -3.03 5.60 2.02
N VAL A 54 -2.71 4.35 1.67
CA VAL A 54 -3.74 3.38 1.30
C VAL A 54 -4.64 3.13 2.51
N LEU A 55 -4.02 2.96 3.66
CA LEU A 55 -4.77 2.73 4.89
C LEU A 55 -5.94 3.69 4.96
N GLY A 56 -5.66 4.97 4.71
CA GLY A 56 -6.70 5.99 4.72
C GLY A 56 -7.75 5.68 3.65
N ALA A 57 -7.28 5.13 2.53
CA ALA A 57 -8.17 4.79 1.43
C ALA A 57 -9.18 3.72 1.87
N ALA A 58 -8.71 2.79 2.69
CA ALA A 58 -9.57 1.72 3.18
C ALA A 58 -10.68 2.30 4.07
N LEU A 59 -10.34 3.34 4.82
CA LEU A 59 -11.30 3.98 5.71
C LEU A 59 -12.29 4.83 4.90
N ILE A 60 -11.84 5.28 3.73
CA ILE A 60 -12.69 6.11 2.87
C ILE A 60 -13.60 5.23 2.01
N GLY A 61 -13.04 4.13 1.50
CA GLY A 61 -13.80 3.22 0.66
C GLY A 61 -14.90 2.53 1.47
N ALA A 62 -14.63 2.32 2.75
CA ALA A 62 -15.59 1.66 3.64
C ALA A 62 -16.81 2.54 3.86
N ILE A 63 -16.90 3.62 3.08
CA ILE A 63 -18.03 4.54 3.20
C ILE A 63 -19.24 3.98 2.47
N ALA A 64 -19.02 3.42 1.28
CA ALA A 64 -20.11 2.86 0.48
C ALA A 64 -19.55 2.15 -0.76
N PRO A 65 -18.91 1.03 -0.57
CA PRO A 65 -18.31 0.24 -1.68
C PRO A 65 -19.38 -0.29 -2.65
N LYS A 66 -20.59 0.26 -2.54
CA LYS A 66 -21.69 -0.15 -3.40
C LYS A 66 -22.10 0.98 -4.34
N THR A 67 -21.49 2.14 -4.14
CA THR A 67 -21.79 3.30 -4.96
C THR A 67 -20.55 3.68 -5.78
N PRO A 68 -20.72 4.44 -6.83
CA PRO A 68 -19.58 4.88 -7.69
C PRO A 68 -18.36 5.27 -6.88
N LEU A 69 -18.55 5.42 -5.57
CA LEU A 69 -17.45 5.80 -4.69
C LEU A 69 -16.18 5.01 -5.04
N ARG A 70 -16.36 3.75 -5.45
CA ARG A 70 -15.22 2.92 -5.81
C ARG A 70 -14.16 3.75 -6.54
N TYR A 71 -14.48 4.25 -7.73
CA TYR A 71 -13.52 5.06 -8.49
C TYR A 71 -12.94 6.18 -7.62
N VAL A 72 -13.70 6.59 -6.61
CA VAL A 72 -13.23 7.68 -5.74
C VAL A 72 -12.20 7.20 -4.72
N ALA A 73 -12.51 6.16 -3.96
CA ALA A 73 -11.58 5.64 -2.97
C ALA A 73 -10.42 4.88 -3.64
N MET A 74 -10.76 4.04 -4.60
CA MET A 74 -9.74 3.27 -5.30
C MET A 74 -8.74 4.21 -5.96
N VAL A 75 -9.05 5.50 -5.95
CA VAL A 75 -8.17 6.49 -6.54
C VAL A 75 -6.81 6.49 -5.82
N ILE A 76 -6.88 6.24 -4.51
CA ILE A 76 -5.69 6.20 -3.68
C ILE A 76 -5.14 4.77 -3.67
N TRP A 77 -6.04 3.80 -3.76
CA TRP A 77 -5.63 2.40 -3.76
C TRP A 77 -4.82 2.10 -5.02
N LEU A 78 -5.36 2.47 -6.18
CA LEU A 78 -4.68 2.25 -7.44
C LEU A 78 -3.42 3.10 -7.52
N TYR A 79 -3.53 4.37 -7.11
CA TYR A 79 -2.37 5.26 -7.15
C TYR A 79 -1.15 4.57 -6.57
N SER A 80 -1.33 3.91 -5.43
CA SER A 80 -0.22 3.22 -4.78
C SER A 80 0.10 1.91 -5.50
N ALA A 81 -0.86 1.37 -6.24
CA ALA A 81 -0.65 0.11 -6.95
C ALA A 81 0.50 0.23 -7.94
N PHE A 82 0.38 1.17 -8.88
CA PHE A 82 1.41 1.36 -9.89
C PHE A 82 2.65 2.03 -9.30
N ARG A 83 2.46 3.18 -8.65
CA ARG A 83 3.59 3.91 -8.08
C ARG A 83 4.24 3.16 -6.92
N GLY A 84 3.42 2.64 -6.01
CA GLY A 84 3.97 1.91 -4.87
C GLY A 84 4.84 0.76 -5.34
N VAL A 85 4.34 -0.02 -6.30
CA VAL A 85 5.08 -1.15 -6.83
C VAL A 85 6.28 -0.65 -7.64
N GLN A 86 6.04 0.32 -8.50
CA GLN A 86 7.11 0.87 -9.33
C GLN A 86 8.28 1.32 -8.46
N LEU A 87 7.98 1.65 -7.21
CA LEU A 87 9.02 2.09 -6.28
C LEU A 87 9.69 0.91 -5.60
N THR A 88 8.88 -0.07 -5.19
CA THR A 88 9.41 -1.25 -4.52
C THR A 88 10.54 -1.86 -5.33
N TYR A 89 10.51 -1.62 -6.64
CA TYR A 89 11.55 -2.15 -7.52
C TYR A 89 12.87 -1.43 -7.29
N GLU A 90 12.79 -0.14 -7.00
CA GLU A 90 13.99 0.67 -6.77
C GLU A 90 14.67 0.23 -5.47
N HIS A 91 13.87 -0.17 -4.49
CA HIS A 91 14.40 -0.60 -3.21
C HIS A 91 15.15 -1.93 -3.35
N THR A 92 14.54 -2.86 -4.07
CA THR A 92 15.17 -4.16 -4.28
C THR A 92 16.51 -4.01 -4.97
N MET A 93 16.52 -3.30 -6.09
CA MET A 93 17.75 -3.09 -6.84
C MET A 93 18.84 -2.50 -5.95
N LEU A 94 18.48 -1.45 -5.22
CA LEU A 94 19.43 -0.78 -4.33
C LEU A 94 20.13 -1.80 -3.43
N GLN A 95 19.40 -2.81 -2.97
CA GLN A 95 19.99 -3.83 -2.13
C GLN A 95 20.99 -4.65 -2.93
N LEU A 96 20.64 -4.92 -4.19
CA LEU A 96 21.51 -5.67 -5.08
C LEU A 96 22.44 -4.70 -5.82
N TYR A 97 22.21 -3.41 -5.63
CA TYR A 97 23.02 -2.38 -6.27
C TYR A 97 23.49 -1.35 -5.25
N PRO A 98 24.49 -1.70 -4.47
CA PRO A 98 25.05 -0.80 -3.42
C PRO A 98 25.43 0.58 -3.97
N SER A 99 26.52 1.14 -3.44
CA SER A 99 26.99 2.45 -3.88
C SER A 99 26.16 3.55 -3.23
N PRO A 100 26.05 3.54 -1.93
CA PRO A 100 25.28 4.57 -1.18
C PRO A 100 25.95 5.94 -1.20
N PHE A 101 27.00 6.10 -0.40
CA PHE A 101 27.72 7.36 -0.35
C PHE A 101 27.85 7.98 -1.74
N ALA A 102 28.36 7.20 -2.68
CA ALA A 102 28.53 7.67 -4.05
C ALA A 102 27.28 8.41 -4.52
N THR A 103 27.29 9.73 -4.34
CA THR A 103 26.15 10.55 -4.75
C THR A 103 24.86 10.04 -4.10
N SER A 104 24.85 10.00 -2.78
CA SER A 104 23.68 9.53 -2.05
C SER A 104 22.54 10.54 -2.16
N ASP A 105 21.34 10.11 -1.79
CA ASP A 105 20.17 10.97 -1.86
C ASP A 105 20.18 11.97 -0.70
N PHE A 106 20.19 13.26 -1.03
CA PHE A 106 20.19 14.29 -0.01
C PHE A 106 19.18 13.97 1.09
N MET A 107 19.69 13.57 2.26
CA MET A 107 18.82 13.23 3.38
C MET A 107 18.24 14.50 4.01
N VAL A 108 17.06 14.36 4.60
CA VAL A 108 16.40 15.50 5.25
C VAL A 108 16.21 16.64 4.26
N ARG A 109 15.05 16.68 3.62
CA ARG A 109 14.75 17.73 2.65
C ARG A 109 13.48 18.48 3.06
N PHE A 110 13.63 19.77 3.33
CA PHE A 110 12.49 20.58 3.73
C PHE A 110 11.52 20.78 2.56
N PRO A 111 10.24 20.53 2.75
CA PRO A 111 9.21 20.70 1.68
C PRO A 111 8.82 22.15 1.50
N GLU A 112 8.24 22.47 0.34
CA GLU A 112 7.82 23.85 0.05
C GLU A 112 6.30 23.94 0.05
N TRP A 113 5.64 22.94 -0.52
CA TRP A 113 4.18 22.93 -0.58
C TRP A 113 3.60 21.63 -0.02
N LEU A 114 4.42 20.88 0.71
CA LEU A 114 3.97 19.61 1.29
C LEU A 114 4.11 19.64 2.82
N PRO A 115 3.18 20.26 3.51
CA PRO A 115 3.19 20.35 4.99
C PRO A 115 2.96 18.99 5.63
N LEU A 116 2.95 17.95 4.81
CA LEU A 116 2.73 16.59 5.29
C LEU A 116 4.00 16.06 5.95
N ASP A 117 5.15 16.52 5.46
CA ASP A 117 6.42 16.11 6.01
C ASP A 117 6.94 17.14 7.00
N LYS A 118 6.76 18.42 6.66
CA LYS A 118 7.20 19.50 7.54
C LYS A 118 6.37 19.53 8.81
N TRP A 119 5.05 19.40 8.66
CA TRP A 119 4.16 19.42 9.81
C TRP A 119 4.20 18.08 10.54
N VAL A 120 4.79 17.07 9.89
CA VAL A 120 4.89 15.74 10.50
C VAL A 120 6.30 15.17 10.33
N PRO A 121 7.25 15.67 11.08
CA PRO A 121 8.65 15.22 11.03
C PRO A 121 8.86 13.93 11.83
N GLN A 122 8.00 13.72 12.83
CA GLN A 122 8.10 12.54 13.68
C GLN A 122 8.14 11.27 12.84
N VAL A 123 7.18 11.13 11.93
CA VAL A 123 7.12 9.95 11.07
C VAL A 123 7.46 10.32 9.63
N PHE A 124 8.63 10.92 9.44
CA PHE A 124 9.08 11.32 8.12
C PHE A 124 10.60 11.49 8.09
N VAL A 125 11.14 12.09 9.15
CA VAL A 125 12.58 12.30 9.23
C VAL A 125 13.34 11.00 9.04
N ALA A 126 14.31 11.00 8.13
CA ALA A 126 15.10 9.81 7.87
C ALA A 126 16.37 9.82 8.71
N SER A 127 16.85 8.63 9.08
CA SER A 127 18.05 8.50 9.88
C SER A 127 18.70 7.14 9.67
N GLY A 128 20.00 7.14 9.36
CA GLY A 128 20.72 5.89 9.13
C GLY A 128 21.01 5.69 7.65
N ASP A 129 21.35 4.46 7.27
CA ASP A 129 21.64 4.14 5.88
C ASP A 129 20.45 3.44 5.22
N CYS A 130 20.38 3.52 3.90
CA CYS A 130 19.29 2.90 3.17
C CYS A 130 19.79 1.68 2.40
N ALA A 131 19.06 0.56 2.56
CA ALA A 131 19.40 -0.69 1.89
C ALA A 131 20.14 -1.63 2.85
N GLU A 132 20.48 -1.12 4.02
CA GLU A 132 21.18 -1.93 5.01
C GLU A 132 20.25 -3.03 5.53
N ARG A 133 20.82 -4.10 6.06
CA ARG A 133 20.02 -5.20 6.58
C ARG A 133 19.85 -5.08 8.08
N GLN A 134 18.66 -5.42 8.57
CA GLN A 134 18.36 -5.35 9.99
C GLN A 134 17.66 -6.60 10.47
N TRP A 135 16.87 -7.21 9.59
CA TRP A 135 16.15 -8.43 9.94
C TRP A 135 15.43 -9.00 8.72
N ASP A 136 15.33 -10.32 8.65
CA ASP A 136 14.68 -10.96 7.51
C ASP A 136 13.89 -12.21 7.91
N PHE A 137 12.98 -12.62 7.04
CA PHE A 137 12.15 -13.80 7.27
C PHE A 137 12.51 -14.84 6.22
N LEU A 138 12.65 -16.10 6.64
CA LEU A 138 12.99 -17.17 5.72
C LEU A 138 14.20 -16.78 4.87
N GLY A 139 14.94 -15.77 5.32
CA GLY A 139 16.12 -15.31 4.60
C GLY A 139 15.82 -14.17 3.63
N LEU A 140 14.70 -13.48 3.84
CA LEU A 140 14.32 -12.35 2.99
C LEU A 140 14.07 -11.10 3.82
N GLU A 141 14.51 -9.96 3.30
CA GLU A 141 14.34 -8.69 4.01
C GLU A 141 12.86 -8.32 4.10
N MET A 142 12.49 -7.65 5.18
CA MET A 142 11.10 -7.23 5.37
C MET A 142 10.58 -6.55 4.11
N PRO A 143 11.28 -5.56 3.60
CA PRO A 143 10.86 -4.83 2.37
C PRO A 143 10.37 -5.77 1.27
N GLN A 144 10.98 -6.95 1.17
CA GLN A 144 10.58 -7.92 0.17
C GLN A 144 9.23 -8.53 0.54
N TRP A 145 9.12 -8.96 1.79
CA TRP A 145 7.87 -9.55 2.26
C TRP A 145 6.73 -8.55 2.09
N LEU A 146 6.88 -7.38 2.72
CA LEU A 146 5.85 -6.34 2.60
C LEU A 146 5.39 -6.23 1.15
N LEU A 147 6.34 -6.35 0.22
CA LEU A 147 6.01 -6.29 -1.20
C LEU A 147 4.97 -7.35 -1.52
N GLY A 148 5.12 -8.50 -0.85
CA GLY A 148 4.18 -9.60 -1.05
C GLY A 148 2.77 -9.17 -0.67
N ILE A 149 2.67 -8.42 0.41
CA ILE A 149 1.37 -7.93 0.86
C ILE A 149 0.90 -6.76 0.00
N PHE A 150 1.87 -6.06 -0.59
CA PHE A 150 1.55 -4.91 -1.45
C PHE A 150 0.80 -5.38 -2.69
N ILE A 151 1.29 -6.45 -3.32
CA ILE A 151 0.66 -6.97 -4.52
C ILE A 151 -0.73 -7.49 -4.20
N ALA A 152 -0.86 -8.17 -3.06
CA ALA A 152 -2.16 -8.70 -2.66
C ALA A 152 -3.16 -7.57 -2.48
N TYR A 153 -2.77 -6.54 -1.74
CA TYR A 153 -3.65 -5.41 -1.49
C TYR A 153 -4.08 -4.72 -2.79
N LEU A 154 -3.13 -4.49 -3.69
CA LEU A 154 -3.44 -3.82 -4.95
C LEU A 154 -4.23 -4.76 -5.88
N ILE A 155 -3.99 -6.06 -5.75
CA ILE A 155 -4.68 -7.04 -6.59
C ILE A 155 -6.13 -7.21 -6.12
N VAL A 156 -6.35 -7.05 -4.82
CA VAL A 156 -7.69 -7.21 -4.26
C VAL A 156 -8.59 -6.07 -4.74
N ALA A 157 -8.10 -4.85 -4.64
CA ALA A 157 -8.88 -3.69 -5.07
C ALA A 157 -9.27 -3.82 -6.54
N VAL A 158 -8.29 -4.04 -7.39
CA VAL A 158 -8.55 -4.19 -8.82
C VAL A 158 -9.65 -5.21 -9.07
N LEU A 159 -9.51 -6.37 -8.45
CA LEU A 159 -10.51 -7.44 -8.62
C LEU A 159 -11.86 -7.02 -8.04
N VAL A 160 -11.82 -6.19 -7.01
CA VAL A 160 -13.05 -5.72 -6.38
C VAL A 160 -13.76 -4.70 -7.26
N VAL A 161 -13.00 -4.06 -8.14
CA VAL A 161 -13.57 -3.08 -9.06
C VAL A 161 -14.21 -3.78 -10.25
N ILE A 162 -13.44 -4.67 -10.87
CA ILE A 162 -13.94 -5.41 -12.02
C ILE A 162 -15.03 -6.38 -11.60
N SER A 163 -15.16 -6.58 -10.29
CA SER A 163 -16.18 -7.49 -9.76
C SER A 163 -17.55 -7.12 -10.30
N GLN A 164 -17.64 -5.96 -10.94
CA GLN A 164 -18.91 -5.49 -11.50
C GLN A 164 -18.66 -4.57 -12.69
N PRO A 165 -18.46 -5.13 -13.86
CA PRO A 165 -18.20 -4.35 -15.09
C PRO A 165 -19.49 -3.88 -15.76
N PHE A 166 -20.48 -3.56 -14.95
CA PHE A 166 -21.77 -3.10 -15.47
C PHE A 166 -22.31 -1.95 -14.62
N LYS A 167 -21.95 -0.73 -15.00
CA LYS A 167 -22.41 0.46 -14.27
C LYS A 167 -23.92 0.42 -14.11
N ALA A 168 -24.61 1.15 -14.99
CA ALA A 168 -26.07 1.20 -14.94
C ALA A 168 -26.54 1.86 -13.64
N LYS A 169 -27.81 1.63 -13.29
CA LYS A 169 -28.37 2.21 -12.07
C LYS A 169 -28.15 3.72 -12.05
N LYS A 170 -29.21 4.48 -12.30
CA LYS A 170 -29.12 5.92 -12.30
C LYS A 170 -28.74 6.44 -10.91
N ARG A 171 -29.74 6.84 -10.13
CA ARG A 171 -29.49 7.35 -8.79
C ARG A 171 -30.75 7.27 -7.93
N ASP A 172 -30.88 8.20 -7.00
CA ASP A 172 -32.05 8.23 -6.11
C ASP A 172 -32.63 9.64 -6.05
N LEU A 173 -33.22 9.98 -4.90
CA LEU A 173 -33.81 11.31 -4.73
C LEU A 173 -33.96 11.61 -3.24
N PHE A 174 -33.13 12.52 -2.73
CA PHE A 174 -33.19 12.90 -1.33
C PHE A 174 -34.55 13.52 -1.00
N GLY A 175 -35.32 12.83 -0.17
CA GLY A 175 -36.65 13.32 0.20
C GLY A 175 -37.08 12.74 1.55
N ARG A 176 -36.11 12.59 2.46
CA ARG A 176 -36.40 12.04 3.77
C ARG A 176 -37.25 10.79 3.66
N GLY A 177 -37.99 10.48 4.73
CA GLY A 177 -38.84 9.30 4.73
C GLY A 177 -39.96 9.44 5.76
N HIS A 178 -39.81 10.41 6.66
CA HIS A 178 -40.81 10.64 7.70
C HIS A 178 -41.93 11.53 7.17
N HIS A 179 -43.02 10.91 6.72
CA HIS A 179 -44.15 11.65 6.19
C HIS A 179 -45.00 12.24 7.32
N HIS A 180 -44.43 13.21 8.04
CA HIS A 180 -45.13 13.84 9.15
C HIS A 180 -45.85 12.79 10.00
N HIS A 181 -46.78 13.26 10.83
CA HIS A 181 -47.53 12.36 11.69
C HIS A 181 -48.52 11.53 10.87
N HIS A 182 -49.75 12.03 10.76
CA HIS A 182 -50.78 11.33 10.00
C HIS A 182 -51.91 12.29 9.61
N HIS A 183 -53.14 11.82 9.74
CA HIS A 183 -54.30 12.64 9.41
C HIS A 183 -54.25 13.97 10.16
N MET A 1 -18.39 -20.06 -5.93
CA MET A 1 -18.21 -19.26 -4.69
C MET A 1 -17.78 -17.84 -5.07
N LEU A 2 -17.62 -17.60 -6.37
CA LEU A 2 -17.21 -16.29 -6.84
C LEU A 2 -18.24 -15.24 -6.41
N ARG A 3 -19.50 -15.56 -6.58
CA ARG A 3 -20.57 -14.64 -6.21
C ARG A 3 -20.46 -14.24 -4.75
N PHE A 4 -20.06 -15.21 -3.91
CA PHE A 4 -19.91 -14.94 -2.49
C PHE A 4 -18.81 -13.91 -2.25
N LEU A 5 -17.68 -14.10 -2.93
CA LEU A 5 -16.57 -13.17 -2.79
C LEU A 5 -17.05 -11.73 -2.96
N ASN A 6 -17.93 -11.53 -3.93
CA ASN A 6 -18.46 -10.20 -4.19
C ASN A 6 -19.37 -9.77 -3.03
N GLN A 7 -19.94 -10.76 -2.36
CA GLN A 7 -20.82 -10.49 -1.23
C GLN A 7 -20.02 -10.08 -0.01
N ALA A 8 -19.01 -10.88 0.32
CA ALA A 8 -18.17 -10.59 1.47
C ALA A 8 -17.43 -9.25 1.28
N SER A 9 -17.19 -8.90 0.02
CA SER A 9 -16.49 -7.66 -0.28
C SER A 9 -17.43 -6.47 -0.14
N GLN A 10 -18.69 -6.66 -0.53
CA GLN A 10 -19.68 -5.60 -0.43
C GLN A 10 -20.10 -5.38 1.03
N GLY A 11 -19.38 -6.04 1.93
CA GLY A 11 -19.65 -5.91 3.37
C GLY A 11 -18.60 -5.01 3.99
N ARG A 12 -19.03 -4.17 4.93
CA ARG A 12 -18.13 -3.26 5.62
C ARG A 12 -17.17 -4.03 6.51
N GLY A 13 -17.71 -4.92 7.34
CA GLY A 13 -16.90 -5.71 8.25
C GLY A 13 -15.65 -6.23 7.55
N ALA A 14 -15.84 -6.75 6.34
CA ALA A 14 -14.73 -7.27 5.56
C ALA A 14 -13.73 -6.16 5.26
N TRP A 15 -14.24 -5.01 4.82
CA TRP A 15 -13.37 -3.88 4.52
C TRP A 15 -12.60 -3.46 5.77
N LEU A 16 -13.30 -3.38 6.89
CA LEU A 16 -12.66 -2.99 8.15
C LEU A 16 -11.60 -4.00 8.53
N LEU A 17 -11.81 -5.26 8.12
CA LEU A 17 -10.85 -6.31 8.43
C LEU A 17 -9.56 -6.13 7.64
N MET A 18 -9.67 -5.49 6.48
CA MET A 18 -8.50 -5.25 5.64
C MET A 18 -7.66 -4.13 6.24
N ALA A 19 -8.32 -3.16 6.86
CA ALA A 19 -7.62 -2.04 7.46
C ALA A 19 -6.81 -2.50 8.67
N PHE A 20 -7.47 -3.16 9.61
CA PHE A 20 -6.80 -3.64 10.81
C PHE A 20 -5.55 -4.42 10.45
N THR A 21 -5.67 -5.36 9.52
CA THR A 21 -4.53 -6.17 9.10
C THR A 21 -3.34 -5.27 8.79
N ALA A 22 -3.53 -4.33 7.87
CA ALA A 22 -2.46 -3.42 7.49
C ALA A 22 -1.81 -2.81 8.74
N LEU A 23 -2.63 -2.48 9.73
CA LEU A 23 -2.12 -1.89 10.97
C LEU A 23 -1.37 -2.92 11.78
N ALA A 24 -1.91 -4.14 11.85
CA ALA A 24 -1.27 -5.20 12.60
C ALA A 24 0.22 -5.29 12.28
N LEU A 25 0.57 -5.03 11.02
CA LEU A 25 1.96 -5.08 10.61
C LEU A 25 2.69 -3.79 10.96
N GLU A 26 1.98 -2.67 10.87
CA GLU A 26 2.58 -1.37 11.19
C GLU A 26 2.95 -1.30 12.67
N LEU A 27 1.97 -1.56 13.53
CA LEU A 27 2.20 -1.52 14.97
C LEU A 27 3.25 -2.54 15.40
N THR A 28 2.99 -3.81 15.09
CA THR A 28 3.91 -4.88 15.45
C THR A 28 5.34 -4.51 15.07
N ALA A 29 5.47 -3.69 14.02
CA ALA A 29 6.79 -3.26 13.55
C ALA A 29 7.25 -2.03 14.31
N LEU A 30 6.36 -1.06 14.47
CA LEU A 30 6.69 0.17 15.17
C LEU A 30 7.29 -0.13 16.54
N TRP A 31 7.13 -1.37 17.00
CA TRP A 31 7.65 -1.78 18.30
C TRP A 31 9.03 -2.41 18.13
N PHE A 32 9.23 -3.12 17.04
CA PHE A 32 10.51 -3.76 16.77
C PHE A 32 11.64 -2.74 16.79
N GLN A 33 11.39 -1.59 16.17
CA GLN A 33 12.40 -0.53 16.11
C GLN A 33 12.63 0.08 17.49
N HIS A 34 11.54 0.40 18.18
CA HIS A 34 11.64 0.98 19.51
C HIS A 34 12.27 0.00 20.49
N VAL A 35 12.45 -1.25 20.04
CA VAL A 35 13.05 -2.28 20.87
C VAL A 35 14.47 -2.60 20.40
N MET A 36 14.65 -2.66 19.09
CA MET A 36 15.96 -2.96 18.52
C MET A 36 16.68 -1.67 18.13
N LEU A 37 16.14 -0.54 18.56
CA LEU A 37 16.74 0.75 18.26
C LEU A 37 17.09 0.86 16.77
N LEU A 38 16.16 0.45 15.92
CA LEU A 38 16.39 0.51 14.48
C LEU A 38 16.17 1.93 13.97
N LYS A 39 16.93 2.32 12.95
CA LYS A 39 16.81 3.65 12.38
C LYS A 39 16.15 3.59 11.01
N PRO A 40 15.15 4.40 10.75
CA PRO A 40 14.45 4.41 9.43
C PRO A 40 15.26 5.13 8.36
N CYS A 41 14.89 4.94 7.10
CA CYS A 41 15.59 5.58 5.99
C CYS A 41 14.60 6.32 5.08
N VAL A 42 15.12 6.86 3.98
CA VAL A 42 14.28 7.60 3.05
C VAL A 42 13.26 6.67 2.40
N LEU A 43 13.71 5.50 1.97
CA LEU A 43 12.84 4.54 1.31
C LEU A 43 11.84 3.92 2.29
N SER A 44 12.36 3.44 3.42
CA SER A 44 11.51 2.83 4.43
C SER A 44 10.31 3.73 4.74
N ILE A 45 10.59 5.00 5.04
CA ILE A 45 9.52 5.94 5.34
C ILE A 45 8.60 6.09 4.15
N TYR A 46 9.17 6.13 2.95
CA TYR A 46 8.38 6.25 1.74
C TYR A 46 7.41 5.07 1.64
N GLU A 47 7.92 3.88 1.94
CA GLU A 47 7.09 2.67 1.88
C GLU A 47 5.91 2.80 2.83
N ARG A 48 6.16 3.30 4.05
CA ARG A 48 5.09 3.46 5.02
C ARG A 48 4.02 4.38 4.48
N ALA A 49 4.42 5.31 3.62
CA ALA A 49 3.48 6.25 3.03
C ALA A 49 2.57 5.54 2.03
N ALA A 50 3.15 4.59 1.29
CA ALA A 50 2.38 3.83 0.31
C ALA A 50 1.27 3.05 0.99
N LEU A 51 1.65 2.26 2.01
CA LEU A 51 0.68 1.47 2.74
C LEU A 51 -0.21 2.37 3.60
N PHE A 52 0.40 3.20 4.44
CA PHE A 52 -0.40 4.10 5.27
C PHE A 52 -1.42 4.83 4.41
N GLY A 53 -1.05 5.07 3.16
CA GLY A 53 -1.92 5.77 2.21
C GLY A 53 -3.16 4.95 1.86
N VAL A 54 -2.96 3.67 1.55
CA VAL A 54 -4.10 2.83 1.19
C VAL A 54 -4.96 2.55 2.42
N LEU A 55 -4.32 2.50 3.58
CA LEU A 55 -5.03 2.26 4.83
C LEU A 55 -6.13 3.30 4.97
N GLY A 56 -5.80 4.56 4.72
CA GLY A 56 -6.78 5.63 4.82
C GLY A 56 -7.84 5.45 3.73
N ALA A 57 -7.40 4.93 2.59
CA ALA A 57 -8.29 4.71 1.46
C ALA A 57 -9.35 3.68 1.83
N ALA A 58 -8.95 2.65 2.55
CA ALA A 58 -9.87 1.59 2.96
C ALA A 58 -10.88 2.13 3.98
N LEU A 59 -10.44 3.12 4.76
CA LEU A 59 -11.31 3.72 5.77
C LEU A 59 -12.36 4.61 5.11
N ILE A 60 -11.99 5.24 4.00
CA ILE A 60 -12.90 6.12 3.27
C ILE A 60 -13.87 5.30 2.41
N GLY A 61 -13.37 4.18 1.89
CA GLY A 61 -14.20 3.33 1.05
C GLY A 61 -15.14 2.48 1.90
N ALA A 62 -14.71 2.16 3.11
CA ALA A 62 -15.53 1.36 4.01
C ALA A 62 -16.73 2.16 4.49
N ILE A 63 -16.89 3.36 3.94
CA ILE A 63 -18.00 4.23 4.32
C ILE A 63 -19.21 3.95 3.43
N ALA A 64 -18.96 3.42 2.24
CA ALA A 64 -20.06 3.11 1.31
C ALA A 64 -19.50 2.57 0.00
N PRO A 65 -18.97 1.38 0.01
CA PRO A 65 -18.40 0.74 -1.21
C PRO A 65 -19.49 0.17 -2.11
N LYS A 66 -20.68 0.75 -2.01
CA LYS A 66 -21.83 0.30 -2.82
C LYS A 66 -22.15 1.33 -3.90
N THR A 67 -21.49 2.48 -3.83
CA THR A 67 -21.70 3.54 -4.81
C THR A 67 -20.43 3.75 -5.62
N PRO A 68 -20.48 4.59 -6.63
CA PRO A 68 -19.29 4.86 -7.48
C PRO A 68 -18.04 5.14 -6.64
N LEU A 69 -18.23 5.26 -5.33
CA LEU A 69 -17.12 5.51 -4.42
C LEU A 69 -15.91 4.67 -4.79
N ARG A 70 -16.16 3.43 -5.20
CA ARG A 70 -15.08 2.53 -5.59
C ARG A 70 -14.02 3.29 -6.40
N TYR A 71 -14.34 3.69 -7.63
CA TYR A 71 -13.37 4.40 -8.46
C TYR A 71 -12.77 5.59 -7.70
N VAL A 72 -13.43 6.04 -6.64
CA VAL A 72 -12.94 7.18 -5.88
C VAL A 72 -11.88 6.76 -4.87
N ALA A 73 -12.13 5.71 -4.11
CA ALA A 73 -11.16 5.25 -3.12
C ALA A 73 -9.97 4.59 -3.81
N MET A 74 -10.23 3.83 -4.86
CA MET A 74 -9.16 3.16 -5.58
C MET A 74 -8.16 4.19 -6.12
N VAL A 75 -8.52 5.47 -6.01
CA VAL A 75 -7.64 6.53 -6.48
C VAL A 75 -6.28 6.43 -5.80
N ILE A 76 -6.33 6.19 -4.49
CA ILE A 76 -5.12 6.08 -3.69
C ILE A 76 -4.60 4.65 -3.72
N TRP A 77 -5.53 3.69 -3.79
CA TRP A 77 -5.13 2.28 -3.83
C TRP A 77 -4.26 2.03 -5.06
N LEU A 78 -4.80 2.37 -6.23
CA LEU A 78 -4.07 2.17 -7.48
C LEU A 78 -2.78 2.99 -7.51
N TYR A 79 -2.89 4.27 -7.15
CA TYR A 79 -1.71 5.14 -7.14
C TYR A 79 -0.53 4.42 -6.49
N SER A 80 -0.79 3.76 -5.36
CA SER A 80 0.26 3.03 -4.65
C SER A 80 0.53 1.69 -5.31
N ALA A 81 -0.46 1.17 -6.02
CA ALA A 81 -0.31 -0.12 -6.69
C ALA A 81 0.83 -0.07 -7.69
N PHE A 82 0.71 0.79 -8.68
CA PHE A 82 1.73 0.92 -9.71
C PHE A 82 2.97 1.63 -9.16
N ARG A 83 2.77 2.83 -8.63
CA ARG A 83 3.88 3.62 -8.10
C ARG A 83 4.52 2.96 -6.88
N GLY A 84 3.72 2.61 -5.88
CA GLY A 84 4.26 1.97 -4.69
C GLY A 84 5.12 0.77 -5.06
N VAL A 85 4.59 -0.08 -5.95
CA VAL A 85 5.34 -1.27 -6.38
C VAL A 85 6.54 -0.86 -7.22
N GLN A 86 6.32 0.03 -8.18
CA GLN A 86 7.40 0.49 -9.04
C GLN A 86 8.56 1.01 -8.20
N LEU A 87 8.23 1.54 -7.02
CA LEU A 87 9.26 2.06 -6.13
C LEU A 87 10.05 0.92 -5.50
N THR A 88 9.34 -0.13 -5.08
CA THR A 88 10.00 -1.28 -4.46
C THR A 88 11.10 -1.82 -5.37
N TYR A 89 10.91 -1.62 -6.68
CA TYR A 89 11.88 -2.09 -7.66
C TYR A 89 13.22 -1.39 -7.48
N GLU A 90 13.18 -0.06 -7.33
CA GLU A 90 14.40 0.71 -7.15
C GLU A 90 15.13 0.29 -5.89
N HIS A 91 14.37 0.03 -4.82
CA HIS A 91 14.97 -0.38 -3.56
C HIS A 91 15.53 -1.79 -3.66
N THR A 92 14.74 -2.70 -4.23
CA THR A 92 15.17 -4.09 -4.37
C THR A 92 16.38 -4.18 -5.30
N MET A 93 16.30 -3.52 -6.44
CA MET A 93 17.39 -3.55 -7.41
C MET A 93 18.68 -3.07 -6.76
N LEU A 94 18.63 -1.91 -6.11
CA LEU A 94 19.80 -1.37 -5.45
C LEU A 94 20.31 -2.34 -4.38
N GLN A 95 19.41 -2.78 -3.51
CA GLN A 95 19.78 -3.71 -2.45
C GLN A 95 20.52 -4.91 -3.04
N LEU A 96 20.09 -5.35 -4.22
CA LEU A 96 20.71 -6.49 -4.87
C LEU A 96 21.82 -6.01 -5.82
N TYR A 97 21.81 -4.73 -6.13
CA TYR A 97 22.81 -4.15 -7.03
C TYR A 97 23.25 -2.77 -6.52
N PRO A 98 24.05 -2.75 -5.48
CA PRO A 98 24.55 -1.47 -4.88
C PRO A 98 25.09 -0.51 -5.94
N SER A 99 24.45 0.65 -6.06
CA SER A 99 24.87 1.65 -7.03
C SER A 99 24.83 3.05 -6.41
N PRO A 100 25.67 3.30 -5.44
CA PRO A 100 25.73 4.61 -4.74
C PRO A 100 25.68 5.79 -5.72
N PHE A 101 24.46 6.21 -6.05
CA PHE A 101 24.28 7.33 -6.97
C PHE A 101 24.41 8.66 -6.22
N ALA A 102 24.42 8.59 -4.90
CA ALA A 102 24.55 9.78 -4.08
C ALA A 102 25.09 9.42 -2.69
N THR A 103 26.40 9.14 -2.64
CA THR A 103 27.03 8.78 -1.38
C THR A 103 26.54 9.66 -0.24
N SER A 104 26.29 9.05 0.92
CA SER A 104 25.82 9.80 2.09
C SER A 104 24.68 10.74 1.71
N ASP A 105 24.56 11.83 2.45
CA ASP A 105 23.51 12.80 2.19
C ASP A 105 22.13 12.19 2.40
N PHE A 106 22.06 11.19 3.28
CA PHE A 106 20.79 10.53 3.56
C PHE A 106 19.70 11.56 3.83
N MET A 107 20.06 12.62 4.56
CA MET A 107 19.10 13.66 4.88
C MET A 107 18.48 14.24 3.60
N VAL A 108 17.20 14.59 3.67
CA VAL A 108 16.52 15.13 2.52
C VAL A 108 15.51 16.20 2.95
N ARG A 109 15.57 17.36 2.29
CA ARG A 109 14.65 18.45 2.61
C ARG A 109 13.36 18.32 1.81
N PHE A 110 12.33 17.79 2.46
CA PHE A 110 11.04 17.61 1.80
C PHE A 110 10.47 18.96 1.37
N PRO A 111 9.70 19.00 0.31
CA PRO A 111 9.08 20.25 -0.19
C PRO A 111 8.57 21.13 0.95
N GLU A 112 8.52 22.44 0.71
CA GLU A 112 8.04 23.38 1.72
C GLU A 112 6.56 23.68 1.51
N TRP A 113 5.98 23.11 0.48
CA TRP A 113 4.56 23.33 0.18
C TRP A 113 3.72 22.18 0.73
N LEU A 114 4.36 21.27 1.46
CA LEU A 114 3.66 20.12 2.04
C LEU A 114 3.72 20.17 3.57
N PRO A 115 2.85 20.91 4.19
CA PRO A 115 2.81 21.04 5.68
C PRO A 115 2.73 19.68 6.37
N LEU A 116 2.85 18.60 5.61
CA LEU A 116 2.78 17.26 6.16
C LEU A 116 4.07 16.92 6.92
N ASP A 117 5.17 17.53 6.48
CA ASP A 117 6.46 17.30 7.10
C ASP A 117 6.75 18.39 8.13
N LYS A 118 6.42 19.63 7.79
CA LYS A 118 6.63 20.75 8.70
C LYS A 118 5.75 20.58 9.93
N TRP A 119 4.57 20.01 9.73
CA TRP A 119 3.64 19.79 10.81
C TRP A 119 3.89 18.43 11.46
N VAL A 120 4.56 17.54 10.72
CA VAL A 120 4.87 16.21 11.25
C VAL A 120 6.21 15.71 10.70
N PRO A 121 7.30 16.31 11.11
CA PRO A 121 8.66 15.92 10.67
C PRO A 121 9.03 14.53 11.18
N GLN A 122 8.32 14.08 12.20
CA GLN A 122 8.58 12.78 12.81
C GLN A 122 8.02 11.65 11.94
N VAL A 123 7.34 12.00 10.86
CA VAL A 123 6.76 11.01 9.98
C VAL A 123 7.11 11.31 8.52
N PHE A 124 8.31 11.82 8.30
CA PHE A 124 8.76 12.16 6.95
C PHE A 124 10.29 12.28 6.92
N VAL A 125 10.85 12.92 7.94
CA VAL A 125 12.30 13.10 8.01
C VAL A 125 13.02 11.75 8.06
N ALA A 126 14.02 11.59 7.20
CA ALA A 126 14.79 10.34 7.14
C ALA A 126 16.05 10.45 7.98
N SER A 127 16.54 9.32 8.48
CA SER A 127 17.75 9.32 9.30
C SER A 127 18.35 7.92 9.35
N GLY A 128 19.38 7.69 8.53
CA GLY A 128 20.04 6.38 8.49
C GLY A 128 20.36 5.98 7.05
N ASP A 129 20.86 4.77 6.87
CA ASP A 129 21.20 4.27 5.54
C ASP A 129 19.98 3.63 4.90
N CYS A 130 19.99 3.56 3.57
CA CYS A 130 18.88 2.96 2.83
C CYS A 130 19.29 1.61 2.25
N ALA A 131 18.48 0.59 2.54
CA ALA A 131 18.73 -0.77 2.04
C ALA A 131 19.48 -1.60 3.08
N GLU A 132 19.86 -0.96 4.19
CA GLU A 132 20.57 -1.69 5.24
C GLU A 132 19.64 -2.71 5.89
N ARG A 133 20.10 -3.95 5.98
CA ARG A 133 19.30 -5.01 6.58
C ARG A 133 19.25 -4.85 8.09
N GLN A 134 18.11 -5.15 8.69
CA GLN A 134 17.94 -5.04 10.13
C GLN A 134 17.30 -6.29 10.72
N TRP A 135 16.51 -7.00 9.89
CA TRP A 135 15.85 -8.22 10.34
C TRP A 135 15.16 -8.92 9.18
N ASP A 136 15.11 -10.24 9.24
CA ASP A 136 14.49 -11.02 8.15
C ASP A 136 13.72 -12.22 8.67
N PHE A 137 12.94 -12.81 7.78
CA PHE A 137 12.15 -13.99 8.10
C PHE A 137 12.29 -15.00 6.95
N LEU A 138 12.43 -16.28 7.29
CA LEU A 138 12.59 -17.31 6.27
C LEU A 138 13.79 -16.96 5.38
N GLY A 139 14.65 -16.08 5.87
CA GLY A 139 15.83 -15.67 5.11
C GLY A 139 15.50 -14.57 4.12
N LEU A 140 14.39 -13.87 4.36
CA LEU A 140 13.95 -12.79 3.47
C LEU A 140 13.87 -11.47 4.25
N GLU A 141 14.46 -10.42 3.69
CA GLU A 141 14.45 -9.11 4.33
C GLU A 141 13.03 -8.53 4.34
N MET A 142 12.74 -7.71 5.34
CA MET A 142 11.42 -7.10 5.45
C MET A 142 10.98 -6.49 4.12
N PRO A 143 11.78 -5.62 3.54
CA PRO A 143 11.43 -4.98 2.24
C PRO A 143 10.88 -5.98 1.23
N GLN A 144 11.43 -7.19 1.24
CA GLN A 144 10.99 -8.23 0.32
C GLN A 144 9.60 -8.71 0.71
N TRP A 145 9.40 -8.97 2.00
CA TRP A 145 8.10 -9.42 2.47
C TRP A 145 7.06 -8.33 2.27
N LEU A 146 7.31 -7.15 2.84
CA LEU A 146 6.39 -6.04 2.69
C LEU A 146 5.89 -5.95 1.25
N LEU A 147 6.78 -6.22 0.29
CA LEU A 147 6.39 -6.19 -1.12
C LEU A 147 5.36 -7.29 -1.37
N GLY A 148 5.53 -8.39 -0.66
CA GLY A 148 4.62 -9.52 -0.80
C GLY A 148 3.19 -9.07 -0.52
N ILE A 149 3.03 -8.23 0.50
CA ILE A 149 1.72 -7.73 0.87
C ILE A 149 1.21 -6.75 -0.18
N PHE A 150 2.11 -5.90 -0.69
CA PHE A 150 1.73 -4.93 -1.71
C PHE A 150 1.00 -5.63 -2.85
N ILE A 151 1.50 -6.82 -3.22
CA ILE A 151 0.89 -7.58 -4.30
C ILE A 151 -0.53 -7.99 -3.92
N ALA A 152 -0.67 -8.51 -2.70
CA ALA A 152 -1.97 -8.93 -2.21
C ALA A 152 -2.98 -7.80 -2.32
N TYR A 153 -2.62 -6.64 -1.79
CA TYR A 153 -3.52 -5.48 -1.83
C TYR A 153 -3.71 -5.01 -3.28
N LEU A 154 -2.61 -4.95 -4.03
CA LEU A 154 -2.67 -4.52 -5.41
C LEU A 154 -3.77 -5.26 -6.16
N ILE A 155 -4.02 -6.49 -5.73
CA ILE A 155 -5.05 -7.31 -6.36
C ILE A 155 -6.44 -6.95 -5.85
N VAL A 156 -6.52 -6.62 -4.56
CA VAL A 156 -7.79 -6.25 -3.96
C VAL A 156 -8.47 -5.16 -4.78
N ALA A 157 -7.68 -4.23 -5.31
CA ALA A 157 -8.22 -3.14 -6.12
C ALA A 157 -8.51 -3.60 -7.54
N VAL A 158 -7.58 -4.35 -8.13
CA VAL A 158 -7.75 -4.84 -9.49
C VAL A 158 -9.09 -5.56 -9.65
N LEU A 159 -9.43 -6.40 -8.69
CA LEU A 159 -10.68 -7.16 -8.75
C LEU A 159 -11.87 -6.33 -8.29
N VAL A 160 -11.65 -5.49 -7.28
CA VAL A 160 -12.73 -4.66 -6.75
C VAL A 160 -13.14 -3.58 -7.75
N VAL A 161 -12.19 -3.11 -8.55
CA VAL A 161 -12.48 -2.08 -9.53
C VAL A 161 -13.25 -2.69 -10.71
N ILE A 162 -12.73 -3.80 -11.24
CA ILE A 162 -13.37 -4.47 -12.36
C ILE A 162 -14.76 -4.95 -11.96
N SER A 163 -14.99 -5.06 -10.65
CA SER A 163 -16.29 -5.52 -10.15
C SER A 163 -17.42 -4.68 -10.75
N GLN A 164 -17.05 -3.64 -11.49
CA GLN A 164 -18.03 -2.77 -12.12
C GLN A 164 -17.76 -2.68 -13.62
N PRO A 165 -18.12 -3.70 -14.35
CA PRO A 165 -17.91 -3.75 -15.83
C PRO A 165 -18.94 -2.93 -16.58
N PHE A 166 -19.56 -1.97 -15.88
CA PHE A 166 -20.56 -1.11 -16.50
C PHE A 166 -21.68 -1.95 -17.13
N LYS A 167 -22.78 -1.30 -17.45
CA LYS A 167 -23.92 -1.99 -18.05
C LYS A 167 -24.99 -0.99 -18.48
N ALA A 168 -25.45 -0.19 -17.53
CA ALA A 168 -26.47 0.82 -17.80
C ALA A 168 -26.44 1.92 -16.75
N LYS A 169 -26.05 3.12 -17.16
CA LYS A 169 -25.98 4.25 -16.24
C LYS A 169 -26.46 5.53 -16.94
N LYS A 170 -27.17 5.36 -18.05
CA LYS A 170 -27.68 6.50 -18.80
C LYS A 170 -29.10 6.84 -18.36
N ARG A 171 -29.47 6.41 -17.15
CA ARG A 171 -30.79 6.68 -16.62
C ARG A 171 -30.87 8.08 -16.05
N ASP A 172 -30.15 8.32 -14.96
CA ASP A 172 -30.15 9.63 -14.32
C ASP A 172 -28.82 9.86 -13.59
N LEU A 173 -27.84 10.39 -14.32
CA LEU A 173 -26.54 10.67 -13.74
C LEU A 173 -26.61 11.83 -12.77
N PHE A 174 -26.05 11.66 -11.57
CA PHE A 174 -26.07 12.71 -10.56
C PHE A 174 -25.08 12.39 -9.45
N GLY A 175 -25.03 11.13 -9.05
CA GLY A 175 -24.13 10.71 -7.98
C GLY A 175 -24.16 11.68 -6.81
N ARG A 176 -23.16 11.60 -5.94
CA ARG A 176 -23.09 12.48 -4.77
C ARG A 176 -21.75 13.21 -4.75
N GLY A 177 -21.81 14.53 -4.53
CA GLY A 177 -20.60 15.34 -4.48
C GLY A 177 -20.34 15.84 -3.06
N HIS A 178 -19.84 14.95 -2.21
CA HIS A 178 -19.55 15.31 -0.83
C HIS A 178 -18.41 16.32 -0.76
N HIS A 179 -17.94 16.59 0.45
CA HIS A 179 -16.86 17.55 0.63
C HIS A 179 -16.17 17.32 1.98
N HIS A 180 -15.17 18.15 2.27
CA HIS A 180 -14.43 18.03 3.52
C HIS A 180 -13.69 19.32 3.84
N HIS A 181 -13.05 19.37 5.01
CA HIS A 181 -12.31 20.55 5.42
C HIS A 181 -13.26 21.72 5.67
N HIS A 182 -13.81 22.27 4.60
CA HIS A 182 -14.75 23.39 4.71
C HIS A 182 -14.30 24.36 5.80
N HIS A 183 -15.22 24.71 6.69
CA HIS A 183 -14.91 25.63 7.79
C HIS A 183 -14.11 26.83 7.27
N MET A 1 -17.14 -19.50 -5.96
CA MET A 1 -16.28 -19.02 -4.85
C MET A 1 -15.96 -17.54 -5.05
N LEU A 2 -15.68 -17.17 -6.29
CA LEU A 2 -15.38 -15.78 -6.61
C LEU A 2 -16.52 -14.88 -6.18
N ARG A 3 -17.75 -15.30 -6.49
CA ARG A 3 -18.93 -14.53 -6.13
C ARG A 3 -18.90 -14.18 -4.64
N PHE A 4 -18.55 -15.15 -3.82
CA PHE A 4 -18.49 -14.94 -2.38
C PHE A 4 -17.50 -13.83 -2.05
N LEU A 5 -16.38 -13.80 -2.77
CA LEU A 5 -15.37 -12.79 -2.55
C LEU A 5 -15.99 -11.40 -2.63
N ASN A 6 -16.82 -11.19 -3.64
CA ASN A 6 -17.49 -9.90 -3.83
C ASN A 6 -18.43 -9.62 -2.68
N GLN A 7 -19.00 -10.68 -2.12
CA GLN A 7 -19.93 -10.54 -1.00
C GLN A 7 -19.19 -10.23 0.29
N ALA A 8 -18.14 -11.00 0.57
CA ALA A 8 -17.36 -10.80 1.77
C ALA A 8 -16.66 -9.44 1.74
N SER A 9 -16.19 -9.05 0.55
CA SER A 9 -15.50 -7.78 0.40
C SER A 9 -16.48 -6.62 0.41
N GLN A 10 -17.68 -6.85 -0.10
CA GLN A 10 -18.70 -5.82 -0.13
C GLN A 10 -19.27 -5.58 1.26
N GLY A 11 -18.63 -6.18 2.26
CA GLY A 11 -19.06 -6.03 3.65
C GLY A 11 -18.11 -5.11 4.41
N ARG A 12 -18.64 -4.43 5.42
CA ARG A 12 -17.84 -3.52 6.22
C ARG A 12 -16.82 -4.30 7.07
N GLY A 13 -17.08 -5.58 7.27
CA GLY A 13 -16.18 -6.41 8.06
C GLY A 13 -14.86 -6.66 7.32
N ALA A 14 -14.97 -6.95 6.04
CA ALA A 14 -13.78 -7.21 5.22
C ALA A 14 -12.91 -5.95 5.10
N TRP A 15 -13.53 -4.84 4.72
CA TRP A 15 -12.78 -3.59 4.57
C TRP A 15 -12.05 -3.25 5.86
N LEU A 16 -12.78 -3.27 6.97
CA LEU A 16 -12.18 -2.97 8.27
C LEU A 16 -11.07 -3.96 8.57
N LEU A 17 -11.19 -5.16 8.00
CA LEU A 17 -10.18 -6.20 8.22
C LEU A 17 -8.88 -5.84 7.49
N MET A 18 -8.99 -5.05 6.43
CA MET A 18 -7.81 -4.64 5.68
C MET A 18 -7.05 -3.57 6.43
N ALA A 19 -7.79 -2.71 7.13
CA ALA A 19 -7.16 -1.63 7.89
C ALA A 19 -6.37 -2.19 9.06
N PHE A 20 -7.02 -2.99 9.89
CA PHE A 20 -6.35 -3.58 11.04
C PHE A 20 -5.08 -4.30 10.64
N THR A 21 -5.21 -5.21 9.67
CA THR A 21 -4.05 -5.97 9.19
C THR A 21 -2.85 -5.04 9.00
N ALA A 22 -3.05 -3.96 8.24
CA ALA A 22 -1.98 -3.01 8.00
C ALA A 22 -1.49 -2.41 9.32
N LEU A 23 -2.37 -2.38 10.31
CA LEU A 23 -2.02 -1.82 11.61
C LEU A 23 -1.23 -2.83 12.43
N ALA A 24 -1.67 -4.08 12.39
CA ALA A 24 -1.00 -5.15 13.13
C ALA A 24 0.50 -5.19 12.80
N LEU A 25 0.83 -4.90 11.54
CA LEU A 25 2.23 -4.90 11.12
C LEU A 25 2.92 -3.62 11.56
N GLU A 26 2.21 -2.51 11.47
CA GLU A 26 2.77 -1.22 11.86
C GLU A 26 3.04 -1.17 13.36
N LEU A 27 2.08 -1.64 14.15
CA LEU A 27 2.23 -1.64 15.60
C LEU A 27 3.30 -2.64 16.03
N THR A 28 3.09 -3.90 15.66
CA THR A 28 4.04 -4.95 16.01
C THR A 28 5.47 -4.49 15.72
N ALA A 29 5.63 -3.66 14.69
CA ALA A 29 6.95 -3.17 14.32
C ALA A 29 7.33 -1.96 15.17
N LEU A 30 6.38 -1.04 15.35
CA LEU A 30 6.63 0.16 16.13
C LEU A 30 7.21 -0.20 17.49
N TRP A 31 7.06 -1.47 17.88
CA TRP A 31 7.59 -1.92 19.16
C TRP A 31 9.00 -2.46 19.00
N PHE A 32 9.26 -3.11 17.87
CA PHE A 32 10.58 -3.67 17.60
C PHE A 32 11.64 -2.58 17.71
N GLN A 33 11.30 -1.38 17.24
CA GLN A 33 12.25 -0.27 17.29
C GLN A 33 12.25 0.38 18.67
N HIS A 34 11.07 0.50 19.27
CA HIS A 34 10.96 1.10 20.59
C HIS A 34 11.78 0.30 21.60
N VAL A 35 12.05 -0.96 21.28
CA VAL A 35 12.84 -1.82 22.17
C VAL A 35 14.22 -2.09 21.59
N MET A 36 14.27 -2.39 20.30
CA MET A 36 15.55 -2.68 19.64
C MET A 36 16.24 -1.38 19.22
N LEU A 37 15.67 -0.25 19.62
CA LEU A 37 16.23 1.05 19.29
C LEU A 37 16.74 1.06 17.85
N LEU A 38 15.96 0.48 16.94
CA LEU A 38 16.35 0.44 15.53
C LEU A 38 16.18 1.81 14.90
N LYS A 39 16.95 2.07 13.85
CA LYS A 39 16.89 3.34 13.13
C LYS A 39 16.59 3.12 11.65
N PRO A 40 15.45 3.57 11.16
CA PRO A 40 15.08 3.39 9.73
C PRO A 40 15.80 4.38 8.81
N CYS A 41 15.51 4.28 7.52
CA CYS A 41 16.13 5.16 6.53
C CYS A 41 15.08 5.99 5.80
N VAL A 42 15.52 6.76 4.81
CA VAL A 42 14.59 7.58 4.04
C VAL A 42 13.63 6.70 3.25
N LEU A 43 14.17 5.61 2.70
CA LEU A 43 13.38 4.69 1.89
C LEU A 43 12.30 4.00 2.73
N SER A 44 12.72 3.46 3.87
CA SER A 44 11.80 2.76 4.76
C SER A 44 10.56 3.63 5.03
N ILE A 45 10.79 4.89 5.37
CA ILE A 45 9.68 5.79 5.66
C ILE A 45 8.81 5.96 4.42
N TYR A 46 9.46 6.12 3.27
CA TYR A 46 8.73 6.29 2.02
C TYR A 46 7.79 5.10 1.80
N GLU A 47 8.30 3.89 2.02
CA GLU A 47 7.50 2.69 1.85
C GLU A 47 6.31 2.70 2.81
N ARG A 48 6.58 3.12 4.05
CA ARG A 48 5.52 3.17 5.06
C ARG A 48 4.44 4.16 4.63
N ALA A 49 4.86 5.24 3.97
CA ALA A 49 3.93 6.25 3.51
C ALA A 49 3.02 5.67 2.42
N ALA A 50 3.59 4.80 1.59
CA ALA A 50 2.81 4.18 0.52
C ALA A 50 1.62 3.44 1.10
N LEU A 51 1.86 2.65 2.13
CA LEU A 51 0.80 1.89 2.78
C LEU A 51 -0.04 2.81 3.67
N PHE A 52 0.63 3.61 4.49
CA PHE A 52 -0.08 4.52 5.38
C PHE A 52 -1.16 5.27 4.60
N GLY A 53 -0.79 5.74 3.41
CA GLY A 53 -1.73 6.47 2.56
C GLY A 53 -2.86 5.57 2.11
N VAL A 54 -2.52 4.35 1.69
CA VAL A 54 -3.53 3.40 1.24
C VAL A 54 -4.49 3.09 2.38
N LEU A 55 -3.93 2.81 3.55
CA LEU A 55 -4.76 2.51 4.72
C LEU A 55 -5.87 3.54 4.83
N GLY A 56 -5.52 4.81 4.67
CA GLY A 56 -6.50 5.88 4.72
C GLY A 56 -7.52 5.71 3.61
N ALA A 57 -7.07 5.11 2.51
CA ALA A 57 -7.95 4.88 1.38
C ALA A 57 -9.05 3.89 1.76
N ALA A 58 -8.72 2.99 2.67
CA ALA A 58 -9.68 1.99 3.13
C ALA A 58 -10.73 2.65 4.02
N LEU A 59 -10.30 3.63 4.81
CA LEU A 59 -11.21 4.34 5.71
C LEU A 59 -12.31 5.03 4.90
N ILE A 60 -11.91 5.67 3.79
CA ILE A 60 -12.86 6.37 2.95
C ILE A 60 -13.62 5.39 2.05
N GLY A 61 -12.93 4.35 1.60
CA GLY A 61 -13.54 3.36 0.73
C GLY A 61 -14.60 2.55 1.47
N ALA A 62 -14.37 2.33 2.76
CA ALA A 62 -15.33 1.57 3.57
C ALA A 62 -16.59 2.38 3.84
N ILE A 63 -16.71 3.52 3.16
CA ILE A 63 -17.88 4.37 3.34
C ILE A 63 -19.04 3.89 2.48
N ALA A 64 -18.72 3.38 1.29
CA ALA A 64 -19.75 2.90 0.38
C ALA A 64 -19.12 2.45 -0.94
N PRO A 65 -18.50 1.29 -0.95
CA PRO A 65 -17.84 0.75 -2.18
C PRO A 65 -18.84 0.18 -3.17
N LYS A 66 -20.10 0.60 -3.04
CA LYS A 66 -21.17 0.13 -3.92
C LYS A 66 -21.61 1.25 -4.85
N THR A 67 -21.09 2.45 -4.59
CA THR A 67 -21.42 3.61 -5.41
C THR A 67 -20.20 4.04 -6.22
N PRO A 68 -20.40 4.82 -7.24
CA PRO A 68 -19.28 5.30 -8.11
C PRO A 68 -18.02 5.62 -7.31
N LEU A 69 -18.18 5.77 -5.99
CA LEU A 69 -17.04 6.06 -5.12
C LEU A 69 -15.84 5.21 -5.49
N ARG A 70 -16.10 4.00 -6.00
CA ARG A 70 -15.02 3.10 -6.39
C ARG A 70 -13.88 3.89 -7.05
N TYR A 71 -14.12 4.49 -8.21
CA TYR A 71 -13.07 5.25 -8.86
C TYR A 71 -12.48 6.29 -7.92
N VAL A 72 -13.30 6.83 -7.02
CA VAL A 72 -12.82 7.84 -6.09
C VAL A 72 -11.81 7.26 -5.10
N ALA A 73 -12.19 6.23 -4.35
CA ALA A 73 -11.28 5.62 -3.40
C ALA A 73 -10.15 4.90 -4.14
N MET A 74 -10.50 4.25 -5.24
CA MET A 74 -9.53 3.53 -6.05
C MET A 74 -8.50 4.50 -6.61
N VAL A 75 -8.80 5.79 -6.55
CA VAL A 75 -7.89 6.80 -7.06
C VAL A 75 -6.56 6.73 -6.30
N ILE A 76 -6.65 6.36 -5.03
CA ILE A 76 -5.48 6.24 -4.17
C ILE A 76 -4.91 4.83 -4.27
N TRP A 77 -5.80 3.85 -4.46
CA TRP A 77 -5.37 2.47 -4.58
C TRP A 77 -4.58 2.27 -5.86
N LEU A 78 -5.12 2.75 -6.98
CA LEU A 78 -4.46 2.64 -8.27
C LEU A 78 -3.16 3.44 -8.27
N TYR A 79 -3.25 4.70 -7.86
CA TYR A 79 -2.07 5.56 -7.81
C TYR A 79 -0.89 4.80 -7.25
N SER A 80 -1.13 4.03 -6.20
CA SER A 80 -0.07 3.24 -5.57
C SER A 80 0.21 1.98 -6.38
N ALA A 81 -0.74 1.56 -7.19
CA ALA A 81 -0.56 0.35 -7.99
C ALA A 81 0.63 0.50 -8.94
N PHE A 82 0.54 1.48 -9.84
CA PHE A 82 1.61 1.72 -10.80
C PHE A 82 2.83 2.36 -10.14
N ARG A 83 2.61 3.47 -9.44
CA ARG A 83 3.72 4.18 -8.81
C ARG A 83 4.33 3.39 -7.65
N GLY A 84 3.50 2.71 -6.86
CA GLY A 84 4.03 1.93 -5.74
C GLY A 84 4.86 0.76 -6.24
N VAL A 85 4.35 0.05 -7.25
CA VAL A 85 5.05 -1.11 -7.80
C VAL A 85 6.25 -0.69 -8.65
N GLN A 86 6.09 0.39 -9.41
CA GLN A 86 7.18 0.86 -10.27
C GLN A 86 8.35 1.37 -9.45
N LEU A 87 8.07 2.12 -8.40
CA LEU A 87 9.13 2.68 -7.55
C LEU A 87 9.73 1.60 -6.65
N THR A 88 8.86 0.81 -6.02
CA THR A 88 9.33 -0.25 -5.12
C THR A 88 10.45 -1.05 -5.78
N TYR A 89 10.19 -1.49 -7.01
CA TYR A 89 11.17 -2.27 -7.75
C TYR A 89 12.52 -1.54 -7.79
N GLU A 90 12.46 -0.22 -7.78
CA GLU A 90 13.68 0.58 -7.82
C GLU A 90 14.48 0.38 -6.53
N HIS A 91 13.77 0.31 -5.41
CA HIS A 91 14.41 0.11 -4.12
C HIS A 91 15.09 -1.25 -4.08
N THR A 92 14.39 -2.27 -4.57
CA THR A 92 14.94 -3.63 -4.59
C THR A 92 16.15 -3.69 -5.51
N MET A 93 16.07 -3.00 -6.63
CA MET A 93 17.17 -2.99 -7.59
C MET A 93 18.47 -2.63 -6.89
N LEU A 94 18.42 -1.60 -6.04
CA LEU A 94 19.60 -1.16 -5.31
C LEU A 94 20.12 -2.28 -4.41
N GLN A 95 19.20 -2.92 -3.70
CA GLN A 95 19.57 -4.01 -2.80
C GLN A 95 20.32 -5.10 -3.57
N LEU A 96 19.85 -5.39 -4.77
CA LEU A 96 20.48 -6.41 -5.61
C LEU A 96 21.58 -5.80 -6.48
N TYR A 97 21.54 -4.48 -6.63
CA TYR A 97 22.54 -3.79 -7.44
C TYR A 97 22.91 -2.45 -6.81
N PRO A 98 23.69 -2.47 -5.77
CA PRO A 98 24.13 -1.24 -5.05
C PRO A 98 24.73 -0.21 -6.01
N SER A 99 25.37 0.81 -5.45
CA SER A 99 25.99 1.86 -6.26
C SER A 99 27.35 2.25 -5.69
N PRO A 100 28.12 3.00 -6.43
CA PRO A 100 29.48 3.45 -5.97
C PRO A 100 29.47 3.95 -4.53
N PHE A 101 30.66 4.27 -4.02
CA PHE A 101 30.79 4.77 -2.65
C PHE A 101 31.54 6.09 -2.63
N ALA A 102 30.91 7.12 -2.11
CA ALA A 102 31.53 8.44 -2.02
C ALA A 102 30.81 9.30 -1.00
N THR A 103 30.62 8.76 0.20
CA THR A 103 29.94 9.49 1.26
C THR A 103 28.69 10.18 0.72
N SER A 104 28.04 9.54 -0.25
CA SER A 104 26.83 10.11 -0.84
C SER A 104 25.64 9.92 0.10
N ASP A 105 25.56 10.77 1.11
CA ASP A 105 24.46 10.70 2.07
C ASP A 105 23.19 11.29 1.47
N PHE A 106 22.16 10.44 1.35
CA PHE A 106 20.88 10.88 0.79
C PHE A 106 20.27 11.98 1.65
N MET A 107 20.07 11.68 2.93
CA MET A 107 19.48 12.65 3.85
C MET A 107 18.10 13.06 3.37
N VAL A 108 17.10 12.88 4.24
CA VAL A 108 15.72 13.23 3.90
C VAL A 108 15.66 14.64 3.30
N ARG A 109 15.17 14.73 2.07
CA ARG A 109 15.06 16.02 1.39
C ARG A 109 13.91 16.02 0.39
N PHE A 110 12.77 16.58 0.80
CA PHE A 110 11.60 16.65 -0.07
C PHE A 110 11.02 18.06 -0.07
N PRO A 111 10.30 18.43 -1.09
CA PRO A 111 9.67 19.77 -1.20
C PRO A 111 9.15 20.29 0.14
N GLU A 112 9.15 21.60 0.31
CA GLU A 112 8.67 22.22 1.55
C GLU A 112 7.31 22.88 1.33
N TRP A 113 6.73 22.66 0.15
CA TRP A 113 5.43 23.26 -0.16
C TRP A 113 4.30 22.37 0.38
N LEU A 114 4.67 21.23 0.96
CA LEU A 114 3.70 20.31 1.53
C LEU A 114 3.94 20.14 3.02
N PRO A 115 3.36 20.99 3.83
CA PRO A 115 3.52 20.93 5.31
C PRO A 115 3.20 19.54 5.88
N LEU A 116 3.05 18.56 5.00
CA LEU A 116 2.75 17.21 5.43
C LEU A 116 3.96 16.60 6.10
N ASP A 117 5.14 17.03 5.67
CA ASP A 117 6.40 16.54 6.24
C ASP A 117 6.91 17.51 7.29
N LYS A 118 6.80 18.80 7.01
CA LYS A 118 7.27 19.82 7.93
C LYS A 118 6.35 19.92 9.15
N TRP A 119 5.04 19.94 8.91
CA TRP A 119 4.08 20.02 10.00
C TRP A 119 4.02 18.69 10.75
N VAL A 120 4.61 17.67 10.13
CA VAL A 120 4.64 16.34 10.75
C VAL A 120 6.01 15.69 10.55
N PRO A 121 7.00 16.13 11.28
CA PRO A 121 8.38 15.59 11.19
C PRO A 121 8.53 14.27 11.94
N GLN A 122 7.62 14.04 12.88
CA GLN A 122 7.65 12.81 13.68
C GLN A 122 7.70 11.58 12.78
N VAL A 123 6.76 11.49 11.84
CA VAL A 123 6.70 10.36 10.92
C VAL A 123 7.12 10.78 9.53
N PHE A 124 8.33 11.34 9.42
CA PHE A 124 8.85 11.78 8.13
C PHE A 124 10.38 11.89 8.20
N VAL A 125 10.88 12.43 9.30
CA VAL A 125 12.32 12.59 9.47
C VAL A 125 13.02 11.24 9.37
N ALA A 126 14.04 11.16 8.52
CA ALA A 126 14.79 9.92 8.35
C ALA A 126 16.10 9.95 9.14
N SER A 127 16.66 8.77 9.37
CA SER A 127 17.92 8.66 10.12
C SER A 127 18.41 7.22 10.12
N GLY A 128 19.42 6.95 9.30
CA GLY A 128 19.99 5.60 9.21
C GLY A 128 20.40 5.27 7.79
N ASP A 129 20.99 4.09 7.59
CA ASP A 129 21.41 3.65 6.27
C ASP A 129 20.23 3.09 5.49
N CYS A 130 20.17 3.42 4.20
CA CYS A 130 19.09 2.94 3.35
C CYS A 130 19.42 1.58 2.75
N ALA A 131 18.46 0.66 2.83
CA ALA A 131 18.62 -0.69 2.31
C ALA A 131 19.12 -1.62 3.41
N GLU A 132 19.26 -1.08 4.62
CA GLU A 132 19.71 -1.87 5.75
C GLU A 132 18.66 -2.90 6.13
N ARG A 133 19.12 -4.07 6.56
CA ARG A 133 18.20 -5.15 6.94
C ARG A 133 17.92 -5.11 8.44
N GLN A 134 16.63 -5.05 8.77
CA GLN A 134 16.21 -5.03 10.18
C GLN A 134 15.33 -6.24 10.48
N TRP A 135 14.73 -6.79 9.42
CA TRP A 135 13.86 -7.95 9.56
C TRP A 135 14.22 -8.99 8.50
N ASP A 136 14.23 -10.26 8.89
CA ASP A 136 14.56 -11.32 7.95
C ASP A 136 13.70 -12.56 8.17
N PHE A 137 12.94 -12.94 7.14
CA PHE A 137 12.07 -14.12 7.22
C PHE A 137 12.45 -15.08 6.09
N LEU A 138 12.59 -16.35 6.41
CA LEU A 138 12.94 -17.35 5.40
C LEU A 138 14.20 -16.93 4.63
N GLY A 139 14.95 -15.98 5.19
CA GLY A 139 16.16 -15.51 4.55
C GLY A 139 15.89 -14.34 3.60
N LEU A 140 14.73 -13.71 3.76
CA LEU A 140 14.35 -12.59 2.91
C LEU A 140 14.04 -11.36 3.79
N GLU A 141 14.40 -10.19 3.30
CA GLU A 141 14.15 -8.96 4.04
C GLU A 141 12.69 -8.54 3.92
N MET A 142 12.23 -7.74 4.89
CA MET A 142 10.85 -7.27 4.89
C MET A 142 10.46 -6.68 3.54
N PRO A 143 11.23 -5.73 3.05
CA PRO A 143 10.95 -5.07 1.75
C PRO A 143 10.48 -6.07 0.68
N GLN A 144 11.09 -7.25 0.67
CA GLN A 144 10.72 -8.28 -0.29
C GLN A 144 9.34 -8.83 0.01
N TRP A 145 9.14 -9.29 1.25
CA TRP A 145 7.84 -9.83 1.63
C TRP A 145 6.75 -8.75 1.53
N LEU A 146 6.95 -7.66 2.26
CA LEU A 146 5.99 -6.57 2.24
C LEU A 146 5.52 -6.29 0.81
N LEU A 147 6.43 -6.41 -0.15
CA LEU A 147 6.07 -6.19 -1.55
C LEU A 147 5.10 -7.28 -1.99
N GLY A 148 5.28 -8.47 -1.41
CA GLY A 148 4.41 -9.58 -1.73
C GLY A 148 2.96 -9.24 -1.37
N ILE A 149 2.77 -8.66 -0.20
CA ILE A 149 1.44 -8.28 0.26
C ILE A 149 1.00 -7.01 -0.47
N PHE A 150 1.98 -6.22 -0.91
CA PHE A 150 1.68 -4.99 -1.62
C PHE A 150 0.94 -5.28 -2.92
N ILE A 151 1.43 -6.28 -3.66
CA ILE A 151 0.81 -6.64 -4.92
C ILE A 151 -0.56 -7.26 -4.69
N ALA A 152 -0.67 -8.04 -3.61
CA ALA A 152 -1.95 -8.68 -3.28
C ALA A 152 -3.02 -7.63 -3.06
N TYR A 153 -2.71 -6.64 -2.22
CA TYR A 153 -3.68 -5.57 -1.93
C TYR A 153 -4.18 -4.93 -3.22
N LEU A 154 -3.26 -4.56 -4.09
CA LEU A 154 -3.61 -3.93 -5.36
C LEU A 154 -4.45 -4.87 -6.21
N ILE A 155 -4.18 -6.17 -6.07
CA ILE A 155 -4.90 -7.18 -6.84
C ILE A 155 -6.33 -7.33 -6.31
N VAL A 156 -6.49 -7.13 -5.00
CA VAL A 156 -7.80 -7.25 -4.38
C VAL A 156 -8.71 -6.08 -4.80
N ALA A 157 -8.16 -4.87 -4.75
CA ALA A 157 -8.93 -3.69 -5.11
C ALA A 157 -9.52 -3.81 -6.51
N VAL A 158 -8.69 -4.20 -7.47
CA VAL A 158 -9.15 -4.34 -8.85
C VAL A 158 -10.10 -5.52 -9.00
N LEU A 159 -9.98 -6.48 -8.09
CA LEU A 159 -10.84 -7.68 -8.14
C LEU A 159 -12.23 -7.38 -7.59
N VAL A 160 -12.29 -6.62 -6.50
CA VAL A 160 -13.58 -6.28 -5.90
C VAL A 160 -14.27 -5.18 -6.69
N VAL A 161 -13.50 -4.43 -7.46
CA VAL A 161 -14.07 -3.36 -8.28
C VAL A 161 -14.67 -3.93 -9.55
N ILE A 162 -13.88 -4.75 -10.25
CA ILE A 162 -14.35 -5.37 -11.49
C ILE A 162 -15.47 -6.36 -11.20
N SER A 163 -15.54 -6.83 -9.96
CA SER A 163 -16.57 -7.77 -9.57
C SER A 163 -17.96 -7.23 -9.95
N GLN A 164 -18.18 -5.95 -9.67
CA GLN A 164 -19.45 -5.32 -9.99
C GLN A 164 -20.61 -6.09 -9.35
N PRO A 165 -21.69 -5.43 -9.03
CA PRO A 165 -22.88 -6.08 -8.41
C PRO A 165 -23.55 -7.07 -9.36
N PHE A 166 -22.83 -7.48 -10.40
CA PHE A 166 -23.35 -8.42 -11.38
C PHE A 166 -22.95 -9.85 -11.02
N LYS A 167 -23.89 -10.78 -11.17
CA LYS A 167 -23.62 -12.18 -10.87
C LYS A 167 -23.57 -13.01 -12.15
N ALA A 168 -23.39 -14.31 -11.99
CA ALA A 168 -23.33 -15.22 -13.14
C ALA A 168 -23.16 -16.66 -12.67
N LYS A 169 -21.91 -17.10 -12.56
CA LYS A 169 -21.65 -18.46 -12.12
C LYS A 169 -21.83 -18.58 -10.61
N LYS A 170 -22.05 -19.80 -10.14
CA LYS A 170 -22.26 -20.05 -8.71
C LYS A 170 -21.45 -21.24 -8.25
N ARG A 171 -22.14 -22.33 -7.90
CA ARG A 171 -21.47 -23.54 -7.45
C ARG A 171 -22.00 -24.76 -8.20
N ASP A 172 -21.10 -25.67 -8.55
CA ASP A 172 -21.47 -26.87 -9.28
C ASP A 172 -20.42 -27.96 -9.10
N LEU A 173 -19.57 -28.12 -10.11
CA LEU A 173 -18.52 -29.13 -10.07
C LEU A 173 -19.12 -30.51 -9.78
N PHE A 174 -19.12 -31.37 -10.78
CA PHE A 174 -19.65 -32.72 -10.63
C PHE A 174 -18.95 -33.69 -11.57
N GLY A 175 -18.58 -34.85 -11.05
CA GLY A 175 -17.89 -35.85 -11.86
C GLY A 175 -16.40 -35.56 -11.90
N ARG A 176 -15.61 -36.59 -12.17
CA ARG A 176 -14.15 -36.44 -12.25
C ARG A 176 -13.53 -37.59 -13.03
N GLY A 177 -14.11 -38.78 -12.89
CA GLY A 177 -13.60 -39.96 -13.58
C GLY A 177 -13.09 -40.99 -12.58
N HIS A 178 -13.52 -42.24 -12.75
CA HIS A 178 -13.11 -43.31 -11.86
C HIS A 178 -13.13 -44.65 -12.59
N HIS A 179 -12.06 -44.95 -13.31
CA HIS A 179 -11.97 -46.21 -14.05
C HIS A 179 -10.52 -46.64 -14.19
N HIS A 180 -10.31 -47.91 -14.50
CA HIS A 180 -8.96 -48.45 -14.66
C HIS A 180 -8.53 -48.38 -16.13
N HIS A 181 -7.22 -48.42 -16.35
CA HIS A 181 -6.68 -48.37 -17.69
C HIS A 181 -7.21 -47.15 -18.45
N HIS A 182 -6.49 -46.04 -18.38
CA HIS A 182 -6.90 -44.81 -19.05
C HIS A 182 -5.70 -44.11 -19.66
N HIS A 183 -5.74 -43.90 -20.96
CA HIS A 183 -4.64 -43.24 -21.66
C HIS A 183 -4.34 -41.89 -21.01
N MET A 1 -17.97 -19.29 -8.44
CA MET A 1 -17.30 -18.93 -7.16
C MET A 1 -16.96 -17.45 -7.17
N LEU A 2 -16.83 -16.89 -8.36
CA LEU A 2 -16.51 -15.48 -8.49
C LEU A 2 -17.65 -14.62 -7.93
N ARG A 3 -18.88 -15.07 -8.17
CA ARG A 3 -20.04 -14.33 -7.68
C ARG A 3 -19.93 -14.08 -6.18
N PHE A 4 -19.29 -14.99 -5.47
CA PHE A 4 -19.11 -14.84 -4.02
C PHE A 4 -18.01 -13.84 -3.72
N LEU A 5 -16.91 -13.92 -4.47
CA LEU A 5 -15.79 -13.01 -4.26
C LEU A 5 -16.28 -11.57 -4.14
N ASN A 6 -17.18 -11.19 -5.04
CA ASN A 6 -17.72 -9.83 -5.03
C ASN A 6 -18.65 -9.64 -3.83
N GLN A 7 -19.17 -10.75 -3.32
CA GLN A 7 -20.08 -10.70 -2.17
C GLN A 7 -19.29 -10.50 -0.89
N ALA A 8 -18.25 -11.30 -0.70
CA ALA A 8 -17.41 -11.21 0.49
C ALA A 8 -16.76 -9.83 0.60
N SER A 9 -16.29 -9.31 -0.53
CA SER A 9 -15.63 -8.00 -0.54
C SER A 9 -16.66 -6.87 -0.45
N GLN A 10 -17.81 -7.06 -1.09
CA GLN A 10 -18.85 -6.05 -1.06
C GLN A 10 -19.37 -5.85 0.36
N GLY A 11 -18.77 -6.59 1.30
CA GLY A 11 -19.16 -6.48 2.70
C GLY A 11 -18.21 -5.55 3.45
N ARG A 12 -18.72 -4.89 4.48
CA ARG A 12 -17.91 -3.96 5.26
C ARG A 12 -16.88 -4.73 6.08
N GLY A 13 -17.33 -5.81 6.74
CA GLY A 13 -16.45 -6.62 7.55
C GLY A 13 -15.14 -6.92 6.82
N ALA A 14 -15.27 -7.29 5.55
CA ALA A 14 -14.10 -7.59 4.73
C ALA A 14 -13.22 -6.36 4.61
N TRP A 15 -13.83 -5.22 4.28
CA TRP A 15 -13.08 -3.99 4.13
C TRP A 15 -12.40 -3.62 5.46
N LEU A 16 -13.17 -3.66 6.54
CA LEU A 16 -12.64 -3.34 7.86
C LEU A 16 -11.47 -4.28 8.18
N LEU A 17 -11.53 -5.49 7.65
CA LEU A 17 -10.48 -6.47 7.88
C LEU A 17 -9.21 -6.11 7.13
N MET A 18 -9.36 -5.36 6.04
CA MET A 18 -8.21 -4.95 5.25
C MET A 18 -7.45 -3.84 5.98
N ALA A 19 -8.17 -2.99 6.70
CA ALA A 19 -7.55 -1.90 7.42
C ALA A 19 -6.76 -2.41 8.62
N PHE A 20 -7.41 -3.20 9.47
CA PHE A 20 -6.75 -3.74 10.65
C PHE A 20 -5.45 -4.43 10.27
N THR A 21 -5.49 -5.27 9.24
CA THR A 21 -4.29 -5.98 8.79
C THR A 21 -3.16 -4.99 8.54
N ALA A 22 -3.45 -3.95 7.78
CA ALA A 22 -2.44 -2.94 7.46
C ALA A 22 -1.86 -2.34 8.74
N LEU A 23 -2.73 -2.05 9.70
CA LEU A 23 -2.29 -1.47 10.97
C LEU A 23 -1.49 -2.48 11.78
N ALA A 24 -1.91 -3.74 11.74
CA ALA A 24 -1.23 -4.79 12.48
C ALA A 24 0.26 -4.81 12.13
N LEU A 25 0.57 -4.54 10.88
CA LEU A 25 1.96 -4.53 10.43
C LEU A 25 2.68 -3.27 10.92
N GLU A 26 1.94 -2.17 10.96
CA GLU A 26 2.50 -0.90 11.41
C GLU A 26 2.81 -0.94 12.89
N LEU A 27 1.86 -1.43 13.69
CA LEU A 27 2.05 -1.50 15.14
C LEU A 27 3.16 -2.49 15.49
N THR A 28 2.99 -3.74 15.06
CA THR A 28 3.99 -4.78 15.33
C THR A 28 5.38 -4.28 14.98
N ALA A 29 5.47 -3.43 13.96
CA ALA A 29 6.76 -2.89 13.54
C ALA A 29 7.17 -1.72 14.43
N LEU A 30 6.23 -0.81 14.67
CA LEU A 30 6.50 0.35 15.50
C LEU A 30 7.07 -0.07 16.85
N TRP A 31 6.96 -1.36 17.15
CA TRP A 31 7.46 -1.88 18.43
C TRP A 31 8.87 -2.44 18.26
N PHE A 32 9.15 -2.98 17.07
CA PHE A 32 10.47 -3.55 16.80
C PHE A 32 11.55 -2.46 16.85
N GLN A 33 11.20 -1.26 16.42
CA GLN A 33 12.15 -0.15 16.44
C GLN A 33 12.25 0.44 17.85
N HIS A 34 11.11 0.59 18.51
CA HIS A 34 11.08 1.14 19.85
C HIS A 34 11.89 0.24 20.81
N VAL A 35 12.11 -1.00 20.37
CA VAL A 35 12.86 -1.96 21.19
C VAL A 35 14.23 -2.22 20.58
N MET A 36 14.27 -2.48 19.28
CA MET A 36 15.52 -2.75 18.58
C MET A 36 16.20 -1.45 18.19
N LEU A 37 15.64 -0.33 18.64
CA LEU A 37 16.21 0.98 18.33
C LEU A 37 16.66 1.02 16.87
N LEU A 38 15.82 0.47 15.99
CA LEU A 38 16.14 0.46 14.57
C LEU A 38 16.20 1.89 14.03
N LYS A 39 17.01 2.09 12.98
CA LYS A 39 17.15 3.42 12.38
C LYS A 39 16.56 3.42 10.97
N PRO A 40 15.30 3.75 10.84
CA PRO A 40 14.61 3.79 9.51
C PRO A 40 15.37 4.64 8.48
N CYS A 41 15.30 4.24 7.22
CA CYS A 41 15.96 4.96 6.15
C CYS A 41 14.96 5.85 5.41
N VAL A 42 15.46 6.67 4.49
CA VAL A 42 14.57 7.56 3.73
C VAL A 42 13.57 6.75 2.92
N LEU A 43 14.05 5.66 2.32
CA LEU A 43 13.20 4.80 1.50
C LEU A 43 12.16 4.07 2.36
N SER A 44 12.61 3.48 3.46
CA SER A 44 11.71 2.75 4.34
C SER A 44 10.50 3.60 4.70
N ILE A 45 10.75 4.85 5.10
CA ILE A 45 9.67 5.75 5.47
C ILE A 45 8.76 6.00 4.27
N TYR A 46 9.36 6.23 3.11
CA TYR A 46 8.59 6.47 1.90
C TYR A 46 7.61 5.32 1.66
N GLU A 47 8.12 4.10 1.80
CA GLU A 47 7.30 2.91 1.60
C GLU A 47 6.16 2.87 2.62
N ARG A 48 6.45 3.25 3.85
CA ARG A 48 5.44 3.26 4.91
C ARG A 48 4.31 4.21 4.53
N ALA A 49 4.65 5.29 3.86
CA ALA A 49 3.66 6.29 3.45
C ALA A 49 2.72 5.69 2.41
N ALA A 50 3.27 4.89 1.50
CA ALA A 50 2.46 4.27 0.46
C ALA A 50 1.34 3.45 1.08
N LEU A 51 1.69 2.62 2.05
CA LEU A 51 0.70 1.78 2.72
C LEU A 51 -0.15 2.64 3.66
N PHE A 52 0.51 3.42 4.52
CA PHE A 52 -0.21 4.28 5.45
C PHE A 52 -1.34 5.01 4.72
N GLY A 53 -1.03 5.51 3.53
CA GLY A 53 -2.01 6.22 2.73
C GLY A 53 -3.17 5.32 2.35
N VAL A 54 -2.85 4.11 1.91
CA VAL A 54 -3.88 3.16 1.53
C VAL A 54 -4.84 2.91 2.69
N LEU A 55 -4.25 2.69 3.87
CA LEU A 55 -5.04 2.46 5.07
C LEU A 55 -6.12 3.53 5.18
N GLY A 56 -5.73 4.77 4.92
CA GLY A 56 -6.68 5.88 4.98
C GLY A 56 -7.74 5.74 3.90
N ALA A 57 -7.38 5.03 2.84
CA ALA A 57 -8.32 4.81 1.74
C ALA A 57 -9.38 3.79 2.13
N ALA A 58 -8.98 2.79 2.91
CA ALA A 58 -9.91 1.76 3.34
C ALA A 58 -10.86 2.29 4.41
N LEU A 59 -10.43 3.32 5.13
CA LEU A 59 -11.26 3.90 6.17
C LEU A 59 -12.38 4.76 5.56
N ILE A 60 -12.04 5.51 4.53
CA ILE A 60 -13.02 6.37 3.87
C ILE A 60 -13.91 5.57 2.94
N GLY A 61 -13.36 4.50 2.37
CA GLY A 61 -14.13 3.65 1.45
C GLY A 61 -15.00 2.66 2.20
N ALA A 62 -14.54 2.23 3.37
CA ALA A 62 -15.30 1.27 4.17
C ALA A 62 -16.57 1.91 4.73
N ILE A 63 -16.78 3.18 4.38
CA ILE A 63 -17.97 3.89 4.86
C ILE A 63 -19.15 3.69 3.91
N ALA A 64 -18.84 3.39 2.65
CA ALA A 64 -19.89 3.18 1.66
C ALA A 64 -19.30 2.70 0.33
N PRO A 65 -18.73 1.53 0.32
CA PRO A 65 -18.12 0.93 -0.90
C PRO A 65 -19.18 0.36 -1.84
N LYS A 66 -20.42 0.78 -1.64
CA LYS A 66 -21.53 0.30 -2.45
C LYS A 66 -21.98 1.38 -3.44
N THR A 67 -21.46 2.59 -3.25
CA THR A 67 -21.81 3.72 -4.12
C THR A 67 -20.61 4.09 -4.99
N PRO A 68 -20.77 5.03 -5.88
CA PRO A 68 -19.67 5.47 -6.78
C PRO A 68 -18.41 5.83 -5.99
N LEU A 69 -18.48 5.67 -4.67
CA LEU A 69 -17.35 5.97 -3.80
C LEU A 69 -16.14 5.14 -4.19
N ARG A 70 -16.37 3.94 -4.71
CA ARG A 70 -15.28 3.06 -5.12
C ARG A 70 -14.17 3.86 -5.80
N TYR A 71 -14.43 4.46 -6.96
CA TYR A 71 -13.40 5.23 -7.64
C TYR A 71 -12.80 6.27 -6.69
N VAL A 72 -13.61 6.81 -5.79
CA VAL A 72 -13.13 7.83 -4.86
C VAL A 72 -12.08 7.29 -3.90
N ALA A 73 -12.32 6.13 -3.29
CA ALA A 73 -11.35 5.55 -2.37
C ALA A 73 -10.27 4.80 -3.15
N MET A 74 -10.70 4.11 -4.20
CA MET A 74 -9.77 3.36 -5.03
C MET A 74 -8.74 4.29 -5.66
N VAL A 75 -9.12 5.55 -5.81
CA VAL A 75 -8.22 6.54 -6.39
C VAL A 75 -6.88 6.52 -5.65
N ILE A 76 -6.97 6.15 -4.37
CA ILE A 76 -5.78 6.06 -3.52
C ILE A 76 -5.20 4.66 -3.58
N TRP A 77 -6.07 3.67 -3.75
CA TRP A 77 -5.63 2.28 -3.83
C TRP A 77 -4.75 2.10 -5.07
N LEU A 78 -5.22 2.64 -6.20
CA LEU A 78 -4.48 2.55 -7.45
C LEU A 78 -3.20 3.38 -7.38
N TYR A 79 -3.35 4.65 -6.99
CA TYR A 79 -2.19 5.53 -6.88
C TYR A 79 -1.01 4.79 -6.24
N SER A 80 -1.31 4.00 -5.22
CA SER A 80 -0.28 3.24 -4.52
C SER A 80 0.05 1.96 -5.29
N ALA A 81 -0.91 1.48 -6.08
CA ALA A 81 -0.71 0.25 -6.84
C ALA A 81 0.48 0.39 -7.79
N PHE A 82 0.41 1.36 -8.69
CA PHE A 82 1.50 1.58 -9.64
C PHE A 82 2.70 2.24 -8.98
N ARG A 83 2.46 3.34 -8.26
CA ARG A 83 3.55 4.06 -7.60
C ARG A 83 4.18 3.25 -6.48
N GLY A 84 3.36 2.63 -5.63
CA GLY A 84 3.89 1.83 -4.53
C GLY A 84 4.77 0.70 -5.07
N VAL A 85 4.27 -0.01 -6.08
CA VAL A 85 5.01 -1.12 -6.65
C VAL A 85 6.25 -0.63 -7.40
N GLN A 86 6.04 0.25 -8.37
CA GLN A 86 7.14 0.78 -9.16
C GLN A 86 8.26 1.30 -8.26
N LEU A 87 7.93 1.60 -7.01
CA LEU A 87 8.91 2.09 -6.06
C LEU A 87 9.57 0.94 -5.29
N THR A 88 8.78 -0.09 -4.99
CA THR A 88 9.29 -1.23 -4.25
C THR A 88 10.45 -1.89 -4.99
N TYR A 89 10.21 -2.27 -6.24
CA TYR A 89 11.25 -2.91 -7.05
C TYR A 89 12.52 -2.07 -7.04
N GLU A 90 12.36 -0.75 -7.08
CA GLU A 90 13.51 0.15 -7.08
C GLU A 90 14.38 -0.10 -5.85
N HIS A 91 13.73 -0.32 -4.72
CA HIS A 91 14.45 -0.57 -3.48
C HIS A 91 15.20 -1.89 -3.55
N THR A 92 14.60 -2.88 -4.23
CA THR A 92 15.23 -4.18 -4.38
C THR A 92 16.40 -4.10 -5.35
N MET A 93 16.25 -3.29 -6.40
CA MET A 93 17.30 -3.13 -7.38
C MET A 93 18.61 -2.75 -6.70
N LEU A 94 18.55 -1.75 -5.83
CA LEU A 94 19.73 -1.29 -5.11
C LEU A 94 20.30 -2.42 -4.26
N GLN A 95 19.45 -3.07 -3.49
CA GLN A 95 19.88 -4.17 -2.63
C GLN A 95 20.69 -5.18 -3.43
N LEU A 96 20.31 -5.40 -4.68
CA LEU A 96 21.01 -6.36 -5.53
C LEU A 96 21.93 -5.62 -6.51
N TYR A 97 21.80 -4.30 -6.57
CA TYR A 97 22.62 -3.49 -7.47
C TYR A 97 23.35 -2.39 -6.71
N PRO A 98 24.37 -2.73 -5.99
CA PRO A 98 25.17 -1.76 -5.20
C PRO A 98 26.20 -1.03 -6.06
N SER A 99 25.81 0.08 -6.67
CA SER A 99 26.69 0.84 -7.52
C SER A 99 26.49 2.35 -7.32
N PRO A 100 27.49 3.15 -7.57
CA PRO A 100 27.41 4.62 -7.42
C PRO A 100 26.06 5.17 -7.87
N PHE A 101 25.18 5.43 -6.90
CA PHE A 101 23.86 5.97 -7.20
C PHE A 101 23.65 7.29 -6.46
N ALA A 102 24.67 8.14 -6.51
CA ALA A 102 24.61 9.44 -5.85
C ALA A 102 23.20 10.05 -5.98
N THR A 103 22.43 9.96 -4.91
CA THR A 103 21.08 10.51 -4.91
C THR A 103 21.10 11.99 -5.27
N SER A 104 20.02 12.45 -5.91
CA SER A 104 19.93 13.85 -6.31
C SER A 104 19.41 14.71 -5.16
N ASP A 105 18.08 14.81 -5.07
CA ASP A 105 17.45 15.61 -4.01
C ASP A 105 16.58 14.71 -3.12
N PHE A 106 17.21 13.74 -2.48
CA PHE A 106 16.49 12.83 -1.60
C PHE A 106 17.25 12.64 -0.29
N MET A 107 17.27 13.69 0.53
CA MET A 107 17.96 13.64 1.81
C MET A 107 17.57 14.84 2.66
N VAL A 108 16.59 14.63 3.55
CA VAL A 108 16.12 15.71 4.42
C VAL A 108 15.50 16.84 3.59
N ARG A 109 15.77 16.83 2.29
CA ARG A 109 15.24 17.85 1.40
C ARG A 109 13.94 17.36 0.74
N PHE A 110 12.82 17.91 1.19
CA PHE A 110 11.51 17.53 0.65
C PHE A 110 10.71 18.77 0.26
N PRO A 111 9.76 18.63 -0.63
CA PRO A 111 8.91 19.76 -1.08
C PRO A 111 8.58 20.72 0.06
N GLU A 112 8.87 22.01 -0.17
CA GLU A 112 8.60 23.03 0.84
C GLU A 112 7.18 23.55 0.71
N TRP A 113 6.52 23.19 -0.39
CA TRP A 113 5.15 23.64 -0.63
C TRP A 113 4.14 22.63 -0.09
N LEU A 114 4.64 21.51 0.45
CA LEU A 114 3.78 20.48 1.00
C LEU A 114 4.08 20.27 2.48
N PRO A 115 3.45 21.04 3.34
CA PRO A 115 3.65 20.93 4.81
C PRO A 115 3.49 19.50 5.32
N LEU A 116 3.30 18.56 4.40
CA LEU A 116 3.13 17.16 4.78
C LEU A 116 4.41 16.63 5.41
N ASP A 117 5.54 17.19 5.00
CA ASP A 117 6.85 16.79 5.52
C ASP A 117 7.30 17.73 6.63
N LYS A 118 7.10 19.03 6.40
CA LYS A 118 7.51 20.03 7.39
C LYS A 118 6.59 19.99 8.61
N TRP A 119 5.28 19.92 8.36
CA TRP A 119 4.31 19.88 9.45
C TRP A 119 4.30 18.50 10.11
N VAL A 120 4.89 17.52 9.43
CA VAL A 120 4.96 16.16 9.98
C VAL A 120 6.35 15.57 9.77
N PRO A 121 7.32 16.06 10.49
CA PRO A 121 8.73 15.57 10.39
C PRO A 121 8.92 14.24 11.10
N GLN A 122 8.04 13.96 12.06
CA GLN A 122 8.11 12.72 12.83
C GLN A 122 8.12 11.52 11.89
N VAL A 123 7.12 11.46 11.03
CA VAL A 123 7.01 10.34 10.08
C VAL A 123 7.35 10.82 8.67
N PHE A 124 8.59 11.25 8.48
CA PHE A 124 9.05 11.73 7.18
C PHE A 124 10.56 11.91 7.18
N VAL A 125 11.09 12.48 8.27
CA VAL A 125 12.53 12.70 8.38
C VAL A 125 13.29 11.38 8.36
N ALA A 126 14.32 11.31 7.54
CA ALA A 126 15.12 10.09 7.43
C ALA A 126 16.35 10.18 8.33
N SER A 127 16.88 9.02 8.71
CA SER A 127 18.05 8.98 9.58
C SER A 127 18.65 7.58 9.60
N GLY A 128 19.72 7.38 8.82
CA GLY A 128 20.38 6.08 8.75
C GLY A 128 20.76 5.74 7.32
N ASP A 129 21.13 4.48 7.08
CA ASP A 129 21.51 4.04 5.74
C ASP A 129 20.35 3.31 5.09
N CYS A 130 20.45 3.09 3.78
CA CYS A 130 19.39 2.40 3.05
C CYS A 130 19.87 1.03 2.56
N ALA A 131 19.05 0.01 2.83
CA ALA A 131 19.37 -1.37 2.44
C ALA A 131 20.01 -2.14 3.58
N GLU A 132 20.08 -1.52 4.75
CA GLU A 132 20.67 -2.19 5.91
C GLU A 132 19.73 -3.27 6.43
N ARG A 133 20.29 -4.41 6.81
CA ARG A 133 19.48 -5.52 7.32
C ARG A 133 19.53 -5.56 8.85
N GLN A 134 18.35 -5.56 9.47
CA GLN A 134 18.27 -5.60 10.92
C GLN A 134 17.36 -6.74 11.38
N TRP A 135 16.59 -7.29 10.45
CA TRP A 135 15.68 -8.39 10.77
C TRP A 135 15.03 -8.95 9.51
N ASP A 136 15.03 -10.28 9.38
CA ASP A 136 14.47 -10.91 8.21
C ASP A 136 13.75 -12.22 8.53
N PHE A 137 12.90 -12.65 7.61
CA PHE A 137 12.15 -13.89 7.76
C PHE A 137 12.43 -14.80 6.57
N LEU A 138 12.60 -16.09 6.82
CA LEU A 138 12.88 -17.02 5.73
C LEU A 138 14.10 -16.56 4.92
N GLY A 139 14.89 -15.66 5.51
CA GLY A 139 16.06 -15.14 4.84
C GLY A 139 15.72 -13.97 3.92
N LEU A 140 14.57 -13.34 4.18
CA LEU A 140 14.14 -12.19 3.39
C LEU A 140 13.88 -11.00 4.30
N GLU A 141 14.33 -9.83 3.87
CA GLU A 141 14.15 -8.61 4.66
C GLU A 141 12.68 -8.20 4.70
N MET A 142 12.27 -7.59 5.81
CA MET A 142 10.88 -7.16 5.95
C MET A 142 10.43 -6.37 4.71
N PRO A 143 11.18 -5.36 4.32
CA PRO A 143 10.84 -4.54 3.13
C PRO A 143 10.41 -5.38 1.93
N GLN A 144 11.08 -6.51 1.75
CA GLN A 144 10.76 -7.40 0.64
C GLN A 144 9.39 -8.03 0.87
N TRP A 145 9.16 -8.51 2.09
CA TRP A 145 7.90 -9.13 2.43
C TRP A 145 6.77 -8.10 2.32
N LEU A 146 6.91 -7.00 3.04
CA LEU A 146 5.90 -5.95 2.99
C LEU A 146 5.44 -5.71 1.55
N LEU A 147 6.39 -5.79 0.62
CA LEU A 147 6.06 -5.62 -0.80
C LEU A 147 5.13 -6.74 -1.23
N GLY A 148 5.36 -7.92 -0.66
CA GLY A 148 4.54 -9.08 -0.97
C GLY A 148 3.07 -8.80 -0.69
N ILE A 149 2.82 -8.05 0.37
CA ILE A 149 1.45 -7.70 0.75
C ILE A 149 0.88 -6.67 -0.23
N PHE A 150 1.75 -5.79 -0.73
CA PHE A 150 1.31 -4.77 -1.67
C PHE A 150 0.69 -5.42 -2.89
N ILE A 151 1.34 -6.46 -3.40
CA ILE A 151 0.83 -7.17 -4.57
C ILE A 151 -0.55 -7.73 -4.27
N ALA A 152 -0.67 -8.41 -3.14
CA ALA A 152 -1.95 -8.99 -2.74
C ALA A 152 -3.03 -7.91 -2.76
N TYR A 153 -2.77 -6.80 -2.09
CA TYR A 153 -3.73 -5.70 -2.03
C TYR A 153 -4.00 -5.16 -3.43
N LEU A 154 -2.93 -4.87 -4.17
CA LEU A 154 -3.05 -4.36 -5.53
C LEU A 154 -4.05 -5.19 -6.32
N ILE A 155 -4.12 -6.47 -6.01
CA ILE A 155 -5.03 -7.38 -6.71
C ILE A 155 -6.45 -7.27 -6.15
N VAL A 156 -6.56 -7.11 -4.84
CA VAL A 156 -7.86 -7.01 -4.20
C VAL A 156 -8.67 -5.89 -4.84
N ALA A 157 -8.01 -4.78 -5.16
CA ALA A 157 -8.71 -3.65 -5.78
C ALA A 157 -8.98 -3.90 -7.26
N VAL A 158 -7.96 -4.39 -7.97
CA VAL A 158 -8.11 -4.65 -9.40
C VAL A 158 -9.34 -5.52 -9.68
N LEU A 159 -9.55 -6.54 -8.86
CA LEU A 159 -10.68 -7.44 -9.06
C LEU A 159 -11.96 -6.88 -8.42
N VAL A 160 -11.83 -6.31 -7.23
CA VAL A 160 -12.99 -5.75 -6.55
C VAL A 160 -13.61 -4.61 -7.36
N VAL A 161 -12.80 -3.98 -8.19
CA VAL A 161 -13.28 -2.89 -9.03
C VAL A 161 -13.93 -3.45 -10.29
N ILE A 162 -13.26 -4.40 -10.92
CA ILE A 162 -13.77 -5.02 -12.13
C ILE A 162 -15.05 -5.80 -11.82
N SER A 163 -15.36 -5.93 -10.54
CA SER A 163 -16.55 -6.65 -10.12
C SER A 163 -17.79 -6.10 -10.81
N GLN A 164 -17.64 -4.96 -11.47
CA GLN A 164 -18.77 -4.34 -12.18
C GLN A 164 -18.35 -3.87 -13.56
N PRO A 165 -18.19 -4.78 -14.48
CA PRO A 165 -17.78 -4.46 -15.88
C PRO A 165 -18.84 -3.63 -16.61
N PHE A 166 -19.69 -2.97 -15.85
CA PHE A 166 -20.74 -2.14 -16.44
C PHE A 166 -20.14 -0.97 -17.21
N LYS A 167 -20.94 -0.35 -18.06
CA LYS A 167 -20.46 0.78 -18.86
C LYS A 167 -19.26 0.37 -19.70
N ALA A 168 -19.41 -0.74 -20.42
CA ALA A 168 -18.33 -1.24 -21.28
C ALA A 168 -18.77 -2.49 -22.02
N LYS A 169 -18.48 -2.54 -23.32
CA LYS A 169 -18.85 -3.69 -24.13
C LYS A 169 -20.36 -3.91 -24.10
N LYS A 170 -20.85 -4.65 -25.10
CA LYS A 170 -22.29 -4.92 -25.18
C LYS A 170 -22.69 -5.94 -24.12
N ARG A 171 -23.51 -6.91 -24.51
CA ARG A 171 -23.96 -7.95 -23.58
C ARG A 171 -22.97 -9.10 -23.55
N ASP A 172 -23.32 -10.16 -22.82
CA ASP A 172 -22.46 -11.33 -22.72
C ASP A 172 -23.25 -12.57 -22.32
N LEU A 173 -22.84 -13.72 -22.83
CA LEU A 173 -23.52 -14.98 -22.53
C LEU A 173 -25.02 -14.84 -22.80
N PHE A 174 -25.45 -15.30 -23.97
CA PHE A 174 -26.86 -15.24 -24.34
C PHE A 174 -27.10 -15.94 -25.67
N GLY A 175 -27.87 -17.03 -25.64
CA GLY A 175 -28.17 -17.77 -26.86
C GLY A 175 -29.12 -18.93 -26.58
N ARG A 176 -28.97 -19.55 -25.41
CA ARG A 176 -29.83 -20.66 -25.02
C ARG A 176 -30.16 -20.60 -23.53
N GLY A 177 -31.42 -20.85 -23.20
CA GLY A 177 -31.85 -20.82 -21.81
C GLY A 177 -33.37 -20.68 -21.70
N HIS A 178 -33.83 -19.44 -21.74
CA HIS A 178 -35.27 -19.17 -21.66
C HIS A 178 -35.83 -19.63 -20.33
N HIS A 179 -35.00 -20.31 -19.53
CA HIS A 179 -35.43 -20.80 -18.22
C HIS A 179 -34.22 -21.05 -17.33
N HIS A 180 -33.69 -19.98 -16.74
CA HIS A 180 -32.53 -20.10 -15.86
C HIS A 180 -32.39 -18.86 -15.00
N HIS A 181 -33.12 -18.81 -13.89
CA HIS A 181 -33.06 -17.67 -12.98
C HIS A 181 -31.72 -17.63 -12.26
N HIS A 182 -31.73 -17.97 -10.98
CA HIS A 182 -30.50 -17.96 -10.18
C HIS A 182 -29.84 -16.59 -10.23
N HIS A 183 -30.26 -15.70 -9.33
CA HIS A 183 -29.71 -14.36 -9.27
C HIS A 183 -29.95 -13.74 -7.90
N MET A 1 -17.20 -19.78 -6.64
CA MET A 1 -17.92 -19.04 -5.57
C MET A 1 -17.54 -17.56 -5.63
N LEU A 2 -17.25 -17.09 -6.84
CA LEU A 2 -16.88 -15.68 -7.04
C LEU A 2 -18.07 -14.78 -6.73
N ARG A 3 -19.27 -15.23 -7.13
CA ARG A 3 -20.48 -14.46 -6.89
C ARG A 3 -20.55 -14.03 -5.43
N PHE A 4 -20.10 -14.91 -4.54
CA PHE A 4 -20.13 -14.61 -3.11
C PHE A 4 -19.02 -13.61 -2.76
N LEU A 5 -17.85 -13.80 -3.37
CA LEU A 5 -16.72 -12.92 -3.11
C LEU A 5 -17.16 -11.47 -3.13
N ASN A 6 -18.05 -11.13 -4.07
CA ASN A 6 -18.54 -9.77 -4.19
C ASN A 6 -19.46 -9.44 -3.02
N GLN A 7 -20.00 -10.47 -2.39
CA GLN A 7 -20.90 -10.29 -1.26
C GLN A 7 -20.10 -10.01 0.02
N ALA A 8 -19.07 -10.81 0.25
CA ALA A 8 -18.24 -10.63 1.43
C ALA A 8 -17.51 -9.30 1.36
N SER A 9 -17.19 -8.87 0.15
CA SER A 9 -16.47 -7.62 -0.04
C SER A 9 -17.40 -6.42 0.15
N GLN A 10 -18.62 -6.52 -0.39
CA GLN A 10 -19.57 -5.42 -0.27
C GLN A 10 -20.06 -5.29 1.17
N GLY A 11 -19.41 -6.04 2.08
CA GLY A 11 -19.77 -5.97 3.49
C GLY A 11 -18.80 -5.05 4.22
N ARG A 12 -19.32 -4.30 5.19
CA ARG A 12 -18.50 -3.38 5.96
C ARG A 12 -17.49 -4.15 6.81
N GLY A 13 -17.77 -5.43 7.05
CA GLY A 13 -16.88 -6.25 7.85
C GLY A 13 -15.57 -6.52 7.13
N ALA A 14 -15.67 -6.91 5.86
CA ALA A 14 -14.48 -7.19 5.07
C ALA A 14 -13.60 -5.95 4.96
N TRP A 15 -14.20 -4.83 4.56
CA TRP A 15 -13.45 -3.59 4.43
C TRP A 15 -12.75 -3.25 5.74
N LEU A 16 -13.48 -3.34 6.84
CA LEU A 16 -12.92 -3.03 8.16
C LEU A 16 -11.82 -4.03 8.50
N LEU A 17 -11.95 -5.25 8.02
CA LEU A 17 -10.97 -6.30 8.29
C LEU A 17 -9.67 -6.00 7.56
N MET A 18 -9.76 -5.30 6.43
CA MET A 18 -8.58 -4.96 5.66
C MET A 18 -7.80 -3.84 6.35
N ALA A 19 -8.52 -2.94 7.00
CA ALA A 19 -7.90 -1.83 7.69
C ALA A 19 -7.05 -2.34 8.85
N PHE A 20 -7.67 -3.13 9.73
CA PHE A 20 -6.96 -3.67 10.88
C PHE A 20 -5.70 -4.41 10.45
N THR A 21 -5.85 -5.35 9.51
CA THR A 21 -4.71 -6.12 9.02
C THR A 21 -3.51 -5.21 8.78
N ALA A 22 -3.75 -4.11 8.07
CA ALA A 22 -2.67 -3.16 7.77
C ALA A 22 -2.04 -2.65 9.07
N LEU A 23 -2.86 -2.51 10.10
CA LEU A 23 -2.35 -2.02 11.39
C LEU A 23 -1.61 -3.13 12.13
N ALA A 24 -2.13 -4.35 12.04
CA ALA A 24 -1.51 -5.49 12.70
C ALA A 24 -0.01 -5.54 12.40
N LEU A 25 0.34 -5.33 11.14
CA LEU A 25 1.74 -5.34 10.74
C LEU A 25 2.44 -4.07 11.17
N GLU A 26 1.70 -2.97 11.20
CA GLU A 26 2.25 -1.68 11.60
C GLU A 26 2.64 -1.69 13.09
N LEU A 27 1.70 -2.13 13.93
CA LEU A 27 1.95 -2.19 15.36
C LEU A 27 3.07 -3.19 15.68
N THR A 28 2.87 -4.43 15.26
CA THR A 28 3.87 -5.47 15.50
C THR A 28 5.27 -4.96 15.19
N ALA A 29 5.37 -4.12 14.17
CA ALA A 29 6.67 -3.57 13.77
C ALA A 29 7.04 -2.37 14.64
N LEU A 30 6.09 -1.46 14.83
CA LEU A 30 6.34 -0.27 15.64
C LEU A 30 6.97 -0.66 16.97
N TRP A 31 6.88 -1.93 17.33
CA TRP A 31 7.43 -2.42 18.59
C TRP A 31 8.85 -2.96 18.37
N PHE A 32 9.13 -3.40 17.16
CA PHE A 32 10.44 -3.95 16.85
C PHE A 32 11.49 -2.85 16.84
N GLN A 33 11.14 -1.71 16.24
CA GLN A 33 12.07 -0.58 16.17
C GLN A 33 12.19 0.10 17.52
N HIS A 34 11.05 0.38 18.14
CA HIS A 34 11.03 1.03 19.44
C HIS A 34 11.97 0.32 20.42
N VAL A 35 12.17 -0.98 20.21
CA VAL A 35 13.04 -1.76 21.07
C VAL A 35 14.40 -1.97 20.41
N MET A 36 14.38 -2.35 19.13
CA MET A 36 15.60 -2.59 18.39
C MET A 36 16.24 -1.27 17.97
N LEU A 37 15.62 -0.15 18.36
CA LEU A 37 16.14 1.17 18.02
C LEU A 37 16.59 1.20 16.57
N LEU A 38 15.78 0.62 15.68
CA LEU A 38 16.11 0.59 14.27
C LEU A 38 16.16 2.00 13.70
N LYS A 39 16.99 2.19 12.68
CA LYS A 39 17.13 3.51 12.06
C LYS A 39 16.66 3.47 10.59
N PRO A 40 15.40 3.69 10.36
CA PRO A 40 14.82 3.68 8.98
C PRO A 40 15.61 4.58 8.03
N CYS A 41 15.23 4.55 6.75
CA CYS A 41 15.90 5.36 5.74
C CYS A 41 14.87 6.11 4.89
N VAL A 42 15.35 6.76 3.83
CA VAL A 42 14.46 7.50 2.95
C VAL A 42 13.50 6.57 2.24
N LEU A 43 14.02 5.44 1.77
CA LEU A 43 13.20 4.46 1.06
C LEU A 43 12.14 3.86 1.96
N SER A 44 12.55 3.42 3.15
CA SER A 44 11.62 2.81 4.10
C SER A 44 10.52 3.80 4.47
N ILE A 45 10.92 5.01 4.86
CA ILE A 45 9.95 6.04 5.23
C ILE A 45 9.03 6.36 4.05
N TYR A 46 9.63 6.56 2.88
CA TYR A 46 8.84 6.86 1.69
C TYR A 46 7.85 5.74 1.43
N GLU A 47 8.31 4.50 1.55
CA GLU A 47 7.46 3.35 1.33
C GLU A 47 6.31 3.33 2.33
N ARG A 48 6.60 3.72 3.57
CA ARG A 48 5.57 3.75 4.61
C ARG A 48 4.46 4.72 4.22
N ALA A 49 4.83 5.78 3.52
CA ALA A 49 3.86 6.78 3.09
C ALA A 49 2.93 6.18 2.03
N ALA A 50 3.50 5.32 1.19
CA ALA A 50 2.72 4.68 0.13
C ALA A 50 1.61 3.82 0.74
N LEU A 51 1.98 2.98 1.71
CA LEU A 51 1.01 2.12 2.36
C LEU A 51 0.12 2.94 3.29
N PHE A 52 0.72 3.68 4.21
CA PHE A 52 -0.06 4.51 5.12
C PHE A 52 -1.17 5.22 4.35
N GLY A 53 -0.85 5.64 3.13
CA GLY A 53 -1.82 6.32 2.28
C GLY A 53 -2.93 5.35 1.89
N VAL A 54 -2.56 4.12 1.57
CA VAL A 54 -3.55 3.12 1.19
C VAL A 54 -4.51 2.88 2.34
N LEU A 55 -3.94 2.69 3.53
CA LEU A 55 -4.77 2.46 4.71
C LEU A 55 -5.90 3.48 4.75
N GLY A 56 -5.57 4.74 4.51
CA GLY A 56 -6.57 5.80 4.49
C GLY A 56 -7.58 5.55 3.39
N ALA A 57 -7.13 4.86 2.35
CA ALA A 57 -7.99 4.55 1.22
C ALA A 57 -9.08 3.56 1.64
N ALA A 58 -8.74 2.71 2.60
CA ALA A 58 -9.69 1.71 3.10
C ALA A 58 -10.71 2.37 4.01
N LEU A 59 -10.29 3.42 4.70
CA LEU A 59 -11.18 4.14 5.61
C LEU A 59 -12.22 4.93 4.82
N ILE A 60 -11.80 5.50 3.70
CA ILE A 60 -12.71 6.28 2.86
C ILE A 60 -13.62 5.36 2.05
N GLY A 61 -13.08 4.23 1.62
CA GLY A 61 -13.86 3.27 0.84
C GLY A 61 -14.81 2.48 1.73
N ALA A 62 -14.44 2.35 3.00
CA ALA A 62 -15.28 1.61 3.95
C ALA A 62 -16.53 2.41 4.30
N ILE A 63 -16.68 3.57 3.68
CA ILE A 63 -17.85 4.41 3.94
C ILE A 63 -19.03 3.96 3.09
N ALA A 64 -18.74 3.37 1.93
CA ALA A 64 -19.79 2.91 1.04
C ALA A 64 -19.20 2.35 -0.26
N PRO A 65 -18.66 1.16 -0.21
CA PRO A 65 -18.04 0.51 -1.39
C PRO A 65 -19.09 -0.06 -2.35
N LYS A 66 -20.30 0.46 -2.26
CA LYS A 66 -21.40 0.01 -3.12
C LYS A 66 -21.81 1.13 -4.07
N THR A 67 -21.25 2.30 -3.85
CA THR A 67 -21.54 3.47 -4.68
C THR A 67 -20.33 3.81 -5.54
N PRO A 68 -20.51 4.56 -6.59
CA PRO A 68 -19.40 4.97 -7.49
C PRO A 68 -18.12 5.30 -6.72
N LEU A 69 -18.27 5.50 -5.41
CA LEU A 69 -17.12 5.82 -4.56
C LEU A 69 -15.95 4.92 -4.90
N ARG A 70 -16.24 3.70 -5.35
CA ARG A 70 -15.19 2.76 -5.71
C ARG A 70 -14.05 3.46 -6.43
N TYR A 71 -14.29 3.95 -7.65
CA TYR A 71 -13.24 4.64 -8.39
C TYR A 71 -12.69 5.81 -7.56
N VAL A 72 -13.51 6.39 -6.70
CA VAL A 72 -13.08 7.53 -5.90
C VAL A 72 -12.04 7.13 -4.86
N ALA A 73 -12.27 6.04 -4.14
CA ALA A 73 -11.32 5.59 -3.13
C ALA A 73 -10.17 4.82 -3.79
N MET A 74 -10.49 4.11 -4.85
CA MET A 74 -9.48 3.34 -5.57
C MET A 74 -8.42 4.28 -6.14
N VAL A 75 -8.71 5.57 -6.15
CA VAL A 75 -7.77 6.55 -6.67
C VAL A 75 -6.46 6.47 -5.91
N ILE A 76 -6.57 6.22 -4.61
CA ILE A 76 -5.41 6.10 -3.74
C ILE A 76 -4.89 4.67 -3.73
N TRP A 77 -5.80 3.71 -3.89
CA TRP A 77 -5.40 2.30 -3.91
C TRP A 77 -4.52 2.03 -5.11
N LEU A 78 -5.00 2.41 -6.29
CA LEU A 78 -4.24 2.22 -7.53
C LEU A 78 -2.98 3.06 -7.52
N TYR A 79 -3.10 4.33 -7.16
CA TYR A 79 -1.95 5.22 -7.13
C TYR A 79 -0.76 4.51 -6.47
N SER A 80 -1.04 3.82 -5.36
CA SER A 80 0.00 3.10 -4.64
C SER A 80 0.31 1.77 -5.32
N ALA A 81 -0.64 1.26 -6.08
CA ALA A 81 -0.45 -0.01 -6.77
C ALA A 81 0.75 0.06 -7.71
N PHE A 82 0.67 0.95 -8.69
CA PHE A 82 1.74 1.08 -9.67
C PHE A 82 2.95 1.82 -9.06
N ARG A 83 2.70 2.99 -8.48
CA ARG A 83 3.78 3.78 -7.90
C ARG A 83 4.40 3.10 -6.68
N GLY A 84 3.57 2.59 -5.78
CA GLY A 84 4.09 1.92 -4.59
C GLY A 84 4.98 0.75 -4.99
N VAL A 85 4.51 -0.06 -5.93
CA VAL A 85 5.28 -1.22 -6.39
C VAL A 85 6.53 -0.78 -7.15
N GLN A 86 6.37 0.19 -8.03
CA GLN A 86 7.50 0.69 -8.81
C GLN A 86 8.60 1.20 -7.88
N LEU A 87 8.20 1.64 -6.69
CA LEU A 87 9.16 2.16 -5.72
C LEU A 87 9.83 1.01 -4.97
N THR A 88 9.03 0.03 -4.56
CA THR A 88 9.56 -1.12 -3.84
C THR A 88 10.71 -1.75 -4.62
N TYR A 89 10.68 -1.55 -5.93
CA TYR A 89 11.72 -2.10 -6.80
C TYR A 89 13.04 -1.37 -6.59
N GLU A 90 12.98 -0.04 -6.60
CA GLU A 90 14.18 0.77 -6.41
C GLU A 90 14.92 0.34 -5.15
N HIS A 91 14.17 0.00 -4.10
CA HIS A 91 14.78 -0.43 -2.86
C HIS A 91 15.52 -1.76 -3.04
N THR A 92 14.87 -2.70 -3.70
CA THR A 92 15.47 -4.01 -3.93
C THR A 92 16.69 -3.89 -4.85
N MET A 93 16.53 -3.16 -5.94
CA MET A 93 17.62 -2.95 -6.88
C MET A 93 18.92 -2.65 -6.13
N LEU A 94 18.83 -1.72 -5.18
CA LEU A 94 19.98 -1.35 -4.38
C LEU A 94 20.55 -2.59 -3.69
N GLN A 95 19.67 -3.34 -3.03
CA GLN A 95 20.09 -4.55 -2.34
C GLN A 95 20.93 -5.42 -3.27
N LEU A 96 20.66 -5.34 -4.56
CA LEU A 96 21.40 -6.11 -5.55
C LEU A 96 22.46 -5.26 -6.22
N TYR A 97 22.34 -3.95 -6.06
CA TYR A 97 23.30 -3.01 -6.66
C TYR A 97 23.81 -2.04 -5.59
N PRO A 98 24.68 -2.50 -4.74
CA PRO A 98 25.27 -1.65 -3.65
C PRO A 98 25.76 -0.31 -4.16
N SER A 99 26.21 0.54 -3.25
CA SER A 99 26.72 1.86 -3.62
C SER A 99 27.38 2.53 -2.42
N PRO A 100 28.49 2.00 -1.97
CA PRO A 100 29.24 2.56 -0.81
C PRO A 100 29.34 4.09 -0.86
N PHE A 101 29.49 4.69 0.30
CA PHE A 101 29.60 6.15 0.38
C PHE A 101 30.39 6.56 1.62
N ALA A 102 30.79 7.83 1.66
CA ALA A 102 31.56 8.34 2.79
C ALA A 102 30.64 8.59 3.99
N THR A 103 29.36 8.83 3.72
CA THR A 103 28.40 9.08 4.78
C THR A 103 27.16 8.22 4.59
N SER A 104 26.59 7.77 5.71
CA SER A 104 25.39 6.93 5.66
C SER A 104 24.13 7.77 5.76
N ASP A 105 23.84 8.24 6.97
CA ASP A 105 22.65 9.07 7.19
C ASP A 105 22.56 10.17 6.15
N PHE A 106 21.92 9.87 5.03
CA PHE A 106 21.77 10.85 3.95
C PHE A 106 20.47 11.63 4.12
N MET A 107 20.47 12.59 5.04
CA MET A 107 19.28 13.41 5.28
C MET A 107 18.92 14.20 4.04
N VAL A 108 17.62 14.30 3.76
CA VAL A 108 17.15 15.03 2.59
C VAL A 108 16.10 16.07 2.98
N ARG A 109 15.87 17.04 2.11
CA ARG A 109 14.88 18.08 2.36
C ARG A 109 13.95 18.24 1.16
N PHE A 110 12.76 17.65 1.25
CA PHE A 110 11.79 17.74 0.17
C PHE A 110 11.07 19.08 0.23
N PRO A 111 10.49 19.50 -0.87
CA PRO A 111 9.76 20.79 -0.96
C PRO A 111 9.02 21.11 0.34
N GLU A 112 8.71 22.39 0.54
CA GLU A 112 8.01 22.82 1.75
C GLU A 112 6.55 23.17 1.45
N TRP A 113 6.07 22.74 0.29
CA TRP A 113 4.68 23.02 -0.08
C TRP A 113 3.75 21.94 0.44
N LEU A 114 4.34 20.94 1.11
CA LEU A 114 3.56 19.84 1.69
C LEU A 114 3.81 19.74 3.18
N PRO A 115 3.16 20.57 3.96
CA PRO A 115 3.33 20.57 5.45
C PRO A 115 3.16 19.18 6.04
N LEU A 116 2.89 18.19 5.20
CA LEU A 116 2.72 16.83 5.64
C LEU A 116 3.97 16.34 6.37
N ASP A 117 5.12 16.82 5.93
CA ASP A 117 6.40 16.45 6.54
C ASP A 117 6.83 17.49 7.56
N LYS A 118 6.69 18.77 7.21
CA LYS A 118 7.08 19.83 8.13
C LYS A 118 6.16 19.85 9.34
N TRP A 119 4.86 19.73 9.10
CA TRP A 119 3.88 19.72 10.17
C TRP A 119 3.93 18.39 10.91
N VAL A 120 4.55 17.38 10.26
CA VAL A 120 4.68 16.06 10.87
C VAL A 120 5.98 15.39 10.43
N PRO A 121 7.10 15.89 10.86
CA PRO A 121 8.44 15.33 10.50
C PRO A 121 8.70 14.01 11.23
N GLN A 122 7.84 13.71 12.20
CA GLN A 122 7.99 12.48 12.99
C GLN A 122 7.63 11.25 12.16
N VAL A 123 7.13 11.48 10.95
CA VAL A 123 6.74 10.36 10.08
C VAL A 123 7.17 10.64 8.64
N PHE A 124 8.32 11.29 8.49
CA PHE A 124 8.83 11.61 7.16
C PHE A 124 10.36 11.72 7.20
N VAL A 125 10.87 12.31 8.28
CA VAL A 125 12.31 12.49 8.43
C VAL A 125 13.03 11.14 8.40
N ALA A 126 14.05 11.04 7.55
CA ALA A 126 14.82 9.80 7.43
C ALA A 126 16.09 9.88 8.27
N SER A 127 16.61 8.72 8.66
CA SER A 127 17.83 8.68 9.48
C SER A 127 18.40 7.27 9.51
N GLY A 128 19.53 7.07 8.81
CA GLY A 128 20.18 5.75 8.77
C GLY A 128 20.56 5.38 7.34
N ASP A 129 21.20 4.22 7.19
CA ASP A 129 21.61 3.76 5.87
C ASP A 129 20.44 3.13 5.15
N CYS A 130 20.31 3.42 3.86
CA CYS A 130 19.21 2.89 3.05
C CYS A 130 19.61 1.56 2.42
N ALA A 131 18.71 0.58 2.55
CA ALA A 131 18.94 -0.75 1.99
C ALA A 131 19.66 -1.65 2.98
N GLU A 132 20.04 -1.09 4.12
CA GLU A 132 20.74 -1.87 5.14
C GLU A 132 19.79 -2.91 5.74
N ARG A 133 20.24 -4.16 5.77
CA ARG A 133 19.43 -5.24 6.33
C ARG A 133 19.61 -5.32 7.84
N GLN A 134 18.52 -5.10 8.57
CA GLN A 134 18.57 -5.14 10.03
C GLN A 134 17.58 -6.18 10.58
N TRP A 135 16.82 -6.79 9.69
CA TRP A 135 15.85 -7.80 10.10
C TRP A 135 15.22 -8.49 8.89
N ASP A 136 15.22 -9.82 8.90
CA ASP A 136 14.67 -10.57 7.77
C ASP A 136 13.99 -11.86 8.22
N PHE A 137 13.11 -12.37 7.37
CA PHE A 137 12.40 -13.61 7.63
C PHE A 137 12.67 -14.58 6.48
N LEU A 138 12.87 -15.85 6.80
CA LEU A 138 13.14 -16.83 5.75
C LEU A 138 14.34 -16.38 4.93
N GLY A 139 15.12 -15.45 5.48
CA GLY A 139 16.30 -14.94 4.78
C GLY A 139 15.92 -13.83 3.81
N LEU A 140 14.78 -13.18 4.05
CA LEU A 140 14.32 -12.10 3.19
C LEU A 140 14.09 -10.83 4.02
N GLU A 141 14.58 -9.71 3.49
CA GLU A 141 14.42 -8.44 4.20
C GLU A 141 12.97 -7.97 4.15
N MET A 142 12.55 -7.24 5.18
CA MET A 142 11.19 -6.74 5.24
C MET A 142 10.77 -6.12 3.90
N PRO A 143 11.45 -5.08 3.47
CA PRO A 143 11.15 -4.42 2.17
C PRO A 143 10.69 -5.40 1.11
N GLN A 144 11.29 -6.59 1.09
CA GLN A 144 10.93 -7.61 0.12
C GLN A 144 9.58 -8.22 0.50
N TRP A 145 9.38 -8.47 1.79
CA TRP A 145 8.13 -9.03 2.25
C TRP A 145 6.99 -8.04 2.04
N LEU A 146 7.13 -6.86 2.64
CA LEU A 146 6.11 -5.82 2.49
C LEU A 146 5.68 -5.73 1.02
N LEU A 147 6.63 -5.89 0.11
CA LEU A 147 6.32 -5.84 -1.32
C LEU A 147 5.36 -7.00 -1.63
N GLY A 148 5.56 -8.10 -0.92
CA GLY A 148 4.72 -9.27 -1.10
C GLY A 148 3.27 -8.95 -0.72
N ILE A 149 3.08 -8.33 0.44
CA ILE A 149 1.75 -7.97 0.89
C ILE A 149 1.17 -6.88 -0.01
N PHE A 150 2.05 -6.00 -0.49
CA PHE A 150 1.61 -4.91 -1.36
C PHE A 150 0.91 -5.50 -2.58
N ILE A 151 1.44 -6.61 -3.08
CA ILE A 151 0.85 -7.26 -4.25
C ILE A 151 -0.52 -7.80 -3.92
N ALA A 152 -0.66 -8.36 -2.71
CA ALA A 152 -1.94 -8.90 -2.28
C ALA A 152 -3.02 -7.81 -2.34
N TYR A 153 -2.72 -6.66 -1.74
CA TYR A 153 -3.67 -5.55 -1.72
C TYR A 153 -3.93 -5.05 -3.14
N LEU A 154 -2.86 -4.97 -3.93
CA LEU A 154 -2.97 -4.52 -5.31
C LEU A 154 -4.03 -5.31 -6.06
N ILE A 155 -4.16 -6.57 -5.69
CA ILE A 155 -5.13 -7.45 -6.35
C ILE A 155 -6.53 -7.29 -5.76
N VAL A 156 -6.61 -7.10 -4.44
CA VAL A 156 -7.89 -6.94 -3.78
C VAL A 156 -8.71 -5.84 -4.45
N ALA A 157 -8.03 -4.75 -4.81
CA ALA A 157 -8.71 -3.63 -5.44
C ALA A 157 -8.99 -3.91 -6.91
N VAL A 158 -7.99 -4.40 -7.63
CA VAL A 158 -8.15 -4.70 -9.05
C VAL A 158 -9.37 -5.59 -9.28
N LEU A 159 -9.46 -6.69 -8.53
CA LEU A 159 -10.58 -7.61 -8.68
C LEU A 159 -11.89 -6.96 -8.24
N VAL A 160 -11.81 -6.10 -7.21
CA VAL A 160 -13.00 -5.44 -6.70
C VAL A 160 -13.46 -4.32 -7.63
N VAL A 161 -12.53 -3.76 -8.40
CA VAL A 161 -12.85 -2.69 -9.33
C VAL A 161 -13.72 -3.23 -10.47
N ILE A 162 -13.31 -4.37 -11.02
CA ILE A 162 -14.06 -4.98 -12.12
C ILE A 162 -15.38 -5.57 -11.60
N SER A 163 -15.40 -5.91 -10.32
CA SER A 163 -16.61 -6.48 -9.72
C SER A 163 -17.81 -5.56 -9.94
N GLN A 164 -17.54 -4.37 -10.49
CA GLN A 164 -18.61 -3.41 -10.74
C GLN A 164 -19.83 -4.12 -11.35
N PRO A 165 -21.01 -3.62 -11.08
CA PRO A 165 -22.27 -4.22 -11.62
C PRO A 165 -22.42 -3.99 -13.12
N PHE A 166 -21.44 -3.30 -13.71
CA PHE A 166 -21.47 -3.01 -15.13
C PHE A 166 -21.21 -4.28 -15.94
N LYS A 167 -19.98 -4.79 -15.84
CA LYS A 167 -19.60 -6.01 -16.56
C LYS A 167 -18.74 -6.90 -15.67
N ALA A 168 -19.15 -8.16 -15.55
CA ALA A 168 -18.40 -9.11 -14.73
C ALA A 168 -18.86 -10.53 -15.01
N LYS A 169 -18.78 -11.39 -14.00
CA LYS A 169 -19.19 -12.77 -14.15
C LYS A 169 -18.43 -13.44 -15.30
N LYS A 170 -18.47 -14.77 -15.34
CA LYS A 170 -17.78 -15.51 -16.39
C LYS A 170 -18.14 -16.99 -16.31
N ARG A 171 -17.77 -17.74 -17.35
CA ARG A 171 -18.06 -19.17 -17.39
C ARG A 171 -17.70 -19.82 -16.05
N ASP A 172 -18.71 -20.39 -15.40
CA ASP A 172 -18.49 -21.05 -14.12
C ASP A 172 -19.66 -21.96 -13.76
N LEU A 173 -19.78 -23.06 -14.48
CA LEU A 173 -20.87 -24.02 -14.23
C LEU A 173 -20.38 -25.44 -14.49
N PHE A 174 -19.26 -25.57 -15.18
CA PHE A 174 -18.72 -26.89 -15.50
C PHE A 174 -18.11 -27.52 -14.24
N GLY A 175 -18.50 -28.77 -13.97
CA GLY A 175 -17.99 -29.49 -12.81
C GLY A 175 -17.41 -30.84 -13.22
N ARG A 176 -16.48 -30.81 -14.17
CA ARG A 176 -15.85 -32.04 -14.66
C ARG A 176 -16.88 -32.92 -15.35
N GLY A 177 -17.81 -33.46 -14.57
CA GLY A 177 -18.85 -34.32 -15.11
C GLY A 177 -18.27 -35.67 -15.54
N HIS A 178 -18.33 -35.95 -16.84
CA HIS A 178 -17.81 -37.21 -17.36
C HIS A 178 -16.37 -37.44 -16.87
N HIS A 179 -15.41 -37.15 -17.75
CA HIS A 179 -14.00 -37.34 -17.40
C HIS A 179 -13.12 -36.66 -18.44
N HIS A 180 -11.92 -37.20 -18.63
CA HIS A 180 -10.98 -36.63 -19.60
C HIS A 180 -11.35 -37.05 -21.01
N HIS A 181 -11.64 -36.06 -21.86
CA HIS A 181 -12.00 -36.34 -23.24
C HIS A 181 -10.74 -36.50 -24.09
N HIS A 182 -10.55 -37.70 -24.63
CA HIS A 182 -9.39 -37.98 -25.47
C HIS A 182 -9.23 -36.90 -26.54
N HIS A 183 -8.23 -36.03 -26.35
CA HIS A 183 -7.99 -34.97 -27.31
C HIS A 183 -7.23 -35.49 -28.54
N MET A 1 -17.78 -18.78 -7.33
CA MET A 1 -17.48 -18.28 -5.97
C MET A 1 -17.12 -16.80 -6.04
N LEU A 2 -16.72 -16.35 -7.23
CA LEU A 2 -16.36 -14.95 -7.42
C LEU A 2 -17.50 -14.04 -6.96
N ARG A 3 -18.73 -14.48 -7.20
CA ARG A 3 -19.90 -13.70 -6.80
C ARG A 3 -19.87 -13.44 -5.29
N PHE A 4 -19.31 -14.39 -4.55
CA PHE A 4 -19.23 -14.25 -3.10
C PHE A 4 -18.20 -13.16 -2.74
N LEU A 5 -17.05 -13.20 -3.40
CA LEU A 5 -16.02 -12.22 -3.14
C LEU A 5 -16.60 -10.80 -3.19
N ASN A 6 -17.54 -10.60 -4.11
CA ASN A 6 -18.17 -9.29 -4.24
C ASN A 6 -19.02 -8.99 -3.01
N GLN A 7 -19.53 -10.04 -2.38
CA GLN A 7 -20.36 -9.90 -1.19
C GLN A 7 -19.49 -9.67 0.04
N ALA A 8 -18.49 -10.51 0.22
CA ALA A 8 -17.59 -10.39 1.36
C ALA A 8 -16.94 -9.01 1.38
N SER A 9 -16.69 -8.47 0.20
CA SER A 9 -16.06 -7.16 0.08
C SER A 9 -17.06 -6.05 0.39
N GLN A 10 -18.30 -6.24 -0.08
CA GLN A 10 -19.34 -5.26 0.15
C GLN A 10 -19.72 -5.20 1.63
N GLY A 11 -18.98 -5.94 2.45
CA GLY A 11 -19.21 -5.95 3.89
C GLY A 11 -18.20 -5.05 4.58
N ARG A 12 -18.66 -4.33 5.59
CA ARG A 12 -17.79 -3.42 6.34
C ARG A 12 -16.77 -4.21 7.16
N GLY A 13 -17.26 -5.18 7.93
CA GLY A 13 -16.39 -6.00 8.76
C GLY A 13 -15.14 -6.40 8.00
N ALA A 14 -15.35 -6.84 6.76
CA ALA A 14 -14.24 -7.27 5.92
C ALA A 14 -13.28 -6.09 5.68
N TRP A 15 -13.84 -4.94 5.36
CA TRP A 15 -13.03 -3.75 5.12
C TRP A 15 -12.26 -3.38 6.38
N LEU A 16 -12.94 -3.49 7.52
CA LEU A 16 -12.31 -3.17 8.80
C LEU A 16 -11.16 -4.14 9.07
N LEU A 17 -11.32 -5.36 8.59
CA LEU A 17 -10.29 -6.39 8.79
C LEU A 17 -9.04 -6.07 7.96
N MET A 18 -9.23 -5.39 6.85
CA MET A 18 -8.11 -5.02 5.99
C MET A 18 -7.29 -3.92 6.63
N ALA A 19 -7.98 -3.01 7.34
CA ALA A 19 -7.31 -1.90 7.98
C ALA A 19 -6.43 -2.39 9.13
N PHE A 20 -7.03 -3.16 10.04
CA PHE A 20 -6.29 -3.69 11.18
C PHE A 20 -5.03 -4.41 10.73
N THR A 21 -5.21 -5.38 9.83
CA THR A 21 -4.08 -6.14 9.32
C THR A 21 -2.91 -5.23 9.00
N ALA A 22 -3.15 -4.24 8.15
CA ALA A 22 -2.11 -3.30 7.76
C ALA A 22 -1.54 -2.60 8.99
N LEU A 23 -2.32 -2.56 10.06
CA LEU A 23 -1.89 -1.91 11.30
C LEU A 23 -1.06 -2.88 12.15
N ALA A 24 -1.50 -4.13 12.21
CA ALA A 24 -0.79 -5.13 12.99
C ALA A 24 0.69 -5.16 12.63
N LEU A 25 0.98 -5.02 11.34
CA LEU A 25 2.37 -5.04 10.88
C LEU A 25 3.09 -3.75 11.27
N GLU A 26 2.36 -2.63 11.25
CA GLU A 26 2.94 -1.35 11.59
C GLU A 26 3.24 -1.27 13.09
N LEU A 27 2.28 -1.72 13.90
CA LEU A 27 2.46 -1.70 15.35
C LEU A 27 3.52 -2.70 15.79
N THR A 28 3.31 -3.97 15.45
CA THR A 28 4.27 -5.01 15.81
C THR A 28 5.68 -4.57 15.47
N ALA A 29 5.82 -3.81 14.38
CA ALA A 29 7.12 -3.32 13.95
C ALA A 29 7.54 -2.11 14.79
N LEU A 30 6.59 -1.21 15.03
CA LEU A 30 6.88 -0.01 15.82
C LEU A 30 7.49 -0.38 17.17
N TRP A 31 7.35 -1.64 17.55
CA TRP A 31 7.90 -2.12 18.82
C TRP A 31 9.32 -2.64 18.63
N PHE A 32 9.57 -3.26 17.48
CA PHE A 32 10.89 -3.81 17.19
C PHE A 32 11.95 -2.70 17.18
N GLN A 33 11.53 -1.50 16.78
CA GLN A 33 12.45 -0.37 16.72
C GLN A 33 12.64 0.26 18.09
N HIS A 34 11.52 0.44 18.80
CA HIS A 34 11.57 1.04 20.14
C HIS A 34 12.34 0.15 21.10
N VAL A 35 12.54 -1.11 20.74
CA VAL A 35 13.26 -2.04 21.60
C VAL A 35 14.63 -2.40 21.02
N MET A 36 14.68 -2.62 19.71
CA MET A 36 15.92 -2.97 19.04
C MET A 36 16.72 -1.72 18.67
N LEU A 37 16.20 -0.56 19.08
CA LEU A 37 16.87 0.71 18.79
C LEU A 37 17.26 0.79 17.31
N LEU A 38 16.42 0.21 16.46
CA LEU A 38 16.68 0.24 15.02
C LEU A 38 16.27 1.60 14.44
N LYS A 39 16.89 1.98 13.34
CA LYS A 39 16.58 3.27 12.71
C LYS A 39 16.20 3.07 11.24
N PRO A 40 15.08 3.59 10.81
CA PRO A 40 14.61 3.46 9.40
C PRO A 40 15.37 4.39 8.45
N CYS A 41 15.02 4.34 7.17
CA CYS A 41 15.67 5.19 6.17
C CYS A 41 14.63 5.93 5.35
N VAL A 42 15.07 6.60 4.29
CA VAL A 42 14.16 7.35 3.44
C VAL A 42 13.18 6.43 2.73
N LEU A 43 13.70 5.33 2.18
CA LEU A 43 12.88 4.38 1.44
C LEU A 43 11.90 3.67 2.37
N SER A 44 12.41 3.14 3.48
CA SER A 44 11.57 2.43 4.43
C SER A 44 10.36 3.29 4.80
N ILE A 45 10.63 4.54 5.17
CA ILE A 45 9.55 5.45 5.55
C ILE A 45 8.62 5.66 4.36
N TYR A 46 9.20 5.80 3.17
CA TYR A 46 8.42 5.99 1.96
C TYR A 46 7.44 4.83 1.79
N GLU A 47 7.94 3.62 1.93
CA GLU A 47 7.11 2.43 1.80
C GLU A 47 5.97 2.47 2.82
N ARG A 48 6.31 2.86 4.06
CA ARG A 48 5.30 2.95 5.11
C ARG A 48 4.18 3.88 4.67
N ALA A 49 4.53 4.91 3.91
CA ALA A 49 3.54 5.86 3.41
C ALA A 49 2.61 5.18 2.43
N ALA A 50 3.17 4.29 1.60
CA ALA A 50 2.38 3.58 0.61
C ALA A 50 1.21 2.86 1.29
N LEU A 51 1.52 2.13 2.36
CA LEU A 51 0.50 1.40 3.10
C LEU A 51 -0.32 2.38 3.94
N PHE A 52 0.35 3.27 4.66
CA PHE A 52 -0.36 4.26 5.46
C PHE A 52 -1.51 4.83 4.63
N GLY A 53 -1.23 5.05 3.35
CA GLY A 53 -2.25 5.57 2.43
C GLY A 53 -3.33 4.54 2.20
N VAL A 54 -2.93 3.27 2.08
CA VAL A 54 -3.88 2.20 1.87
C VAL A 54 -4.85 2.14 3.05
N LEU A 55 -4.44 2.78 4.14
CA LEU A 55 -5.26 2.82 5.34
C LEU A 55 -6.29 3.94 5.22
N GLY A 56 -5.85 5.07 4.67
CA GLY A 56 -6.73 6.21 4.49
C GLY A 56 -7.78 5.91 3.43
N ALA A 57 -7.35 5.22 2.38
CA ALA A 57 -8.26 4.87 1.28
C ALA A 57 -9.26 3.81 1.72
N ALA A 58 -8.83 2.91 2.58
CA ALA A 58 -9.69 1.84 3.07
C ALA A 58 -10.72 2.38 4.06
N LEU A 59 -10.41 3.51 4.68
CA LEU A 59 -11.31 4.12 5.65
C LEU A 59 -12.45 4.87 4.94
N ILE A 60 -12.13 5.50 3.82
CA ILE A 60 -13.15 6.25 3.08
C ILE A 60 -13.93 5.33 2.15
N GLY A 61 -13.24 4.36 1.55
CA GLY A 61 -13.90 3.43 0.65
C GLY A 61 -14.93 2.59 1.38
N ALA A 62 -14.59 2.17 2.59
CA ALA A 62 -15.50 1.35 3.39
C ALA A 62 -16.74 2.14 3.78
N ILE A 63 -16.94 3.30 3.16
CA ILE A 63 -18.11 4.11 3.46
C ILE A 63 -19.28 3.71 2.57
N ALA A 64 -18.99 3.16 1.40
CA ALA A 64 -20.03 2.74 0.48
C ALA A 64 -19.42 2.21 -0.83
N PRO A 65 -18.77 1.08 -0.77
CA PRO A 65 -18.12 0.46 -1.97
C PRO A 65 -19.15 -0.10 -2.94
N LYS A 66 -20.38 0.39 -2.83
CA LYS A 66 -21.47 -0.07 -3.70
C LYS A 66 -21.91 1.06 -4.63
N THR A 67 -21.30 2.22 -4.44
CA THR A 67 -21.60 3.39 -5.26
C THR A 67 -20.37 3.77 -6.08
N PRO A 68 -20.53 4.61 -7.06
CA PRO A 68 -19.38 5.05 -7.92
C PRO A 68 -18.13 5.36 -7.08
N LEU A 69 -18.30 5.42 -5.77
CA LEU A 69 -17.20 5.70 -4.87
C LEU A 69 -15.94 4.96 -5.31
N ARG A 70 -16.13 3.72 -5.77
CA ARG A 70 -15.01 2.91 -6.24
C ARG A 70 -13.99 3.77 -7.00
N TYR A 71 -14.34 4.26 -8.18
CA TYR A 71 -13.42 5.07 -8.95
C TYR A 71 -12.92 6.26 -8.14
N VAL A 72 -13.61 6.60 -7.05
CA VAL A 72 -13.20 7.74 -6.23
C VAL A 72 -12.12 7.34 -5.24
N ALA A 73 -12.30 6.25 -4.52
CA ALA A 73 -11.31 5.79 -3.56
C ALA A 73 -10.14 5.14 -4.30
N MET A 74 -10.45 4.47 -5.40
CA MET A 74 -9.43 3.80 -6.20
C MET A 74 -8.41 4.82 -6.69
N VAL A 75 -8.72 6.10 -6.49
CA VAL A 75 -7.82 7.17 -6.92
C VAL A 75 -6.45 7.01 -6.28
N ILE A 76 -6.48 6.70 -4.98
CA ILE A 76 -5.26 6.50 -4.22
C ILE A 76 -4.79 5.06 -4.31
N TRP A 77 -5.73 4.13 -4.47
CA TRP A 77 -5.37 2.73 -4.57
C TRP A 77 -4.57 2.49 -5.84
N LEU A 78 -5.12 2.92 -6.98
CA LEU A 78 -4.44 2.77 -8.26
C LEU A 78 -3.16 3.59 -8.30
N TYR A 79 -3.24 4.83 -7.84
CA TYR A 79 -2.08 5.71 -7.83
C TYR A 79 -0.85 4.96 -7.31
N SER A 80 -1.04 4.21 -6.23
CA SER A 80 0.05 3.45 -5.63
C SER A 80 0.27 2.14 -6.39
N ALA A 81 -0.74 1.69 -7.11
CA ALA A 81 -0.62 0.43 -7.86
C ALA A 81 0.53 0.52 -8.87
N PHE A 82 0.41 1.42 -9.82
CA PHE A 82 1.44 1.59 -10.84
C PHE A 82 2.69 2.26 -10.27
N ARG A 83 2.51 3.37 -9.56
CA ARG A 83 3.65 4.10 -9.02
C ARG A 83 4.29 3.37 -7.85
N GLY A 84 3.49 2.84 -6.94
CA GLY A 84 4.04 2.12 -5.78
C GLY A 84 4.90 0.96 -6.24
N VAL A 85 4.38 0.15 -7.16
CA VAL A 85 5.12 -1.01 -7.66
C VAL A 85 6.26 -0.56 -8.57
N GLN A 86 5.94 0.27 -9.55
CA GLN A 86 6.96 0.77 -10.47
C GLN A 86 8.15 1.31 -9.69
N LEU A 87 7.90 1.69 -8.44
CA LEU A 87 8.95 2.23 -7.58
C LEU A 87 9.69 1.09 -6.87
N THR A 88 8.94 0.11 -6.40
CA THR A 88 9.53 -1.03 -5.69
C THR A 88 10.66 -1.64 -6.52
N TYR A 89 10.60 -1.42 -7.83
CA TYR A 89 11.61 -1.95 -8.73
C TYR A 89 12.93 -1.20 -8.54
N GLU A 90 12.85 0.07 -8.19
CA GLU A 90 14.04 0.89 -7.98
C GLU A 90 14.68 0.57 -6.64
N HIS A 91 13.85 0.33 -5.63
CA HIS A 91 14.35 0.02 -4.29
C HIS A 91 15.00 -1.37 -4.27
N THR A 92 14.22 -2.38 -4.62
CA THR A 92 14.73 -3.75 -4.62
C THR A 92 15.98 -3.85 -5.49
N MET A 93 15.96 -3.21 -6.64
CA MET A 93 17.10 -3.24 -7.55
C MET A 93 18.33 -2.70 -6.85
N LEU A 94 18.18 -1.59 -6.15
CA LEU A 94 19.29 -0.97 -5.44
C LEU A 94 19.85 -1.92 -4.38
N GLN A 95 18.96 -2.50 -3.58
CA GLN A 95 19.39 -3.42 -2.54
C GLN A 95 20.27 -4.51 -3.13
N LEU A 96 19.88 -5.03 -4.28
CA LEU A 96 20.64 -6.08 -4.95
C LEU A 96 21.66 -5.45 -5.91
N TYR A 97 21.52 -4.15 -6.13
CA TYR A 97 22.42 -3.43 -7.04
C TYR A 97 22.95 -2.16 -6.37
N PRO A 98 23.81 -2.30 -5.39
CA PRO A 98 24.39 -1.14 -4.66
C PRO A 98 25.33 -0.32 -5.55
N SER A 99 26.08 0.58 -4.92
CA SER A 99 27.01 1.43 -5.64
C SER A 99 28.04 2.04 -4.68
N PRO A 100 29.11 2.56 -5.22
CA PRO A 100 30.19 3.19 -4.39
C PRO A 100 29.63 3.99 -3.22
N PHE A 101 29.96 3.57 -2.00
CA PHE A 101 29.50 4.25 -0.80
C PHE A 101 28.02 4.62 -0.94
N ALA A 102 27.55 5.50 -0.05
CA ALA A 102 26.15 5.93 -0.08
C ALA A 102 26.04 7.34 -0.62
N THR A 103 25.03 7.57 -1.46
CA THR A 103 24.82 8.90 -2.05
C THR A 103 24.14 9.82 -1.05
N SER A 104 23.47 10.84 -1.57
CA SER A 104 22.77 11.81 -0.72
C SER A 104 21.29 11.89 -1.12
N ASP A 105 21.05 12.25 -2.38
CA ASP A 105 19.69 12.36 -2.88
C ASP A 105 18.83 13.20 -1.95
N PHE A 106 17.62 12.74 -1.68
CA PHE A 106 16.70 13.45 -0.80
C PHE A 106 17.19 13.42 0.64
N MET A 107 16.85 12.34 1.35
CA MET A 107 17.24 12.19 2.74
C MET A 107 16.76 13.38 3.57
N VAL A 108 15.86 13.10 4.50
CA VAL A 108 15.31 14.15 5.37
C VAL A 108 15.11 15.45 4.59
N ARG A 109 14.58 15.35 3.38
CA ARG A 109 14.34 16.53 2.55
C ARG A 109 13.14 16.29 1.64
N PHE A 110 11.99 16.81 2.03
CA PHE A 110 10.76 16.66 1.24
C PHE A 110 10.20 18.02 0.87
N PRO A 111 9.35 18.07 -0.13
CA PRO A 111 8.73 19.34 -0.59
C PRO A 111 8.37 20.27 0.56
N GLU A 112 8.65 21.55 0.38
CA GLU A 112 8.35 22.54 1.42
C GLU A 112 6.93 23.07 1.27
N TRP A 113 6.26 22.64 0.20
CA TRP A 113 4.89 23.08 -0.06
C TRP A 113 3.89 22.09 0.50
N LEU A 114 4.39 21.01 1.10
CA LEU A 114 3.54 19.99 1.68
C LEU A 114 3.84 19.81 3.17
N PRO A 115 3.29 20.67 4.00
CA PRO A 115 3.52 20.62 5.47
C PRO A 115 3.26 19.24 6.06
N LEU A 116 2.94 18.28 5.21
CA LEU A 116 2.68 16.92 5.66
C LEU A 116 3.93 16.33 6.31
N ASP A 117 5.09 16.74 5.81
CA ASP A 117 6.36 16.26 6.34
C ASP A 117 6.92 17.26 7.35
N LYS A 118 6.81 18.54 7.03
CA LYS A 118 7.32 19.60 7.91
C LYS A 118 6.44 19.72 9.16
N TRP A 119 5.13 19.73 8.96
CA TRP A 119 4.20 19.83 10.08
C TRP A 119 4.17 18.52 10.87
N VAL A 120 4.70 17.46 10.25
CA VAL A 120 4.73 16.16 10.90
C VAL A 120 6.05 15.45 10.61
N PRO A 121 7.13 15.89 11.22
CA PRO A 121 8.47 15.29 11.02
C PRO A 121 8.66 14.01 11.83
N GLN A 122 7.81 13.84 12.83
CA GLN A 122 7.88 12.67 13.69
C GLN A 122 7.88 11.38 12.87
N VAL A 123 6.93 11.29 11.93
CA VAL A 123 6.83 10.10 11.08
C VAL A 123 7.15 10.45 9.63
N PHE A 124 8.32 11.05 9.42
CA PHE A 124 8.74 11.44 8.07
C PHE A 124 10.27 11.57 8.02
N VAL A 125 10.84 12.18 9.06
CA VAL A 125 12.29 12.36 9.12
C VAL A 125 13.02 11.03 9.01
N ALA A 126 13.99 10.97 8.10
CA ALA A 126 14.76 9.75 7.89
C ALA A 126 16.08 9.80 8.66
N SER A 127 16.63 8.64 8.98
CA SER A 127 17.89 8.57 9.73
C SER A 127 18.45 7.15 9.70
N GLY A 128 19.57 6.97 9.00
CA GLY A 128 20.20 5.66 8.90
C GLY A 128 20.50 5.29 7.46
N ASP A 129 21.07 4.11 7.25
CA ASP A 129 21.40 3.65 5.91
C ASP A 129 20.17 3.05 5.24
N CYS A 130 19.97 3.38 3.97
CA CYS A 130 18.82 2.87 3.23
C CYS A 130 19.16 1.56 2.52
N ALA A 131 18.28 0.58 2.67
CA ALA A 131 18.47 -0.73 2.06
C ALA A 131 19.25 -1.67 2.99
N GLU A 132 19.73 -1.11 4.11
CA GLU A 132 20.47 -1.91 5.07
C GLU A 132 19.54 -2.92 5.73
N ARG A 133 20.09 -4.04 6.18
CA ARG A 133 19.30 -5.08 6.82
C ARG A 133 19.13 -4.78 8.31
N GLN A 134 17.92 -5.00 8.81
CA GLN A 134 17.62 -4.76 10.21
C GLN A 134 16.94 -5.99 10.83
N TRP A 135 16.22 -6.74 10.00
CA TRP A 135 15.53 -7.93 10.47
C TRP A 135 14.88 -8.66 9.30
N ASP A 136 14.96 -9.99 9.30
CA ASP A 136 14.40 -10.77 8.20
C ASP A 136 13.58 -11.97 8.69
N PHE A 137 12.77 -12.50 7.78
CA PHE A 137 11.93 -13.65 8.06
C PHE A 137 12.26 -14.76 7.05
N LEU A 138 12.39 -15.98 7.53
CA LEU A 138 12.70 -17.10 6.64
C LEU A 138 13.92 -16.77 5.78
N GLY A 139 14.69 -15.76 6.18
CA GLY A 139 15.90 -15.38 5.45
C GLY A 139 15.62 -14.26 4.44
N LEU A 140 14.47 -13.61 4.57
CA LEU A 140 14.11 -12.51 3.67
C LEU A 140 13.92 -11.22 4.47
N GLU A 141 14.39 -10.10 3.92
CA GLU A 141 14.27 -8.82 4.59
C GLU A 141 12.83 -8.32 4.54
N MET A 142 12.46 -7.49 5.52
CA MET A 142 11.11 -6.95 5.56
C MET A 142 10.72 -6.39 4.20
N PRO A 143 11.41 -5.37 3.74
CA PRO A 143 11.13 -4.73 2.43
C PRO A 143 10.61 -5.72 1.39
N GLN A 144 11.19 -6.91 1.36
CA GLN A 144 10.76 -7.93 0.41
C GLN A 144 9.37 -8.45 0.78
N TRP A 145 9.20 -8.81 2.05
CA TRP A 145 7.92 -9.33 2.51
C TRP A 145 6.83 -8.26 2.40
N LEU A 146 7.06 -7.12 3.04
CA LEU A 146 6.08 -6.03 2.99
C LEU A 146 5.57 -5.84 1.57
N LEU A 147 6.46 -5.96 0.59
CA LEU A 147 6.08 -5.83 -0.80
C LEU A 147 5.07 -6.93 -1.15
N GLY A 148 5.29 -8.09 -0.54
CA GLY A 148 4.39 -9.22 -0.77
C GLY A 148 2.95 -8.83 -0.41
N ILE A 149 2.81 -8.11 0.68
CA ILE A 149 1.51 -7.66 1.13
C ILE A 149 1.08 -6.43 0.34
N PHE A 150 2.06 -5.67 -0.13
CA PHE A 150 1.78 -4.47 -0.90
C PHE A 150 0.99 -4.81 -2.17
N ILE A 151 1.48 -5.81 -2.90
CA ILE A 151 0.82 -6.23 -4.12
C ILE A 151 -0.53 -6.86 -3.82
N ALA A 152 -0.59 -7.65 -2.75
CA ALA A 152 -1.83 -8.28 -2.36
C ALA A 152 -2.97 -7.26 -2.34
N TYR A 153 -2.71 -6.10 -1.76
CA TYR A 153 -3.73 -5.05 -1.67
C TYR A 153 -4.07 -4.53 -3.06
N LEU A 154 -3.06 -4.29 -3.89
CA LEU A 154 -3.28 -3.77 -5.23
C LEU A 154 -4.07 -4.78 -6.07
N ILE A 155 -3.88 -6.05 -5.77
CA ILE A 155 -4.58 -7.12 -6.49
C ILE A 155 -6.01 -7.26 -6.00
N VAL A 156 -6.24 -6.88 -4.75
CA VAL A 156 -7.58 -6.97 -4.16
C VAL A 156 -8.46 -5.85 -4.70
N ALA A 157 -7.85 -4.72 -5.03
CA ALA A 157 -8.60 -3.58 -5.54
C ALA A 157 -9.06 -3.83 -6.98
N VAL A 158 -8.12 -4.23 -7.84
CA VAL A 158 -8.46 -4.48 -9.24
C VAL A 158 -9.61 -5.47 -9.36
N LEU A 159 -9.48 -6.61 -8.70
CA LEU A 159 -10.52 -7.63 -8.76
C LEU A 159 -11.81 -7.09 -8.14
N VAL A 160 -11.68 -6.31 -7.09
CA VAL A 160 -12.85 -5.73 -6.42
C VAL A 160 -13.59 -4.76 -7.33
N VAL A 161 -12.84 -4.06 -8.17
CA VAL A 161 -13.44 -3.12 -9.10
C VAL A 161 -14.02 -3.86 -10.30
N ILE A 162 -13.19 -4.69 -10.91
CA ILE A 162 -13.61 -5.47 -12.08
C ILE A 162 -14.77 -6.40 -11.70
N SER A 163 -15.05 -6.50 -10.39
CA SER A 163 -16.14 -7.35 -9.92
C SER A 163 -17.43 -7.02 -10.67
N GLN A 164 -17.40 -5.94 -11.46
CA GLN A 164 -18.57 -5.53 -12.23
C GLN A 164 -18.61 -6.27 -13.56
N PRO A 165 -19.78 -6.44 -14.13
CA PRO A 165 -19.96 -7.14 -15.42
C PRO A 165 -18.81 -6.86 -16.40
N PHE A 166 -18.17 -5.71 -16.23
CA PHE A 166 -17.07 -5.33 -17.11
C PHE A 166 -16.00 -6.43 -17.13
N LYS A 167 -15.76 -6.99 -18.32
CA LYS A 167 -14.76 -8.04 -18.46
C LYS A 167 -13.42 -7.45 -18.88
N ALA A 168 -12.46 -8.33 -19.17
CA ALA A 168 -11.13 -7.89 -19.60
C ALA A 168 -11.17 -7.34 -21.01
N LYS A 169 -10.05 -6.74 -21.44
CA LYS A 169 -9.96 -6.17 -22.78
C LYS A 169 -9.48 -7.22 -23.78
N LYS A 170 -8.37 -7.87 -23.45
CA LYS A 170 -7.81 -8.91 -24.33
C LYS A 170 -7.06 -9.95 -23.50
N ARG A 171 -6.46 -10.92 -24.18
CA ARG A 171 -5.71 -11.96 -23.50
C ARG A 171 -4.41 -11.41 -22.93
N ASP A 172 -3.97 -11.98 -21.81
CA ASP A 172 -2.74 -11.54 -21.16
C ASP A 172 -1.65 -12.60 -21.30
N LEU A 173 -0.58 -12.45 -20.53
CA LEU A 173 0.52 -13.39 -20.58
C LEU A 173 0.19 -14.64 -19.76
N PHE A 174 1.20 -15.47 -19.52
CA PHE A 174 0.99 -16.69 -18.74
C PHE A 174 0.15 -16.41 -17.51
N GLY A 175 -0.26 -17.47 -16.81
CA GLY A 175 -1.08 -17.31 -15.62
C GLY A 175 -1.11 -18.60 -14.81
N ARG A 176 -2.27 -18.89 -14.22
CA ARG A 176 -2.43 -20.11 -13.41
C ARG A 176 -3.90 -20.49 -13.34
N GLY A 177 -4.33 -21.35 -14.27
CA GLY A 177 -5.72 -21.80 -14.29
C GLY A 177 -5.83 -23.25 -13.84
N HIS A 178 -5.79 -23.47 -12.53
CA HIS A 178 -5.89 -24.81 -11.98
C HIS A 178 -7.34 -25.28 -11.99
N HIS A 179 -7.54 -26.58 -11.75
CA HIS A 179 -8.89 -27.14 -11.73
C HIS A 179 -9.55 -26.92 -10.38
N HIS A 180 -10.83 -26.58 -10.41
CA HIS A 180 -11.58 -26.33 -9.18
C HIS A 180 -12.14 -27.64 -8.63
N HIS A 181 -13.47 -27.75 -8.63
CA HIS A 181 -14.13 -28.96 -8.13
C HIS A 181 -15.57 -29.04 -8.63
N HIS A 182 -16.13 -30.23 -8.58
CA HIS A 182 -17.51 -30.44 -9.03
C HIS A 182 -18.44 -29.37 -8.43
N HIS A 183 -18.92 -28.48 -9.27
CA HIS A 183 -19.81 -27.41 -8.82
C HIS A 183 -21.20 -27.58 -9.44
N MET A 1 -17.46 -19.88 -5.81
CA MET A 1 -18.63 -19.00 -5.53
C MET A 1 -18.22 -17.55 -5.74
N LEU A 2 -17.89 -17.19 -6.97
CA LEU A 2 -17.48 -15.83 -7.28
C LEU A 2 -18.59 -14.85 -6.90
N ARG A 3 -19.84 -15.25 -7.14
CA ARG A 3 -20.97 -14.40 -6.83
C ARG A 3 -20.96 -14.00 -5.36
N PHE A 4 -20.59 -14.94 -4.50
CA PHE A 4 -20.53 -14.67 -3.06
C PHE A 4 -19.37 -13.72 -2.75
N LEU A 5 -18.23 -13.97 -3.38
CA LEU A 5 -17.06 -13.12 -3.17
C LEU A 5 -17.45 -11.66 -3.24
N ASN A 6 -18.32 -11.32 -4.19
CA ASN A 6 -18.77 -9.95 -4.35
C ASN A 6 -19.66 -9.55 -3.18
N GLN A 7 -20.22 -10.54 -2.51
CA GLN A 7 -21.10 -10.30 -1.37
C GLN A 7 -20.27 -10.02 -0.12
N ALA A 8 -19.27 -10.86 0.13
CA ALA A 8 -18.42 -10.71 1.30
C ALA A 8 -17.67 -9.37 1.24
N SER A 9 -17.34 -8.94 0.02
CA SER A 9 -16.63 -7.69 -0.15
C SER A 9 -17.56 -6.50 0.03
N GLN A 10 -18.82 -6.67 -0.38
CA GLN A 10 -19.80 -5.61 -0.26
C GLN A 10 -20.24 -5.45 1.20
N GLY A 11 -19.51 -6.11 2.09
CA GLY A 11 -19.79 -6.02 3.53
C GLY A 11 -18.76 -5.12 4.20
N ARG A 12 -19.23 -4.34 5.17
CA ARG A 12 -18.35 -3.44 5.91
C ARG A 12 -17.31 -4.23 6.70
N GLY A 13 -17.61 -5.50 6.96
CA GLY A 13 -16.69 -6.35 7.71
C GLY A 13 -15.43 -6.61 6.93
N ALA A 14 -15.58 -6.95 5.66
CA ALA A 14 -14.44 -7.21 4.79
C ALA A 14 -13.56 -5.97 4.67
N TRP A 15 -14.18 -4.85 4.34
CA TRP A 15 -13.44 -3.60 4.19
C TRP A 15 -12.68 -3.27 5.48
N LEU A 16 -13.37 -3.33 6.60
CA LEU A 16 -12.74 -3.03 7.89
C LEU A 16 -11.66 -4.05 8.21
N LEU A 17 -11.86 -5.29 7.76
CA LEU A 17 -10.89 -6.36 8.01
C LEU A 17 -9.60 -6.10 7.22
N MET A 18 -9.73 -5.41 6.11
CA MET A 18 -8.56 -5.11 5.27
C MET A 18 -7.75 -3.98 5.89
N ALA A 19 -8.43 -3.05 6.54
CA ALA A 19 -7.76 -1.92 7.16
C ALA A 19 -6.95 -2.37 8.37
N PHE A 20 -7.60 -3.05 9.31
CA PHE A 20 -6.93 -3.54 10.50
C PHE A 20 -5.71 -4.38 10.13
N THR A 21 -5.92 -5.40 9.31
CA THR A 21 -4.82 -6.26 8.89
C THR A 21 -3.58 -5.44 8.56
N ALA A 22 -3.72 -4.53 7.59
CA ALA A 22 -2.60 -3.68 7.19
C ALA A 22 -2.09 -2.88 8.38
N LEU A 23 -2.95 -2.67 9.37
CA LEU A 23 -2.56 -1.91 10.56
C LEU A 23 -1.79 -2.80 11.53
N ALA A 24 -2.24 -4.05 11.68
CA ALA A 24 -1.57 -4.98 12.58
C ALA A 24 -0.10 -5.10 12.22
N LEU A 25 0.21 -5.00 10.93
CA LEU A 25 1.59 -5.10 10.47
C LEU A 25 2.38 -3.87 10.89
N GLU A 26 1.72 -2.71 10.89
CA GLU A 26 2.37 -1.46 11.27
C GLU A 26 2.72 -1.47 12.76
N LEU A 27 1.73 -1.80 13.58
CA LEU A 27 1.94 -1.83 15.03
C LEU A 27 2.95 -2.91 15.40
N THR A 28 2.63 -4.15 15.02
CA THR A 28 3.52 -5.28 15.31
C THR A 28 4.97 -4.90 15.04
N ALA A 29 5.18 -4.18 13.94
CA ALA A 29 6.53 -3.76 13.57
C ALA A 29 6.96 -2.56 14.41
N LEU A 30 5.98 -1.78 14.87
CA LEU A 30 6.26 -0.60 15.67
C LEU A 30 6.90 -0.99 17.00
N TRP A 31 6.76 -2.26 17.37
CA TRP A 31 7.33 -2.75 18.62
C TRP A 31 8.80 -3.12 18.43
N PHE A 32 9.11 -3.68 17.27
CA PHE A 32 10.48 -4.09 16.96
C PHE A 32 11.40 -2.87 16.93
N GLN A 33 10.89 -1.74 16.44
CA GLN A 33 11.67 -0.52 16.36
C GLN A 33 11.73 0.18 17.72
N HIS A 34 10.59 0.30 18.37
CA HIS A 34 10.52 0.96 19.67
C HIS A 34 11.35 0.17 20.69
N VAL A 35 11.68 -1.07 20.35
CA VAL A 35 12.45 -1.92 21.24
C VAL A 35 13.86 -2.13 20.69
N MET A 36 13.96 -2.45 19.40
CA MET A 36 15.26 -2.69 18.77
C MET A 36 15.86 -1.38 18.25
N LEU A 37 15.26 -0.26 18.63
CA LEU A 37 15.75 1.05 18.21
C LEU A 37 16.14 1.05 16.74
N LEU A 38 15.26 0.53 15.89
CA LEU A 38 15.55 0.49 14.45
C LEU A 38 15.72 1.90 13.91
N LYS A 39 16.60 2.04 12.91
CA LYS A 39 16.85 3.34 12.29
C LYS A 39 16.41 3.33 10.84
N PRO A 40 15.16 3.57 10.57
CA PRO A 40 14.61 3.57 9.18
C PRO A 40 15.49 4.39 8.22
N CYS A 41 15.17 4.32 6.93
CA CYS A 41 15.92 5.04 5.92
C CYS A 41 14.98 5.84 5.03
N VAL A 42 15.55 6.68 4.16
CA VAL A 42 14.76 7.51 3.26
C VAL A 42 13.69 6.69 2.56
N LEU A 43 14.05 5.50 2.11
CA LEU A 43 13.12 4.63 1.38
C LEU A 43 12.12 3.98 2.34
N SER A 44 12.61 3.56 3.50
CA SER A 44 11.76 2.90 4.49
C SER A 44 10.58 3.79 4.86
N ILE A 45 10.86 5.05 5.18
CA ILE A 45 9.80 5.98 5.55
C ILE A 45 8.89 6.26 4.36
N TYR A 46 9.47 6.32 3.17
CA TYR A 46 8.69 6.57 1.97
C TYR A 46 7.69 5.44 1.76
N GLU A 47 8.16 4.21 1.92
CA GLU A 47 7.30 3.04 1.76
C GLU A 47 6.12 3.11 2.73
N ARG A 48 6.39 3.57 3.95
CA ARG A 48 5.34 3.68 4.96
C ARG A 48 4.27 4.65 4.49
N ALA A 49 4.67 5.64 3.70
CA ALA A 49 3.73 6.63 3.18
C ALA A 49 2.81 5.99 2.16
N ALA A 50 3.35 5.06 1.37
CA ALA A 50 2.56 4.38 0.35
C ALA A 50 1.41 3.62 0.99
N LEU A 51 1.70 2.85 2.04
CA LEU A 51 0.68 2.08 2.73
C LEU A 51 -0.16 2.99 3.62
N PHE A 52 0.50 3.77 4.46
CA PHE A 52 -0.23 4.69 5.34
C PHE A 52 -1.32 5.40 4.54
N GLY A 53 -0.98 5.74 3.29
CA GLY A 53 -1.92 6.40 2.41
C GLY A 53 -3.07 5.47 2.04
N VAL A 54 -2.74 4.22 1.74
CA VAL A 54 -3.74 3.24 1.39
C VAL A 54 -4.65 2.96 2.58
N LEU A 55 -4.03 2.74 3.74
CA LEU A 55 -4.80 2.48 4.96
C LEU A 55 -5.95 3.47 5.06
N GLY A 56 -5.65 4.74 4.85
CA GLY A 56 -6.68 5.78 4.90
C GLY A 56 -7.72 5.52 3.83
N ALA A 57 -7.24 5.20 2.63
CA ALA A 57 -8.13 4.93 1.50
C ALA A 57 -9.19 3.91 1.89
N ALA A 58 -8.78 2.85 2.58
CA ALA A 58 -9.71 1.82 3.00
C ALA A 58 -10.65 2.35 4.07
N LEU A 59 -10.22 3.39 4.78
CA LEU A 59 -11.03 3.98 5.84
C LEU A 59 -12.13 4.86 5.23
N ILE A 60 -11.79 5.56 4.16
CA ILE A 60 -12.77 6.44 3.50
C ILE A 60 -13.67 5.64 2.58
N GLY A 61 -13.14 4.57 1.99
CA GLY A 61 -13.91 3.74 1.08
C GLY A 61 -14.95 2.93 1.85
N ALA A 62 -14.62 2.59 3.09
CA ALA A 62 -15.54 1.80 3.92
C ALA A 62 -16.77 2.62 4.31
N ILE A 63 -16.89 3.82 3.77
CA ILE A 63 -18.03 4.68 4.07
C ILE A 63 -19.21 4.35 3.17
N ALA A 64 -18.92 3.81 1.98
CA ALA A 64 -19.97 3.45 1.03
C ALA A 64 -19.36 2.76 -0.20
N PRO A 65 -18.97 1.53 -0.06
CA PRO A 65 -18.36 0.75 -1.17
C PRO A 65 -19.42 0.20 -2.15
N LYS A 66 -20.62 0.76 -2.07
CA LYS A 66 -21.71 0.34 -2.95
C LYS A 66 -22.10 1.46 -3.90
N THR A 67 -21.46 2.61 -3.73
CA THR A 67 -21.71 3.77 -4.58
C THR A 67 -20.49 4.06 -5.44
N PRO A 68 -20.65 4.81 -6.50
CA PRO A 68 -19.53 5.17 -7.41
C PRO A 68 -18.24 5.46 -6.63
N LEU A 69 -18.39 5.68 -5.33
CA LEU A 69 -17.24 5.96 -4.48
C LEU A 69 -16.08 5.03 -4.81
N ARG A 70 -16.41 3.80 -5.21
CA ARG A 70 -15.39 2.83 -5.57
C ARG A 70 -14.26 3.49 -6.36
N TYR A 71 -14.53 3.95 -7.57
CA TYR A 71 -13.50 4.60 -8.38
C TYR A 71 -12.87 5.77 -7.62
N VAL A 72 -13.58 6.31 -6.64
CA VAL A 72 -13.05 7.45 -5.89
C VAL A 72 -11.99 7.01 -4.88
N ALA A 73 -12.24 5.92 -4.16
CA ALA A 73 -11.28 5.44 -3.18
C ALA A 73 -10.09 4.77 -3.87
N MET A 74 -10.36 4.04 -4.94
CA MET A 74 -9.29 3.36 -5.67
C MET A 74 -8.28 4.37 -6.19
N VAL A 75 -8.63 5.65 -6.11
CA VAL A 75 -7.74 6.71 -6.56
C VAL A 75 -6.39 6.59 -5.88
N ILE A 76 -6.43 6.33 -4.57
CA ILE A 76 -5.22 6.19 -3.78
C ILE A 76 -4.71 4.75 -3.82
N TRP A 77 -5.64 3.80 -3.92
CA TRP A 77 -5.25 2.39 -3.99
C TRP A 77 -4.40 2.13 -5.22
N LEU A 78 -4.94 2.49 -6.39
CA LEU A 78 -4.22 2.29 -7.65
C LEU A 78 -2.96 3.15 -7.69
N TYR A 79 -3.07 4.42 -7.33
CA TYR A 79 -1.92 5.30 -7.34
C TYR A 79 -0.72 4.61 -6.72
N SER A 80 -0.94 3.95 -5.59
CA SER A 80 0.14 3.25 -4.90
C SER A 80 0.41 1.90 -5.56
N ALA A 81 -0.57 1.37 -6.28
CA ALA A 81 -0.40 0.08 -6.94
C ALA A 81 0.75 0.11 -7.93
N PHE A 82 0.65 1.01 -8.91
CA PHE A 82 1.69 1.13 -9.92
C PHE A 82 2.95 1.82 -9.36
N ARG A 83 2.76 3.00 -8.77
CA ARG A 83 3.89 3.75 -8.22
C ARG A 83 4.53 3.04 -7.04
N GLY A 84 3.71 2.56 -6.10
CA GLY A 84 4.24 1.86 -4.94
C GLY A 84 5.10 0.67 -5.37
N VAL A 85 4.58 -0.14 -6.29
CA VAL A 85 5.32 -1.30 -6.76
C VAL A 85 6.54 -0.88 -7.58
N GLN A 86 6.33 0.01 -8.55
CA GLN A 86 7.42 0.48 -9.39
C GLN A 86 8.61 0.90 -8.53
N LEU A 87 8.31 1.30 -7.29
CA LEU A 87 9.37 1.72 -6.37
C LEU A 87 10.05 0.50 -5.74
N THR A 88 9.26 -0.51 -5.42
CA THR A 88 9.81 -1.72 -4.81
C THR A 88 10.91 -2.30 -5.67
N TYR A 89 10.82 -2.09 -6.98
CA TYR A 89 11.81 -2.61 -7.91
C TYR A 89 13.14 -1.87 -7.75
N GLU A 90 13.06 -0.56 -7.60
CA GLU A 90 14.27 0.25 -7.43
C GLU A 90 14.99 -0.12 -6.15
N HIS A 91 14.23 -0.54 -5.14
CA HIS A 91 14.80 -0.92 -3.86
C HIS A 91 15.45 -2.30 -3.95
N THR A 92 14.76 -3.23 -4.60
CA THR A 92 15.27 -4.59 -4.75
C THR A 92 16.44 -4.62 -5.73
N MET A 93 16.29 -3.91 -6.85
CA MET A 93 17.33 -3.86 -7.87
C MET A 93 18.65 -3.42 -7.25
N LEU A 94 18.63 -2.32 -6.53
CA LEU A 94 19.83 -1.80 -5.90
C LEU A 94 20.38 -2.80 -4.87
N GLN A 95 19.50 -3.27 -4.00
CA GLN A 95 19.89 -4.23 -2.98
C GLN A 95 20.55 -5.45 -3.61
N LEU A 96 19.94 -5.95 -4.68
CA LEU A 96 20.47 -7.12 -5.38
C LEU A 96 21.58 -6.73 -6.34
N TYR A 97 21.58 -5.46 -6.76
CA TYR A 97 22.60 -4.97 -7.68
C TYR A 97 22.98 -3.52 -7.36
N PRO A 98 23.84 -3.33 -6.40
CA PRO A 98 24.29 -1.97 -6.00
C PRO A 98 25.35 -1.40 -6.95
N SER A 99 25.17 -0.14 -7.34
CA SER A 99 26.11 0.50 -8.24
C SER A 99 27.32 1.04 -7.47
N PRO A 100 28.41 1.30 -8.16
CA PRO A 100 29.65 1.82 -7.52
C PRO A 100 29.50 3.27 -7.07
N PHE A 101 29.15 3.46 -5.80
CA PHE A 101 28.97 4.80 -5.27
C PHE A 101 27.95 5.59 -6.09
N ALA A 102 26.80 5.86 -5.50
CA ALA A 102 25.75 6.61 -6.19
C ALA A 102 24.96 7.45 -5.20
N THR A 103 25.39 7.44 -3.94
CA THR A 103 24.70 8.21 -2.91
C THR A 103 24.44 9.64 -3.38
N SER A 104 23.23 9.88 -3.87
CA SER A 104 22.86 11.21 -4.35
C SER A 104 21.35 11.41 -4.27
N ASP A 105 20.79 11.20 -3.09
CA ASP A 105 19.36 11.35 -2.88
C ASP A 105 19.05 11.74 -1.44
N PHE A 106 18.87 13.04 -1.20
CA PHE A 106 18.59 13.53 0.14
C PHE A 106 17.10 13.37 0.45
N MET A 107 16.68 13.93 1.58
CA MET A 107 15.28 13.84 2.00
C MET A 107 14.96 14.90 3.04
N VAL A 108 15.91 15.18 3.92
CA VAL A 108 15.73 16.17 4.96
C VAL A 108 15.00 17.40 4.41
N ARG A 109 15.37 17.81 3.20
CA ARG A 109 14.74 18.96 2.57
C ARG A 109 13.40 18.57 1.94
N PHE A 110 12.32 18.87 2.64
CA PHE A 110 10.98 18.55 2.15
C PHE A 110 10.28 19.81 1.64
N PRO A 111 9.34 19.67 0.75
CA PRO A 111 8.58 20.82 0.18
C PRO A 111 7.96 21.69 1.27
N GLU A 112 7.65 22.94 0.92
CA GLU A 112 7.05 23.86 1.89
C GLU A 112 5.53 23.84 1.79
N TRP A 113 5.01 23.21 0.74
CA TRP A 113 3.56 23.13 0.54
C TRP A 113 3.03 21.80 1.05
N LEU A 114 3.87 21.06 1.77
CA LEU A 114 3.46 19.77 2.32
C LEU A 114 3.65 19.77 3.84
N PRO A 115 2.95 20.64 4.52
CA PRO A 115 3.04 20.75 6.00
C PRO A 115 2.71 19.43 6.70
N LEU A 116 2.63 18.36 5.92
CA LEU A 116 2.34 17.05 6.47
C LEU A 116 3.57 16.48 7.13
N ASP A 117 4.73 16.87 6.60
CA ASP A 117 6.01 16.43 7.13
C ASP A 117 6.55 17.48 8.08
N LYS A 118 6.42 18.74 7.69
CA LYS A 118 6.88 19.84 8.52
C LYS A 118 6.13 19.81 9.84
N TRP A 119 4.84 19.47 9.77
CA TRP A 119 4.01 19.38 10.96
C TRP A 119 4.20 18.01 11.62
N VAL A 120 4.84 17.10 10.89
CA VAL A 120 5.09 15.77 11.40
C VAL A 120 6.47 15.26 10.95
N PRO A 121 7.51 15.73 11.57
CA PRO A 121 8.90 15.31 11.23
C PRO A 121 9.27 13.97 11.85
N GLN A 122 8.50 13.58 12.87
CA GLN A 122 8.75 12.32 13.56
C GLN A 122 8.43 11.13 12.68
N VAL A 123 7.92 11.39 11.49
CA VAL A 123 7.58 10.31 10.56
C VAL A 123 7.85 10.73 9.12
N PHE A 124 8.93 11.49 8.93
CA PHE A 124 9.29 11.95 7.59
C PHE A 124 10.80 12.21 7.51
N VAL A 125 11.37 12.78 8.56
CA VAL A 125 12.81 13.06 8.57
C VAL A 125 13.60 11.76 8.46
N ALA A 126 14.58 11.75 7.56
CA ALA A 126 15.43 10.58 7.35
C ALA A 126 16.69 10.68 8.19
N SER A 127 17.18 9.52 8.65
CA SER A 127 18.39 9.48 9.47
C SER A 127 19.01 8.09 9.44
N GLY A 128 20.05 7.93 8.63
CA GLY A 128 20.73 6.64 8.50
C GLY A 128 21.05 6.32 7.05
N ASP A 129 21.52 5.09 6.80
CA ASP A 129 21.85 4.67 5.45
C ASP A 129 20.69 3.89 4.83
N CYS A 130 20.59 3.95 3.51
CA CYS A 130 19.52 3.24 2.80
C CYS A 130 20.04 1.98 2.14
N ALA A 131 19.33 0.88 2.38
CA ALA A 131 19.69 -0.43 1.83
C ALA A 131 20.42 -1.29 2.86
N GLU A 132 20.75 -0.69 3.99
CA GLU A 132 21.44 -1.42 5.05
C GLU A 132 20.50 -2.48 5.63
N ARG A 133 21.06 -3.51 6.24
CA ARG A 133 20.25 -4.58 6.82
C ARG A 133 20.07 -4.34 8.32
N GLN A 134 18.82 -4.33 8.77
CA GLN A 134 18.52 -4.11 10.18
C GLN A 134 17.77 -5.31 10.77
N TRP A 135 17.00 -5.99 9.93
CA TRP A 135 16.24 -7.15 10.38
C TRP A 135 15.55 -7.85 9.21
N ASP A 136 15.53 -9.19 9.25
CA ASP A 136 14.92 -9.95 8.17
C ASP A 136 14.21 -11.20 8.68
N PHE A 137 13.32 -11.73 7.85
CA PHE A 137 12.56 -12.94 8.19
C PHE A 137 12.95 -14.04 7.22
N LEU A 138 13.09 -15.26 7.72
CA LEU A 138 13.45 -16.39 6.87
C LEU A 138 14.65 -16.05 6.00
N GLY A 139 15.38 -14.99 6.39
CA GLY A 139 16.56 -14.57 5.64
C GLY A 139 16.21 -13.56 4.54
N LEU A 140 15.10 -12.87 4.70
CA LEU A 140 14.67 -11.87 3.71
C LEU A 140 14.39 -10.55 4.42
N GLU A 141 14.79 -9.45 3.78
CA GLU A 141 14.57 -8.12 4.34
C GLU A 141 13.09 -7.78 4.36
N MET A 142 12.67 -7.05 5.38
CA MET A 142 11.26 -6.67 5.49
C MET A 142 10.76 -6.09 4.16
N PRO A 143 11.44 -5.10 3.63
CA PRO A 143 11.04 -4.48 2.33
C PRO A 143 10.60 -5.51 1.30
N GLN A 144 11.25 -6.67 1.30
CA GLN A 144 10.88 -7.73 0.36
C GLN A 144 9.53 -8.31 0.74
N TRP A 145 9.40 -8.73 1.99
CA TRP A 145 8.14 -9.28 2.46
C TRP A 145 7.01 -8.29 2.23
N LEU A 146 7.16 -7.09 2.80
CA LEU A 146 6.15 -6.05 2.62
C LEU A 146 5.68 -6.03 1.17
N LEU A 147 6.59 -6.27 0.24
CA LEU A 147 6.25 -6.30 -1.18
C LEU A 147 5.22 -7.41 -1.42
N GLY A 148 5.41 -8.51 -0.70
CA GLY A 148 4.50 -9.65 -0.83
C GLY A 148 3.07 -9.24 -0.49
N ILE A 149 2.93 -8.51 0.62
CA ILE A 149 1.61 -8.05 1.05
C ILE A 149 1.15 -6.90 0.16
N PHE A 150 2.10 -6.13 -0.35
CA PHE A 150 1.78 -5.00 -1.22
C PHE A 150 1.02 -5.49 -2.45
N ILE A 151 1.52 -6.57 -3.05
CA ILE A 151 0.89 -7.13 -4.24
C ILE A 151 -0.52 -7.62 -3.91
N ALA A 152 -0.65 -8.30 -2.78
CA ALA A 152 -1.95 -8.82 -2.36
C ALA A 152 -3.00 -7.71 -2.39
N TYR A 153 -2.66 -6.56 -1.83
CA TYR A 153 -3.59 -5.44 -1.80
C TYR A 153 -3.87 -4.90 -3.21
N LEU A 154 -2.81 -4.82 -4.01
CA LEU A 154 -2.95 -4.32 -5.38
C LEU A 154 -3.99 -5.14 -6.14
N ILE A 155 -4.06 -6.43 -5.82
CA ILE A 155 -5.02 -7.32 -6.48
C ILE A 155 -6.43 -7.03 -5.98
N VAL A 156 -6.58 -6.88 -4.68
CA VAL A 156 -7.88 -6.60 -4.09
C VAL A 156 -8.55 -5.46 -4.85
N ALA A 157 -7.74 -4.54 -5.34
CA ALA A 157 -8.26 -3.39 -6.09
C ALA A 157 -8.69 -3.82 -7.49
N VAL A 158 -7.87 -4.65 -8.13
CA VAL A 158 -8.18 -5.10 -9.49
C VAL A 158 -9.38 -6.04 -9.51
N LEU A 159 -9.56 -6.83 -8.46
CA LEU A 159 -10.67 -7.77 -8.40
C LEU A 159 -11.95 -7.11 -7.87
N VAL A 160 -11.80 -6.20 -6.91
CA VAL A 160 -12.95 -5.52 -6.33
C VAL A 160 -13.50 -4.45 -7.27
N VAL A 161 -12.65 -3.95 -8.17
CA VAL A 161 -13.08 -2.93 -9.11
C VAL A 161 -13.78 -3.58 -10.30
N ILE A 162 -13.13 -4.57 -10.89
CA ILE A 162 -13.71 -5.26 -12.03
C ILE A 162 -14.87 -6.15 -11.59
N SER A 163 -14.99 -6.34 -10.28
CA SER A 163 -16.07 -7.17 -9.74
C SER A 163 -17.41 -6.70 -10.28
N GLN A 164 -17.47 -5.44 -10.72
CA GLN A 164 -18.71 -4.88 -11.26
C GLN A 164 -18.74 -5.05 -12.79
N PRO A 165 -19.90 -5.20 -13.35
CA PRO A 165 -20.06 -5.36 -14.83
C PRO A 165 -19.84 -4.04 -15.58
N PHE A 166 -18.96 -3.20 -15.04
CA PHE A 166 -18.66 -1.91 -15.67
C PHE A 166 -17.16 -1.66 -15.67
N LYS A 167 -16.68 -1.05 -16.75
CA LYS A 167 -15.25 -0.75 -16.87
C LYS A 167 -15.01 0.75 -16.74
N ALA A 168 -13.97 1.12 -15.99
CA ALA A 168 -13.63 2.53 -15.79
C ALA A 168 -12.64 3.00 -16.85
N LYS A 169 -12.46 4.31 -16.94
CA LYS A 169 -11.54 4.88 -17.92
C LYS A 169 -10.10 4.69 -17.46
N LYS A 170 -9.17 4.67 -18.41
CA LYS A 170 -7.75 4.50 -18.10
C LYS A 170 -6.94 5.70 -18.57
N ARG A 171 -5.68 5.75 -18.16
CA ARG A 171 -4.81 6.86 -18.55
C ARG A 171 -4.19 6.61 -19.92
N ASP A 172 -3.41 7.56 -20.40
CA ASP A 172 -2.77 7.43 -21.70
C ASP A 172 -1.37 6.84 -21.54
N LEU A 173 -0.38 7.72 -21.37
CA LEU A 173 1.00 7.27 -21.21
C LEU A 173 1.47 6.51 -22.44
N PHE A 174 2.57 6.99 -23.04
CA PHE A 174 3.12 6.34 -24.23
C PHE A 174 4.25 5.40 -23.84
N GLY A 175 5.09 5.84 -22.91
CA GLY A 175 6.22 5.03 -22.46
C GLY A 175 7.45 5.25 -23.34
N ARG A 176 7.22 5.65 -24.58
CA ARG A 176 8.32 5.90 -25.50
C ARG A 176 9.31 6.91 -24.91
N GLY A 177 8.83 7.71 -23.98
CA GLY A 177 9.68 8.72 -23.34
C GLY A 177 9.70 10.01 -24.16
N HIS A 178 10.41 11.01 -23.65
CA HIS A 178 10.50 12.30 -24.34
C HIS A 178 11.82 12.39 -25.10
N HIS A 179 11.78 12.07 -26.39
CA HIS A 179 12.97 12.13 -27.22
C HIS A 179 13.23 13.56 -27.67
N HIS A 180 14.42 14.08 -27.35
CA HIS A 180 14.78 15.43 -27.71
C HIS A 180 14.81 15.59 -29.24
N HIS A 181 15.56 16.57 -29.72
CA HIS A 181 15.67 16.81 -31.15
C HIS A 181 16.54 18.03 -31.42
N HIS A 182 17.16 18.56 -30.38
CA HIS A 182 18.02 19.73 -30.52
C HIS A 182 17.28 20.88 -31.17
N HIS A 183 16.98 21.91 -30.38
CA HIS A 183 16.27 23.07 -30.89
C HIS A 183 16.39 24.24 -29.94
N MET A 1 -16.62 -19.73 -5.44
CA MET A 1 -15.93 -19.18 -4.24
C MET A 1 -15.65 -17.70 -4.45
N LEU A 2 -15.37 -17.32 -5.69
CA LEU A 2 -15.10 -15.92 -6.01
C LEU A 2 -16.32 -15.06 -5.74
N ARG A 3 -17.48 -15.55 -6.18
CA ARG A 3 -18.73 -14.83 -5.98
C ARG A 3 -18.89 -14.42 -4.52
N PHE A 4 -18.55 -15.33 -3.62
CA PHE A 4 -18.66 -15.06 -2.19
C PHE A 4 -17.72 -13.93 -1.80
N LEU A 5 -16.53 -13.93 -2.39
CA LEU A 5 -15.56 -12.89 -2.10
C LEU A 5 -16.19 -11.51 -2.29
N ASN A 6 -17.02 -11.39 -3.32
CA ASN A 6 -17.69 -10.12 -3.60
C ASN A 6 -18.67 -9.77 -2.48
N GLN A 7 -19.24 -10.79 -1.86
CA GLN A 7 -20.19 -10.60 -0.78
C GLN A 7 -19.48 -10.17 0.50
N ALA A 8 -18.43 -10.89 0.85
CA ALA A 8 -17.67 -10.57 2.05
C ALA A 8 -16.95 -9.22 1.89
N SER A 9 -16.60 -8.89 0.65
CA SER A 9 -15.90 -7.65 0.37
C SER A 9 -16.86 -6.45 0.43
N GLN A 10 -18.04 -6.60 -0.14
CA GLN A 10 -19.01 -5.53 -0.13
C GLN A 10 -19.57 -5.32 1.28
N GLY A 11 -18.94 -5.99 2.24
CA GLY A 11 -19.36 -5.87 3.63
C GLY A 11 -18.38 -5.00 4.40
N ARG A 12 -18.90 -4.24 5.36
CA ARG A 12 -18.07 -3.35 6.17
C ARG A 12 -17.05 -4.16 6.98
N GLY A 13 -17.32 -5.44 7.16
CA GLY A 13 -16.43 -6.30 7.92
C GLY A 13 -15.10 -6.49 7.21
N ALA A 14 -15.17 -6.79 5.92
CA ALA A 14 -13.95 -6.99 5.14
C ALA A 14 -13.13 -5.70 5.08
N TRP A 15 -13.80 -4.60 4.71
CA TRP A 15 -13.12 -3.32 4.62
C TRP A 15 -12.38 -3.00 5.92
N LEU A 16 -13.09 -3.14 7.04
CA LEU A 16 -12.49 -2.86 8.34
C LEU A 16 -11.43 -3.89 8.68
N LEU A 17 -11.60 -5.10 8.15
CA LEU A 17 -10.65 -6.17 8.40
C LEU A 17 -9.33 -5.90 7.70
N MET A 18 -9.39 -5.22 6.56
CA MET A 18 -8.20 -4.89 5.81
C MET A 18 -7.43 -3.77 6.51
N ALA A 19 -8.18 -2.85 7.13
CA ALA A 19 -7.56 -1.73 7.84
C ALA A 19 -6.76 -2.23 9.03
N PHE A 20 -7.39 -3.02 9.88
CA PHE A 20 -6.73 -3.56 11.07
C PHE A 20 -5.49 -4.35 10.68
N THR A 21 -5.66 -5.32 9.79
CA THR A 21 -4.55 -6.14 9.34
C THR A 21 -3.30 -5.29 9.12
N ALA A 22 -3.44 -4.27 8.27
CA ALA A 22 -2.33 -3.38 7.97
C ALA A 22 -1.76 -2.79 9.26
N LEU A 23 -2.66 -2.49 10.20
CA LEU A 23 -2.23 -1.92 11.48
C LEU A 23 -1.46 -2.95 12.31
N ALA A 24 -1.94 -4.19 12.27
CA ALA A 24 -1.28 -5.27 13.02
C ALA A 24 0.21 -5.29 12.73
N LEU A 25 0.58 -5.12 11.46
CA LEU A 25 1.98 -5.12 11.07
C LEU A 25 2.68 -3.86 11.57
N GLU A 26 1.92 -2.76 11.64
CA GLU A 26 2.49 -1.50 12.09
C GLU A 26 2.79 -1.55 13.59
N LEU A 27 1.86 -2.11 14.36
CA LEU A 27 2.06 -2.21 15.81
C LEU A 27 3.10 -3.28 16.14
N THR A 28 2.85 -4.50 15.69
CA THR A 28 3.78 -5.59 15.95
C THR A 28 5.21 -5.14 15.70
N ALA A 29 5.38 -4.32 14.66
CA ALA A 29 6.71 -3.81 14.32
C ALA A 29 7.08 -2.67 15.26
N LEU A 30 6.08 -1.92 15.70
CA LEU A 30 6.30 -0.81 16.61
C LEU A 30 6.98 -1.29 17.90
N TRP A 31 6.89 -2.59 18.15
CA TRP A 31 7.50 -3.18 19.35
C TRP A 31 8.94 -3.57 19.07
N PHE A 32 9.24 -3.87 17.82
CA PHE A 32 10.59 -4.25 17.43
C PHE A 32 11.54 -3.06 17.52
N GLN A 33 11.14 -1.96 16.91
CA GLN A 33 11.97 -0.75 16.94
C GLN A 33 11.98 -0.15 18.34
N HIS A 34 11.09 -0.64 19.19
CA HIS A 34 11.00 -0.15 20.56
C HIS A 34 12.09 -0.79 21.41
N VAL A 35 12.41 -2.05 21.12
CA VAL A 35 13.44 -2.76 21.86
C VAL A 35 14.67 -2.98 20.99
N MET A 36 14.51 -2.81 19.69
CA MET A 36 15.62 -2.98 18.75
C MET A 36 16.20 -1.63 18.36
N LEU A 37 15.51 -0.56 18.75
CA LEU A 37 15.97 0.79 18.44
C LEU A 37 16.39 0.89 16.98
N LEU A 38 15.54 0.39 16.10
CA LEU A 38 15.83 0.43 14.66
C LEU A 38 15.73 1.85 14.12
N LYS A 39 16.59 2.19 13.18
CA LYS A 39 16.59 3.52 12.59
C LYS A 39 16.00 3.47 11.17
N PRO A 40 15.06 4.34 10.86
CA PRO A 40 14.42 4.36 9.51
C PRO A 40 15.31 4.98 8.45
N CYS A 41 14.93 4.81 7.18
CA CYS A 41 15.71 5.36 6.07
C CYS A 41 14.80 6.11 5.10
N VAL A 42 15.40 6.88 4.20
CA VAL A 42 14.63 7.64 3.21
C VAL A 42 13.67 6.74 2.45
N LEU A 43 14.21 5.61 1.98
CA LEU A 43 13.42 4.65 1.21
C LEU A 43 12.39 3.95 2.08
N SER A 44 12.85 3.46 3.23
CA SER A 44 11.98 2.75 4.17
C SER A 44 10.75 3.57 4.49
N ILE A 45 10.95 4.83 4.88
CA ILE A 45 9.83 5.70 5.22
C ILE A 45 8.95 5.92 4.00
N TYR A 46 9.57 6.08 2.84
CA TYR A 46 8.82 6.29 1.62
C TYR A 46 7.81 5.16 1.44
N GLU A 47 8.27 3.92 1.71
CA GLU A 47 7.40 2.76 1.61
C GLU A 47 6.24 2.87 2.59
N ARG A 48 6.55 3.37 3.78
CA ARG A 48 5.52 3.52 4.81
C ARG A 48 4.42 4.45 4.31
N ALA A 49 4.82 5.49 3.59
CA ALA A 49 3.86 6.44 3.05
C ALA A 49 2.93 5.75 2.06
N ALA A 50 3.47 4.76 1.35
CA ALA A 50 2.69 4.01 0.37
C ALA A 50 1.54 3.28 1.06
N LEU A 51 1.83 2.66 2.19
CA LEU A 51 0.81 1.93 2.94
C LEU A 51 -0.05 2.90 3.74
N PHE A 52 0.59 3.74 4.55
CA PHE A 52 -0.14 4.72 5.35
C PHE A 52 -1.20 5.40 4.48
N GLY A 53 -0.80 5.76 3.27
CA GLY A 53 -1.70 6.42 2.34
C GLY A 53 -2.82 5.48 1.90
N VAL A 54 -2.45 4.24 1.58
CA VAL A 54 -3.43 3.25 1.16
C VAL A 54 -4.41 2.98 2.29
N LEU A 55 -3.87 2.77 3.49
CA LEU A 55 -4.69 2.52 4.65
C LEU A 55 -5.86 3.50 4.68
N GLY A 56 -5.55 4.78 4.49
CA GLY A 56 -6.59 5.80 4.48
C GLY A 56 -7.58 5.53 3.35
N ALA A 57 -7.01 5.27 2.17
CA ALA A 57 -7.84 4.98 1.00
C ALA A 57 -8.87 3.90 1.33
N ALA A 58 -8.50 3.01 2.24
CA ALA A 58 -9.40 1.94 2.65
C ALA A 58 -10.53 2.47 3.52
N LEU A 59 -10.21 3.45 4.36
CA LEU A 59 -11.22 4.05 5.24
C LEU A 59 -12.26 4.80 4.41
N ILE A 60 -11.79 5.55 3.41
CA ILE A 60 -12.70 6.31 2.57
C ILE A 60 -13.57 5.37 1.75
N GLY A 61 -13.01 4.24 1.33
CA GLY A 61 -13.75 3.26 0.55
C GLY A 61 -14.77 2.53 1.41
N ALA A 62 -14.53 2.51 2.71
CA ALA A 62 -15.43 1.84 3.64
C ALA A 62 -16.64 2.72 3.94
N ILE A 63 -16.69 3.89 3.32
CA ILE A 63 -17.79 4.83 3.54
C ILE A 63 -18.97 4.48 2.63
N ALA A 64 -18.67 4.04 1.41
CA ALA A 64 -19.73 3.68 0.47
C ALA A 64 -19.14 3.13 -0.83
N PRO A 65 -18.63 1.94 -0.80
CA PRO A 65 -18.02 1.29 -1.99
C PRO A 65 -19.09 0.65 -2.89
N LYS A 66 -20.32 1.14 -2.76
CA LYS A 66 -21.44 0.62 -3.54
C LYS A 66 -21.86 1.64 -4.59
N THR A 67 -21.35 2.86 -4.45
CA THR A 67 -21.67 3.93 -5.40
C THR A 67 -20.45 4.22 -6.27
N PRO A 68 -20.65 4.86 -7.40
CA PRO A 68 -19.53 5.21 -8.33
C PRO A 68 -18.27 5.66 -7.59
N LEU A 69 -18.43 5.99 -6.32
CA LEU A 69 -17.31 6.44 -5.50
C LEU A 69 -16.10 5.52 -5.70
N ARG A 70 -16.37 4.26 -6.05
CA ARG A 70 -15.30 3.29 -6.27
C ARG A 70 -14.11 3.96 -6.98
N TYR A 71 -14.30 4.44 -8.20
CA TYR A 71 -13.22 5.10 -8.91
C TYR A 71 -12.59 6.19 -8.04
N VAL A 72 -13.42 6.91 -7.29
CA VAL A 72 -12.92 8.00 -6.46
C VAL A 72 -11.92 7.53 -5.42
N ALA A 73 -12.19 6.41 -4.74
CA ALA A 73 -11.26 5.89 -3.75
C ALA A 73 -10.07 5.22 -4.43
N MET A 74 -10.35 4.56 -5.55
CA MET A 74 -9.32 3.87 -6.31
C MET A 74 -8.24 4.86 -6.75
N VAL A 75 -8.57 6.14 -6.72
CA VAL A 75 -7.61 7.17 -7.12
C VAL A 75 -6.31 7.00 -6.36
N ILE A 76 -6.43 6.70 -5.07
CA ILE A 76 -5.28 6.52 -4.21
C ILE A 76 -4.80 5.07 -4.24
N TRP A 77 -5.73 4.14 -4.44
CA TRP A 77 -5.36 2.72 -4.50
C TRP A 77 -4.51 2.46 -5.73
N LEU A 78 -5.04 2.83 -6.90
CA LEU A 78 -4.33 2.63 -8.16
C LEU A 78 -3.05 3.46 -8.19
N TYR A 79 -3.16 4.74 -7.86
CA TYR A 79 -1.99 5.61 -7.86
C TYR A 79 -0.80 4.89 -7.24
N SER A 80 -1.05 4.18 -6.14
CA SER A 80 0.00 3.44 -5.46
C SER A 80 0.32 2.13 -6.19
N ALA A 81 -0.63 1.66 -6.98
CA ALA A 81 -0.41 0.41 -7.71
C ALA A 81 0.80 0.52 -8.63
N PHE A 82 0.72 1.43 -9.59
CA PHE A 82 1.82 1.62 -10.54
C PHE A 82 3.00 2.32 -9.88
N ARG A 83 2.76 3.47 -9.25
CA ARG A 83 3.83 4.23 -8.62
C ARG A 83 4.38 3.53 -7.37
N GLY A 84 3.51 3.02 -6.51
CA GLY A 84 3.98 2.35 -5.31
C GLY A 84 4.88 1.18 -5.67
N VAL A 85 4.44 0.35 -6.62
CA VAL A 85 5.23 -0.80 -7.04
C VAL A 85 6.49 -0.35 -7.76
N GLN A 86 6.33 0.54 -8.74
CA GLN A 86 7.48 1.03 -9.48
C GLN A 86 8.56 1.52 -8.53
N LEU A 87 8.16 1.89 -7.32
CA LEU A 87 9.11 2.37 -6.33
C LEU A 87 9.82 1.19 -5.66
N THR A 88 9.07 0.11 -5.42
CA THR A 88 9.65 -1.07 -4.80
C THR A 88 10.84 -1.56 -5.61
N TYR A 89 10.80 -1.32 -6.91
CA TYR A 89 11.87 -1.74 -7.79
C TYR A 89 13.15 -0.97 -7.50
N GLU A 90 13.01 0.34 -7.28
CA GLU A 90 14.17 1.18 -6.98
C GLU A 90 14.88 0.68 -5.73
N HIS A 91 14.12 0.26 -4.74
CA HIS A 91 14.70 -0.25 -3.49
C HIS A 91 15.43 -1.56 -3.74
N THR A 92 14.83 -2.45 -4.51
CA THR A 92 15.43 -3.74 -4.81
C THR A 92 16.65 -3.59 -5.71
N MET A 93 16.47 -2.86 -6.82
CA MET A 93 17.57 -2.65 -7.76
C MET A 93 18.84 -2.26 -7.02
N LEU A 94 18.72 -1.32 -6.09
CA LEU A 94 19.88 -0.88 -5.32
C LEU A 94 20.39 -2.02 -4.43
N GLN A 95 19.46 -2.67 -3.74
CA GLN A 95 19.82 -3.77 -2.86
C GLN A 95 20.64 -4.82 -3.61
N LEU A 96 20.32 -5.00 -4.89
CA LEU A 96 21.02 -5.98 -5.71
C LEU A 96 22.06 -5.29 -6.60
N TYR A 97 21.98 -3.97 -6.67
CA TYR A 97 22.92 -3.20 -7.49
C TYR A 97 23.40 -1.96 -6.75
N PRO A 98 24.26 -2.14 -5.78
CA PRO A 98 24.81 -1.02 -4.96
C PRO A 98 25.42 0.08 -5.83
N SER A 99 25.06 1.33 -5.52
CA SER A 99 25.57 2.47 -6.28
C SER A 99 26.78 3.08 -5.56
N PRO A 100 27.95 3.07 -6.16
CA PRO A 100 29.17 3.64 -5.55
C PRO A 100 29.22 5.16 -5.65
N PHE A 101 29.12 5.67 -6.87
CA PHE A 101 29.15 7.12 -7.10
C PHE A 101 27.79 7.74 -6.79
N ALA A 102 27.81 8.85 -6.05
CA ALA A 102 26.58 9.53 -5.68
C ALA A 102 25.58 8.56 -5.06
N THR A 103 25.62 8.44 -3.74
CA THR A 103 24.72 7.55 -3.03
C THR A 103 23.29 8.09 -3.05
N SER A 104 22.76 8.32 -4.24
CA SER A 104 21.41 8.85 -4.38
C SER A 104 21.18 10.01 -3.42
N ASP A 105 21.97 11.07 -3.58
CA ASP A 105 21.84 12.23 -2.71
C ASP A 105 22.13 11.85 -1.27
N PHE A 106 21.33 12.39 -0.35
CA PHE A 106 21.51 12.11 1.07
C PHE A 106 20.23 12.40 1.84
N MET A 107 20.20 13.56 2.49
CA MET A 107 19.02 13.96 3.26
C MET A 107 17.84 14.21 2.33
N VAL A 108 16.68 13.69 2.72
CA VAL A 108 15.48 13.85 1.91
C VAL A 108 14.95 15.28 2.00
N ARG A 109 14.32 15.74 0.94
CA ARG A 109 13.77 17.11 0.91
C ARG A 109 12.31 17.08 0.48
N PHE A 110 11.43 17.59 1.34
CA PHE A 110 10.00 17.61 1.05
C PHE A 110 9.59 18.97 0.48
N PRO A 111 8.88 19.01 -0.62
CA PRO A 111 8.42 20.28 -1.24
C PRO A 111 7.93 21.29 -0.21
N GLU A 112 7.89 22.55 -0.59
CA GLU A 112 7.44 23.61 0.31
C GLU A 112 5.92 23.60 0.42
N TRP A 113 5.28 22.64 -0.25
CA TRP A 113 3.83 22.53 -0.23
C TRP A 113 3.38 21.14 0.23
N LEU A 114 4.23 20.49 1.02
CA LEU A 114 3.92 19.16 1.54
C LEU A 114 3.83 19.19 3.06
N PRO A 115 2.92 19.98 3.60
CA PRO A 115 2.75 20.11 5.08
C PRO A 115 2.53 18.77 5.77
N LEU A 116 2.64 17.69 5.02
CA LEU A 116 2.45 16.36 5.59
C LEU A 116 3.70 15.93 6.36
N ASP A 117 4.83 16.52 5.96
CA ASP A 117 6.11 16.24 6.61
C ASP A 117 6.41 17.29 7.65
N LYS A 118 6.15 18.56 7.30
CA LYS A 118 6.39 19.65 8.23
C LYS A 118 5.51 19.49 9.48
N TRP A 119 4.24 19.17 9.24
CA TRP A 119 3.31 18.98 10.34
C TRP A 119 3.51 17.61 10.98
N VAL A 120 4.22 16.74 10.27
CA VAL A 120 4.49 15.39 10.78
C VAL A 120 5.86 14.89 10.30
N PRO A 121 6.92 15.36 10.92
CA PRO A 121 8.31 14.95 10.55
C PRO A 121 8.68 13.59 11.12
N GLN A 122 7.88 13.13 12.08
CA GLN A 122 8.15 11.84 12.72
C GLN A 122 7.77 10.68 11.80
N VAL A 123 7.22 11.00 10.63
CA VAL A 123 6.83 9.96 9.68
C VAL A 123 7.25 10.34 8.26
N PHE A 124 8.37 11.04 8.16
CA PHE A 124 8.90 11.47 6.86
C PHE A 124 10.41 11.69 6.95
N VAL A 125 10.84 12.36 8.01
CA VAL A 125 12.27 12.63 8.18
C VAL A 125 13.07 11.34 8.24
N ALA A 126 14.12 11.27 7.43
CA ALA A 126 14.98 10.08 7.40
C ALA A 126 16.20 10.26 8.29
N SER A 127 16.73 9.14 8.78
CA SER A 127 17.89 9.18 9.64
C SER A 127 18.49 7.78 9.81
N GLY A 128 19.55 7.51 9.05
CA GLY A 128 20.21 6.20 9.11
C GLY A 128 20.66 5.76 7.72
N ASP A 129 20.99 4.49 7.58
CA ASP A 129 21.44 3.95 6.31
C ASP A 129 20.25 3.35 5.54
N CYS A 130 20.30 3.42 4.21
CA CYS A 130 19.23 2.89 3.39
C CYS A 130 19.62 1.54 2.79
N ALA A 131 18.70 0.58 2.91
CA ALA A 131 18.92 -0.77 2.39
C ALA A 131 19.61 -1.65 3.43
N GLU A 132 19.95 -1.06 4.58
CA GLU A 132 20.61 -1.82 5.63
C GLU A 132 19.64 -2.85 6.22
N ARG A 133 20.09 -4.10 6.31
CA ARG A 133 19.26 -5.17 6.85
C ARG A 133 19.26 -5.12 8.37
N GLN A 134 18.07 -5.16 8.96
CA GLN A 134 17.94 -5.12 10.42
C GLN A 134 17.11 -6.30 10.91
N TRP A 135 16.37 -6.92 9.99
CA TRP A 135 15.53 -8.06 10.36
C TRP A 135 14.91 -8.70 9.12
N ASP A 136 14.88 -10.04 9.10
CA ASP A 136 14.34 -10.75 7.95
C ASP A 136 13.63 -12.03 8.35
N PHE A 137 12.79 -12.53 7.44
CA PHE A 137 12.05 -13.77 7.67
C PHE A 137 12.39 -14.76 6.56
N LEU A 138 12.57 -16.03 6.90
CA LEU A 138 12.90 -17.03 5.90
C LEU A 138 14.14 -16.59 5.11
N GLY A 139 14.87 -15.63 5.66
CA GLY A 139 16.08 -15.12 5.00
C GLY A 139 15.73 -14.02 3.98
N LEU A 140 14.57 -13.39 4.18
CA LEU A 140 14.12 -12.32 3.28
C LEU A 140 13.88 -11.04 4.08
N GLU A 141 14.39 -9.93 3.58
CA GLU A 141 14.22 -8.64 4.25
C GLU A 141 12.76 -8.20 4.20
N MET A 142 12.31 -7.53 5.26
CA MET A 142 10.93 -7.07 5.32
C MET A 142 10.52 -6.42 4.00
N PRO A 143 11.25 -5.45 3.54
CA PRO A 143 10.94 -4.73 2.26
C PRO A 143 10.50 -5.70 1.17
N GLN A 144 11.09 -6.90 1.16
CA GLN A 144 10.74 -7.90 0.17
C GLN A 144 9.36 -8.46 0.47
N TRP A 145 9.15 -8.90 1.71
CA TRP A 145 7.87 -9.45 2.10
C TRP A 145 6.78 -8.40 1.92
N LEU A 146 6.95 -7.26 2.58
CA LEU A 146 5.96 -6.18 2.46
C LEU A 146 5.54 -6.01 1.01
N LEU A 147 6.49 -6.17 0.09
CA LEU A 147 6.19 -6.06 -1.34
C LEU A 147 5.19 -7.13 -1.71
N GLY A 148 5.31 -8.26 -1.03
CA GLY A 148 4.41 -9.38 -1.26
C GLY A 148 2.98 -9.01 -0.88
N ILE A 149 2.82 -8.47 0.32
CA ILE A 149 1.51 -8.05 0.79
C ILE A 149 1.04 -6.82 0.02
N PHE A 150 2.00 -6.02 -0.44
CA PHE A 150 1.69 -4.82 -1.18
C PHE A 150 0.99 -5.14 -2.50
N ILE A 151 1.47 -6.17 -3.20
CA ILE A 151 0.88 -6.56 -4.47
C ILE A 151 -0.49 -7.16 -4.25
N ALA A 152 -0.66 -7.83 -3.11
CA ALA A 152 -1.94 -8.45 -2.78
C ALA A 152 -3.03 -7.38 -2.65
N TYR A 153 -2.74 -6.35 -1.86
CA TYR A 153 -3.72 -5.28 -1.65
C TYR A 153 -4.16 -4.67 -2.99
N LEU A 154 -3.19 -4.30 -3.80
CA LEU A 154 -3.47 -3.71 -5.11
C LEU A 154 -4.36 -4.64 -5.93
N ILE A 155 -4.19 -5.94 -5.73
CA ILE A 155 -4.98 -6.93 -6.46
C ILE A 155 -6.38 -7.01 -5.88
N VAL A 156 -6.49 -6.85 -4.56
CA VAL A 156 -7.80 -6.90 -3.91
C VAL A 156 -8.69 -5.79 -4.43
N ALA A 157 -8.09 -4.62 -4.68
CA ALA A 157 -8.84 -3.48 -5.18
C ALA A 157 -9.32 -3.73 -6.60
N VAL A 158 -8.45 -4.29 -7.44
CA VAL A 158 -8.82 -4.57 -8.83
C VAL A 158 -9.78 -5.74 -8.91
N LEU A 159 -9.74 -6.62 -7.91
CA LEU A 159 -10.61 -7.78 -7.90
C LEU A 159 -12.02 -7.42 -7.41
N VAL A 160 -12.10 -6.63 -6.35
CA VAL A 160 -13.40 -6.24 -5.81
C VAL A 160 -14.10 -5.21 -6.71
N VAL A 161 -13.31 -4.35 -7.35
CA VAL A 161 -13.88 -3.34 -8.24
C VAL A 161 -14.48 -4.00 -9.48
N ILE A 162 -13.70 -4.89 -10.09
CA ILE A 162 -14.15 -5.58 -11.29
C ILE A 162 -15.31 -6.52 -10.96
N SER A 163 -15.42 -6.90 -9.69
CA SER A 163 -16.49 -7.80 -9.27
C SER A 163 -17.84 -7.24 -9.72
N GLN A 164 -18.05 -5.94 -9.53
CA GLN A 164 -19.29 -5.31 -9.91
C GLN A 164 -20.46 -5.98 -9.19
N PRO A 165 -20.74 -5.54 -7.98
CA PRO A 165 -21.85 -6.11 -7.16
C PRO A 165 -23.14 -6.22 -7.96
N PHE A 166 -23.11 -5.72 -9.20
CA PHE A 166 -24.29 -5.77 -10.06
C PHE A 166 -25.46 -5.03 -9.43
N LYS A 167 -26.65 -5.24 -9.97
CA LYS A 167 -27.85 -4.58 -9.46
C LYS A 167 -29.05 -5.52 -9.55
N ALA A 168 -28.83 -6.80 -9.25
CA ALA A 168 -29.90 -7.78 -9.30
C ALA A 168 -29.51 -9.03 -8.52
N LYS A 169 -30.49 -9.64 -7.86
CA LYS A 169 -30.26 -10.85 -7.07
C LYS A 169 -30.30 -12.08 -7.97
N LYS A 170 -29.81 -13.19 -7.44
CA LYS A 170 -29.80 -14.44 -8.19
C LYS A 170 -29.34 -15.60 -7.31
N ARG A 171 -29.89 -15.67 -6.10
CA ARG A 171 -29.54 -16.72 -5.15
C ARG A 171 -30.41 -17.96 -5.37
N ASP A 172 -29.76 -19.12 -5.50
CA ASP A 172 -30.47 -20.36 -5.71
C ASP A 172 -29.61 -21.56 -5.32
N LEU A 173 -29.02 -21.48 -4.12
CA LEU A 173 -28.16 -22.57 -3.65
C LEU A 173 -28.14 -22.61 -2.11
N PHE A 174 -28.36 -23.80 -1.56
CA PHE A 174 -28.37 -23.96 -0.11
C PHE A 174 -28.13 -25.43 0.26
N GLY A 175 -28.46 -26.33 -0.67
CA GLY A 175 -28.28 -27.75 -0.43
C GLY A 175 -29.34 -28.29 0.53
N ARG A 176 -29.86 -27.41 1.38
CA ARG A 176 -30.88 -27.80 2.35
C ARG A 176 -31.95 -28.67 1.68
N GLY A 177 -32.29 -29.77 2.34
CA GLY A 177 -33.31 -30.67 1.81
C GLY A 177 -33.18 -32.06 2.44
N HIS A 178 -32.59 -32.11 3.62
CA HIS A 178 -32.40 -33.38 4.33
C HIS A 178 -33.71 -34.15 4.38
N HIS A 179 -34.39 -34.09 5.52
CA HIS A 179 -35.67 -34.79 5.68
C HIS A 179 -36.83 -33.82 5.57
N HIS A 180 -38.05 -34.35 5.68
CA HIS A 180 -39.24 -33.52 5.57
C HIS A 180 -40.31 -34.00 6.55
N HIS A 181 -40.47 -33.29 7.66
CA HIS A 181 -41.45 -33.64 8.66
C HIS A 181 -42.77 -34.06 8.02
N HIS A 182 -43.59 -34.81 8.75
CA HIS A 182 -44.87 -35.27 8.24
C HIS A 182 -44.67 -36.18 7.03
N HIS A 183 -45.77 -36.52 6.36
CA HIS A 183 -45.70 -37.38 5.19
C HIS A 183 -45.32 -36.58 3.94
N MET A 1 -16.96 -19.07 -5.21
CA MET A 1 -17.59 -18.44 -6.39
C MET A 1 -17.22 -16.97 -6.45
N LEU A 2 -17.00 -16.46 -7.65
CA LEU A 2 -16.64 -15.06 -7.84
C LEU A 2 -17.78 -14.15 -7.37
N ARG A 3 -19.00 -14.51 -7.77
CA ARG A 3 -20.17 -13.73 -7.39
C ARG A 3 -20.19 -13.51 -5.88
N PHE A 4 -19.71 -14.50 -5.14
CA PHE A 4 -19.67 -14.41 -3.68
C PHE A 4 -18.63 -13.37 -3.26
N LEU A 5 -17.47 -13.42 -3.89
CA LEU A 5 -16.40 -12.49 -3.56
C LEU A 5 -16.93 -11.06 -3.51
N ASN A 6 -17.84 -10.75 -4.43
CA ASN A 6 -18.42 -9.41 -4.49
C ASN A 6 -19.30 -9.16 -3.26
N GLN A 7 -19.82 -10.24 -2.69
CA GLN A 7 -20.68 -10.13 -1.51
C GLN A 7 -19.85 -9.96 -0.25
N ALA A 8 -18.82 -10.78 -0.10
CA ALA A 8 -17.94 -10.71 1.07
C ALA A 8 -17.24 -9.36 1.14
N SER A 9 -16.82 -8.85 -0.02
CA SER A 9 -16.13 -7.57 -0.07
C SER A 9 -17.11 -6.41 0.10
N GLN A 10 -18.34 -6.62 -0.39
CA GLN A 10 -19.36 -5.58 -0.30
C GLN A 10 -19.84 -5.44 1.14
N GLY A 11 -19.19 -6.16 2.05
CA GLY A 11 -19.53 -6.10 3.48
C GLY A 11 -18.57 -5.17 4.21
N ARG A 12 -19.08 -4.51 5.24
CA ARG A 12 -18.27 -3.60 6.04
C ARG A 12 -17.24 -4.37 6.85
N GLY A 13 -17.49 -5.65 7.06
CA GLY A 13 -16.57 -6.49 7.83
C GLY A 13 -15.29 -6.73 7.06
N ALA A 14 -15.43 -7.06 5.78
CA ALA A 14 -14.27 -7.32 4.93
C ALA A 14 -13.40 -6.07 4.85
N TRP A 15 -14.02 -4.94 4.53
CA TRP A 15 -13.27 -3.69 4.42
C TRP A 15 -12.52 -3.40 5.72
N LEU A 16 -13.21 -3.58 6.85
CA LEU A 16 -12.59 -3.33 8.14
C LEU A 16 -11.45 -4.32 8.38
N LEU A 17 -11.58 -5.51 7.81
CA LEU A 17 -10.56 -6.54 7.97
C LEU A 17 -9.29 -6.16 7.21
N MET A 18 -9.43 -5.37 6.16
CA MET A 18 -8.29 -4.95 5.37
C MET A 18 -7.53 -3.85 6.09
N ALA A 19 -8.25 -3.00 6.81
CA ALA A 19 -7.63 -1.91 7.54
C ALA A 19 -6.82 -2.45 8.72
N PHE A 20 -7.47 -3.19 9.59
CA PHE A 20 -6.81 -3.76 10.76
C PHE A 20 -5.55 -4.52 10.35
N THR A 21 -5.70 -5.43 9.39
CA THR A 21 -4.57 -6.23 8.91
C THR A 21 -3.35 -5.33 8.69
N ALA A 22 -3.48 -4.36 7.79
CA ALA A 22 -2.37 -3.46 7.50
C ALA A 22 -1.88 -2.80 8.78
N LEU A 23 -2.79 -2.55 9.71
CA LEU A 23 -2.43 -1.91 10.97
C LEU A 23 -1.63 -2.87 11.84
N ALA A 24 -2.03 -4.14 11.86
CA ALA A 24 -1.33 -5.15 12.65
C ALA A 24 0.14 -5.18 12.28
N LEU A 25 0.43 -4.91 11.01
CA LEU A 25 1.81 -4.91 10.54
C LEU A 25 2.50 -3.62 10.94
N GLU A 26 1.73 -2.53 10.99
CA GLU A 26 2.29 -1.24 11.37
C GLU A 26 2.58 -1.20 12.87
N LEU A 27 1.61 -1.67 13.65
CA LEU A 27 1.77 -1.69 15.11
C LEU A 27 2.91 -2.63 15.51
N THR A 28 2.85 -3.86 15.01
CA THR A 28 3.87 -4.86 15.32
C THR A 28 5.25 -4.33 14.95
N ALA A 29 5.28 -3.50 13.91
CA ALA A 29 6.55 -2.92 13.47
C ALA A 29 6.93 -1.74 14.36
N LEU A 30 5.93 -1.03 14.85
CA LEU A 30 6.16 0.13 15.72
C LEU A 30 6.78 -0.33 17.03
N TRP A 31 6.67 -1.62 17.33
CA TRP A 31 7.23 -2.16 18.58
C TRP A 31 8.66 -2.63 18.33
N PHE A 32 8.91 -3.15 17.14
CA PHE A 32 10.24 -3.64 16.80
C PHE A 32 11.27 -2.53 16.88
N GLN A 33 10.88 -1.34 16.45
CA GLN A 33 11.77 -0.18 16.47
C GLN A 33 11.85 0.40 17.87
N HIS A 34 10.70 0.46 18.54
CA HIS A 34 10.64 1.01 19.89
C HIS A 34 11.50 0.19 20.85
N VAL A 35 11.77 -1.06 20.48
CA VAL A 35 12.58 -1.94 21.32
C VAL A 35 13.94 -2.20 20.69
N MET A 36 13.95 -2.44 19.37
CA MET A 36 15.19 -2.70 18.66
C MET A 36 15.86 -1.39 18.25
N LEU A 37 15.30 -0.28 18.70
CA LEU A 37 15.85 1.03 18.37
C LEU A 37 16.26 1.09 16.90
N LEU A 38 15.38 0.59 16.03
CA LEU A 38 15.66 0.58 14.60
C LEU A 38 15.78 2.00 14.07
N LYS A 39 16.64 2.18 13.07
CA LYS A 39 16.84 3.49 12.46
C LYS A 39 16.33 3.49 11.01
N PRO A 40 15.08 3.85 10.80
CA PRO A 40 14.49 3.88 9.44
C PRO A 40 15.38 4.57 8.42
N CYS A 41 14.98 4.51 7.15
CA CYS A 41 15.75 5.14 6.08
C CYS A 41 14.82 5.97 5.19
N VAL A 42 15.41 6.77 4.32
CA VAL A 42 14.62 7.62 3.42
C VAL A 42 13.61 6.78 2.65
N LEU A 43 14.11 5.72 2.03
CA LEU A 43 13.26 4.84 1.23
C LEU A 43 12.24 4.11 2.10
N SER A 44 12.73 3.50 3.18
CA SER A 44 11.86 2.76 4.09
C SER A 44 10.67 3.61 4.51
N ILE A 45 10.95 4.84 4.94
CA ILE A 45 9.89 5.74 5.37
C ILE A 45 8.95 6.05 4.21
N TYR A 46 9.53 6.28 3.03
CA TYR A 46 8.73 6.58 1.85
C TYR A 46 7.71 5.48 1.60
N GLU A 47 8.16 4.24 1.66
CA GLU A 47 7.28 3.10 1.45
C GLU A 47 6.12 3.13 2.45
N ARG A 48 6.43 3.48 3.70
CA ARG A 48 5.41 3.55 4.74
C ARG A 48 4.32 4.51 4.33
N ALA A 49 4.70 5.58 3.61
CA ALA A 49 3.73 6.56 3.17
C ALA A 49 2.79 5.96 2.13
N ALA A 50 3.34 5.12 1.26
CA ALA A 50 2.53 4.48 0.22
C ALA A 50 1.43 3.63 0.86
N LEU A 51 1.82 2.78 1.80
CA LEU A 51 0.85 1.92 2.47
C LEU A 51 0.00 2.73 3.44
N PHE A 52 0.64 3.47 4.33
CA PHE A 52 -0.09 4.30 5.28
C PHE A 52 -1.25 5.00 4.57
N GLY A 53 -0.97 5.49 3.36
CA GLY A 53 -1.98 6.16 2.57
C GLY A 53 -3.08 5.20 2.16
N VAL A 54 -2.70 3.98 1.81
CA VAL A 54 -3.69 2.97 1.42
C VAL A 54 -4.62 2.70 2.60
N LEU A 55 -4.02 2.50 3.76
CA LEU A 55 -4.80 2.25 4.97
C LEU A 55 -5.95 3.24 5.04
N GLY A 56 -5.63 4.52 4.82
CA GLY A 56 -6.65 5.56 4.84
C GLY A 56 -7.69 5.30 3.77
N ALA A 57 -7.27 4.64 2.70
CA ALA A 57 -8.16 4.32 1.60
C ALA A 57 -9.21 3.31 2.06
N ALA A 58 -8.79 2.40 2.93
CA ALA A 58 -9.70 1.38 3.45
C ALA A 58 -10.75 2.01 4.35
N LEU A 59 -10.36 3.06 5.06
CA LEU A 59 -11.29 3.75 5.95
C LEU A 59 -12.25 4.62 5.15
N ILE A 60 -11.77 5.14 4.03
CA ILE A 60 -12.60 5.98 3.16
C ILE A 60 -13.55 5.11 2.34
N GLY A 61 -13.03 4.01 1.82
CA GLY A 61 -13.84 3.11 1.01
C GLY A 61 -14.89 2.40 1.87
N ALA A 62 -14.62 2.31 3.16
CA ALA A 62 -15.55 1.65 4.08
C ALA A 62 -16.76 2.54 4.34
N ILE A 63 -16.83 3.66 3.63
CA ILE A 63 -17.95 4.59 3.78
C ILE A 63 -19.12 4.18 2.90
N ALA A 64 -18.81 3.62 1.73
CA ALA A 64 -19.86 3.19 0.80
C ALA A 64 -19.24 2.64 -0.47
N PRO A 65 -18.67 1.46 -0.42
CA PRO A 65 -18.03 0.82 -1.59
C PRO A 65 -19.05 0.10 -2.48
N LYS A 66 -20.32 0.37 -2.23
CA LYS A 66 -21.41 -0.25 -3.00
C LYS A 66 -21.86 0.68 -4.10
N THR A 67 -21.38 1.93 -4.06
CA THR A 67 -21.74 2.93 -5.06
C THR A 67 -20.50 3.30 -5.88
N PRO A 68 -20.68 3.87 -7.04
CA PRO A 68 -19.55 4.28 -7.91
C PRO A 68 -18.37 4.82 -7.12
N LEU A 69 -18.64 5.23 -5.88
CA LEU A 69 -17.59 5.77 -5.02
C LEU A 69 -16.32 4.92 -5.14
N ARG A 70 -16.51 3.63 -5.38
CA ARG A 70 -15.37 2.71 -5.52
C ARG A 70 -14.22 3.38 -6.25
N TYR A 71 -14.47 3.97 -7.42
CA TYR A 71 -13.40 4.65 -8.14
C TYR A 71 -12.75 5.69 -7.24
N VAL A 72 -13.55 6.34 -6.39
CA VAL A 72 -13.01 7.37 -5.50
C VAL A 72 -11.98 6.78 -4.54
N ALA A 73 -12.37 5.80 -3.75
CA ALA A 73 -11.42 5.18 -2.82
C ALA A 73 -10.24 4.63 -3.58
N MET A 74 -10.52 4.03 -4.74
CA MET A 74 -9.48 3.45 -5.57
C MET A 74 -8.45 4.51 -5.97
N VAL A 75 -8.76 5.77 -5.67
CA VAL A 75 -7.85 6.86 -6.00
C VAL A 75 -6.51 6.67 -5.30
N ILE A 76 -6.58 6.30 -4.03
CA ILE A 76 -5.38 6.10 -3.22
C ILE A 76 -4.89 4.66 -3.36
N TRP A 77 -5.81 3.73 -3.60
CA TRP A 77 -5.41 2.33 -3.75
C TRP A 77 -4.55 2.17 -5.00
N LEU A 78 -5.05 2.66 -6.13
CA LEU A 78 -4.32 2.59 -7.39
C LEU A 78 -3.04 3.40 -7.32
N TYR A 79 -3.16 4.64 -6.85
CA TYR A 79 -1.98 5.52 -6.75
C TYR A 79 -0.80 4.75 -6.16
N SER A 80 -1.08 3.95 -5.14
CA SER A 80 -0.03 3.15 -4.50
C SER A 80 0.23 1.87 -5.28
N ALA A 81 -0.74 1.44 -6.06
CA ALA A 81 -0.59 0.21 -6.84
C ALA A 81 0.59 0.32 -7.81
N PHE A 82 0.50 1.28 -8.72
CA PHE A 82 1.55 1.49 -9.71
C PHE A 82 2.76 2.17 -9.10
N ARG A 83 2.54 3.24 -8.34
CA ARG A 83 3.65 3.97 -7.74
C ARG A 83 4.31 3.20 -6.60
N GLY A 84 3.50 2.55 -5.77
CA GLY A 84 4.05 1.77 -4.65
C GLY A 84 4.96 0.66 -5.17
N VAL A 85 4.49 -0.10 -6.16
CA VAL A 85 5.29 -1.19 -6.70
C VAL A 85 6.47 -0.65 -7.52
N GLN A 86 6.18 0.33 -8.38
CA GLN A 86 7.24 0.90 -9.20
C GLN A 86 8.40 1.35 -8.34
N LEU A 87 8.11 1.67 -7.09
CA LEU A 87 9.14 2.10 -6.14
C LEU A 87 9.85 0.89 -5.53
N THR A 88 9.06 -0.11 -5.14
CA THR A 88 9.62 -1.32 -4.55
C THR A 88 10.77 -1.86 -5.40
N TYR A 89 10.74 -1.55 -6.69
CA TYR A 89 11.77 -2.01 -7.60
C TYR A 89 13.07 -1.23 -7.40
N GLU A 90 12.94 0.09 -7.30
CA GLU A 90 14.12 0.94 -7.11
C GLU A 90 14.89 0.53 -5.86
N HIS A 91 14.17 0.31 -4.77
CA HIS A 91 14.80 -0.07 -3.51
C HIS A 91 15.53 -1.41 -3.67
N THR A 92 14.91 -2.34 -4.39
CA THR A 92 15.51 -3.65 -4.61
C THR A 92 16.70 -3.55 -5.56
N MET A 93 16.53 -2.75 -6.61
CA MET A 93 17.60 -2.57 -7.60
C MET A 93 18.92 -2.30 -6.90
N LEU A 94 18.90 -1.38 -5.94
CA LEU A 94 20.10 -1.04 -5.19
C LEU A 94 20.59 -2.24 -4.40
N GLN A 95 19.68 -2.91 -3.70
CA GLN A 95 20.03 -4.08 -2.90
C GLN A 95 20.80 -5.08 -3.76
N LEU A 96 20.38 -5.24 -5.01
CA LEU A 96 21.03 -6.17 -5.92
C LEU A 96 22.07 -5.44 -6.77
N TYR A 97 22.03 -4.12 -6.75
CA TYR A 97 22.98 -3.31 -7.52
C TYR A 97 23.62 -2.25 -6.64
N PRO A 98 24.58 -2.63 -5.84
CA PRO A 98 25.29 -1.69 -4.92
C PRO A 98 25.88 -0.49 -5.67
N SER A 99 27.07 -0.07 -5.26
CA SER A 99 27.73 1.07 -5.88
C SER A 99 26.90 2.34 -5.68
N PRO A 100 27.54 3.46 -5.50
CA PRO A 100 26.84 4.77 -5.28
C PRO A 100 26.20 5.30 -6.57
N PHE A 101 25.60 6.47 -6.49
CA PHE A 101 24.96 7.09 -7.64
C PHE A 101 24.48 8.50 -7.31
N ALA A 102 24.08 8.69 -6.04
CA ALA A 102 23.61 9.99 -5.60
C ALA A 102 24.77 10.92 -5.30
N THR A 103 24.69 12.15 -5.79
CA THR A 103 25.74 13.14 -5.58
C THR A 103 25.53 13.85 -4.25
N SER A 104 25.23 13.08 -3.21
CA SER A 104 25.01 13.66 -1.88
C SER A 104 24.10 14.88 -1.98
N ASP A 105 22.82 14.68 -1.71
CA ASP A 105 21.85 15.78 -1.76
C ASP A 105 20.58 15.41 -1.00
N PHE A 106 19.93 14.33 -1.42
CA PHE A 106 18.71 13.89 -0.76
C PHE A 106 19.00 13.54 0.70
N MET A 107 18.96 14.54 1.56
CA MET A 107 19.22 14.34 2.98
C MET A 107 18.51 15.40 3.82
N VAL A 108 17.46 14.98 4.52
CA VAL A 108 16.69 15.90 5.36
C VAL A 108 16.03 16.99 4.52
N ARG A 109 16.39 17.04 3.24
CA ARG A 109 15.82 18.04 2.34
C ARG A 109 14.52 17.54 1.72
N PHE A 110 13.40 18.11 2.16
CA PHE A 110 12.09 17.71 1.64
C PHE A 110 11.34 18.93 1.13
N PRO A 111 10.54 18.78 0.10
CA PRO A 111 9.75 19.90 -0.48
C PRO A 111 9.22 20.84 0.60
N GLU A 112 9.29 22.14 0.34
CA GLU A 112 8.82 23.14 1.28
C GLU A 112 7.38 23.54 0.98
N TRP A 113 6.77 22.85 0.01
CA TRP A 113 5.39 23.15 -0.38
C TRP A 113 4.43 22.07 0.15
N LEU A 114 5.00 21.03 0.74
CA LEU A 114 4.20 19.94 1.29
C LEU A 114 4.45 19.80 2.79
N PRO A 115 3.78 20.59 3.59
CA PRO A 115 3.94 20.55 5.07
C PRO A 115 3.72 19.16 5.65
N LEU A 116 3.52 18.18 4.77
CA LEU A 116 3.29 16.82 5.19
C LEU A 116 4.55 16.25 5.84
N ASP A 117 5.71 16.75 5.40
CA ASP A 117 6.99 16.31 5.93
C ASP A 117 7.49 17.27 7.00
N LYS A 118 7.35 18.57 6.73
CA LYS A 118 7.81 19.58 7.68
C LYS A 118 6.88 19.66 8.89
N TRP A 119 5.57 19.67 8.63
CA TRP A 119 4.59 19.74 9.71
C TRP A 119 4.52 18.42 10.45
N VAL A 120 5.07 17.37 9.83
CA VAL A 120 5.06 16.04 10.45
C VAL A 120 6.39 15.32 10.21
N PRO A 121 7.44 15.75 10.87
CA PRO A 121 8.78 15.14 10.73
C PRO A 121 8.92 13.87 11.57
N GLN A 122 8.02 13.70 12.53
CA GLN A 122 8.05 12.54 13.42
C GLN A 122 7.98 11.24 12.61
N VAL A 123 7.52 11.34 11.36
CA VAL A 123 7.41 10.17 10.50
C VAL A 123 7.79 10.52 9.07
N PHE A 124 8.82 11.36 8.92
CA PHE A 124 9.26 11.78 7.60
C PHE A 124 10.79 11.95 7.60
N VAL A 125 11.31 12.55 8.67
CA VAL A 125 12.75 12.75 8.78
C VAL A 125 13.48 11.43 8.74
N ALA A 126 14.47 11.32 7.86
CA ALA A 126 15.24 10.09 7.73
C ALA A 126 16.49 10.12 8.61
N SER A 127 16.99 8.94 8.96
CA SER A 127 18.17 8.84 9.81
C SER A 127 18.70 7.40 9.82
N GLY A 128 19.73 7.16 9.02
CA GLY A 128 20.31 5.82 8.94
C GLY A 128 20.68 5.47 7.50
N ASP A 129 21.08 4.22 7.27
CA ASP A 129 21.45 3.77 5.94
C ASP A 129 20.24 3.18 5.23
N CYS A 130 20.23 3.30 3.90
CA CYS A 130 19.12 2.78 3.11
C CYS A 130 19.47 1.45 2.46
N ALA A 131 18.58 0.48 2.59
CA ALA A 131 18.78 -0.86 2.02
C ALA A 131 19.46 -1.77 3.02
N GLU A 132 19.83 -1.22 4.18
CA GLU A 132 20.49 -2.02 5.21
C GLU A 132 19.51 -3.03 5.81
N ARG A 133 20.04 -4.17 6.26
CA ARG A 133 19.20 -5.20 6.85
C ARG A 133 18.99 -4.94 8.33
N GLN A 134 17.76 -4.63 8.72
CA GLN A 134 17.43 -4.35 10.11
C GLN A 134 16.65 -5.51 10.71
N TRP A 135 16.11 -6.37 9.86
CA TRP A 135 15.34 -7.51 10.34
C TRP A 135 14.96 -8.43 9.17
N ASP A 136 15.42 -9.68 9.22
CA ASP A 136 15.14 -10.64 8.15
C ASP A 136 14.16 -11.71 8.60
N PHE A 137 13.41 -12.24 7.61
CA PHE A 137 12.45 -13.29 7.86
C PHE A 137 12.26 -14.10 6.58
N LEU A 138 12.56 -15.39 6.65
CA LEU A 138 12.47 -16.26 5.47
C LEU A 138 13.72 -16.05 4.63
N GLY A 139 14.74 -15.44 5.25
CA GLY A 139 15.99 -15.17 4.55
C GLY A 139 15.85 -13.92 3.68
N LEU A 140 14.70 -13.25 3.84
CA LEU A 140 14.43 -12.03 3.08
C LEU A 140 14.21 -10.87 4.04
N GLU A 141 14.53 -9.65 3.60
CA GLU A 141 14.38 -8.48 4.43
C GLU A 141 12.91 -8.03 4.49
N MET A 142 12.59 -7.24 5.50
CA MET A 142 11.23 -6.75 5.68
C MET A 142 10.63 -6.28 4.35
N PRO A 143 11.23 -5.32 3.69
CA PRO A 143 10.72 -4.80 2.39
C PRO A 143 10.40 -5.92 1.41
N GLN A 144 10.98 -7.09 1.63
CA GLN A 144 10.74 -8.23 0.75
C GLN A 144 9.36 -8.84 1.01
N TRP A 145 9.10 -9.26 2.24
CA TRP A 145 7.79 -9.84 2.52
C TRP A 145 6.70 -8.79 2.34
N LEU A 146 6.86 -7.65 3.02
CA LEU A 146 5.90 -6.58 2.91
C LEU A 146 5.49 -6.39 1.45
N LEU A 147 6.48 -6.38 0.55
CA LEU A 147 6.19 -6.24 -0.87
C LEU A 147 5.17 -7.31 -1.26
N GLY A 148 5.33 -8.48 -0.65
CA GLY A 148 4.42 -9.59 -0.90
C GLY A 148 2.99 -9.18 -0.62
N ILE A 149 2.80 -8.43 0.47
CA ILE A 149 1.47 -7.97 0.84
C ILE A 149 1.03 -6.80 -0.04
N PHE A 150 1.99 -5.96 -0.41
CA PHE A 150 1.69 -4.82 -1.27
C PHE A 150 0.96 -5.27 -2.53
N ILE A 151 1.50 -6.29 -3.18
CA ILE A 151 0.88 -6.81 -4.40
C ILE A 151 -0.48 -7.43 -4.07
N ALA A 152 -0.56 -8.13 -2.95
CA ALA A 152 -1.81 -8.75 -2.54
C ALA A 152 -2.93 -7.70 -2.55
N TYR A 153 -2.67 -6.56 -1.92
CA TYR A 153 -3.65 -5.48 -1.86
C TYR A 153 -4.00 -5.00 -3.28
N LEU A 154 -2.97 -4.79 -4.08
CA LEU A 154 -3.15 -4.34 -5.46
C LEU A 154 -4.10 -5.27 -6.20
N ILE A 155 -4.08 -6.54 -5.82
CA ILE A 155 -4.92 -7.54 -6.46
C ILE A 155 -6.34 -7.50 -5.90
N VAL A 156 -6.47 -7.04 -4.66
CA VAL A 156 -7.78 -6.97 -4.01
C VAL A 156 -8.62 -5.83 -4.57
N ALA A 157 -7.95 -4.75 -4.97
CA ALA A 157 -8.67 -3.58 -5.50
C ALA A 157 -9.04 -3.78 -6.96
N VAL A 158 -8.06 -4.15 -7.78
CA VAL A 158 -8.31 -4.35 -9.21
C VAL A 158 -9.42 -5.37 -9.44
N LEU A 159 -9.41 -6.44 -8.65
CA LEU A 159 -10.42 -7.48 -8.81
C LEU A 159 -11.77 -7.07 -8.21
N VAL A 160 -11.72 -6.31 -7.11
CA VAL A 160 -12.95 -5.87 -6.47
C VAL A 160 -13.58 -4.71 -7.23
N VAL A 161 -12.78 -4.00 -8.01
CA VAL A 161 -13.28 -2.87 -8.78
C VAL A 161 -14.05 -3.37 -10.02
N ILE A 162 -13.45 -4.32 -10.73
CA ILE A 162 -14.08 -4.87 -11.92
C ILE A 162 -15.21 -5.81 -11.54
N SER A 163 -15.18 -6.29 -10.30
CA SER A 163 -16.22 -7.20 -9.81
C SER A 163 -17.57 -6.50 -9.83
N GLN A 164 -17.57 -5.18 -9.72
CA GLN A 164 -18.80 -4.41 -9.73
C GLN A 164 -18.51 -2.92 -9.81
N PRO A 165 -18.23 -2.43 -10.99
CA PRO A 165 -17.94 -0.98 -11.20
C PRO A 165 -19.21 -0.15 -11.30
N PHE A 166 -20.34 -0.79 -11.03
CA PHE A 166 -21.63 -0.11 -11.08
C PHE A 166 -22.68 -0.89 -10.31
N LYS A 167 -23.74 -0.19 -9.88
CA LYS A 167 -24.81 -0.83 -9.12
C LYS A 167 -26.17 -0.39 -9.66
N ALA A 168 -27.20 -1.17 -9.39
CA ALA A 168 -28.54 -0.85 -9.86
C ALA A 168 -29.59 -1.42 -8.91
N LYS A 169 -30.31 -0.54 -8.24
CA LYS A 169 -31.34 -0.96 -7.30
C LYS A 169 -32.30 -1.95 -7.98
N LYS A 170 -32.95 -2.79 -7.18
CA LYS A 170 -33.89 -3.76 -7.73
C LYS A 170 -35.17 -3.82 -6.88
N ARG A 171 -35.28 -2.88 -5.94
CA ARG A 171 -36.46 -2.83 -5.08
C ARG A 171 -36.64 -1.43 -4.49
N ASP A 172 -37.89 -0.98 -4.42
CA ASP A 172 -38.19 0.34 -3.88
C ASP A 172 -38.99 0.23 -2.60
N LEU A 173 -39.56 -0.95 -2.35
CA LEU A 173 -40.35 -1.16 -1.14
C LEU A 173 -41.42 -0.08 -1.00
N PHE A 174 -41.13 0.93 -0.21
CA PHE A 174 -42.07 2.03 0.01
C PHE A 174 -42.15 2.91 -1.24
N GLY A 175 -43.38 3.18 -1.68
CA GLY A 175 -43.58 4.01 -2.86
C GLY A 175 -43.59 5.49 -2.49
N ARG A 176 -44.54 5.88 -1.64
CA ARG A 176 -44.65 7.27 -1.20
C ARG A 176 -45.03 7.33 0.27
N GLY A 177 -46.32 7.40 0.55
CA GLY A 177 -46.79 7.46 1.93
C GLY A 177 -47.18 8.89 2.30
N HIS A 178 -46.24 9.82 2.15
CA HIS A 178 -46.50 11.21 2.48
C HIS A 178 -47.24 11.91 1.33
N HIS A 179 -47.49 13.20 1.49
CA HIS A 179 -48.19 13.96 0.46
C HIS A 179 -48.29 15.44 0.86
N HIS A 180 -48.85 16.25 -0.03
CA HIS A 180 -48.99 17.67 0.24
C HIS A 180 -49.64 17.90 1.60
N HIS A 181 -49.91 19.16 1.92
CA HIS A 181 -50.54 19.51 3.19
C HIS A 181 -51.65 20.53 2.97
N HIS A 182 -52.73 20.38 3.74
CA HIS A 182 -53.87 21.29 3.64
C HIS A 182 -53.83 22.32 4.75
N HIS A 183 -55.01 22.69 5.26
CA HIS A 183 -55.10 23.68 6.34
C HIS A 183 -54.80 23.02 7.67
N MET A 1 -18.23 -19.50 -5.64
CA MET A 1 -16.95 -19.18 -4.94
C MET A 1 -16.60 -17.72 -5.17
N LEU A 2 -16.33 -17.36 -6.43
CA LEU A 2 -15.99 -15.99 -6.75
C LEU A 2 -17.14 -15.06 -6.39
N ARG A 3 -18.37 -15.53 -6.59
CA ARG A 3 -19.54 -14.74 -6.28
C ARG A 3 -19.51 -14.28 -4.82
N PHE A 4 -19.09 -15.19 -3.94
CA PHE A 4 -19.00 -14.87 -2.52
C PHE A 4 -18.00 -13.75 -2.28
N LEU A 5 -16.84 -13.84 -2.94
CA LEU A 5 -15.81 -12.83 -2.79
C LEU A 5 -16.41 -11.43 -2.98
N ASN A 6 -17.30 -11.31 -3.96
CA ASN A 6 -17.94 -10.03 -4.23
C ASN A 6 -18.85 -9.64 -3.09
N GLN A 7 -19.39 -10.63 -2.40
CA GLN A 7 -20.28 -10.38 -1.28
C GLN A 7 -19.49 -9.98 -0.04
N ALA A 8 -18.46 -10.76 0.28
CA ALA A 8 -17.62 -10.48 1.44
C ALA A 8 -16.92 -9.14 1.27
N SER A 9 -16.63 -8.78 0.03
CA SER A 9 -15.95 -7.52 -0.26
C SER A 9 -16.92 -6.34 -0.14
N GLN A 10 -18.13 -6.54 -0.67
CA GLN A 10 -19.14 -5.49 -0.61
C GLN A 10 -19.60 -5.26 0.83
N GLY A 11 -18.93 -5.94 1.77
CA GLY A 11 -19.24 -5.79 3.17
C GLY A 11 -18.23 -4.85 3.83
N ARG A 12 -18.71 -4.00 4.74
CA ARG A 12 -17.85 -3.06 5.42
C ARG A 12 -16.90 -3.78 6.38
N GLY A 13 -17.45 -4.65 7.21
CA GLY A 13 -16.64 -5.40 8.17
C GLY A 13 -15.37 -5.91 7.52
N ALA A 14 -15.53 -6.49 6.33
CA ALA A 14 -14.39 -7.01 5.59
C ALA A 14 -13.39 -5.89 5.30
N TRP A 15 -13.90 -4.77 4.82
CA TRP A 15 -13.03 -3.63 4.51
C TRP A 15 -12.29 -3.19 5.76
N LEU A 16 -12.99 -3.21 6.89
CA LEU A 16 -12.39 -2.81 8.16
C LEU A 16 -11.31 -3.82 8.56
N LEU A 17 -11.50 -5.07 8.14
CA LEU A 17 -10.55 -6.13 8.46
C LEU A 17 -9.25 -5.91 7.68
N MET A 18 -9.35 -5.28 6.52
CA MET A 18 -8.17 -5.01 5.70
C MET A 18 -7.36 -3.87 6.30
N ALA A 19 -8.06 -2.91 6.90
CA ALA A 19 -7.39 -1.76 7.52
C ALA A 19 -6.54 -2.21 8.70
N PHE A 20 -7.16 -2.92 9.63
CA PHE A 20 -6.44 -3.40 10.81
C PHE A 20 -5.25 -4.25 10.41
N THR A 21 -5.49 -5.24 9.53
CA THR A 21 -4.42 -6.11 9.08
C THR A 21 -3.16 -5.32 8.78
N ALA A 22 -3.26 -4.38 7.84
CA ALA A 22 -2.12 -3.55 7.47
C ALA A 22 -1.56 -2.85 8.69
N LEU A 23 -2.40 -2.62 9.68
CA LEU A 23 -1.99 -1.94 10.91
C LEU A 23 -1.23 -2.91 11.81
N ALA A 24 -1.72 -4.15 11.90
CA ALA A 24 -1.09 -5.15 12.74
C ALA A 24 0.39 -5.29 12.40
N LEU A 25 0.71 -5.20 11.12
CA LEU A 25 2.09 -5.31 10.67
C LEU A 25 2.89 -4.09 11.09
N GLU A 26 2.24 -2.93 11.07
CA GLU A 26 2.91 -1.69 11.44
C GLU A 26 3.23 -1.69 12.94
N LEU A 27 2.25 -2.01 13.77
CA LEU A 27 2.44 -2.04 15.21
C LEU A 27 3.51 -3.05 15.58
N THR A 28 3.29 -4.31 15.20
CA THR A 28 4.23 -5.37 15.52
C THR A 28 5.66 -4.93 15.19
N ALA A 29 5.81 -4.19 14.10
CA ALA A 29 7.13 -3.71 13.70
C ALA A 29 7.54 -2.49 14.52
N LEU A 30 6.59 -1.62 14.80
CA LEU A 30 6.87 -0.41 15.57
C LEU A 30 7.49 -0.76 16.92
N TRP A 31 7.36 -2.03 17.32
CA TRP A 31 7.91 -2.49 18.59
C TRP A 31 9.30 -3.11 18.40
N PHE A 32 9.46 -3.82 17.29
CA PHE A 32 10.73 -4.48 17.01
C PHE A 32 11.89 -3.47 17.06
N GLN A 33 11.70 -2.32 16.42
CA GLN A 33 12.73 -1.30 16.40
C GLN A 33 12.90 -0.68 17.80
N HIS A 34 11.79 -0.46 18.48
CA HIS A 34 11.82 0.12 19.81
C HIS A 34 12.62 -0.77 20.76
N VAL A 35 12.77 -2.04 20.39
CA VAL A 35 13.50 -2.99 21.21
C VAL A 35 14.86 -3.31 20.59
N MET A 36 14.91 -3.35 19.26
CA MET A 36 16.16 -3.64 18.55
C MET A 36 16.95 -2.36 18.32
N LEU A 37 16.45 -1.25 18.84
CA LEU A 37 17.13 0.04 18.68
C LEU A 37 17.47 0.28 17.22
N LEU A 38 16.49 0.12 16.34
CA LEU A 38 16.69 0.32 14.91
C LEU A 38 16.12 1.66 14.47
N LYS A 39 16.65 2.21 13.38
CA LYS A 39 16.17 3.50 12.87
C LYS A 39 15.84 3.38 11.38
N PRO A 40 14.78 4.02 10.93
CA PRO A 40 14.37 3.98 9.50
C PRO A 40 15.29 4.82 8.61
N CYS A 41 15.01 4.80 7.31
CA CYS A 41 15.82 5.57 6.36
C CYS A 41 14.92 6.36 5.41
N VAL A 42 15.51 6.87 4.34
CA VAL A 42 14.75 7.65 3.36
C VAL A 42 13.71 6.78 2.67
N LEU A 43 14.15 5.65 2.13
CA LEU A 43 13.27 4.74 1.42
C LEU A 43 12.22 4.13 2.35
N SER A 44 12.68 3.59 3.48
CA SER A 44 11.77 2.98 4.44
C SER A 44 10.60 3.91 4.72
N ILE A 45 10.90 5.18 4.93
CA ILE A 45 9.85 6.17 5.20
C ILE A 45 8.99 6.36 3.97
N TYR A 46 9.61 6.34 2.80
CA TYR A 46 8.88 6.51 1.55
C TYR A 46 7.88 5.38 1.38
N GLU A 47 8.35 4.15 1.59
CA GLU A 47 7.49 2.99 1.45
C GLU A 47 6.34 3.06 2.46
N ARG A 48 6.64 3.55 3.66
CA ARG A 48 5.64 3.66 4.70
C ARG A 48 4.49 4.56 4.21
N ALA A 49 4.85 5.63 3.52
CA ALA A 49 3.85 6.56 3.00
C ALA A 49 2.93 5.85 2.01
N ALA A 50 3.50 4.93 1.23
CA ALA A 50 2.72 4.19 0.25
C ALA A 50 1.58 3.45 0.94
N LEU A 51 1.90 2.82 2.06
CA LEU A 51 0.90 2.07 2.81
C LEU A 51 0.04 3.03 3.64
N PHE A 52 0.68 3.88 4.43
CA PHE A 52 -0.07 4.84 5.24
C PHE A 52 -1.16 5.49 4.38
N GLY A 53 -0.80 5.78 3.13
CA GLY A 53 -1.75 6.39 2.20
C GLY A 53 -2.88 5.42 1.87
N VAL A 54 -2.53 4.17 1.63
CA VAL A 54 -3.53 3.16 1.32
C VAL A 54 -4.46 2.98 2.51
N LEU A 55 -3.87 2.85 3.70
CA LEU A 55 -4.65 2.70 4.92
C LEU A 55 -5.81 3.69 4.91
N GLY A 56 -5.51 4.93 4.56
CA GLY A 56 -6.53 5.97 4.50
C GLY A 56 -7.56 5.64 3.43
N ALA A 57 -7.10 4.94 2.39
CA ALA A 57 -7.97 4.56 1.29
C ALA A 57 -9.04 3.57 1.77
N ALA A 58 -8.64 2.64 2.63
CA ALA A 58 -9.56 1.64 3.15
C ALA A 58 -10.52 2.27 4.16
N LEU A 59 -10.08 3.36 4.78
CA LEU A 59 -10.90 4.05 5.77
C LEU A 59 -11.95 4.92 5.07
N ILE A 60 -11.55 5.54 3.97
CA ILE A 60 -12.45 6.40 3.22
C ILE A 60 -13.38 5.57 2.34
N GLY A 61 -12.86 4.47 1.82
CA GLY A 61 -13.65 3.60 0.96
C GLY A 61 -14.62 2.76 1.78
N ALA A 62 -14.30 2.57 3.05
CA ALA A 62 -15.15 1.78 3.95
C ALA A 62 -16.40 2.57 4.34
N ILE A 63 -16.58 3.74 3.72
CA ILE A 63 -17.74 4.57 4.01
C ILE A 63 -18.97 4.05 3.26
N ALA A 64 -18.74 3.48 2.07
CA ALA A 64 -19.84 2.95 1.27
C ALA A 64 -19.32 2.43 -0.07
N PRO A 65 -18.73 1.26 -0.07
CA PRO A 65 -18.18 0.64 -1.31
C PRO A 65 -19.28 -0.01 -2.15
N LYS A 66 -20.50 0.51 -2.02
CA LYS A 66 -21.64 -0.02 -2.77
C LYS A 66 -22.03 0.95 -3.88
N THR A 67 -21.44 2.15 -3.84
CA THR A 67 -21.72 3.17 -4.85
C THR A 67 -20.45 3.43 -5.67
N PRO A 68 -20.52 4.27 -6.66
CA PRO A 68 -19.35 4.59 -7.52
C PRO A 68 -18.11 4.92 -6.69
N LEU A 69 -18.29 4.97 -5.37
CA LEU A 69 -17.19 5.26 -4.46
C LEU A 69 -15.96 4.46 -4.85
N ARG A 70 -16.17 3.21 -5.28
CA ARG A 70 -15.06 2.36 -5.68
C ARG A 70 -14.02 3.16 -6.47
N TYR A 71 -14.34 3.56 -7.69
CA TYR A 71 -13.38 4.32 -8.50
C TYR A 71 -12.82 5.52 -7.72
N VAL A 72 -13.63 6.08 -6.83
CA VAL A 72 -13.20 7.24 -6.05
C VAL A 72 -12.13 6.87 -5.02
N ALA A 73 -12.36 5.82 -4.26
CA ALA A 73 -11.38 5.39 -3.26
C ALA A 73 -10.21 4.67 -3.94
N MET A 74 -10.52 3.94 -5.00
CA MET A 74 -9.51 3.20 -5.73
C MET A 74 -8.45 4.15 -6.29
N VAL A 75 -8.77 5.43 -6.34
CA VAL A 75 -7.83 6.43 -6.85
C VAL A 75 -6.51 6.33 -6.10
N ILE A 76 -6.61 6.12 -4.80
CA ILE A 76 -5.43 6.00 -3.96
C ILE A 76 -4.92 4.57 -3.94
N TRP A 77 -5.84 3.61 -4.05
CA TRP A 77 -5.46 2.21 -4.06
C TRP A 77 -4.57 1.90 -5.26
N LEU A 78 -5.07 2.22 -6.45
CA LEU A 78 -4.33 1.99 -7.68
C LEU A 78 -3.04 2.82 -7.71
N TYR A 79 -3.17 4.11 -7.41
CA TYR A 79 -2.00 4.99 -7.41
C TYR A 79 -0.84 4.32 -6.68
N SER A 80 -1.13 3.75 -5.52
CA SER A 80 -0.10 3.09 -4.73
C SER A 80 0.23 1.72 -5.33
N ALA A 81 -0.72 1.14 -6.05
CA ALA A 81 -0.52 -0.16 -6.66
C ALA A 81 0.65 -0.13 -7.64
N PHE A 82 0.54 0.72 -8.65
CA PHE A 82 1.60 0.82 -9.65
C PHE A 82 2.83 1.55 -9.10
N ARG A 83 2.63 2.74 -8.56
CA ARG A 83 3.74 3.53 -8.02
C ARG A 83 4.37 2.87 -6.80
N GLY A 84 3.55 2.39 -5.88
CA GLY A 84 4.09 1.73 -4.68
C GLY A 84 4.95 0.55 -5.07
N VAL A 85 4.45 -0.28 -5.98
CA VAL A 85 5.19 -1.45 -6.44
C VAL A 85 6.40 -1.02 -7.27
N GLN A 86 6.17 -0.19 -8.27
CA GLN A 86 7.25 0.28 -9.12
C GLN A 86 8.39 0.84 -8.28
N LEU A 87 8.05 1.29 -7.07
CA LEU A 87 9.05 1.84 -6.16
C LEU A 87 9.76 0.73 -5.40
N THR A 88 9.00 -0.26 -4.95
CA THR A 88 9.57 -1.37 -4.21
C THR A 88 10.71 -2.01 -5.00
N TYR A 89 10.67 -1.84 -6.32
CA TYR A 89 11.71 -2.39 -7.18
C TYR A 89 12.99 -1.58 -7.04
N GLU A 90 12.86 -0.27 -7.12
CA GLU A 90 14.02 0.62 -7.00
C GLU A 90 14.82 0.29 -5.75
N HIS A 91 14.11 -0.16 -4.71
CA HIS A 91 14.76 -0.51 -3.45
C HIS A 91 15.52 -1.82 -3.59
N THR A 92 14.88 -2.82 -4.20
CA THR A 92 15.50 -4.12 -4.38
C THR A 92 16.66 -4.03 -5.38
N MET A 93 16.42 -3.35 -6.49
CA MET A 93 17.45 -3.20 -7.52
C MET A 93 18.75 -2.68 -6.91
N LEU A 94 18.64 -1.62 -6.12
CA LEU A 94 19.82 -1.03 -5.48
C LEU A 94 20.36 -1.98 -4.40
N GLN A 95 19.46 -2.43 -3.53
CA GLN A 95 19.86 -3.35 -2.46
C GLN A 95 20.64 -4.54 -3.00
N LEU A 96 20.10 -5.17 -4.05
CA LEU A 96 20.75 -6.34 -4.64
C LEU A 96 21.74 -5.92 -5.73
N TYR A 97 21.58 -4.69 -6.23
CA TYR A 97 22.47 -4.19 -7.28
C TYR A 97 22.82 -2.72 -7.04
N PRO A 98 23.80 -2.46 -6.21
CA PRO A 98 24.25 -1.08 -5.90
C PRO A 98 25.18 -0.52 -6.97
N SER A 99 24.59 -0.01 -8.04
CA SER A 99 25.37 0.56 -9.14
C SER A 99 26.09 1.83 -8.70
N PRO A 100 25.42 2.70 -7.98
CA PRO A 100 26.01 3.97 -7.50
C PRO A 100 26.82 3.80 -6.22
N PHE A 101 27.08 2.55 -5.86
CA PHE A 101 27.85 2.25 -4.65
C PHE A 101 27.23 2.92 -3.44
N ALA A 102 26.65 2.11 -2.55
CA ALA A 102 26.02 2.64 -1.35
C ALA A 102 24.98 3.70 -1.71
N THR A 103 24.52 4.44 -0.70
CA THR A 103 23.53 5.49 -0.92
C THR A 103 23.83 6.69 -0.04
N SER A 104 24.47 6.44 1.10
CA SER A 104 24.81 7.52 2.03
C SER A 104 23.61 8.42 2.28
N ASP A 105 23.62 9.60 1.66
CA ASP A 105 22.52 10.55 1.83
C ASP A 105 22.41 10.98 3.28
N PHE A 106 21.94 10.08 4.13
CA PHE A 106 21.79 10.36 5.55
C PHE A 106 20.71 11.42 5.76
N MET A 107 21.01 12.66 5.38
CA MET A 107 20.05 13.76 5.54
C MET A 107 19.12 13.83 4.33
N VAL A 108 17.88 14.26 4.57
CA VAL A 108 16.89 14.38 3.50
C VAL A 108 16.31 15.79 3.46
N ARG A 109 16.07 16.29 2.26
CA ARG A 109 15.51 17.63 2.08
C ARG A 109 13.98 17.58 2.15
N PHE A 110 13.43 17.99 3.28
CA PHE A 110 11.99 17.99 3.46
C PHE A 110 11.32 18.94 2.46
N PRO A 111 10.13 18.61 2.00
CA PRO A 111 9.39 19.46 1.02
C PRO A 111 8.92 20.78 1.64
N GLU A 112 8.93 21.84 0.85
CA GLU A 112 8.50 23.15 1.33
C GLU A 112 7.09 23.46 0.86
N TRP A 113 6.46 22.49 0.21
CA TRP A 113 5.10 22.67 -0.30
C TRP A 113 4.17 21.57 0.23
N LEU A 114 4.75 20.62 0.96
CA LEU A 114 3.97 19.52 1.53
C LEU A 114 4.09 19.52 3.06
N PRO A 115 3.34 20.37 3.72
CA PRO A 115 3.37 20.49 5.21
C PRO A 115 3.25 19.14 5.89
N LEU A 116 3.02 18.09 5.12
CA LEU A 116 2.88 16.75 5.69
C LEU A 116 4.14 16.38 6.47
N ASP A 117 5.27 16.95 6.05
CA ASP A 117 6.55 16.69 6.71
C ASP A 117 6.87 17.79 7.70
N LYS A 118 6.56 19.03 7.34
CA LYS A 118 6.83 20.16 8.22
C LYS A 118 5.91 20.13 9.44
N TRP A 119 4.63 19.86 9.20
CA TRP A 119 3.66 19.79 10.29
C TRP A 119 3.79 18.47 11.03
N VAL A 120 4.42 17.48 10.38
CA VAL A 120 4.60 16.17 10.98
C VAL A 120 5.96 15.58 10.61
N PRO A 121 7.02 16.06 11.23
CA PRO A 121 8.40 15.56 10.97
C PRO A 121 8.68 14.27 11.73
N GLN A 122 7.87 14.00 12.74
CA GLN A 122 8.04 12.80 13.55
C GLN A 122 8.13 11.55 12.68
N VAL A 123 7.15 11.40 11.78
CA VAL A 123 7.13 10.25 10.89
C VAL A 123 7.38 10.67 9.43
N PHE A 124 8.49 11.35 9.22
CA PHE A 124 8.85 11.82 7.89
C PHE A 124 10.35 12.06 7.80
N VAL A 125 10.90 12.71 8.83
CA VAL A 125 12.33 13.00 8.88
C VAL A 125 13.14 11.72 8.72
N ALA A 126 14.12 11.74 7.82
CA ALA A 126 14.96 10.57 7.59
C ALA A 126 16.24 10.64 8.41
N SER A 127 16.74 9.49 8.84
CA SER A 127 17.95 9.43 9.64
C SER A 127 18.57 8.03 9.56
N GLY A 128 19.58 7.88 8.71
CA GLY A 128 20.26 6.59 8.55
C GLY A 128 20.48 6.28 7.07
N ASP A 129 20.93 5.05 6.79
CA ASP A 129 21.17 4.63 5.41
C ASP A 129 20.00 3.82 4.89
N CYS A 130 19.89 3.71 3.56
CA CYS A 130 18.81 2.96 2.95
C CYS A 130 19.32 1.66 2.35
N ALA A 131 18.58 0.58 2.60
CA ALA A 131 18.93 -0.75 2.10
C ALA A 131 19.65 -1.56 3.17
N GLU A 132 20.02 -0.90 4.26
CA GLU A 132 20.71 -1.59 5.35
C GLU A 132 19.76 -2.56 6.04
N ARG A 133 20.19 -3.80 6.20
CA ARG A 133 19.37 -4.82 6.84
C ARG A 133 19.15 -4.47 8.31
N GLN A 134 17.89 -4.48 8.73
CA GLN A 134 17.54 -4.16 10.12
C GLN A 134 16.75 -5.30 10.75
N TRP A 135 16.01 -6.02 9.91
CA TRP A 135 15.21 -7.14 10.40
C TRP A 135 14.57 -7.90 9.24
N ASP A 136 14.57 -9.23 9.32
CA ASP A 136 14.02 -10.04 8.24
C ASP A 136 13.28 -11.27 8.75
N PHE A 137 12.43 -11.82 7.90
CA PHE A 137 11.66 -13.02 8.23
C PHE A 137 12.02 -14.13 7.24
N LEU A 138 12.18 -15.34 7.73
CA LEU A 138 12.53 -16.46 6.86
C LEU A 138 13.75 -16.10 6.01
N GLY A 139 14.48 -15.07 6.43
CA GLY A 139 15.67 -14.64 5.70
C GLY A 139 15.33 -13.64 4.61
N LEU A 140 14.20 -12.97 4.75
CA LEU A 140 13.77 -11.97 3.77
C LEU A 140 13.54 -10.62 4.46
N GLU A 141 14.01 -9.55 3.83
CA GLU A 141 13.85 -8.22 4.38
C GLU A 141 12.39 -7.79 4.35
N MET A 142 11.98 -7.01 5.35
CA MET A 142 10.61 -6.54 5.42
C MET A 142 10.17 -5.96 4.08
N PRO A 143 10.92 -5.03 3.54
CA PRO A 143 10.60 -4.39 2.22
C PRO A 143 10.15 -5.41 1.18
N GLN A 144 10.78 -6.58 1.20
CA GLN A 144 10.43 -7.63 0.26
C GLN A 144 9.05 -8.21 0.60
N TRP A 145 8.86 -8.56 1.87
CA TRP A 145 7.60 -9.11 2.31
C TRP A 145 6.46 -8.12 2.05
N LEU A 146 6.60 -6.91 2.59
CA LEU A 146 5.59 -5.88 2.38
C LEU A 146 5.16 -5.86 0.92
N LEU A 147 6.14 -6.04 0.02
CA LEU A 147 5.84 -6.07 -1.41
C LEU A 147 4.84 -7.18 -1.68
N GLY A 148 5.00 -8.28 -0.95
CA GLY A 148 4.11 -9.42 -1.11
C GLY A 148 2.66 -9.03 -0.81
N ILE A 149 2.49 -8.25 0.25
CA ILE A 149 1.16 -7.80 0.64
C ILE A 149 0.62 -6.79 -0.37
N PHE A 150 1.53 -6.09 -1.04
CA PHE A 150 1.14 -5.10 -2.04
C PHE A 150 0.43 -5.79 -3.21
N ILE A 151 0.98 -6.92 -3.64
CA ILE A 151 0.38 -7.66 -4.74
C ILE A 151 -1.04 -8.08 -4.38
N ALA A 152 -1.19 -8.66 -3.19
CA ALA A 152 -2.50 -9.10 -2.74
C ALA A 152 -3.49 -7.93 -2.69
N TYR A 153 -3.08 -6.85 -2.05
CA TYR A 153 -3.95 -5.68 -1.95
C TYR A 153 -4.28 -5.12 -3.32
N LEU A 154 -3.27 -5.04 -4.18
CA LEU A 154 -3.48 -4.52 -5.54
C LEU A 154 -4.46 -5.41 -6.30
N ILE A 155 -4.48 -6.70 -5.95
CA ILE A 155 -5.37 -7.64 -6.60
C ILE A 155 -6.81 -7.44 -6.14
N VAL A 156 -6.97 -7.16 -4.85
CA VAL A 156 -8.30 -6.95 -4.29
C VAL A 156 -9.02 -5.79 -4.98
N ALA A 157 -8.27 -4.74 -5.31
CA ALA A 157 -8.85 -3.58 -5.97
C ALA A 157 -9.19 -3.87 -7.43
N VAL A 158 -8.26 -4.52 -8.12
CA VAL A 158 -8.47 -4.83 -9.54
C VAL A 158 -9.72 -5.67 -9.75
N LEU A 159 -9.98 -6.60 -8.83
CA LEU A 159 -11.16 -7.47 -8.95
C LEU A 159 -12.40 -6.74 -8.45
N VAL A 160 -12.22 -5.77 -7.58
CA VAL A 160 -13.35 -5.02 -7.04
C VAL A 160 -13.86 -3.97 -8.03
N VAL A 161 -12.99 -3.52 -8.93
CA VAL A 161 -13.40 -2.53 -9.92
C VAL A 161 -14.10 -3.20 -11.10
N ILE A 162 -13.50 -4.30 -11.59
CA ILE A 162 -14.09 -5.02 -12.71
C ILE A 162 -15.43 -5.63 -12.32
N SER A 163 -15.58 -5.94 -11.03
CA SER A 163 -16.83 -6.52 -10.55
C SER A 163 -18.01 -5.61 -10.87
N GLN A 164 -17.71 -4.49 -11.51
CA GLN A 164 -18.75 -3.53 -11.89
C GLN A 164 -18.71 -3.25 -13.39
N PRO A 165 -19.04 -4.23 -14.19
CA PRO A 165 -19.04 -4.09 -15.68
C PRO A 165 -20.18 -3.20 -16.17
N PHE A 166 -20.75 -2.41 -15.27
CA PHE A 166 -21.84 -1.52 -15.63
C PHE A 166 -21.30 -0.18 -16.14
N LYS A 167 -21.40 0.85 -15.30
CA LYS A 167 -20.91 2.17 -15.69
C LYS A 167 -21.31 2.50 -17.13
N ALA A 168 -20.32 2.79 -17.95
CA ALA A 168 -20.57 3.13 -19.35
C ALA A 168 -19.26 3.31 -20.10
N LYS A 169 -18.57 4.41 -19.82
CA LYS A 169 -17.30 4.70 -20.48
C LYS A 169 -16.50 5.72 -19.68
N LYS A 170 -15.21 5.44 -19.48
CA LYS A 170 -14.35 6.33 -18.73
C LYS A 170 -13.30 6.96 -19.65
N ARG A 171 -12.65 6.13 -20.46
CA ARG A 171 -11.63 6.62 -21.38
C ARG A 171 -10.47 7.24 -20.60
N ASP A 172 -9.25 6.96 -21.06
CA ASP A 172 -8.06 7.49 -20.41
C ASP A 172 -7.55 8.72 -21.16
N LEU A 173 -6.58 9.42 -20.57
CA LEU A 173 -6.02 10.61 -21.19
C LEU A 173 -5.27 10.24 -22.47
N PHE A 174 -4.62 11.21 -23.07
CA PHE A 174 -3.86 10.98 -24.30
C PHE A 174 -3.08 9.68 -24.21
N GLY A 175 -3.41 8.74 -25.11
CA GLY A 175 -2.74 7.45 -25.13
C GLY A 175 -2.27 7.11 -26.55
N ARG A 176 -3.22 6.98 -27.47
CA ARG A 176 -2.88 6.66 -28.85
C ARG A 176 -1.84 5.56 -28.92
N GLY A 177 -1.19 5.42 -30.07
CA GLY A 177 -0.17 4.40 -30.25
C GLY A 177 0.74 4.74 -31.42
N HIS A 178 1.29 3.72 -32.06
CA HIS A 178 2.17 3.92 -33.21
C HIS A 178 1.43 3.65 -34.51
N HIS A 179 2.13 3.86 -35.63
CA HIS A 179 1.53 3.63 -36.94
C HIS A 179 1.66 2.16 -37.34
N HIS A 180 0.61 1.39 -37.08
CA HIS A 180 0.62 -0.04 -37.41
C HIS A 180 1.71 -0.76 -36.64
N HIS A 181 2.95 -0.53 -37.03
CA HIS A 181 4.09 -1.16 -36.37
C HIS A 181 5.35 -0.32 -36.52
N HIS A 182 6.51 -0.94 -36.35
CA HIS A 182 7.78 -0.24 -36.48
C HIS A 182 8.19 -0.14 -37.94
N HIS A 183 8.94 0.91 -38.27
CA HIS A 183 9.39 1.10 -39.64
C HIS A 183 9.95 -0.19 -40.21
N MET A 1 -16.35 -19.47 -4.30
CA MET A 1 -16.79 -19.09 -5.67
C MET A 1 -16.53 -17.60 -5.89
N LEU A 2 -16.52 -17.19 -7.15
CA LEU A 2 -16.28 -15.79 -7.48
C LEU A 2 -17.46 -14.93 -7.02
N ARG A 3 -18.67 -15.39 -7.32
CA ARG A 3 -19.87 -14.65 -6.93
C ARG A 3 -19.82 -14.28 -5.45
N PHE A 4 -19.23 -15.15 -4.65
CA PHE A 4 -19.13 -14.90 -3.21
C PHE A 4 -18.09 -13.83 -2.93
N LEU A 5 -16.98 -13.87 -3.66
CA LEU A 5 -15.92 -12.88 -3.47
C LEU A 5 -16.49 -11.48 -3.49
N ASN A 6 -17.37 -11.20 -4.45
CA ASN A 6 -17.98 -9.89 -4.57
C ASN A 6 -18.89 -9.63 -3.38
N GLN A 7 -19.36 -10.70 -2.77
CA GLN A 7 -20.25 -10.60 -1.61
C GLN A 7 -19.45 -10.28 -0.36
N ALA A 8 -18.37 -11.02 -0.15
CA ALA A 8 -17.52 -10.81 1.02
C ALA A 8 -16.90 -9.42 0.98
N SER A 9 -16.63 -8.93 -0.23
CA SER A 9 -16.03 -7.62 -0.39
C SER A 9 -17.07 -6.53 -0.17
N GLN A 10 -18.29 -6.78 -0.63
CA GLN A 10 -19.38 -5.83 -0.46
C GLN A 10 -19.82 -5.78 0.99
N GLY A 11 -19.02 -6.39 1.87
CA GLY A 11 -19.32 -6.40 3.30
C GLY A 11 -18.37 -5.46 4.03
N ARG A 12 -18.90 -4.76 5.02
CA ARG A 12 -18.10 -3.82 5.80
C ARG A 12 -17.08 -4.57 6.65
N GLY A 13 -17.54 -5.56 7.40
CA GLY A 13 -16.65 -6.35 8.24
C GLY A 13 -15.36 -6.68 7.51
N ALA A 14 -15.50 -7.10 6.27
CA ALA A 14 -14.35 -7.45 5.44
C ALA A 14 -13.45 -6.24 5.26
N TRP A 15 -14.05 -5.10 4.94
CA TRP A 15 -13.28 -3.88 4.75
C TRP A 15 -12.57 -3.50 6.04
N LEU A 16 -13.20 -3.79 7.17
CA LEU A 16 -12.62 -3.49 8.47
C LEU A 16 -11.44 -4.42 8.73
N LEU A 17 -11.51 -5.63 8.19
CA LEU A 17 -10.44 -6.61 8.38
C LEU A 17 -9.20 -6.20 7.59
N MET A 18 -9.40 -5.48 6.49
CA MET A 18 -8.27 -5.04 5.68
C MET A 18 -7.55 -3.87 6.37
N ALA A 19 -8.32 -3.04 7.05
CA ALA A 19 -7.76 -1.89 7.75
C ALA A 19 -6.89 -2.34 8.92
N PHE A 20 -7.48 -3.14 9.81
CA PHE A 20 -6.76 -3.64 10.98
C PHE A 20 -5.47 -4.33 10.55
N THR A 21 -5.58 -5.27 9.62
CA THR A 21 -4.42 -6.01 9.14
C THR A 21 -3.25 -5.04 8.91
N ALA A 22 -3.48 -4.03 8.08
CA ALA A 22 -2.44 -3.05 7.79
C ALA A 22 -1.88 -2.44 9.07
N LEU A 23 -2.73 -2.36 10.10
CA LEU A 23 -2.33 -1.80 11.38
C LEU A 23 -1.48 -2.80 12.17
N ALA A 24 -1.88 -4.06 12.11
CA ALA A 24 -1.16 -5.12 12.81
C ALA A 24 0.33 -5.04 12.52
N LEU A 25 0.67 -4.86 11.25
CA LEU A 25 2.06 -4.77 10.83
C LEU A 25 2.67 -3.45 11.29
N GLU A 26 1.85 -2.41 11.35
CA GLU A 26 2.32 -1.10 11.79
C GLU A 26 2.65 -1.09 13.27
N LEU A 27 1.74 -1.62 14.08
CA LEU A 27 1.96 -1.67 15.53
C LEU A 27 3.08 -2.65 15.87
N THR A 28 2.91 -3.90 15.46
CA THR A 28 3.92 -4.92 15.73
C THR A 28 5.31 -4.40 15.40
N ALA A 29 5.40 -3.55 14.39
CA ALA A 29 6.68 -2.98 13.98
C ALA A 29 7.02 -1.77 14.85
N LEU A 30 5.98 -1.06 15.30
CA LEU A 30 6.18 0.12 16.14
C LEU A 30 6.84 -0.27 17.46
N TRP A 31 6.82 -1.56 17.77
CA TRP A 31 7.42 -2.05 19.01
C TRP A 31 8.87 -2.44 18.79
N PHE A 32 9.16 -3.03 17.63
CA PHE A 32 10.52 -3.47 17.31
C PHE A 32 11.48 -2.28 17.39
N GLN A 33 11.07 -1.15 16.82
CA GLN A 33 11.91 0.05 16.83
C GLN A 33 11.93 0.67 18.22
N HIS A 34 10.78 0.61 18.90
CA HIS A 34 10.67 1.18 20.24
C HIS A 34 11.71 0.56 21.17
N VAL A 35 11.98 -0.73 20.97
CA VAL A 35 12.95 -1.44 21.80
C VAL A 35 14.28 -1.58 21.07
N MET A 36 14.23 -2.07 19.83
CA MET A 36 15.43 -2.26 19.03
C MET A 36 16.02 -0.90 18.62
N LEU A 37 15.38 0.18 19.04
CA LEU A 37 15.84 1.52 18.70
C LEU A 37 16.29 1.56 17.24
N LEU A 38 15.45 0.99 16.37
CA LEU A 38 15.75 0.97 14.94
C LEU A 38 15.80 2.38 14.37
N LYS A 39 16.63 2.56 13.34
CA LYS A 39 16.77 3.88 12.70
C LYS A 39 16.34 3.80 11.23
N PRO A 40 15.07 3.91 10.97
CA PRO A 40 14.52 3.85 9.58
C PRO A 40 15.30 4.76 8.63
N CYS A 41 15.29 4.42 7.34
CA CYS A 41 16.00 5.22 6.34
C CYS A 41 15.01 6.02 5.49
N VAL A 42 15.52 6.64 4.44
CA VAL A 42 14.67 7.45 3.56
C VAL A 42 13.68 6.56 2.82
N LEU A 43 14.19 5.50 2.20
CA LEU A 43 13.35 4.58 1.45
C LEU A 43 12.26 3.97 2.33
N SER A 44 12.63 3.63 3.56
CA SER A 44 11.67 3.04 4.50
C SER A 44 10.45 3.92 4.64
N ILE A 45 10.67 5.23 4.72
CA ILE A 45 9.57 6.18 4.86
C ILE A 45 8.70 6.15 3.61
N TYR A 46 9.33 6.19 2.45
CA TYR A 46 8.60 6.17 1.19
C TYR A 46 7.67 4.96 1.15
N GLU A 47 8.21 3.80 1.48
CA GLU A 47 7.43 2.57 1.47
C GLU A 47 6.33 2.62 2.54
N ARG A 48 6.63 3.25 3.67
CA ARG A 48 5.66 3.36 4.74
C ARG A 48 4.51 4.29 4.35
N ALA A 49 4.86 5.37 3.65
CA ALA A 49 3.86 6.33 3.21
C ALA A 49 2.94 5.71 2.17
N ALA A 50 3.51 4.93 1.26
CA ALA A 50 2.73 4.28 0.22
C ALA A 50 1.61 3.45 0.83
N LEU A 51 1.95 2.64 1.82
CA LEU A 51 0.96 1.79 2.49
C LEU A 51 0.08 2.65 3.41
N PHE A 52 0.71 3.47 4.24
CA PHE A 52 -0.03 4.33 5.14
C PHE A 52 -1.20 4.97 4.40
N GLY A 53 -0.91 5.44 3.19
CA GLY A 53 -1.93 6.08 2.36
C GLY A 53 -3.02 5.08 1.99
N VAL A 54 -2.61 3.88 1.62
CA VAL A 54 -3.57 2.85 1.25
C VAL A 54 -4.51 2.58 2.42
N LEU A 55 -3.92 2.41 3.60
CA LEU A 55 -4.70 2.18 4.80
C LEU A 55 -5.87 3.15 4.85
N GLY A 56 -5.59 4.42 4.58
CA GLY A 56 -6.62 5.45 4.57
C GLY A 56 -7.65 5.16 3.49
N ALA A 57 -7.19 4.48 2.44
CA ALA A 57 -8.07 4.15 1.32
C ALA A 57 -9.12 3.12 1.77
N ALA A 58 -8.73 2.25 2.69
CA ALA A 58 -9.64 1.23 3.19
C ALA A 58 -10.69 1.87 4.09
N LEU A 59 -10.28 2.84 4.89
CA LEU A 59 -11.22 3.52 5.79
C LEU A 59 -12.29 4.25 4.99
N ILE A 60 -11.90 4.79 3.84
CA ILE A 60 -12.85 5.52 3.00
C ILE A 60 -13.78 4.55 2.27
N GLY A 61 -13.24 3.40 1.85
CA GLY A 61 -14.03 2.41 1.15
C GLY A 61 -15.04 1.74 2.08
N ALA A 62 -14.83 1.91 3.39
CA ALA A 62 -15.73 1.31 4.37
C ALA A 62 -16.97 2.17 4.57
N ILE A 63 -17.06 3.28 3.82
CA ILE A 63 -18.20 4.18 3.93
C ILE A 63 -19.36 3.69 3.08
N ALA A 64 -19.05 3.17 1.90
CA ALA A 64 -20.09 2.68 1.00
C ALA A 64 -19.48 2.20 -0.32
N PRO A 65 -18.90 1.03 -0.32
CA PRO A 65 -18.27 0.45 -1.55
C PRO A 65 -19.30 -0.18 -2.48
N LYS A 66 -20.56 0.23 -2.32
CA LYS A 66 -21.63 -0.30 -3.16
C LYS A 66 -22.09 0.77 -4.16
N THR A 67 -21.56 1.97 -4.00
CA THR A 67 -21.89 3.09 -4.88
C THR A 67 -20.67 3.46 -5.71
N PRO A 68 -20.86 4.22 -6.77
CA PRO A 68 -19.74 4.65 -7.65
C PRO A 68 -18.48 4.99 -6.87
N LEU A 69 -18.63 5.16 -5.55
CA LEU A 69 -17.49 5.49 -4.71
C LEU A 69 -16.29 4.62 -5.05
N ARG A 70 -16.56 3.39 -5.48
CA ARG A 70 -15.48 2.47 -5.85
C ARG A 70 -14.36 3.21 -6.60
N TYR A 71 -14.65 3.75 -7.78
CA TYR A 71 -13.63 4.49 -8.53
C TYR A 71 -13.08 5.62 -7.69
N VAL A 72 -13.83 6.08 -6.69
CA VAL A 72 -13.37 7.19 -5.87
C VAL A 72 -12.30 6.76 -4.87
N ALA A 73 -12.50 5.63 -4.19
CA ALA A 73 -11.52 5.15 -3.22
C ALA A 73 -10.32 4.53 -3.93
N MET A 74 -10.56 3.86 -5.06
CA MET A 74 -9.48 3.25 -5.79
C MET A 74 -8.44 4.31 -6.18
N VAL A 75 -8.83 5.56 -6.04
CA VAL A 75 -7.94 6.67 -6.37
C VAL A 75 -6.60 6.51 -5.67
N ILE A 76 -6.67 6.17 -4.39
CA ILE A 76 -5.48 5.98 -3.57
C ILE A 76 -4.98 4.55 -3.67
N TRP A 77 -5.88 3.61 -3.93
CA TRP A 77 -5.49 2.21 -4.04
C TRP A 77 -4.58 2.02 -5.25
N LEU A 78 -5.05 2.47 -6.42
CA LEU A 78 -4.27 2.35 -7.65
C LEU A 78 -3.04 3.26 -7.61
N TYR A 79 -3.23 4.50 -7.17
CA TYR A 79 -2.11 5.44 -7.10
C TYR A 79 -0.89 4.78 -6.48
N SER A 80 -1.10 4.07 -5.37
CA SER A 80 -0.01 3.39 -4.68
C SER A 80 0.37 2.10 -5.41
N ALA A 81 -0.55 1.55 -6.18
CA ALA A 81 -0.28 0.32 -6.90
C ALA A 81 0.88 0.48 -7.86
N PHE A 82 0.75 1.39 -8.81
CA PHE A 82 1.79 1.63 -9.80
C PHE A 82 2.97 2.38 -9.19
N ARG A 83 2.69 3.50 -8.54
CA ARG A 83 3.76 4.31 -7.95
C ARG A 83 4.44 3.59 -6.79
N GLY A 84 3.66 2.93 -5.93
CA GLY A 84 4.24 2.22 -4.80
C GLY A 84 5.14 1.08 -5.27
N VAL A 85 4.66 0.30 -6.23
CA VAL A 85 5.41 -0.83 -6.74
C VAL A 85 6.55 -0.39 -7.66
N GLN A 86 6.22 0.34 -8.71
CA GLN A 86 7.24 0.80 -9.65
C GLN A 86 8.44 1.41 -8.91
N LEU A 87 8.19 1.93 -7.72
CA LEU A 87 9.26 2.53 -6.93
C LEU A 87 9.97 1.48 -6.08
N THR A 88 9.22 0.50 -5.60
CA THR A 88 9.81 -0.56 -4.78
C THR A 88 10.95 -1.27 -5.51
N TYR A 89 10.68 -1.71 -6.73
CA TYR A 89 11.69 -2.39 -7.53
C TYR A 89 13.02 -1.65 -7.46
N GLU A 90 12.94 -0.33 -7.37
CA GLU A 90 14.14 0.50 -7.29
C GLU A 90 14.83 0.27 -5.95
N HIS A 91 14.03 0.17 -4.90
CA HIS A 91 14.56 -0.05 -3.56
C HIS A 91 15.20 -1.44 -3.46
N THR A 92 14.55 -2.43 -4.07
CA THR A 92 15.07 -3.79 -4.04
C THR A 92 16.29 -3.93 -4.96
N MET A 93 16.14 -3.50 -6.20
CA MET A 93 17.23 -3.59 -7.17
C MET A 93 18.54 -3.15 -6.54
N LEU A 94 18.49 -2.07 -5.76
CA LEU A 94 19.69 -1.55 -5.11
C LEU A 94 20.15 -2.49 -4.01
N GLN A 95 19.19 -3.04 -3.26
CA GLN A 95 19.51 -3.95 -2.17
C GLN A 95 20.11 -5.26 -2.70
N LEU A 96 19.49 -5.81 -3.73
CA LEU A 96 19.96 -7.06 -4.33
C LEU A 96 21.06 -6.78 -5.34
N TYR A 97 21.00 -5.61 -5.96
CA TYR A 97 22.00 -5.22 -6.97
C TYR A 97 22.61 -3.87 -6.62
N PRO A 98 23.71 -3.87 -5.89
CA PRO A 98 24.40 -2.61 -5.49
C PRO A 98 25.28 -2.06 -6.61
N SER A 99 25.51 -0.74 -6.58
CA SER A 99 26.32 -0.09 -7.60
C SER A 99 27.02 1.13 -7.01
N PRO A 100 28.07 0.92 -6.26
CA PRO A 100 28.85 2.03 -5.62
C PRO A 100 29.76 2.73 -6.63
N PHE A 101 29.44 2.60 -7.92
CA PHE A 101 30.24 3.23 -8.97
C PHE A 101 29.62 4.56 -9.38
N ALA A 102 30.29 5.65 -9.03
CA ALA A 102 29.80 6.98 -9.37
C ALA A 102 28.42 7.21 -8.77
N THR A 103 28.18 6.65 -7.59
CA THR A 103 26.90 6.81 -6.92
C THR A 103 26.87 8.11 -6.12
N SER A 104 26.18 8.08 -4.98
CA SER A 104 26.08 9.26 -4.13
C SER A 104 24.94 9.10 -3.13
N ASP A 105 24.75 10.10 -2.28
CA ASP A 105 23.69 10.05 -1.28
C ASP A 105 23.32 11.46 -0.82
N PHE A 106 22.10 11.61 -0.31
CA PHE A 106 21.64 12.91 0.16
C PHE A 106 20.49 12.75 1.14
N MET A 107 20.18 13.82 1.87
CA MET A 107 19.10 13.78 2.85
C MET A 107 17.75 13.86 2.14
N VAL A 108 16.68 13.62 2.89
CA VAL A 108 15.34 13.68 2.32
C VAL A 108 14.91 15.13 2.12
N ARG A 109 14.85 15.54 0.86
CA ARG A 109 14.44 16.91 0.52
C ARG A 109 13.01 16.94 0.02
N PHE A 110 12.07 17.30 0.90
CA PHE A 110 10.67 17.35 0.51
C PHE A 110 10.26 18.80 0.18
N PRO A 111 9.33 18.98 -0.72
CA PRO A 111 8.85 20.33 -1.12
C PRO A 111 8.67 21.26 0.09
N GLU A 112 9.07 22.52 -0.07
CA GLU A 112 8.94 23.49 1.00
C GLU A 112 7.54 24.10 0.99
N TRP A 113 6.65 23.52 0.19
CA TRP A 113 5.28 24.02 0.08
C TRP A 113 4.30 22.96 0.61
N LEU A 114 4.84 21.90 1.19
CA LEU A 114 4.01 20.83 1.74
C LEU A 114 4.29 20.67 3.23
N PRO A 115 3.66 21.47 4.06
CA PRO A 115 3.84 21.42 5.54
C PRO A 115 3.65 20.01 6.11
N LEU A 116 3.47 19.03 5.24
CA LEU A 116 3.28 17.66 5.69
C LEU A 116 4.56 17.15 6.36
N ASP A 117 5.69 17.65 5.89
CA ASP A 117 6.99 17.26 6.44
C ASP A 117 7.45 18.29 7.47
N LYS A 118 7.25 19.57 7.16
CA LYS A 118 7.64 20.64 8.08
C LYS A 118 6.76 20.66 9.32
N TRP A 119 5.45 20.52 9.11
CA TRP A 119 4.51 20.52 10.23
C TRP A 119 4.56 19.17 10.94
N VAL A 120 5.16 18.19 10.30
CA VAL A 120 5.27 16.85 10.89
C VAL A 120 6.59 16.18 10.48
N PRO A 121 7.69 16.68 10.98
CA PRO A 121 9.04 16.14 10.67
C PRO A 121 9.34 14.85 11.44
N GLN A 122 8.48 14.55 12.41
CA GLN A 122 8.66 13.35 13.24
C GLN A 122 8.63 12.10 12.38
N VAL A 123 7.57 11.93 11.60
CA VAL A 123 7.44 10.76 10.74
C VAL A 123 7.85 11.08 9.30
N PHE A 124 9.03 11.67 9.15
CA PHE A 124 9.55 12.02 7.84
C PHE A 124 11.07 12.14 7.89
N VAL A 125 11.59 12.69 8.97
CA VAL A 125 13.03 12.85 9.13
C VAL A 125 13.72 11.50 8.99
N ALA A 126 14.67 11.42 8.06
CA ALA A 126 15.40 10.18 7.83
C ALA A 126 16.68 10.14 8.66
N SER A 127 17.18 8.93 8.91
CA SER A 127 18.40 8.75 9.68
C SER A 127 18.97 7.35 9.46
N GLY A 128 20.30 7.25 9.45
CA GLY A 128 20.95 5.96 9.25
C GLY A 128 21.29 5.75 7.77
N ASP A 129 21.47 4.48 7.38
CA ASP A 129 21.80 4.16 6.00
C ASP A 129 20.56 3.61 5.29
N CYS A 130 20.65 3.48 3.96
CA CYS A 130 19.53 2.97 3.17
C CYS A 130 19.89 1.64 2.52
N ALA A 131 18.96 0.68 2.60
CA ALA A 131 19.16 -0.64 2.01
C ALA A 131 19.84 -1.58 3.01
N GLU A 132 20.15 -1.06 4.19
CA GLU A 132 20.81 -1.87 5.21
C GLU A 132 19.86 -2.96 5.71
N ARG A 133 20.44 -4.06 6.17
CA ARG A 133 19.65 -5.18 6.69
C ARG A 133 19.41 -5.00 8.18
N GLN A 134 18.18 -5.27 8.61
CA GLN A 134 17.82 -5.14 10.02
C GLN A 134 17.13 -6.40 10.53
N TRP A 135 16.43 -7.10 9.63
CA TRP A 135 15.73 -8.32 10.02
C TRP A 135 15.10 -9.00 8.80
N ASP A 136 15.17 -10.32 8.75
CA ASP A 136 14.62 -11.07 7.63
C ASP A 136 13.93 -12.35 8.10
N PHE A 137 13.18 -12.97 7.18
CA PHE A 137 12.47 -14.21 7.49
C PHE A 137 12.48 -15.12 6.25
N LEU A 138 13.05 -16.31 6.40
CA LEU A 138 13.15 -17.25 5.28
C LEU A 138 14.30 -16.81 4.38
N GLY A 139 15.16 -15.95 4.92
CA GLY A 139 16.30 -15.45 4.15
C GLY A 139 15.88 -14.25 3.28
N LEU A 140 14.70 -13.71 3.54
CA LEU A 140 14.21 -12.57 2.77
C LEU A 140 13.97 -11.38 3.70
N GLU A 141 14.41 -10.20 3.26
CA GLU A 141 14.24 -8.99 4.07
C GLU A 141 12.79 -8.54 4.05
N MET A 142 12.38 -7.81 5.09
CA MET A 142 11.01 -7.34 5.18
C MET A 142 10.59 -6.67 3.87
N PRO A 143 11.25 -5.61 3.47
CA PRO A 143 10.93 -4.88 2.22
C PRO A 143 10.44 -5.82 1.12
N GLN A 144 11.06 -6.99 1.02
CA GLN A 144 10.68 -7.97 0.00
C GLN A 144 9.33 -8.59 0.35
N TRP A 145 9.20 -9.05 1.59
CA TRP A 145 7.95 -9.65 2.03
C TRP A 145 6.81 -8.64 1.91
N LEU A 146 6.95 -7.50 2.58
CA LEU A 146 5.93 -6.47 2.52
C LEU A 146 5.44 -6.28 1.09
N LEU A 147 6.36 -6.32 0.13
CA LEU A 147 5.99 -6.19 -1.27
C LEU A 147 5.01 -7.30 -1.64
N GLY A 148 5.22 -8.45 -1.01
CA GLY A 148 4.36 -9.59 -1.25
C GLY A 148 2.91 -9.25 -0.90
N ILE A 149 2.74 -8.59 0.24
CA ILE A 149 1.41 -8.18 0.69
C ILE A 149 0.93 -6.97 -0.10
N PHE A 150 1.86 -6.07 -0.41
CA PHE A 150 1.52 -4.87 -1.17
C PHE A 150 0.77 -5.24 -2.45
N ILE A 151 1.31 -6.23 -3.17
CA ILE A 151 0.70 -6.67 -4.42
C ILE A 151 -0.65 -7.31 -4.15
N ALA A 152 -0.73 -8.11 -3.10
CA ALA A 152 -1.98 -8.78 -2.75
C ALA A 152 -3.13 -7.76 -2.73
N TYR A 153 -2.90 -6.62 -2.10
CA TYR A 153 -3.92 -5.59 -2.00
C TYR A 153 -4.26 -5.02 -3.38
N LEU A 154 -3.24 -4.74 -4.18
CA LEU A 154 -3.45 -4.20 -5.51
C LEU A 154 -4.50 -5.02 -6.26
N ILE A 155 -4.34 -6.33 -6.20
CA ILE A 155 -5.26 -7.23 -6.87
C ILE A 155 -6.69 -7.07 -6.34
N VAL A 156 -6.82 -7.00 -5.02
CA VAL A 156 -8.13 -6.86 -4.40
C VAL A 156 -8.91 -5.72 -5.04
N ALA A 157 -8.21 -4.65 -5.41
CA ALA A 157 -8.86 -3.49 -6.02
C ALA A 157 -9.20 -3.77 -7.49
N VAL A 158 -8.38 -4.59 -8.14
CA VAL A 158 -8.62 -4.90 -9.55
C VAL A 158 -9.93 -5.67 -9.73
N LEU A 159 -10.13 -6.68 -8.89
CA LEU A 159 -11.33 -7.49 -8.97
C LEU A 159 -12.54 -6.77 -8.37
N VAL A 160 -12.28 -5.89 -7.40
CA VAL A 160 -13.36 -5.15 -6.75
C VAL A 160 -13.88 -4.00 -7.61
N VAL A 161 -12.99 -3.36 -8.35
CA VAL A 161 -13.40 -2.23 -9.18
C VAL A 161 -14.18 -2.71 -10.41
N ILE A 162 -13.67 -3.74 -11.09
CA ILE A 162 -14.33 -4.26 -12.28
C ILE A 162 -15.61 -5.01 -11.90
N SER A 163 -15.66 -5.53 -10.67
CA SER A 163 -16.83 -6.27 -10.22
C SER A 163 -18.09 -5.45 -10.45
N GLN A 164 -17.91 -4.17 -10.75
CA GLN A 164 -19.04 -3.28 -11.00
C GLN A 164 -19.86 -3.77 -12.19
N PRO A 165 -21.16 -3.56 -12.18
CA PRO A 165 -22.05 -4.00 -13.29
C PRO A 165 -21.80 -3.22 -14.57
N PHE A 166 -20.53 -2.90 -14.83
CA PHE A 166 -20.15 -2.15 -16.01
C PHE A 166 -20.86 -0.80 -16.05
N LYS A 167 -20.09 0.26 -16.29
CA LYS A 167 -20.66 1.61 -16.36
C LYS A 167 -19.93 2.43 -17.42
N ALA A 168 -20.25 3.72 -17.47
CA ALA A 168 -19.63 4.62 -18.45
C ALA A 168 -18.15 4.28 -18.63
N LYS A 169 -17.64 4.53 -19.83
CA LYS A 169 -16.24 4.26 -20.14
C LYS A 169 -15.33 4.79 -19.03
N LYS A 170 -14.05 4.46 -19.11
CA LYS A 170 -13.09 4.91 -18.11
C LYS A 170 -11.68 4.88 -18.68
N ARG A 171 -11.01 6.03 -18.67
CA ARG A 171 -9.66 6.14 -19.19
C ARG A 171 -9.02 7.47 -18.79
N ASP A 172 -8.26 8.06 -19.71
CA ASP A 172 -7.61 9.33 -19.45
C ASP A 172 -7.33 10.07 -20.76
N LEU A 173 -6.72 11.25 -20.66
CA LEU A 173 -6.41 12.04 -21.84
C LEU A 173 -5.14 12.86 -21.62
N PHE A 174 -4.06 12.44 -22.26
CA PHE A 174 -2.78 13.14 -22.13
C PHE A 174 -2.77 14.38 -23.03
N GLY A 175 -2.32 15.50 -22.47
CA GLY A 175 -2.26 16.75 -23.23
C GLY A 175 -2.26 17.95 -22.29
N ARG A 176 -2.02 19.13 -22.84
CA ARG A 176 -1.99 20.35 -22.04
C ARG A 176 -1.97 21.58 -22.93
N GLY A 177 -0.92 21.72 -23.72
CA GLY A 177 -0.80 22.87 -24.62
C GLY A 177 -0.37 24.11 -23.85
N HIS A 178 0.23 25.06 -24.56
CA HIS A 178 0.68 26.30 -23.92
C HIS A 178 0.72 27.43 -24.94
N HIS A 179 0.16 28.58 -24.56
CA HIS A 179 0.14 29.74 -25.45
C HIS A 179 1.49 30.46 -25.42
N HIS A 180 2.07 30.69 -26.59
CA HIS A 180 3.36 31.36 -26.68
C HIS A 180 3.30 32.46 -27.73
N HIS A 181 4.19 33.45 -27.60
CA HIS A 181 4.25 34.56 -28.55
C HIS A 181 5.18 34.23 -29.71
N HIS A 182 5.69 35.27 -30.36
CA HIS A 182 6.60 35.09 -31.48
C HIS A 182 7.28 36.40 -31.84
N HIS A 183 7.53 36.60 -33.13
CA HIS A 183 8.18 37.82 -33.60
C HIS A 183 7.19 38.97 -33.63
N MET A 1 -17.57 -18.87 -3.56
CA MET A 1 -17.10 -18.86 -4.98
C MET A 1 -16.78 -17.42 -5.39
N LEU A 2 -16.72 -17.18 -6.69
CA LEU A 2 -16.41 -15.84 -7.20
C LEU A 2 -17.49 -14.85 -6.78
N ARG A 3 -18.75 -15.21 -7.01
CA ARG A 3 -19.86 -14.33 -6.65
C ARG A 3 -19.80 -13.98 -5.18
N PHE A 4 -19.37 -14.94 -4.36
CA PHE A 4 -19.28 -14.71 -2.93
C PHE A 4 -18.16 -13.71 -2.62
N LEU A 5 -17.01 -13.91 -3.25
CA LEU A 5 -15.87 -13.03 -3.04
C LEU A 5 -16.32 -11.57 -3.11
N ASN A 6 -17.21 -11.27 -4.07
CA ASN A 6 -17.71 -9.92 -4.24
C ASN A 6 -18.61 -9.54 -3.07
N GLN A 7 -19.15 -10.56 -2.40
CA GLN A 7 -20.02 -10.32 -1.26
C GLN A 7 -19.22 -10.04 0.00
N ALA A 8 -18.20 -10.87 0.24
CA ALA A 8 -17.35 -10.70 1.41
C ALA A 8 -16.62 -9.36 1.36
N SER A 9 -16.22 -8.95 0.15
CA SER A 9 -15.50 -7.70 -0.01
C SER A 9 -16.45 -6.51 0.10
N GLN A 10 -17.69 -6.73 -0.31
CA GLN A 10 -18.70 -5.67 -0.25
C GLN A 10 -19.17 -5.48 1.18
N GLY A 11 -18.45 -6.09 2.12
CA GLY A 11 -18.78 -5.96 3.55
C GLY A 11 -17.76 -5.09 4.25
N ARG A 12 -18.23 -4.32 5.23
CA ARG A 12 -17.35 -3.45 5.99
C ARG A 12 -16.31 -4.27 6.75
N GLY A 13 -16.60 -5.56 6.93
CA GLY A 13 -15.68 -6.44 7.65
C GLY A 13 -14.39 -6.65 6.86
N ALA A 14 -14.55 -6.93 5.58
CA ALA A 14 -13.39 -7.16 4.72
C ALA A 14 -12.52 -5.90 4.65
N TRP A 15 -13.15 -4.77 4.33
CA TRP A 15 -12.43 -3.52 4.24
C TRP A 15 -11.69 -3.21 5.54
N LEU A 16 -12.33 -3.49 6.67
CA LEU A 16 -11.72 -3.24 7.97
C LEU A 16 -10.64 -4.28 8.26
N LEU A 17 -10.83 -5.50 7.77
CA LEU A 17 -9.86 -6.57 8.00
C LEU A 17 -8.58 -6.29 7.24
N MET A 18 -8.69 -5.61 6.10
CA MET A 18 -7.52 -5.29 5.30
C MET A 18 -6.76 -4.12 5.92
N ALA A 19 -7.49 -3.21 6.54
CA ALA A 19 -6.87 -2.06 7.18
C ALA A 19 -6.07 -2.50 8.40
N PHE A 20 -6.75 -3.16 9.34
CA PHE A 20 -6.09 -3.62 10.56
C PHE A 20 -4.85 -4.44 10.23
N THR A 21 -5.01 -5.45 9.39
CA THR A 21 -3.89 -6.29 9.00
C THR A 21 -2.66 -5.45 8.72
N ALA A 22 -2.79 -4.50 7.79
CA ALA A 22 -1.68 -3.62 7.44
C ALA A 22 -1.13 -2.94 8.69
N LEU A 23 -2.00 -2.65 9.65
CA LEU A 23 -1.59 -2.00 10.89
C LEU A 23 -0.82 -2.97 11.76
N ALA A 24 -1.27 -4.22 11.81
CA ALA A 24 -0.61 -5.24 12.62
C ALA A 24 0.89 -5.25 12.32
N LEU A 25 1.24 -5.19 11.04
CA LEU A 25 2.64 -5.19 10.65
C LEU A 25 3.31 -3.87 11.01
N GLU A 26 2.52 -2.80 11.05
CA GLU A 26 3.03 -1.48 11.39
C GLU A 26 3.36 -1.39 12.88
N LEU A 27 2.46 -1.91 13.70
CA LEU A 27 2.66 -1.88 15.14
C LEU A 27 3.80 -2.82 15.54
N THR A 28 3.65 -4.10 15.20
CA THR A 28 4.68 -5.08 15.53
C THR A 28 6.06 -4.56 15.16
N ALA A 29 6.14 -3.83 14.05
CA ALA A 29 7.40 -3.27 13.60
C ALA A 29 7.78 -2.06 14.44
N LEU A 30 6.78 -1.29 14.86
CA LEU A 30 7.02 -0.11 15.68
C LEU A 30 7.68 -0.49 16.99
N TRP A 31 7.59 -1.78 17.35
CA TRP A 31 8.18 -2.26 18.59
C TRP A 31 9.57 -2.83 18.35
N PHE A 32 9.76 -3.43 17.19
CA PHE A 32 11.06 -4.02 16.83
C PHE A 32 12.15 -2.96 16.94
N GLN A 33 11.91 -1.81 16.35
CA GLN A 33 12.90 -0.73 16.39
C GLN A 33 12.90 -0.07 17.76
N HIS A 34 11.81 -0.24 18.49
CA HIS A 34 11.71 0.34 19.83
C HIS A 34 12.66 -0.36 20.79
N VAL A 35 12.94 -1.63 20.52
CA VAL A 35 13.85 -2.40 21.37
C VAL A 35 15.19 -2.62 20.68
N MET A 36 15.18 -2.71 19.36
CA MET A 36 16.41 -2.91 18.60
C MET A 36 17.12 -1.58 18.34
N LEU A 37 16.53 -0.49 18.84
CA LEU A 37 17.11 0.83 18.66
C LEU A 37 17.50 1.06 17.19
N LEU A 38 16.57 0.76 16.29
CA LEU A 38 16.83 0.95 14.87
C LEU A 38 16.25 2.28 14.40
N LYS A 39 16.81 2.81 13.30
CA LYS A 39 16.34 4.07 12.74
C LYS A 39 15.83 3.87 11.31
N PRO A 40 14.86 4.64 10.89
CA PRO A 40 14.29 4.54 9.52
C PRO A 40 15.25 5.04 8.45
N CYS A 41 14.86 4.89 7.18
CA CYS A 41 15.69 5.34 6.07
C CYS A 41 14.87 6.20 5.12
N VAL A 42 15.53 6.76 4.12
CA VAL A 42 14.85 7.60 3.14
C VAL A 42 13.78 6.80 2.40
N LEU A 43 14.18 5.69 1.80
CA LEU A 43 13.25 4.86 1.04
C LEU A 43 12.20 4.21 1.95
N SER A 44 12.66 3.65 3.07
CA SER A 44 11.76 3.01 4.01
C SER A 44 10.58 3.92 4.33
N ILE A 45 10.86 5.18 4.59
CA ILE A 45 9.82 6.14 4.91
C ILE A 45 8.90 6.34 3.71
N TYR A 46 9.49 6.47 2.53
CA TYR A 46 8.70 6.66 1.32
C TYR A 46 7.68 5.53 1.19
N GLU A 47 8.13 4.30 1.41
CA GLU A 47 7.24 3.15 1.32
C GLU A 47 6.15 3.26 2.38
N ARG A 48 6.47 3.89 3.50
CA ARG A 48 5.50 4.06 4.58
C ARG A 48 4.34 4.92 4.10
N ALA A 49 4.66 5.94 3.29
CA ALA A 49 3.63 6.83 2.76
C ALA A 49 2.75 6.11 1.75
N ALA A 50 3.36 5.18 1.02
CA ALA A 50 2.62 4.41 0.02
C ALA A 50 1.54 3.56 0.68
N LEU A 51 1.92 2.85 1.73
CA LEU A 51 0.97 2.00 2.46
C LEU A 51 0.10 2.86 3.37
N PHE A 52 0.71 3.64 4.25
CA PHE A 52 -0.05 4.51 5.14
C PHE A 52 -1.16 5.19 4.35
N GLY A 53 -0.85 5.57 3.12
CA GLY A 53 -1.81 6.21 2.25
C GLY A 53 -2.92 5.24 1.86
N VAL A 54 -2.54 4.00 1.58
CA VAL A 54 -3.51 2.98 1.22
C VAL A 54 -4.42 2.68 2.41
N LEU A 55 -3.82 2.57 3.59
CA LEU A 55 -4.57 2.32 4.80
C LEU A 55 -5.77 3.26 4.88
N GLY A 56 -5.52 4.53 4.63
CA GLY A 56 -6.58 5.52 4.66
C GLY A 56 -7.61 5.23 3.56
N ALA A 57 -7.09 4.74 2.44
CA ALA A 57 -7.95 4.40 1.31
C ALA A 57 -9.01 3.38 1.71
N ALA A 58 -8.57 2.36 2.43
CA ALA A 58 -9.48 1.31 2.88
C ALA A 58 -10.53 1.88 3.82
N LEU A 59 -10.14 2.89 4.59
CA LEU A 59 -11.05 3.53 5.53
C LEU A 59 -12.12 4.33 4.79
N ILE A 60 -11.73 4.94 3.68
CA ILE A 60 -12.68 5.72 2.90
C ILE A 60 -13.59 4.81 2.09
N GLY A 61 -13.07 3.66 1.67
CA GLY A 61 -13.85 2.71 0.90
C GLY A 61 -14.76 1.88 1.80
N ALA A 62 -14.51 1.95 3.10
CA ALA A 62 -15.31 1.20 4.07
C ALA A 62 -16.57 1.97 4.46
N ILE A 63 -16.77 3.12 3.85
CA ILE A 63 -17.95 3.94 4.15
C ILE A 63 -19.11 3.59 3.22
N ALA A 64 -18.78 3.07 2.05
CA ALA A 64 -19.80 2.70 1.06
C ALA A 64 -19.15 2.16 -0.21
N PRO A 65 -18.62 0.97 -0.16
CA PRO A 65 -17.95 0.33 -1.33
C PRO A 65 -18.96 -0.29 -2.30
N LYS A 66 -20.20 0.20 -2.26
CA LYS A 66 -21.24 -0.30 -3.14
C LYS A 66 -21.71 0.78 -4.10
N THR A 67 -21.17 1.98 -3.91
CA THR A 67 -21.52 3.12 -4.74
C THR A 67 -20.32 3.51 -5.62
N PRO A 68 -20.56 4.24 -6.68
CA PRO A 68 -19.48 4.68 -7.61
C PRO A 68 -18.19 5.02 -6.87
N LEU A 69 -18.30 5.28 -5.57
CA LEU A 69 -17.14 5.61 -4.76
C LEU A 69 -15.97 4.66 -5.08
N ARG A 70 -16.30 3.45 -5.49
CA ARG A 70 -15.27 2.46 -5.83
C ARG A 70 -14.12 3.12 -6.59
N TYR A 71 -14.37 3.58 -7.81
CA TYR A 71 -13.29 4.23 -8.58
C TYR A 71 -12.68 5.36 -7.76
N VAL A 72 -13.49 6.05 -6.97
CA VAL A 72 -12.97 7.17 -6.18
C VAL A 72 -11.94 6.70 -5.16
N ALA A 73 -12.33 5.78 -4.27
CA ALA A 73 -11.39 5.28 -3.28
C ALA A 73 -10.25 4.52 -3.98
N MET A 74 -10.59 3.84 -5.06
CA MET A 74 -9.60 3.09 -5.82
C MET A 74 -8.57 4.02 -6.44
N VAL A 75 -8.88 5.32 -6.44
CA VAL A 75 -7.97 6.31 -7.00
C VAL A 75 -6.64 6.29 -6.27
N ILE A 76 -6.71 6.03 -4.96
CA ILE A 76 -5.51 5.97 -4.12
C ILE A 76 -4.96 4.56 -4.11
N TRP A 77 -5.85 3.58 -4.22
CA TRP A 77 -5.44 2.18 -4.23
C TRP A 77 -4.52 1.91 -5.40
N LEU A 78 -4.95 2.31 -6.59
CA LEU A 78 -4.15 2.12 -7.79
C LEU A 78 -2.93 3.04 -7.78
N TYR A 79 -3.14 4.29 -7.38
CA TYR A 79 -2.04 5.25 -7.34
C TYR A 79 -0.83 4.63 -6.64
N SER A 80 -1.06 4.01 -5.50
CA SER A 80 0.02 3.39 -4.73
C SER A 80 0.40 2.04 -5.35
N ALA A 81 -0.52 1.44 -6.08
CA ALA A 81 -0.25 0.14 -6.69
C ALA A 81 0.93 0.22 -7.66
N PHE A 82 0.82 1.10 -8.66
CA PHE A 82 1.87 1.25 -9.64
C PHE A 82 3.07 2.00 -9.04
N ARG A 83 2.82 3.18 -8.49
CA ARG A 83 3.88 3.99 -7.92
C ARG A 83 4.52 3.32 -6.69
N GLY A 84 3.69 2.79 -5.79
CA GLY A 84 4.22 2.14 -4.60
C GLY A 84 5.10 0.96 -5.00
N VAL A 85 4.61 0.13 -5.92
CA VAL A 85 5.37 -1.03 -6.38
C VAL A 85 6.63 -0.58 -7.10
N GLN A 86 6.50 0.49 -7.89
CA GLN A 86 7.64 1.02 -8.64
C GLN A 86 8.76 1.42 -7.68
N LEU A 87 8.38 1.85 -6.49
CA LEU A 87 9.35 2.26 -5.48
C LEU A 87 9.98 1.04 -4.82
N THR A 88 9.13 0.09 -4.44
CA THR A 88 9.63 -1.13 -3.80
C THR A 88 10.78 -1.72 -4.59
N TYR A 89 10.75 -1.53 -5.90
CA TYR A 89 11.80 -2.04 -6.77
C TYR A 89 13.11 -1.30 -6.52
N GLU A 90 13.01 0.02 -6.37
CA GLU A 90 14.19 0.83 -6.12
C GLU A 90 14.87 0.41 -4.82
N HIS A 91 14.06 -0.06 -3.87
CA HIS A 91 14.58 -0.50 -2.58
C HIS A 91 15.25 -1.87 -2.72
N THR A 92 14.57 -2.79 -3.39
CA THR A 92 15.11 -4.13 -3.58
C THR A 92 16.35 -4.09 -4.46
N MET A 93 16.23 -3.41 -5.60
CA MET A 93 17.35 -3.31 -6.53
C MET A 93 18.60 -2.87 -5.80
N LEU A 94 18.48 -1.79 -5.02
CA LEU A 94 19.63 -1.28 -4.26
C LEU A 94 20.17 -2.35 -3.32
N GLN A 95 19.26 -2.99 -2.58
CA GLN A 95 19.66 -4.02 -1.64
C GLN A 95 20.53 -5.07 -2.32
N LEU A 96 20.19 -5.40 -3.57
CA LEU A 96 20.95 -6.39 -4.33
C LEU A 96 21.95 -5.71 -5.25
N TYR A 97 21.80 -4.40 -5.42
CA TYR A 97 22.69 -3.64 -6.30
C TYR A 97 23.28 -2.44 -5.55
N PRO A 98 24.51 -2.51 -5.13
CA PRO A 98 25.17 -1.39 -4.39
C PRO A 98 25.62 -0.27 -5.33
N SER A 99 26.43 0.64 -4.80
CA SER A 99 26.91 1.77 -5.59
C SER A 99 25.74 2.56 -6.17
N PRO A 100 25.00 3.22 -5.31
CA PRO A 100 23.82 4.04 -5.74
C PRO A 100 24.24 5.35 -6.40
N PHE A 101 23.25 6.14 -6.82
CA PHE A 101 23.52 7.42 -7.46
C PHE A 101 22.38 8.39 -7.22
N ALA A 102 21.27 7.89 -6.67
CA ALA A 102 20.11 8.72 -6.38
C ALA A 102 20.36 9.59 -5.16
N THR A 103 19.34 10.34 -4.75
CA THR A 103 19.46 11.21 -3.60
C THR A 103 19.45 10.40 -2.30
N SER A 104 20.57 10.39 -1.60
CA SER A 104 20.67 9.65 -0.35
C SER A 104 22.01 9.95 0.35
N ASP A 105 22.46 11.19 0.22
CA ASP A 105 23.72 11.60 0.84
C ASP A 105 23.52 11.88 2.32
N PHE A 106 22.77 11.02 2.99
CA PHE A 106 22.51 11.19 4.41
C PHE A 106 21.68 12.45 4.65
N MET A 107 20.54 12.28 5.33
CA MET A 107 19.67 13.41 5.63
C MET A 107 19.35 14.19 4.34
N VAL A 108 18.12 14.04 3.87
CA VAL A 108 17.69 14.73 2.66
C VAL A 108 17.14 16.12 2.99
N ARG A 109 16.59 16.79 1.99
CA ARG A 109 16.03 18.13 2.18
C ARG A 109 14.51 18.07 2.16
N PHE A 110 13.90 18.41 3.30
CA PHE A 110 12.44 18.40 3.40
C PHE A 110 11.83 19.50 2.52
N PRO A 111 10.68 19.26 1.96
CA PRO A 111 9.99 20.26 1.09
C PRO A 111 9.46 21.44 1.90
N GLU A 112 9.38 22.60 1.25
CA GLU A 112 8.88 23.80 1.91
C GLU A 112 7.51 24.20 1.37
N TRP A 113 6.85 23.26 0.70
CA TRP A 113 5.53 23.52 0.13
C TRP A 113 4.52 22.49 0.64
N LEU A 114 5.01 21.49 1.37
CA LEU A 114 4.15 20.44 1.89
C LEU A 114 4.15 20.49 3.43
N PRO A 115 3.29 21.28 4.00
CA PRO A 115 3.19 21.43 5.49
C PRO A 115 3.10 20.08 6.21
N LEU A 116 3.24 18.99 5.47
CA LEU A 116 3.16 17.65 6.05
C LEU A 116 4.42 17.37 6.86
N ASP A 117 5.52 18.02 6.48
CA ASP A 117 6.80 17.84 7.17
C ASP A 117 6.98 18.95 8.20
N LYS A 118 6.54 20.16 7.86
CA LYS A 118 6.65 21.28 8.76
C LYS A 118 5.68 21.14 9.92
N TRP A 119 4.46 20.70 9.61
CA TRP A 119 3.44 20.50 10.63
C TRP A 119 3.73 19.24 11.42
N VAL A 120 4.53 18.35 10.83
CA VAL A 120 4.88 17.09 11.49
C VAL A 120 6.07 16.42 10.78
N PRO A 121 7.27 16.82 11.11
CA PRO A 121 8.50 16.23 10.49
C PRO A 121 8.88 14.90 11.13
N GLN A 122 8.11 14.50 12.14
CA GLN A 122 8.37 13.25 12.85
C GLN A 122 8.32 12.06 11.91
N VAL A 123 7.19 11.93 11.21
CA VAL A 123 7.02 10.81 10.28
C VAL A 123 7.35 11.22 8.85
N PHE A 124 8.59 11.67 8.66
CA PHE A 124 9.06 12.10 7.35
C PHE A 124 10.58 12.21 7.33
N VAL A 125 11.13 12.81 8.39
CA VAL A 125 12.58 12.99 8.48
C VAL A 125 13.28 11.64 8.41
N ALA A 126 14.27 11.56 7.52
CA ALA A 126 15.03 10.32 7.35
C ALA A 126 16.32 10.36 8.17
N SER A 127 16.82 9.17 8.53
CA SER A 127 18.05 9.09 9.30
C SER A 127 18.53 7.63 9.37
N GLY A 128 19.50 7.29 8.54
CA GLY A 128 20.04 5.93 8.52
C GLY A 128 20.38 5.50 7.10
N ASP A 129 20.64 4.20 6.92
CA ASP A 129 20.98 3.68 5.59
C ASP A 129 19.76 3.03 4.96
N CYS A 130 19.65 3.12 3.63
CA CYS A 130 18.52 2.54 2.93
C CYS A 130 18.88 1.19 2.33
N ALA A 131 17.96 0.24 2.47
CA ALA A 131 18.15 -1.11 1.95
C ALA A 131 18.79 -2.02 3.00
N GLU A 132 19.14 -1.44 4.15
CA GLU A 132 19.74 -2.21 5.22
C GLU A 132 18.74 -3.21 5.79
N ARG A 133 19.24 -4.31 6.33
CA ARG A 133 18.38 -5.34 6.91
C ARG A 133 18.09 -5.03 8.38
N GLN A 134 16.84 -5.24 8.77
CA GLN A 134 16.43 -4.97 10.16
C GLN A 134 15.76 -6.21 10.76
N TRP A 135 15.10 -7.00 9.92
CA TRP A 135 14.42 -8.20 10.40
C TRP A 135 13.90 -9.04 9.24
N ASP A 136 14.11 -10.36 9.32
CA ASP A 136 13.68 -11.26 8.26
C ASP A 136 12.67 -12.29 8.75
N PHE A 137 11.91 -12.84 7.81
CA PHE A 137 10.90 -13.86 8.11
C PHE A 137 10.84 -14.86 6.96
N LEU A 138 11.28 -16.09 7.23
CA LEU A 138 11.30 -17.11 6.19
C LEU A 138 12.52 -16.88 5.30
N GLY A 139 13.47 -16.10 5.80
CA GLY A 139 14.67 -15.79 5.04
C GLY A 139 14.44 -14.61 4.09
N LEU A 140 13.28 -13.96 4.25
CA LEU A 140 12.95 -12.81 3.39
C LEU A 140 12.86 -11.55 4.23
N GLU A 141 13.48 -10.47 3.75
CA GLU A 141 13.47 -9.20 4.46
C GLU A 141 12.07 -8.57 4.42
N MET A 142 11.77 -7.75 5.42
CA MET A 142 10.47 -7.10 5.48
C MET A 142 10.15 -6.36 4.18
N PRO A 143 11.05 -5.53 3.71
CA PRO A 143 10.84 -4.75 2.45
C PRO A 143 10.33 -5.63 1.32
N GLN A 144 10.86 -6.84 1.22
CA GLN A 144 10.44 -7.78 0.19
C GLN A 144 9.04 -8.28 0.48
N TRP A 145 8.76 -8.52 1.75
CA TRP A 145 7.45 -9.00 2.16
C TRP A 145 6.40 -7.93 1.92
N LEU A 146 6.60 -6.75 2.50
CA LEU A 146 5.66 -5.65 2.33
C LEU A 146 5.23 -5.57 0.87
N LEU A 147 6.20 -5.70 -0.04
CA LEU A 147 5.89 -5.68 -1.47
C LEU A 147 4.92 -6.80 -1.80
N GLY A 148 5.10 -7.92 -1.12
CA GLY A 148 4.23 -9.08 -1.31
C GLY A 148 2.78 -8.71 -1.05
N ILE A 149 2.56 -7.92 0.00
CA ILE A 149 1.21 -7.50 0.36
C ILE A 149 0.67 -6.50 -0.66
N PHE A 150 1.57 -5.81 -1.34
CA PHE A 150 1.16 -4.83 -2.35
C PHE A 150 0.48 -5.54 -3.51
N ILE A 151 1.06 -6.66 -3.93
CA ILE A 151 0.50 -7.42 -5.04
C ILE A 151 -0.89 -7.93 -4.67
N ALA A 152 -1.03 -8.43 -3.44
CA ALA A 152 -2.31 -8.94 -2.99
C ALA A 152 -3.34 -7.82 -2.93
N TYR A 153 -2.98 -6.72 -2.27
CA TYR A 153 -3.90 -5.58 -2.14
C TYR A 153 -4.35 -5.08 -3.51
N LEU A 154 -3.44 -5.11 -4.49
CA LEU A 154 -3.78 -4.64 -5.83
C LEU A 154 -4.81 -5.56 -6.47
N ILE A 155 -4.77 -6.83 -6.09
CA ILE A 155 -5.70 -7.81 -6.66
C ILE A 155 -7.12 -7.63 -6.12
N VAL A 156 -7.25 -7.32 -4.84
CA VAL A 156 -8.58 -7.14 -4.25
C VAL A 156 -9.27 -5.91 -4.83
N ALA A 157 -8.50 -4.87 -5.14
CA ALA A 157 -9.07 -3.66 -5.70
C ALA A 157 -9.44 -3.85 -7.17
N VAL A 158 -8.69 -4.69 -7.87
CA VAL A 158 -8.93 -4.93 -9.28
C VAL A 158 -10.29 -5.59 -9.51
N LEU A 159 -10.64 -6.57 -8.68
CA LEU A 159 -11.91 -7.26 -8.82
C LEU A 159 -13.05 -6.45 -8.21
N VAL A 160 -12.72 -5.59 -7.26
CA VAL A 160 -13.74 -4.77 -6.59
C VAL A 160 -14.39 -3.80 -7.56
N VAL A 161 -13.59 -3.22 -8.45
CA VAL A 161 -14.12 -2.27 -9.43
C VAL A 161 -14.77 -3.00 -10.60
N ILE A 162 -14.05 -3.95 -11.18
CA ILE A 162 -14.58 -4.72 -12.30
C ILE A 162 -15.81 -5.52 -11.86
N SER A 163 -16.06 -5.54 -10.56
CA SER A 163 -17.20 -6.28 -10.02
C SER A 163 -18.48 -5.87 -10.74
N GLN A 164 -18.66 -4.56 -10.92
CA GLN A 164 -19.86 -4.06 -11.59
C GLN A 164 -19.83 -2.54 -11.65
N PRO A 165 -19.12 -1.98 -12.61
CA PRO A 165 -19.01 -0.51 -12.78
C PRO A 165 -20.38 0.18 -12.71
N PHE A 166 -21.44 -0.61 -12.65
CA PHE A 166 -22.80 -0.08 -12.58
C PHE A 166 -23.58 -0.77 -11.47
N LYS A 167 -24.90 -0.65 -11.52
CA LYS A 167 -25.76 -1.26 -10.52
C LYS A 167 -27.22 -1.16 -10.92
N ALA A 168 -27.86 -2.30 -11.16
CA ALA A 168 -29.27 -2.32 -11.55
C ALA A 168 -30.03 -3.37 -10.74
N LYS A 169 -30.44 -4.44 -11.39
CA LYS A 169 -31.19 -5.51 -10.72
C LYS A 169 -30.77 -6.88 -11.25
N LYS A 170 -30.50 -7.80 -10.34
CA LYS A 170 -30.09 -9.14 -10.73
C LYS A 170 -31.32 -10.01 -11.00
N ARG A 171 -32.03 -10.38 -9.95
CA ARG A 171 -33.22 -11.21 -10.08
C ARG A 171 -32.99 -12.31 -11.12
N ASP A 172 -31.79 -12.88 -11.11
CA ASP A 172 -31.46 -13.94 -12.06
C ASP A 172 -30.33 -14.81 -11.51
N LEU A 173 -30.67 -16.01 -11.05
CA LEU A 173 -29.68 -16.94 -10.50
C LEU A 173 -29.55 -18.16 -11.41
N PHE A 174 -30.62 -18.92 -11.54
CA PHE A 174 -30.61 -20.11 -12.38
C PHE A 174 -30.62 -19.73 -13.85
N GLY A 175 -29.44 -19.51 -14.42
CA GLY A 175 -29.33 -19.13 -15.82
C GLY A 175 -27.90 -19.31 -16.33
N ARG A 176 -27.38 -20.52 -16.15
CA ARG A 176 -26.01 -20.83 -16.60
C ARG A 176 -26.00 -21.14 -18.09
N GLY A 177 -24.95 -21.83 -18.54
CA GLY A 177 -24.83 -22.18 -19.95
C GLY A 177 -23.38 -22.51 -20.30
N HIS A 178 -23.17 -22.93 -21.54
CA HIS A 178 -21.83 -23.28 -22.00
C HIS A 178 -21.71 -23.06 -23.50
N HIS A 179 -22.84 -22.88 -24.16
CA HIS A 179 -22.86 -22.66 -25.61
C HIS A 179 -21.92 -21.51 -25.98
N HIS A 180 -22.02 -21.04 -27.23
CA HIS A 180 -21.19 -19.95 -27.70
C HIS A 180 -21.02 -18.89 -26.61
N HIS A 181 -19.77 -18.55 -26.32
CA HIS A 181 -19.48 -17.55 -25.30
C HIS A 181 -19.51 -16.14 -25.89
N HIS A 182 -20.36 -15.29 -25.34
CA HIS A 182 -20.48 -13.91 -25.82
C HIS A 182 -20.85 -13.90 -27.29
N HIS A 183 -19.87 -14.14 -28.16
CA HIS A 183 -20.12 -14.15 -29.59
C HIS A 183 -18.90 -14.67 -30.34
N MET A 1 -16.57 -18.72 -7.67
CA MET A 1 -17.00 -18.02 -6.43
C MET A 1 -16.69 -16.53 -6.56
N LEU A 2 -16.94 -15.98 -7.74
CA LEU A 2 -16.69 -14.56 -7.99
C LEU A 2 -17.78 -13.71 -7.33
N ARG A 3 -19.04 -14.07 -7.57
CA ARG A 3 -20.17 -13.34 -7.00
C ARG A 3 -19.99 -13.18 -5.49
N PHE A 4 -19.63 -14.27 -4.82
CA PHE A 4 -19.42 -14.23 -3.39
C PHE A 4 -18.28 -13.29 -3.02
N LEU A 5 -17.18 -13.38 -3.75
CA LEU A 5 -16.03 -12.53 -3.49
C LEU A 5 -16.47 -11.07 -3.38
N ASN A 6 -17.30 -10.64 -4.32
CA ASN A 6 -17.79 -9.27 -4.32
C ASN A 6 -18.72 -9.04 -3.13
N GLN A 7 -19.27 -10.14 -2.61
CA GLN A 7 -20.17 -10.07 -1.48
C GLN A 7 -19.40 -9.89 -0.18
N ALA A 8 -18.35 -10.69 -0.01
CA ALA A 8 -17.53 -10.62 1.19
C ALA A 8 -16.86 -9.26 1.30
N SER A 9 -16.52 -8.68 0.16
CA SER A 9 -15.87 -7.37 0.13
C SER A 9 -16.88 -6.27 0.42
N GLN A 10 -18.08 -6.42 -0.12
CA GLN A 10 -19.14 -5.44 0.09
C GLN A 10 -19.63 -5.47 1.54
N GLY A 11 -18.89 -6.21 2.37
CA GLY A 11 -19.21 -6.32 3.79
C GLY A 11 -18.24 -5.50 4.62
N ARG A 12 -18.76 -4.84 5.66
CA ARG A 12 -17.93 -4.01 6.52
C ARG A 12 -16.97 -4.87 7.35
N GLY A 13 -17.51 -5.89 8.00
CA GLY A 13 -16.68 -6.77 8.83
C GLY A 13 -15.38 -7.11 8.13
N ALA A 14 -15.49 -7.45 6.86
CA ALA A 14 -14.31 -7.80 6.07
C ALA A 14 -13.38 -6.59 5.95
N TRP A 15 -13.96 -5.43 5.63
CA TRP A 15 -13.17 -4.22 5.50
C TRP A 15 -12.40 -3.96 6.78
N LEU A 16 -13.05 -4.18 7.92
CA LEU A 16 -12.41 -3.97 9.22
C LEU A 16 -11.30 -5.00 9.40
N LEU A 17 -11.43 -6.14 8.75
CA LEU A 17 -10.43 -7.19 8.84
C LEU A 17 -9.15 -6.78 8.13
N MET A 18 -9.29 -6.18 6.95
CA MET A 18 -8.13 -5.74 6.19
C MET A 18 -7.41 -4.63 6.96
N ALA A 19 -8.18 -3.85 7.72
CA ALA A 19 -7.59 -2.75 8.48
C ALA A 19 -6.73 -3.29 9.62
N PHE A 20 -7.25 -4.27 10.34
CA PHE A 20 -6.51 -4.86 11.46
C PHE A 20 -5.16 -5.39 11.00
N THR A 21 -5.12 -5.95 9.79
CA THR A 21 -3.88 -6.50 9.26
C THR A 21 -2.86 -5.38 9.01
N ALA A 22 -3.33 -4.29 8.42
CA ALA A 22 -2.45 -3.17 8.13
C ALA A 22 -1.84 -2.59 9.40
N LEU A 23 -2.67 -2.47 10.43
CA LEU A 23 -2.22 -1.93 11.72
C LEU A 23 -1.40 -2.96 12.48
N ALA A 24 -1.81 -4.23 12.36
CA ALA A 24 -1.11 -5.31 13.04
C ALA A 24 0.39 -5.30 12.72
N LEU A 25 0.71 -4.97 11.48
CA LEU A 25 2.11 -4.93 11.05
C LEU A 25 2.76 -3.62 11.47
N GLU A 26 2.02 -2.52 11.36
CA GLU A 26 2.54 -1.21 11.73
C GLU A 26 2.86 -1.16 13.23
N LEU A 27 2.02 -1.79 14.03
CA LEU A 27 2.22 -1.81 15.48
C LEU A 27 3.35 -2.78 15.84
N THR A 28 3.19 -4.03 15.46
CA THR A 28 4.21 -5.04 15.75
C THR A 28 5.60 -4.51 15.45
N ALA A 29 5.68 -3.57 14.52
CA ALA A 29 6.96 -3.00 14.14
C ALA A 29 7.34 -1.84 15.08
N LEU A 30 6.35 -1.07 15.49
CA LEU A 30 6.60 0.06 16.38
C LEU A 30 7.13 -0.44 17.73
N TRP A 31 7.03 -1.73 17.97
CA TRP A 31 7.51 -2.31 19.22
C TRP A 31 8.91 -2.89 19.03
N PHE A 32 9.21 -3.32 17.81
CA PHE A 32 10.51 -3.90 17.51
C PHE A 32 11.59 -2.81 17.52
N GLN A 33 11.33 -1.73 16.79
CA GLN A 33 12.29 -0.63 16.73
C GLN A 33 12.55 -0.07 18.13
N HIS A 34 11.49 0.37 18.79
CA HIS A 34 11.61 0.93 20.13
C HIS A 34 12.28 -0.06 21.07
N VAL A 35 12.37 -1.31 20.65
CA VAL A 35 12.99 -2.36 21.47
C VAL A 35 14.34 -2.77 20.89
N MET A 36 14.53 -2.52 19.60
CA MET A 36 15.77 -2.87 18.92
C MET A 36 16.64 -1.64 18.70
N LEU A 37 16.14 -0.49 19.15
CA LEU A 37 16.89 0.76 18.99
C LEU A 37 17.37 0.92 17.55
N LEU A 38 16.61 0.38 16.60
CA LEU A 38 16.99 0.49 15.20
C LEU A 38 16.59 1.86 14.64
N LYS A 39 17.30 2.30 13.61
CA LYS A 39 17.03 3.59 13.00
C LYS A 39 16.57 3.41 11.54
N PRO A 40 15.45 3.98 11.16
CA PRO A 40 14.93 3.85 9.78
C PRO A 40 15.68 4.75 8.79
N CYS A 41 15.28 4.70 7.52
CA CYS A 41 15.90 5.52 6.49
C CYS A 41 14.86 6.36 5.77
N VAL A 42 15.31 7.18 4.82
CA VAL A 42 14.40 8.03 4.07
C VAL A 42 13.45 7.19 3.23
N LEU A 43 13.98 6.13 2.63
CA LEU A 43 13.19 5.25 1.78
C LEU A 43 12.11 4.53 2.60
N SER A 44 12.52 3.95 3.72
CA SER A 44 11.59 3.22 4.58
C SER A 44 10.36 4.08 4.87
N ILE A 45 10.59 5.33 5.28
CA ILE A 45 9.50 6.24 5.59
C ILE A 45 8.62 6.46 4.37
N TYR A 46 9.27 6.70 3.23
CA TYR A 46 8.53 6.92 1.99
C TYR A 46 7.62 5.75 1.69
N GLU A 47 8.17 4.53 1.81
CA GLU A 47 7.40 3.33 1.55
C GLU A 47 6.24 3.22 2.54
N ARG A 48 6.48 3.67 3.77
CA ARG A 48 5.45 3.62 4.80
C ARG A 48 4.27 4.52 4.42
N ALA A 49 4.59 5.63 3.76
CA ALA A 49 3.56 6.58 3.33
C ALA A 49 2.68 5.95 2.25
N ALA A 50 3.29 5.11 1.43
CA ALA A 50 2.55 4.46 0.35
C ALA A 50 1.45 3.56 0.93
N LEU A 51 1.83 2.74 1.92
CA LEU A 51 0.88 1.84 2.55
C LEU A 51 -0.01 2.60 3.53
N PHE A 52 0.62 3.31 4.48
CA PHE A 52 -0.15 4.08 5.44
C PHE A 52 -1.26 4.85 4.74
N GLY A 53 -0.94 5.41 3.58
CA GLY A 53 -1.90 6.16 2.79
C GLY A 53 -3.02 5.25 2.30
N VAL A 54 -2.65 4.05 1.84
CA VAL A 54 -3.64 3.10 1.36
C VAL A 54 -4.61 2.75 2.49
N LEU A 55 -4.04 2.46 3.65
CA LEU A 55 -4.87 2.13 4.81
C LEU A 55 -5.99 3.15 4.94
N GLY A 56 -5.65 4.44 4.78
CA GLY A 56 -6.63 5.50 4.87
C GLY A 56 -7.64 5.37 3.73
N ALA A 57 -7.21 4.76 2.64
CA ALA A 57 -8.07 4.56 1.48
C ALA A 57 -9.10 3.48 1.76
N ALA A 58 -8.66 2.41 2.39
CA ALA A 58 -9.56 1.31 2.72
C ALA A 58 -10.64 1.78 3.69
N LEU A 59 -10.30 2.80 4.47
CA LEU A 59 -11.26 3.34 5.44
C LEU A 59 -12.33 4.16 4.73
N ILE A 60 -11.92 4.93 3.73
CA ILE A 60 -12.86 5.77 2.99
C ILE A 60 -13.69 4.94 2.02
N GLY A 61 -13.07 3.91 1.44
CA GLY A 61 -13.76 3.06 0.49
C GLY A 61 -14.63 2.04 1.20
N ALA A 62 -14.34 1.82 2.48
CA ALA A 62 -15.09 0.85 3.28
C ALA A 62 -16.38 1.48 3.81
N ILE A 63 -16.60 2.75 3.49
CA ILE A 63 -17.80 3.45 3.94
C ILE A 63 -18.96 3.23 2.97
N ALA A 64 -18.62 2.90 1.72
CA ALA A 64 -19.63 2.68 0.70
C ALA A 64 -19.00 2.26 -0.63
N PRO A 65 -18.37 1.11 -0.66
CA PRO A 65 -17.71 0.59 -1.89
C PRO A 65 -18.72 0.05 -2.90
N LYS A 66 -19.98 0.46 -2.74
CA LYS A 66 -21.04 0.02 -3.64
C LYS A 66 -21.50 1.18 -4.52
N THR A 67 -20.99 2.36 -4.22
CA THR A 67 -21.33 3.56 -4.99
C THR A 67 -20.10 4.02 -5.78
N PRO A 68 -20.30 4.84 -6.78
CA PRO A 68 -19.20 5.37 -7.62
C PRO A 68 -17.91 5.60 -6.82
N LEU A 69 -18.06 5.73 -5.50
CA LEU A 69 -16.90 5.95 -4.64
C LEU A 69 -15.73 5.07 -5.07
N ARG A 70 -16.04 3.91 -5.64
CA ARG A 70 -15.00 2.99 -6.09
C ARG A 70 -13.86 3.76 -6.76
N TYR A 71 -14.09 4.40 -7.89
CA TYR A 71 -13.03 5.16 -8.55
C TYR A 71 -12.44 6.18 -7.58
N VAL A 72 -13.27 6.76 -6.73
CA VAL A 72 -12.79 7.78 -5.78
C VAL A 72 -11.74 7.20 -4.83
N ALA A 73 -12.04 6.09 -4.18
CA ALA A 73 -11.08 5.49 -3.27
C ALA A 73 -9.91 4.91 -4.06
N MET A 74 -10.22 4.41 -5.26
CA MET A 74 -9.21 3.83 -6.12
C MET A 74 -8.15 4.87 -6.48
N VAL A 75 -8.41 6.14 -6.13
CA VAL A 75 -7.48 7.21 -6.43
C VAL A 75 -6.14 6.97 -5.73
N ILE A 76 -6.23 6.52 -4.47
CA ILE A 76 -5.05 6.23 -3.68
C ILE A 76 -4.61 4.79 -3.89
N TRP A 77 -5.56 3.93 -4.22
CA TRP A 77 -5.23 2.53 -4.46
C TRP A 77 -4.42 2.40 -5.74
N LEU A 78 -4.95 2.93 -6.84
CA LEU A 78 -4.25 2.87 -8.13
C LEU A 78 -2.93 3.63 -8.04
N TYR A 79 -2.98 4.86 -7.54
CA TYR A 79 -1.77 5.66 -7.41
C TYR A 79 -0.62 4.80 -6.89
N SER A 80 -0.93 3.95 -5.91
CA SER A 80 0.08 3.07 -5.33
C SER A 80 0.32 1.85 -6.23
N ALA A 81 -0.66 1.52 -7.06
CA ALA A 81 -0.52 0.36 -7.94
C ALA A 81 0.67 0.53 -8.86
N PHE A 82 0.63 1.54 -9.72
CA PHE A 82 1.71 1.78 -10.66
C PHE A 82 2.92 2.40 -9.95
N ARG A 83 2.68 3.44 -9.16
CA ARG A 83 3.77 4.13 -8.47
C ARG A 83 4.38 3.27 -7.35
N GLY A 84 3.53 2.60 -6.56
CA GLY A 84 4.05 1.77 -5.48
C GLY A 84 4.88 0.62 -6.02
N VAL A 85 4.38 -0.05 -7.05
CA VAL A 85 5.07 -1.18 -7.64
C VAL A 85 6.26 -0.73 -8.49
N GLN A 86 6.09 0.38 -9.20
CA GLN A 86 7.15 0.91 -10.06
C GLN A 86 8.33 1.41 -9.22
N LEU A 87 8.02 1.91 -8.03
CA LEU A 87 9.07 2.43 -7.15
C LEU A 87 9.72 1.31 -6.36
N THR A 88 8.91 0.39 -5.86
CA THR A 88 9.42 -0.72 -5.08
C THR A 88 10.57 -1.40 -5.80
N TYR A 89 10.34 -1.75 -7.06
CA TYR A 89 11.38 -2.40 -7.86
C TYR A 89 12.68 -1.60 -7.78
N GLU A 90 12.58 -0.30 -8.04
CA GLU A 90 13.74 0.57 -8.00
C GLU A 90 14.61 0.25 -6.78
N HIS A 91 13.95 0.02 -5.65
CA HIS A 91 14.66 -0.30 -4.42
C HIS A 91 15.37 -1.64 -4.55
N THR A 92 14.62 -2.67 -4.93
CA THR A 92 15.20 -4.00 -5.08
C THR A 92 16.44 -3.96 -5.97
N MET A 93 16.37 -3.17 -7.03
CA MET A 93 17.50 -3.05 -7.95
C MET A 93 18.72 -2.49 -7.23
N LEU A 94 18.49 -1.50 -6.36
CA LEU A 94 19.57 -0.88 -5.61
C LEU A 94 20.17 -1.87 -4.62
N GLN A 95 19.33 -2.72 -4.06
CA GLN A 95 19.78 -3.71 -3.09
C GLN A 95 20.69 -4.74 -3.76
N LEU A 96 20.31 -5.15 -4.97
CA LEU A 96 21.09 -6.12 -5.72
C LEU A 96 22.06 -5.43 -6.67
N TYR A 97 21.85 -4.13 -6.87
CA TYR A 97 22.70 -3.36 -7.77
C TYR A 97 22.77 -1.90 -7.30
N PRO A 98 23.60 -1.61 -6.32
CA PRO A 98 23.73 -0.23 -5.77
C PRO A 98 24.63 0.66 -6.63
N SER A 99 25.70 0.08 -7.18
CA SER A 99 26.61 0.85 -8.02
C SER A 99 27.09 2.09 -7.27
N PRO A 100 28.22 2.02 -6.60
CA PRO A 100 28.77 3.17 -5.83
C PRO A 100 29.52 4.15 -6.73
N PHE A 101 29.24 5.44 -6.55
CA PHE A 101 29.89 6.47 -7.35
C PHE A 101 30.93 7.22 -6.52
N ALA A 102 30.47 7.98 -5.54
CA ALA A 102 31.36 8.73 -4.68
C ALA A 102 30.60 9.37 -3.51
N THR A 103 29.49 8.74 -3.14
CA THR A 103 28.67 9.24 -2.04
C THR A 103 27.61 8.22 -1.65
N SER A 104 27.13 8.32 -0.41
CA SER A 104 26.11 7.39 0.07
C SER A 104 24.74 7.77 -0.48
N ASP A 105 23.85 8.21 0.39
CA ASP A 105 22.50 8.60 -0.02
C ASP A 105 22.34 10.12 0.03
N PHE A 106 22.49 10.67 1.23
CA PHE A 106 22.35 12.12 1.40
C PHE A 106 20.97 12.59 0.94
N MET A 107 20.05 12.74 1.90
CA MET A 107 18.70 13.18 1.58
C MET A 107 18.24 14.26 2.55
N VAL A 108 17.29 13.91 3.42
CA VAL A 108 16.78 14.87 4.40
C VAL A 108 16.15 16.06 3.70
N ARG A 109 16.20 16.06 2.37
CA ARG A 109 15.64 17.16 1.58
C ARG A 109 14.21 16.81 1.14
N PHE A 110 13.24 17.49 1.73
CA PHE A 110 11.83 17.25 1.40
C PHE A 110 11.20 18.53 0.83
N PRO A 111 10.08 18.40 0.16
CA PRO A 111 9.38 19.56 -0.44
C PRO A 111 9.00 20.60 0.61
N GLU A 112 9.50 21.82 0.44
CA GLU A 112 9.21 22.90 1.38
C GLU A 112 7.88 23.57 1.06
N TRP A 113 7.19 23.07 0.04
CA TRP A 113 5.91 23.64 -0.36
C TRP A 113 4.76 22.79 0.17
N LEU A 114 5.11 21.64 0.75
CA LEU A 114 4.12 20.72 1.30
C LEU A 114 4.36 20.54 2.80
N PRO A 115 3.72 21.34 3.62
CA PRO A 115 3.88 21.26 5.11
C PRO A 115 3.64 19.84 5.64
N LEU A 116 3.53 18.88 4.73
CA LEU A 116 3.31 17.50 5.12
C LEU A 116 4.55 16.94 5.81
N ASP A 117 5.71 17.46 5.42
CA ASP A 117 6.97 17.02 6.01
C ASP A 117 7.42 18.00 7.09
N LYS A 118 7.22 19.29 6.83
CA LYS A 118 7.61 20.33 7.77
C LYS A 118 6.68 20.35 8.97
N TRP A 119 5.38 20.28 8.71
CA TRP A 119 4.39 20.30 9.79
C TRP A 119 4.34 18.94 10.47
N VAL A 120 4.94 17.94 9.84
CA VAL A 120 4.97 16.60 10.40
C VAL A 120 6.29 15.89 10.05
N PRO A 121 7.36 16.31 10.65
CA PRO A 121 8.71 15.71 10.40
C PRO A 121 8.87 14.39 11.15
N GLN A 122 7.96 14.13 12.07
CA GLN A 122 8.01 12.91 12.86
C GLN A 122 7.96 11.68 11.96
N VAL A 123 7.32 11.82 10.80
CA VAL A 123 7.23 10.71 9.86
C VAL A 123 7.65 11.15 8.46
N PHE A 124 8.80 11.80 8.38
CA PHE A 124 9.32 12.28 7.10
C PHE A 124 10.83 12.45 7.19
N VAL A 125 11.31 12.96 8.32
CA VAL A 125 12.73 13.17 8.52
C VAL A 125 13.47 11.84 8.52
N ALA A 126 14.49 11.72 7.67
CA ALA A 126 15.26 10.50 7.59
C ALA A 126 16.47 10.57 8.52
N SER A 127 17.01 9.40 8.87
CA SER A 127 18.16 9.33 9.75
C SER A 127 18.61 7.88 9.94
N GLY A 128 19.65 7.49 9.20
CA GLY A 128 20.17 6.13 9.29
C GLY A 128 20.65 5.64 7.92
N ASP A 129 20.80 4.32 7.79
CA ASP A 129 21.24 3.73 6.53
C ASP A 129 20.05 3.22 5.72
N CYS A 130 20.14 3.38 4.41
CA CYS A 130 19.07 2.95 3.52
C CYS A 130 19.35 1.54 2.99
N ALA A 131 18.34 0.67 3.06
CA ALA A 131 18.47 -0.72 2.60
C ALA A 131 18.89 -1.63 3.75
N GLU A 132 18.98 -1.07 4.94
CA GLU A 132 19.37 -1.85 6.11
C GLU A 132 18.24 -2.80 6.50
N ARG A 133 18.61 -4.00 6.95
CA ARG A 133 17.61 -4.99 7.36
C ARG A 133 17.45 -5.00 8.88
N GLN A 134 16.20 -5.01 9.32
CA GLN A 134 15.91 -5.02 10.76
C GLN A 134 15.48 -6.42 11.20
N TRP A 135 14.89 -7.17 10.28
CA TRP A 135 14.44 -8.51 10.57
C TRP A 135 13.93 -9.21 9.30
N ASP A 136 14.14 -10.51 9.20
CA ASP A 136 13.72 -11.24 8.00
C ASP A 136 13.00 -12.54 8.33
N PHE A 137 12.30 -13.06 7.32
CA PHE A 137 11.56 -14.32 7.45
C PHE A 137 12.01 -15.25 6.33
N LEU A 138 12.17 -16.52 6.65
CA LEU A 138 12.61 -17.50 5.64
C LEU A 138 13.84 -16.99 4.89
N GLY A 139 14.52 -16.00 5.47
CA GLY A 139 15.72 -15.44 4.86
C GLY A 139 15.38 -14.29 3.91
N LEU A 140 14.22 -13.66 4.13
CA LEU A 140 13.79 -12.54 3.30
C LEU A 140 13.52 -11.32 4.19
N GLU A 141 13.99 -10.15 3.74
CA GLU A 141 13.81 -8.92 4.49
C GLU A 141 12.35 -8.49 4.50
N MET A 142 11.97 -7.74 5.51
CA MET A 142 10.59 -7.24 5.63
C MET A 142 10.14 -6.56 4.34
N PRO A 143 10.86 -5.55 3.89
CA PRO A 143 10.51 -4.81 2.65
C PRO A 143 10.11 -5.75 1.51
N GLN A 144 10.77 -6.91 1.43
CA GLN A 144 10.47 -7.87 0.38
C GLN A 144 9.11 -8.51 0.63
N TRP A 145 8.94 -9.10 1.81
CA TRP A 145 7.68 -9.73 2.16
C TRP A 145 6.54 -8.72 2.05
N LEU A 146 6.66 -7.63 2.81
CA LEU A 146 5.64 -6.59 2.77
C LEU A 146 5.21 -6.33 1.33
N LEU A 147 6.17 -6.39 0.40
CA LEU A 147 5.87 -6.19 -1.01
C LEU A 147 4.87 -7.26 -1.45
N GLY A 148 5.04 -8.45 -0.89
CA GLY A 148 4.15 -9.56 -1.21
C GLY A 148 2.72 -9.21 -0.82
N ILE A 149 2.55 -8.59 0.33
CA ILE A 149 1.23 -8.20 0.81
C ILE A 149 0.81 -6.90 0.14
N PHE A 150 1.80 -6.11 -0.27
CA PHE A 150 1.52 -4.84 -0.93
C PHE A 150 0.81 -5.06 -2.26
N ILE A 151 1.35 -5.96 -3.06
CA ILE A 151 0.77 -6.25 -4.37
C ILE A 151 -0.59 -6.91 -4.20
N ALA A 152 -0.70 -7.84 -3.26
CA ALA A 152 -1.96 -8.52 -3.02
C ALA A 152 -3.10 -7.50 -2.85
N TYR A 153 -2.86 -6.49 -2.04
CA TYR A 153 -3.89 -5.46 -1.81
C TYR A 153 -4.22 -4.73 -3.12
N LEU A 154 -3.21 -4.54 -3.96
CA LEU A 154 -3.41 -3.85 -5.23
C LEU A 154 -4.24 -4.70 -6.19
N ILE A 155 -4.05 -6.02 -6.11
CA ILE A 155 -4.76 -6.94 -6.98
C ILE A 155 -6.20 -7.17 -6.49
N VAL A 156 -6.40 -7.02 -5.19
CA VAL A 156 -7.72 -7.22 -4.60
C VAL A 156 -8.67 -6.09 -5.01
N ALA A 157 -8.15 -4.87 -5.04
CA ALA A 157 -8.96 -3.72 -5.40
C ALA A 157 -9.35 -3.74 -6.87
N VAL A 158 -8.36 -3.88 -7.74
CA VAL A 158 -8.62 -3.90 -9.17
C VAL A 158 -9.63 -5.00 -9.52
N LEU A 159 -9.59 -6.09 -8.77
CA LEU A 159 -10.50 -7.21 -9.02
C LEU A 159 -11.87 -6.94 -8.40
N VAL A 160 -11.90 -6.19 -7.31
CA VAL A 160 -13.14 -5.88 -6.63
C VAL A 160 -13.93 -4.82 -7.39
N VAL A 161 -13.22 -3.99 -8.16
CA VAL A 161 -13.88 -2.95 -8.94
C VAL A 161 -14.48 -3.52 -10.22
N ILE A 162 -13.69 -4.34 -10.91
CA ILE A 162 -14.17 -4.96 -12.15
C ILE A 162 -15.21 -6.03 -11.83
N SER A 163 -15.25 -6.45 -10.58
CA SER A 163 -16.21 -7.46 -10.14
C SER A 163 -17.62 -7.06 -10.55
N GLN A 164 -17.78 -5.81 -10.97
CA GLN A 164 -19.08 -5.31 -11.39
C GLN A 164 -19.80 -6.37 -12.24
N PRO A 165 -21.03 -6.71 -11.92
CA PRO A 165 -21.80 -7.72 -12.68
C PRO A 165 -22.26 -7.19 -14.04
N PHE A 166 -21.63 -6.10 -14.48
CA PHE A 166 -21.97 -5.49 -15.76
C PHE A 166 -23.48 -5.44 -15.94
N LYS A 167 -23.92 -5.58 -17.19
CA LYS A 167 -25.35 -5.56 -17.50
C LYS A 167 -25.91 -6.97 -17.63
N ALA A 168 -25.03 -7.97 -17.52
CA ALA A 168 -25.45 -9.36 -17.62
C ALA A 168 -26.17 -9.63 -18.92
N LYS A 169 -27.44 -9.21 -18.99
CA LYS A 169 -28.24 -9.41 -20.19
C LYS A 169 -27.41 -9.14 -21.44
N LYS A 170 -27.66 -9.92 -22.49
CA LYS A 170 -26.93 -9.76 -23.75
C LYS A 170 -25.43 -9.97 -23.53
N ARG A 171 -24.99 -11.20 -23.71
CA ARG A 171 -23.57 -11.53 -23.54
C ARG A 171 -22.75 -10.98 -24.71
N ASP A 172 -23.02 -11.51 -25.89
CA ASP A 172 -22.30 -11.06 -27.09
C ASP A 172 -23.09 -11.42 -28.35
N LEU A 173 -23.19 -12.71 -28.63
CA LEU A 173 -23.92 -13.17 -29.81
C LEU A 173 -24.16 -14.68 -29.73
N PHE A 174 -23.29 -15.37 -28.99
CA PHE A 174 -23.41 -16.81 -28.83
C PHE A 174 -23.32 -17.52 -30.18
N GLY A 175 -24.37 -17.37 -30.99
CA GLY A 175 -24.40 -18.00 -32.31
C GLY A 175 -25.05 -19.37 -32.25
N ARG A 176 -26.19 -19.51 -32.91
CA ARG A 176 -26.91 -20.77 -32.93
C ARG A 176 -25.99 -21.91 -33.38
N GLY A 177 -26.01 -22.21 -34.67
CA GLY A 177 -25.16 -23.27 -35.22
C GLY A 177 -25.89 -24.61 -35.17
N HIS A 178 -25.28 -25.62 -35.80
CA HIS A 178 -25.88 -26.95 -35.83
C HIS A 178 -25.53 -27.73 -34.55
N HIS A 179 -25.44 -27.01 -33.44
CA HIS A 179 -25.11 -27.64 -32.16
C HIS A 179 -23.86 -28.51 -32.30
N HIS A 180 -23.62 -29.36 -31.31
CA HIS A 180 -22.45 -30.24 -31.33
C HIS A 180 -22.87 -31.67 -30.98
N HIS A 181 -21.89 -32.56 -30.86
CA HIS A 181 -22.16 -33.95 -30.53
C HIS A 181 -21.00 -34.55 -29.75
N HIS A 182 -19.82 -33.97 -29.90
CA HIS A 182 -18.63 -34.46 -29.21
C HIS A 182 -17.61 -33.34 -29.05
N HIS A 183 -17.79 -32.27 -29.82
CA HIS A 183 -16.86 -31.13 -29.75
C HIS A 183 -17.14 -30.30 -28.51
N MET A 1 -17.82 -18.75 -7.69
CA MET A 1 -17.17 -18.25 -6.44
C MET A 1 -16.87 -16.75 -6.60
N LEU A 2 -16.73 -16.31 -7.84
CA LEU A 2 -16.43 -14.91 -8.11
C LEU A 2 -17.58 -14.02 -7.64
N ARG A 3 -18.81 -14.44 -7.93
CA ARG A 3 -19.98 -13.67 -7.53
C ARG A 3 -20.00 -13.46 -6.02
N PHE A 4 -19.48 -14.46 -5.29
CA PHE A 4 -19.43 -14.38 -3.84
C PHE A 4 -18.45 -13.30 -3.40
N LEU A 5 -17.29 -13.29 -4.04
CA LEU A 5 -16.27 -12.29 -3.71
C LEU A 5 -16.87 -10.89 -3.73
N ASN A 6 -17.76 -10.65 -4.69
CA ASN A 6 -18.41 -9.35 -4.79
C ASN A 6 -19.28 -9.10 -3.57
N GLN A 7 -19.78 -10.17 -2.98
CA GLN A 7 -20.64 -10.07 -1.81
C GLN A 7 -19.80 -9.91 -0.54
N ALA A 8 -18.79 -10.77 -0.39
CA ALA A 8 -17.91 -10.72 0.78
C ALA A 8 -17.22 -9.35 0.86
N SER A 9 -16.85 -8.81 -0.29
CA SER A 9 -16.17 -7.53 -0.33
C SER A 9 -17.18 -6.39 -0.13
N GLN A 10 -18.37 -6.56 -0.69
CA GLN A 10 -19.41 -5.54 -0.56
C GLN A 10 -19.87 -5.44 0.89
N GLY A 11 -19.20 -6.17 1.77
CA GLY A 11 -19.53 -6.14 3.19
C GLY A 11 -18.56 -5.22 3.93
N ARG A 12 -19.07 -4.54 4.96
CA ARG A 12 -18.24 -3.63 5.73
C ARG A 12 -17.19 -4.39 6.55
N GLY A 13 -17.64 -5.43 7.25
CA GLY A 13 -16.74 -6.24 8.06
C GLY A 13 -15.45 -6.53 7.31
N ALA A 14 -15.59 -6.91 6.05
CA ALA A 14 -14.44 -7.21 5.20
C ALA A 14 -13.58 -5.97 5.04
N TRP A 15 -14.22 -4.84 4.72
CA TRP A 15 -13.48 -3.59 4.55
C TRP A 15 -12.75 -3.23 5.84
N LEU A 16 -13.42 -3.39 6.96
CA LEU A 16 -12.83 -3.09 8.26
C LEU A 16 -11.63 -4.01 8.50
N LEU A 17 -11.71 -5.21 7.93
CA LEU A 17 -10.64 -6.20 8.08
C LEU A 17 -9.40 -5.77 7.30
N MET A 18 -9.60 -4.98 6.25
CA MET A 18 -8.48 -4.51 5.44
C MET A 18 -7.75 -3.39 6.16
N ALA A 19 -8.49 -2.56 6.89
CA ALA A 19 -7.90 -1.45 7.62
C ALA A 19 -7.01 -1.95 8.75
N PHE A 20 -7.58 -2.80 9.62
CA PHE A 20 -6.84 -3.34 10.75
C PHE A 20 -5.57 -4.05 10.27
N THR A 21 -5.69 -4.86 9.23
CA THR A 21 -4.55 -5.59 8.70
C THR A 21 -3.39 -4.63 8.41
N ALA A 22 -3.62 -3.70 7.49
CA ALA A 22 -2.58 -2.73 7.14
C ALA A 22 -2.04 -2.04 8.39
N LEU A 23 -2.86 -1.97 9.43
CA LEU A 23 -2.45 -1.34 10.68
C LEU A 23 -1.59 -2.29 11.50
N ALA A 24 -1.95 -3.57 11.49
CA ALA A 24 -1.21 -4.58 12.24
C ALA A 24 0.27 -4.54 11.89
N LEU A 25 0.57 -4.33 10.61
CA LEU A 25 1.96 -4.28 10.15
C LEU A 25 2.67 -3.04 10.69
N GLU A 26 1.91 -1.97 10.90
CA GLU A 26 2.49 -0.73 11.41
C GLU A 26 2.79 -0.85 12.90
N LEU A 27 1.85 -1.42 13.65
CA LEU A 27 2.03 -1.59 15.09
C LEU A 27 3.15 -2.60 15.37
N THR A 28 3.01 -3.80 14.83
CA THR A 28 4.00 -4.84 15.03
C THR A 28 5.41 -4.30 14.76
N ALA A 29 5.53 -3.52 13.69
CA ALA A 29 6.82 -2.94 13.33
C ALA A 29 7.17 -1.78 14.25
N LEU A 30 6.14 -1.11 14.76
CA LEU A 30 6.34 0.03 15.65
C LEU A 30 6.98 -0.40 16.97
N TRP A 31 6.91 -1.70 17.26
CA TRP A 31 7.49 -2.23 18.49
C TRP A 31 8.96 -2.56 18.30
N PHE A 32 9.29 -3.09 17.12
CA PHE A 32 10.68 -3.45 16.83
C PHE A 32 11.56 -2.21 16.82
N GLN A 33 11.02 -1.09 16.36
CA GLN A 33 11.77 0.15 16.28
C GLN A 33 11.81 0.84 17.65
N HIS A 34 11.23 0.18 18.65
CA HIS A 34 11.20 0.75 20.00
C HIS A 34 11.96 -0.15 20.96
N VAL A 35 11.66 -1.44 20.94
CA VAL A 35 12.33 -2.39 21.82
C VAL A 35 13.77 -2.63 21.36
N MET A 36 14.01 -2.47 20.06
CA MET A 36 15.35 -2.67 19.51
C MET A 36 15.97 -1.34 19.09
N LEU A 37 15.37 -0.25 19.54
CA LEU A 37 15.87 1.08 19.20
C LEU A 37 16.39 1.10 17.77
N LEU A 38 15.68 0.39 16.90
CA LEU A 38 16.07 0.32 15.49
C LEU A 38 15.94 1.70 14.82
N LYS A 39 16.82 1.97 13.86
CA LYS A 39 16.80 3.23 13.15
C LYS A 39 16.31 3.03 11.71
N PRO A 40 15.29 3.74 11.29
CA PRO A 40 14.74 3.61 9.91
C PRO A 40 15.60 4.31 8.87
N CYS A 41 15.20 4.22 7.60
CA CYS A 41 15.94 4.86 6.51
C CYS A 41 14.99 5.65 5.63
N VAL A 42 15.55 6.42 4.69
CA VAL A 42 14.74 7.21 3.78
C VAL A 42 13.74 6.33 3.04
N LEU A 43 14.25 5.27 2.42
CA LEU A 43 13.40 4.36 1.66
C LEU A 43 12.27 3.82 2.54
N SER A 44 12.60 3.55 3.80
CA SER A 44 11.61 3.03 4.74
C SER A 44 10.44 3.99 4.87
N ILE A 45 10.76 5.29 4.96
CA ILE A 45 9.73 6.31 5.07
C ILE A 45 8.84 6.29 3.83
N TYR A 46 9.46 6.33 2.66
CA TYR A 46 8.71 6.31 1.42
C TYR A 46 7.79 5.11 1.39
N GLU A 47 8.33 3.94 1.72
CA GLU A 47 7.54 2.71 1.72
C GLU A 47 6.42 2.80 2.76
N ARG A 48 6.70 3.41 3.90
CA ARG A 48 5.70 3.54 4.96
C ARG A 48 4.53 4.39 4.46
N ALA A 49 4.83 5.40 3.66
CA ALA A 49 3.79 6.28 3.13
C ALA A 49 2.87 5.50 2.20
N ALA A 50 3.45 4.55 1.46
CA ALA A 50 2.67 3.74 0.53
C ALA A 50 1.59 2.96 1.29
N LEU A 51 2.00 2.33 2.39
CA LEU A 51 1.05 1.54 3.19
C LEU A 51 0.20 2.47 4.05
N PHE A 52 0.84 3.34 4.81
CA PHE A 52 0.09 4.28 5.64
C PHE A 52 -1.08 4.85 4.84
N GLY A 53 -0.80 5.18 3.58
CA GLY A 53 -1.82 5.72 2.70
C GLY A 53 -2.90 4.68 2.43
N VAL A 54 -2.48 3.43 2.23
CA VAL A 54 -3.43 2.35 1.97
C VAL A 54 -4.39 2.20 3.15
N LEU A 55 -3.97 2.72 4.29
CA LEU A 55 -4.79 2.65 5.50
C LEU A 55 -5.86 3.74 5.47
N GLY A 56 -5.47 4.92 5.03
CA GLY A 56 -6.40 6.04 4.95
C GLY A 56 -7.45 5.79 3.88
N ALA A 57 -7.07 5.02 2.86
CA ALA A 57 -7.98 4.70 1.77
C ALA A 57 -8.99 3.65 2.20
N ALA A 58 -8.50 2.59 2.83
CA ALA A 58 -9.37 1.52 3.28
C ALA A 58 -10.45 2.07 4.20
N LEU A 59 -10.08 3.05 5.02
CA LEU A 59 -11.03 3.66 5.95
C LEU A 59 -12.10 4.44 5.18
N ILE A 60 -11.66 5.20 4.19
CA ILE A 60 -12.60 5.99 3.38
C ILE A 60 -13.49 5.08 2.54
N GLY A 61 -12.90 4.02 2.01
CA GLY A 61 -13.65 3.08 1.18
C GLY A 61 -14.62 2.26 2.03
N ALA A 62 -14.40 2.25 3.34
CA ALA A 62 -15.26 1.50 4.24
C ALA A 62 -16.49 2.31 4.61
N ILE A 63 -16.59 3.51 4.07
CA ILE A 63 -17.73 4.38 4.35
C ILE A 63 -18.95 3.96 3.55
N ALA A 64 -18.72 3.55 2.31
CA ALA A 64 -19.81 3.11 1.45
C ALA A 64 -19.29 2.75 0.05
N PRO A 65 -18.62 1.64 -0.07
CA PRO A 65 -18.05 1.16 -1.36
C PRO A 65 -19.10 0.45 -2.22
N LYS A 66 -20.37 0.74 -1.95
CA LYS A 66 -21.47 0.14 -2.70
C LYS A 66 -21.94 1.08 -3.80
N THR A 67 -21.44 2.32 -3.74
CA THR A 67 -21.80 3.33 -4.72
C THR A 67 -20.57 3.71 -5.55
N PRO A 68 -20.71 4.60 -6.50
CA PRO A 68 -19.57 5.03 -7.35
C PRO A 68 -18.36 5.46 -6.53
N LEU A 69 -18.49 5.40 -5.21
CA LEU A 69 -17.39 5.80 -4.33
C LEU A 69 -16.14 4.99 -4.65
N ARG A 70 -16.32 3.75 -5.07
CA ARG A 70 -15.19 2.89 -5.41
C ARG A 70 -14.10 3.68 -6.13
N TYR A 71 -14.41 4.26 -7.28
CA TYR A 71 -13.39 5.03 -8.00
C TYR A 71 -12.77 6.08 -7.08
N VAL A 72 -13.57 6.64 -6.18
CA VAL A 72 -13.08 7.68 -5.27
C VAL A 72 -11.98 7.14 -4.34
N ALA A 73 -12.25 6.05 -3.63
CA ALA A 73 -11.25 5.49 -2.73
C ALA A 73 -10.16 4.76 -3.52
N MET A 74 -10.57 4.07 -4.58
CA MET A 74 -9.62 3.33 -5.41
C MET A 74 -8.56 4.28 -5.97
N VAL A 75 -8.81 5.59 -5.86
CA VAL A 75 -7.87 6.57 -6.36
C VAL A 75 -6.52 6.41 -5.67
N ILE A 76 -6.59 6.06 -4.39
CA ILE A 76 -5.40 5.86 -3.57
C ILE A 76 -4.94 4.41 -3.65
N TRP A 77 -5.89 3.51 -3.91
CA TRP A 77 -5.55 2.10 -4.03
C TRP A 77 -4.73 1.85 -5.29
N LEU A 78 -5.26 2.31 -6.43
CA LEU A 78 -4.59 2.14 -7.71
C LEU A 78 -3.31 2.98 -7.75
N TYR A 79 -3.40 4.23 -7.35
CA TYR A 79 -2.23 5.11 -7.35
C TYR A 79 -1.03 4.41 -6.73
N SER A 80 -1.26 3.74 -5.61
CA SER A 80 -0.19 3.02 -4.92
C SER A 80 0.16 1.74 -5.66
N ALA A 81 -0.78 1.22 -6.43
CA ALA A 81 -0.54 -0.01 -7.18
C ALA A 81 0.63 0.13 -8.14
N PHE A 82 0.50 1.07 -9.07
CA PHE A 82 1.55 1.31 -10.06
C PHE A 82 2.76 2.00 -9.44
N ARG A 83 2.52 3.11 -8.75
CA ARG A 83 3.60 3.87 -8.14
C ARG A 83 4.27 3.12 -6.99
N GLY A 84 3.47 2.52 -6.12
CA GLY A 84 4.03 1.77 -4.99
C GLY A 84 4.96 0.67 -5.49
N VAL A 85 4.49 -0.10 -6.46
CA VAL A 85 5.30 -1.20 -6.99
C VAL A 85 6.47 -0.66 -7.80
N GLN A 86 6.18 0.20 -8.78
CA GLN A 86 7.23 0.77 -9.61
C GLN A 86 8.38 1.29 -8.75
N LEU A 87 8.07 1.60 -7.49
CA LEU A 87 9.08 2.11 -6.56
C LEU A 87 9.82 0.96 -5.89
N THR A 88 9.09 -0.12 -5.59
CA THR A 88 9.71 -1.27 -4.94
C THR A 88 10.85 -1.81 -5.77
N TYR A 89 10.82 -1.53 -7.07
CA TYR A 89 11.86 -2.02 -7.98
C TYR A 89 13.15 -1.23 -7.76
N GLU A 90 13.03 0.09 -7.64
CA GLU A 90 14.21 0.93 -7.44
C GLU A 90 14.93 0.53 -6.16
N HIS A 91 14.16 0.11 -5.16
CA HIS A 91 14.73 -0.30 -3.88
C HIS A 91 15.46 -1.64 -4.02
N THR A 92 14.81 -2.58 -4.70
CA THR A 92 15.40 -3.90 -4.89
C THR A 92 16.61 -3.82 -5.81
N MET A 93 16.48 -3.06 -6.90
CA MET A 93 17.57 -2.91 -7.85
C MET A 93 18.84 -2.41 -7.15
N LEU A 94 18.66 -1.45 -6.25
CA LEU A 94 19.79 -0.90 -5.52
C LEU A 94 20.36 -1.94 -4.54
N GLN A 95 19.46 -2.57 -3.79
CA GLN A 95 19.87 -3.59 -2.83
C GLN A 95 20.62 -4.72 -3.53
N LEU A 96 20.10 -5.13 -4.68
CA LEU A 96 20.71 -6.22 -5.45
C LEU A 96 21.78 -5.66 -6.38
N TYR A 97 21.70 -4.36 -6.64
CA TYR A 97 22.67 -3.70 -7.52
C TYR A 97 23.02 -2.32 -6.99
N PRO A 98 23.78 -2.27 -5.93
CA PRO A 98 24.19 -0.99 -5.28
C PRO A 98 24.87 -0.04 -6.27
N SER A 99 25.74 0.83 -5.75
CA SER A 99 26.43 1.79 -6.59
C SER A 99 27.53 2.50 -5.78
N PRO A 100 28.41 3.19 -6.44
CA PRO A 100 29.52 3.93 -5.77
C PRO A 100 29.05 4.62 -4.49
N PHE A 101 29.72 4.30 -3.38
CA PHE A 101 29.36 4.90 -2.09
C PHE A 101 29.49 6.42 -2.14
N ALA A 102 28.38 7.11 -1.94
CA ALA A 102 28.37 8.57 -1.96
C ALA A 102 28.65 9.12 -0.57
N THR A 103 28.02 8.53 0.44
CA THR A 103 28.20 8.97 1.82
C THR A 103 27.90 10.46 1.95
N SER A 104 26.62 10.80 1.88
CA SER A 104 26.20 12.19 2.00
C SER A 104 24.72 12.29 2.29
N ASP A 105 24.05 11.15 2.33
CA ASP A 105 22.62 11.11 2.60
C ASP A 105 22.34 11.48 4.06
N PHE A 106 21.73 10.56 4.79
CA PHE A 106 21.43 10.79 6.20
C PHE A 106 20.27 11.77 6.34
N MET A 107 20.53 13.04 6.04
CA MET A 107 19.50 14.07 6.13
C MET A 107 18.92 14.37 4.75
N VAL A 108 17.60 14.32 4.64
CA VAL A 108 16.93 14.59 3.38
C VAL A 108 16.66 16.09 3.21
N ARG A 109 16.03 16.45 2.09
CA ARG A 109 15.72 17.84 1.81
C ARG A 109 14.25 18.13 2.13
N PHE A 110 14.03 18.97 3.14
CA PHE A 110 12.67 19.32 3.55
C PHE A 110 11.94 20.07 2.43
N PRO A 111 10.73 19.70 2.11
CA PRO A 111 9.94 20.37 1.04
C PRO A 111 9.34 21.69 1.51
N GLU A 112 8.97 22.55 0.56
CA GLU A 112 8.39 23.85 0.89
C GLU A 112 6.90 23.91 0.53
N TRP A 113 6.41 22.87 -0.14
CA TRP A 113 4.99 22.85 -0.55
C TRP A 113 4.28 21.60 -0.04
N LEU A 114 5.03 20.68 0.57
CA LEU A 114 4.42 19.45 1.09
C LEU A 114 4.48 19.47 2.62
N PRO A 115 3.67 20.27 3.25
CA PRO A 115 3.63 20.37 4.73
C PRO A 115 3.42 19.01 5.40
N LEU A 116 3.41 17.96 4.60
CA LEU A 116 3.23 16.61 5.13
C LEU A 116 4.50 16.14 5.80
N ASP A 117 5.63 16.72 5.38
CA ASP A 117 6.93 16.38 5.95
C ASP A 117 7.34 17.41 6.98
N LYS A 118 7.05 18.68 6.70
CA LYS A 118 7.41 19.76 7.61
C LYS A 118 6.40 19.92 8.74
N TRP A 119 5.12 19.90 8.41
CA TRP A 119 4.08 20.06 9.43
C TRP A 119 4.02 18.83 10.32
N VAL A 120 4.61 17.73 9.87
CA VAL A 120 4.62 16.51 10.66
C VAL A 120 5.81 15.62 10.29
N PRO A 121 6.99 16.03 10.67
CA PRO A 121 8.24 15.28 10.40
C PRO A 121 8.41 14.08 11.34
N GLN A 122 7.49 13.97 12.30
CA GLN A 122 7.55 12.88 13.26
C GLN A 122 7.70 11.54 12.56
N VAL A 123 6.81 11.28 11.60
CA VAL A 123 6.85 10.03 10.85
C VAL A 123 7.26 10.28 9.40
N PHE A 124 8.35 11.03 9.23
CA PHE A 124 8.84 11.35 7.89
C PHE A 124 10.37 11.47 7.88
N VAL A 125 10.91 12.14 8.89
CA VAL A 125 12.36 12.31 8.98
C VAL A 125 13.05 10.97 9.03
N ALA A 126 14.10 10.83 8.21
CA ALA A 126 14.85 9.58 8.15
C ALA A 126 16.10 9.68 9.02
N SER A 127 16.68 8.54 9.37
CA SER A 127 17.88 8.52 10.19
C SER A 127 18.53 7.13 10.17
N GLY A 128 19.57 6.98 9.35
CA GLY A 128 20.26 5.70 9.23
C GLY A 128 20.63 5.41 7.77
N ASP A 129 21.23 4.25 7.55
CA ASP A 129 21.62 3.86 6.19
C ASP A 129 20.46 3.18 5.48
N CYS A 130 20.40 3.36 4.16
CA CYS A 130 19.33 2.77 3.37
C CYS A 130 19.82 1.51 2.66
N ALA A 131 19.05 0.44 2.80
CA ALA A 131 19.38 -0.86 2.19
C ALA A 131 20.14 -1.74 3.16
N GLU A 132 20.52 -1.18 4.31
CA GLU A 132 21.25 -1.95 5.31
C GLU A 132 20.34 -3.00 5.91
N ARG A 133 20.93 -4.14 6.31
CA ARG A 133 20.16 -5.22 6.89
C ARG A 133 19.98 -5.01 8.39
N GLN A 134 18.73 -4.98 8.84
CA GLN A 134 18.44 -4.78 10.26
C GLN A 134 17.49 -5.86 10.77
N TRP A 135 16.73 -6.48 9.87
CA TRP A 135 15.81 -7.53 10.25
C TRP A 135 15.18 -8.20 9.04
N ASP A 136 15.30 -9.52 8.96
CA ASP A 136 14.76 -10.26 7.82
C ASP A 136 14.12 -11.57 8.25
N PHE A 137 13.24 -12.09 7.39
CA PHE A 137 12.57 -13.36 7.64
C PHE A 137 13.04 -14.39 6.62
N LEU A 138 13.26 -15.62 7.06
CA LEU A 138 13.71 -16.66 6.14
C LEU A 138 14.89 -16.16 5.30
N GLY A 139 15.51 -15.08 5.74
CA GLY A 139 16.66 -14.52 5.02
C GLY A 139 16.23 -13.45 4.01
N LEU A 140 15.06 -12.85 4.22
CA LEU A 140 14.55 -11.81 3.32
C LEU A 140 14.23 -10.56 4.13
N GLU A 141 14.57 -9.40 3.58
CA GLU A 141 14.31 -8.14 4.24
C GLU A 141 12.82 -7.83 4.24
N MET A 142 12.36 -7.16 5.29
CA MET A 142 10.94 -6.82 5.38
C MET A 142 10.46 -6.22 4.05
N PRO A 143 11.02 -5.10 3.65
CA PRO A 143 10.65 -4.43 2.37
C PRO A 143 10.27 -5.42 1.27
N GLN A 144 10.99 -6.53 1.19
CA GLN A 144 10.70 -7.55 0.18
C GLN A 144 9.39 -8.26 0.51
N TRP A 145 9.31 -8.82 1.71
CA TRP A 145 8.10 -9.51 2.13
C TRP A 145 6.89 -8.58 2.00
N LEU A 146 6.97 -7.43 2.68
CA LEU A 146 5.88 -6.46 2.62
C LEU A 146 5.41 -6.31 1.17
N LEU A 147 6.36 -6.35 0.24
CA LEU A 147 6.03 -6.24 -1.18
C LEU A 147 5.04 -7.36 -1.55
N GLY A 148 5.27 -8.52 -0.93
CA GLY A 148 4.40 -9.67 -1.18
C GLY A 148 2.96 -9.34 -0.81
N ILE A 149 2.79 -8.73 0.36
CA ILE A 149 1.47 -8.35 0.83
C ILE A 149 0.96 -7.12 0.08
N PHE A 150 1.90 -6.27 -0.34
CA PHE A 150 1.55 -5.07 -1.08
C PHE A 150 0.80 -5.43 -2.35
N ILE A 151 1.37 -6.39 -3.09
CA ILE A 151 0.76 -6.85 -4.34
C ILE A 151 -0.63 -7.41 -4.08
N ALA A 152 -0.74 -8.24 -3.05
CA ALA A 152 -2.02 -8.84 -2.69
C ALA A 152 -3.12 -7.79 -2.68
N TYR A 153 -2.83 -6.66 -2.05
CA TYR A 153 -3.81 -5.58 -1.96
C TYR A 153 -4.23 -5.11 -3.35
N LEU A 154 -3.25 -4.95 -4.24
CA LEU A 154 -3.56 -4.51 -5.61
C LEU A 154 -4.49 -5.47 -6.32
N ILE A 155 -4.39 -6.75 -5.96
CA ILE A 155 -5.21 -7.78 -6.59
C ILE A 155 -6.64 -7.76 -6.04
N VAL A 156 -6.79 -7.30 -4.80
CA VAL A 156 -8.11 -7.25 -4.17
C VAL A 156 -8.94 -6.10 -4.72
N ALA A 157 -8.28 -4.98 -5.02
CA ALA A 157 -8.97 -3.81 -5.55
C ALA A 157 -9.37 -4.01 -7.02
N VAL A 158 -8.40 -4.36 -7.85
CA VAL A 158 -8.67 -4.56 -9.27
C VAL A 158 -9.76 -5.60 -9.50
N LEU A 159 -9.72 -6.69 -8.74
CA LEU A 159 -10.71 -7.74 -8.88
C LEU A 159 -12.06 -7.31 -8.30
N VAL A 160 -12.02 -6.49 -7.26
CA VAL A 160 -13.25 -6.02 -6.63
C VAL A 160 -13.92 -4.92 -7.45
N VAL A 161 -13.12 -4.17 -8.18
CA VAL A 161 -13.66 -3.08 -9.01
C VAL A 161 -14.34 -3.65 -10.25
N ILE A 162 -13.63 -4.50 -10.97
CA ILE A 162 -14.17 -5.11 -12.18
C ILE A 162 -15.40 -5.96 -11.86
N SER A 163 -15.42 -6.57 -10.70
CA SER A 163 -16.54 -7.42 -10.30
C SER A 163 -17.84 -6.62 -10.28
N GLN A 164 -17.75 -5.34 -10.61
CA GLN A 164 -18.93 -4.48 -10.63
C GLN A 164 -19.91 -4.95 -11.71
N PRO A 165 -21.20 -4.79 -11.48
CA PRO A 165 -22.24 -5.19 -12.46
C PRO A 165 -21.88 -4.79 -13.89
N PHE A 166 -20.89 -3.92 -14.02
CA PHE A 166 -20.45 -3.45 -15.33
C PHE A 166 -21.42 -2.41 -15.88
N LYS A 167 -22.71 -2.73 -15.86
CA LYS A 167 -23.72 -1.81 -16.36
C LYS A 167 -24.96 -1.85 -15.46
N ALA A 168 -25.74 -2.91 -15.57
CA ALA A 168 -26.95 -3.06 -14.76
C ALA A 168 -27.48 -4.48 -14.87
N LYS A 169 -28.45 -4.68 -15.76
CA LYS A 169 -29.04 -6.00 -15.95
C LYS A 169 -29.54 -6.56 -14.61
N LYS A 170 -30.85 -6.56 -14.44
CA LYS A 170 -31.44 -7.07 -13.21
C LYS A 170 -31.28 -8.59 -13.12
N ARG A 171 -31.27 -9.12 -11.90
CA ARG A 171 -31.12 -10.56 -11.70
C ARG A 171 -31.97 -11.02 -10.53
N ASP A 172 -31.46 -12.01 -9.78
CA ASP A 172 -32.19 -12.55 -8.64
C ASP A 172 -32.20 -11.53 -7.51
N LEU A 173 -32.50 -12.01 -6.29
CA LEU A 173 -32.56 -11.13 -5.13
C LEU A 173 -31.96 -11.83 -3.90
N PHE A 174 -32.70 -12.78 -3.35
CA PHE A 174 -32.23 -13.51 -2.18
C PHE A 174 -31.22 -14.58 -2.58
N GLY A 175 -31.66 -15.52 -3.41
CA GLY A 175 -30.78 -16.59 -3.86
C GLY A 175 -30.67 -17.69 -2.81
N ARG A 176 -30.97 -18.93 -3.23
CA ARG A 176 -30.91 -20.06 -2.31
C ARG A 176 -31.01 -21.37 -3.08
N GLY A 177 -31.84 -21.39 -4.12
CA GLY A 177 -32.03 -22.59 -4.93
C GLY A 177 -33.27 -23.36 -4.50
N HIS A 178 -33.31 -24.65 -4.82
CA HIS A 178 -34.45 -25.49 -4.47
C HIS A 178 -33.98 -26.75 -3.74
N HIS A 179 -34.89 -27.37 -3.00
CA HIS A 179 -34.56 -28.58 -2.26
C HIS A 179 -35.80 -29.44 -2.06
N HIS A 180 -36.98 -28.83 -2.23
CA HIS A 180 -38.24 -29.55 -2.06
C HIS A 180 -38.59 -30.28 -3.36
N HIS A 181 -38.64 -31.60 -3.30
CA HIS A 181 -38.98 -32.41 -4.47
C HIS A 181 -40.25 -33.21 -4.22
N HIS A 182 -40.10 -34.51 -3.96
CA HIS A 182 -41.24 -35.37 -3.72
C HIS A 182 -42.20 -35.32 -4.89
N HIS A 183 -41.69 -35.56 -6.09
CA HIS A 183 -42.52 -35.54 -7.29
C HIS A 183 -43.20 -34.18 -7.45
N MET A 1 -17.59 -17.68 -7.95
CA MET A 1 -16.57 -17.39 -6.90
C MET A 1 -16.34 -15.89 -6.83
N LEU A 2 -16.35 -15.22 -7.99
CA LEU A 2 -16.14 -13.79 -8.04
C LEU A 2 -17.38 -13.04 -7.54
N ARG A 3 -18.55 -13.52 -7.94
CA ARG A 3 -19.80 -12.89 -7.53
C ARG A 3 -19.85 -12.79 -6.01
N PHE A 4 -19.28 -13.78 -5.34
CA PHE A 4 -19.26 -13.80 -3.88
C PHE A 4 -18.28 -12.75 -3.35
N LEU A 5 -17.10 -12.69 -3.96
CA LEU A 5 -16.09 -11.73 -3.54
C LEU A 5 -16.72 -10.34 -3.37
N ASN A 6 -17.65 -10.01 -4.25
CA ASN A 6 -18.32 -8.72 -4.19
C ASN A 6 -19.20 -8.62 -2.95
N GLN A 7 -19.67 -9.78 -2.49
CA GLN A 7 -20.52 -9.82 -1.30
C GLN A 7 -19.69 -9.74 -0.02
N ALA A 8 -18.64 -10.54 0.04
CA ALA A 8 -17.77 -10.56 1.20
C ALA A 8 -17.15 -9.18 1.43
N SER A 9 -16.76 -8.52 0.35
CA SER A 9 -16.16 -7.20 0.43
C SER A 9 -17.22 -6.14 0.70
N GLN A 10 -18.39 -6.31 0.10
CA GLN A 10 -19.48 -5.36 0.28
C GLN A 10 -19.95 -5.36 1.73
N GLY A 11 -19.28 -6.15 2.56
CA GLY A 11 -19.63 -6.24 3.97
C GLY A 11 -18.70 -5.34 4.79
N ARG A 12 -19.24 -4.82 5.89
CA ARG A 12 -18.45 -3.94 6.76
C ARG A 12 -17.36 -4.73 7.49
N GLY A 13 -17.54 -6.04 7.57
CA GLY A 13 -16.58 -6.90 8.24
C GLY A 13 -15.29 -6.99 7.44
N ALA A 14 -15.41 -7.18 6.14
CA ALA A 14 -14.25 -7.28 5.27
C ALA A 14 -13.47 -5.98 5.29
N TRP A 15 -14.17 -4.87 5.07
CA TRP A 15 -13.52 -3.56 5.06
C TRP A 15 -12.80 -3.32 6.38
N LEU A 16 -13.48 -3.63 7.48
CA LEU A 16 -12.88 -3.45 8.80
C LEU A 16 -11.69 -4.38 8.97
N LEU A 17 -11.75 -5.53 8.30
CA LEU A 17 -10.68 -6.51 8.39
C LEU A 17 -9.43 -6.00 7.67
N MET A 18 -9.63 -5.23 6.60
CA MET A 18 -8.51 -4.70 5.84
C MET A 18 -7.79 -3.63 6.64
N ALA A 19 -8.54 -2.89 7.44
CA ALA A 19 -7.97 -1.82 8.26
C ALA A 19 -7.10 -2.41 9.36
N PHE A 20 -7.66 -3.34 10.12
CA PHE A 20 -6.94 -3.96 11.22
C PHE A 20 -5.58 -4.47 10.75
N THR A 21 -5.57 -5.13 9.60
CA THR A 21 -4.33 -5.65 9.06
C THR A 21 -3.33 -4.52 8.82
N ALA A 22 -3.70 -3.58 7.96
CA ALA A 22 -2.83 -2.45 7.65
C ALA A 22 -2.28 -1.81 8.93
N LEU A 23 -3.08 -1.84 9.99
CA LEU A 23 -2.66 -1.25 11.26
C LEU A 23 -1.75 -2.22 12.02
N ALA A 24 -2.08 -3.49 11.99
CA ALA A 24 -1.28 -4.51 12.68
C ALA A 24 0.20 -4.31 12.40
N LEU A 25 0.52 -4.01 11.14
CA LEU A 25 1.92 -3.81 10.75
C LEU A 25 2.46 -2.51 11.35
N GLU A 26 1.57 -1.57 11.62
CA GLU A 26 1.99 -0.30 12.20
C GLU A 26 2.44 -0.48 13.64
N LEU A 27 1.75 -1.35 14.36
CA LEU A 27 2.08 -1.61 15.76
C LEU A 27 3.30 -2.52 15.86
N THR A 28 3.20 -3.70 15.26
CA THR A 28 4.30 -4.66 15.29
C THR A 28 5.63 -3.96 15.02
N ALA A 29 5.62 -3.02 14.08
CA ALA A 29 6.83 -2.29 13.75
C ALA A 29 7.18 -1.27 14.83
N LEU A 30 6.15 -0.69 15.44
CA LEU A 30 6.36 0.30 16.49
C LEU A 30 7.08 -0.32 17.69
N TRP A 31 7.05 -1.65 17.77
CA TRP A 31 7.70 -2.35 18.88
C TRP A 31 9.14 -2.69 18.53
N PHE A 32 9.44 -2.80 17.24
CA PHE A 32 10.79 -3.13 16.80
C PHE A 32 11.72 -1.93 16.98
N GLN A 33 11.20 -0.73 16.72
CA GLN A 33 12.00 0.49 16.85
C GLN A 33 12.09 0.92 18.30
N HIS A 34 11.48 0.14 19.18
CA HIS A 34 11.50 0.43 20.62
C HIS A 34 12.17 -0.71 21.38
N VAL A 35 11.68 -1.92 21.16
CA VAL A 35 12.24 -3.08 21.83
C VAL A 35 13.68 -3.33 21.38
N MET A 36 13.92 -3.16 20.08
CA MET A 36 15.25 -3.35 19.52
C MET A 36 15.87 -2.02 19.13
N LEU A 37 15.29 -0.92 19.63
CA LEU A 37 15.80 0.41 19.33
C LEU A 37 16.29 0.47 17.89
N LEU A 38 15.52 -0.14 16.99
CA LEU A 38 15.88 -0.17 15.57
C LEU A 38 15.87 1.23 14.97
N LYS A 39 16.66 1.43 13.92
CA LYS A 39 16.74 2.72 13.24
C LYS A 39 16.45 2.56 11.75
N PRO A 40 15.30 3.02 11.29
CA PRO A 40 14.92 2.89 9.85
C PRO A 40 15.60 3.95 9.00
N CYS A 41 15.50 3.78 7.68
CA CYS A 41 16.12 4.72 6.74
C CYS A 41 15.04 5.52 6.01
N VAL A 42 15.47 6.35 5.07
CA VAL A 42 14.54 7.17 4.30
C VAL A 42 13.61 6.29 3.46
N LEU A 43 14.18 5.28 2.81
CA LEU A 43 13.39 4.39 1.98
C LEU A 43 12.29 3.70 2.80
N SER A 44 12.68 3.17 3.95
CA SER A 44 11.73 2.49 4.82
C SER A 44 10.63 3.45 5.28
N ILE A 45 11.03 4.64 5.71
CA ILE A 45 10.07 5.63 6.16
C ILE A 45 9.13 6.02 5.02
N TYR A 46 9.71 6.33 3.87
CA TYR A 46 8.91 6.70 2.71
C TYR A 46 7.89 5.60 2.42
N GLU A 47 8.36 4.35 2.39
CA GLU A 47 7.48 3.22 2.14
C GLU A 47 6.31 3.24 3.10
N ARG A 48 6.61 3.43 4.39
CA ARG A 48 5.58 3.47 5.40
C ARG A 48 4.47 4.45 4.99
N ALA A 49 4.88 5.54 4.34
CA ALA A 49 3.93 6.55 3.89
C ALA A 49 2.98 5.96 2.85
N ALA A 50 3.52 5.14 1.96
CA ALA A 50 2.71 4.51 0.91
C ALA A 50 1.61 3.65 1.53
N LEU A 51 1.99 2.81 2.49
CA LEU A 51 1.03 1.94 3.15
C LEU A 51 0.16 2.75 4.10
N PHE A 52 0.78 3.55 4.96
CA PHE A 52 0.01 4.37 5.89
C PHE A 52 -1.17 5.00 5.15
N GLY A 53 -0.91 5.47 3.94
CA GLY A 53 -1.95 6.10 3.13
C GLY A 53 -3.01 5.06 2.72
N VAL A 54 -2.55 3.84 2.42
CA VAL A 54 -3.47 2.78 2.03
C VAL A 54 -4.42 2.48 3.18
N LEU A 55 -4.01 2.90 4.37
CA LEU A 55 -4.83 2.67 5.56
C LEU A 55 -5.94 3.72 5.63
N GLY A 56 -5.56 4.97 5.40
CA GLY A 56 -6.53 6.06 5.43
C GLY A 56 -7.58 5.87 4.34
N ALA A 57 -7.15 5.27 3.23
CA ALA A 57 -8.06 5.01 2.12
C ALA A 57 -9.06 3.94 2.49
N ALA A 58 -8.58 2.90 3.18
CA ALA A 58 -9.46 1.82 3.60
C ALA A 58 -10.59 2.36 4.46
N LEU A 59 -10.29 3.41 5.22
CA LEU A 59 -11.29 4.02 6.08
C LEU A 59 -12.29 4.84 5.25
N ILE A 60 -11.81 5.40 4.14
CA ILE A 60 -12.66 6.20 3.27
C ILE A 60 -13.50 5.30 2.36
N GLY A 61 -12.88 4.26 1.82
CA GLY A 61 -13.58 3.34 0.93
C GLY A 61 -14.59 2.49 1.70
N ALA A 62 -14.37 2.36 3.01
CA ALA A 62 -15.28 1.58 3.85
C ALA A 62 -16.58 2.34 4.11
N ILE A 63 -16.75 3.47 3.43
CA ILE A 63 -17.96 4.27 3.60
C ILE A 63 -19.12 3.64 2.83
N ALA A 64 -18.93 3.42 1.54
CA ALA A 64 -19.98 2.83 0.71
C ALA A 64 -19.48 2.58 -0.71
N PRO A 65 -18.82 1.48 -0.95
CA PRO A 65 -18.27 1.12 -2.28
C PRO A 65 -19.35 0.53 -3.20
N LYS A 66 -20.60 0.86 -2.91
CA LYS A 66 -21.72 0.35 -3.71
C LYS A 66 -22.18 1.42 -4.71
N THR A 67 -21.68 2.63 -4.53
CA THR A 67 -22.01 3.75 -5.40
C THR A 67 -20.82 4.05 -6.31
N PRO A 68 -20.93 5.02 -7.18
CA PRO A 68 -19.81 5.39 -8.10
C PRO A 68 -18.48 5.54 -7.35
N LEU A 69 -18.55 5.42 -6.02
CA LEU A 69 -17.35 5.54 -5.19
C LEU A 69 -16.24 4.62 -5.73
N ARG A 70 -16.65 3.49 -6.30
CA ARG A 70 -15.68 2.54 -6.85
C ARG A 70 -14.52 3.27 -7.54
N TYR A 71 -14.78 3.96 -8.64
CA TYR A 71 -13.71 4.69 -9.32
C TYR A 71 -13.06 5.68 -8.36
N VAL A 72 -13.85 6.30 -7.49
CA VAL A 72 -13.32 7.28 -6.57
C VAL A 72 -12.25 6.68 -5.66
N ALA A 73 -12.54 5.58 -4.99
CA ALA A 73 -11.55 4.95 -4.12
C ALA A 73 -10.38 4.42 -4.95
N MET A 74 -10.70 3.95 -6.15
CA MET A 74 -9.67 3.42 -7.04
C MET A 74 -8.68 4.50 -7.44
N VAL A 75 -8.98 5.75 -7.07
CA VAL A 75 -8.10 6.88 -7.40
C VAL A 75 -6.74 6.73 -6.71
N ILE A 76 -6.81 6.30 -5.45
CA ILE A 76 -5.59 6.13 -4.66
C ILE A 76 -5.03 4.72 -4.84
N TRP A 77 -5.90 3.76 -5.13
CA TRP A 77 -5.45 2.39 -5.33
C TRP A 77 -4.63 2.30 -6.61
N LEU A 78 -5.16 2.87 -7.69
CA LEU A 78 -4.47 2.85 -8.97
C LEU A 78 -3.19 3.68 -8.87
N TYR A 79 -3.31 4.87 -8.27
CA TYR A 79 -2.15 5.74 -8.12
C TYR A 79 -0.98 4.96 -7.51
N SER A 80 -1.28 4.16 -6.50
CA SER A 80 -0.24 3.36 -5.85
C SER A 80 0.05 2.10 -6.66
N ALA A 81 -0.90 1.68 -7.48
CA ALA A 81 -0.72 0.48 -8.28
C ALA A 81 0.48 0.60 -9.21
N PHE A 82 0.44 1.58 -10.09
CA PHE A 82 1.54 1.79 -11.04
C PHE A 82 2.73 2.47 -10.36
N ARG A 83 2.48 3.51 -9.58
CA ARG A 83 3.56 4.23 -8.93
C ARG A 83 4.21 3.42 -7.82
N GLY A 84 3.40 2.70 -7.04
CA GLY A 84 3.96 1.88 -5.97
C GLY A 84 4.84 0.75 -6.51
N VAL A 85 4.36 0.05 -7.53
CA VAL A 85 5.11 -1.07 -8.09
C VAL A 85 6.22 -0.61 -9.02
N GLN A 86 5.98 0.47 -9.77
CA GLN A 86 6.99 0.97 -10.69
C GLN A 86 8.20 1.51 -9.93
N LEU A 87 7.99 1.94 -8.69
CA LEU A 87 9.08 2.48 -7.88
C LEU A 87 9.76 1.37 -7.09
N THR A 88 9.00 0.32 -6.77
CA THR A 88 9.56 -0.79 -6.01
C THR A 88 10.71 -1.44 -6.78
N TYR A 89 10.45 -1.79 -8.04
CA TYR A 89 11.47 -2.42 -8.87
C TYR A 89 12.77 -1.61 -8.83
N GLU A 90 12.63 -0.30 -8.65
CA GLU A 90 13.80 0.57 -8.60
C GLU A 90 14.59 0.32 -7.32
N HIS A 91 13.85 0.09 -6.22
CA HIS A 91 14.49 -0.16 -4.94
C HIS A 91 15.21 -1.51 -4.95
N THR A 92 14.61 -2.49 -5.64
CA THR A 92 15.21 -3.81 -5.74
C THR A 92 16.43 -3.78 -6.66
N MET A 93 16.33 -3.02 -7.75
CA MET A 93 17.43 -2.91 -8.70
C MET A 93 18.67 -2.37 -8.00
N LEU A 94 18.47 -1.48 -7.05
CA LEU A 94 19.58 -0.89 -6.30
C LEU A 94 20.21 -1.93 -5.38
N GLN A 95 19.36 -2.76 -4.77
CA GLN A 95 19.84 -3.78 -3.85
C GLN A 95 20.54 -4.90 -4.62
N LEU A 96 20.00 -5.24 -5.79
CA LEU A 96 20.58 -6.31 -6.60
C LEU A 96 21.60 -5.75 -7.59
N TYR A 97 21.48 -4.46 -7.90
CA TYR A 97 22.39 -3.82 -8.85
C TYR A 97 22.60 -2.35 -8.50
N PRO A 98 23.48 -2.05 -7.57
CA PRO A 98 23.77 -0.65 -7.15
C PRO A 98 24.72 0.05 -8.11
N SER A 99 25.46 -0.74 -8.89
CA SER A 99 26.42 -0.18 -9.84
C SER A 99 27.45 0.69 -9.12
N PRO A 100 28.52 1.03 -9.80
CA PRO A 100 29.60 1.87 -9.21
C PRO A 100 29.05 3.05 -8.41
N PHE A 101 29.21 3.00 -7.10
CA PHE A 101 28.72 4.07 -6.24
C PHE A 101 27.21 4.24 -6.38
N ALA A 102 26.50 4.15 -5.26
CA ALA A 102 25.05 4.29 -5.27
C ALA A 102 24.59 5.14 -4.08
N THR A 103 25.53 5.42 -3.18
CA THR A 103 25.21 6.23 -2.00
C THR A 103 24.12 5.56 -1.18
N SER A 104 24.11 5.84 0.12
CA SER A 104 23.11 5.27 1.01
C SER A 104 22.90 6.17 2.23
N ASP A 105 22.86 7.47 1.99
CA ASP A 105 22.66 8.44 3.07
C ASP A 105 22.31 9.81 2.51
N PHE A 106 21.05 10.21 2.68
CA PHE A 106 20.61 11.51 2.19
C PHE A 106 19.44 12.03 3.04
N MET A 107 19.24 13.34 3.04
CA MET A 107 18.17 13.94 3.81
C MET A 107 16.86 13.94 3.03
N VAL A 108 15.80 13.46 3.67
CA VAL A 108 14.48 13.40 3.02
C VAL A 108 14.21 14.70 2.25
N ARG A 109 14.24 14.60 0.93
CA ARG A 109 13.98 15.77 0.08
C ARG A 109 12.57 15.73 -0.49
N PHE A 110 11.66 16.48 0.13
CA PHE A 110 10.28 16.52 -0.33
C PHE A 110 9.83 17.97 -0.53
N PRO A 111 8.80 18.19 -1.30
CA PRO A 111 8.27 19.55 -1.58
C PRO A 111 8.31 20.45 -0.34
N GLU A 112 8.42 21.75 -0.56
CA GLU A 112 8.48 22.71 0.54
C GLU A 112 7.14 23.43 0.70
N TRP A 113 6.17 23.06 -0.14
CA TRP A 113 4.85 23.67 -0.09
C TRP A 113 3.80 22.64 0.35
N LEU A 114 4.27 21.49 0.81
CA LEU A 114 3.38 20.43 1.27
C LEU A 114 3.66 20.12 2.74
N PRO A 115 3.03 20.86 3.63
CA PRO A 115 3.22 20.67 5.11
C PRO A 115 2.96 19.23 5.57
N LEU A 116 2.92 18.31 4.61
CA LEU A 116 2.69 16.90 4.94
C LEU A 116 3.94 16.29 5.53
N ASP A 117 5.10 16.80 5.10
CA ASP A 117 6.38 16.32 5.61
C ASP A 117 6.88 17.22 6.72
N LYS A 118 6.69 18.53 6.54
CA LYS A 118 7.14 19.50 7.53
C LYS A 118 6.27 19.46 8.77
N TRP A 119 4.95 19.41 8.58
CA TRP A 119 4.04 19.37 9.72
C TRP A 119 4.03 17.97 10.33
N VAL A 120 4.62 17.01 9.62
CA VAL A 120 4.67 15.63 10.13
C VAL A 120 6.08 15.06 9.99
N PRO A 121 7.02 15.58 10.74
CA PRO A 121 8.43 15.12 10.71
C PRO A 121 8.62 13.85 11.54
N GLN A 122 7.71 13.63 12.47
CA GLN A 122 7.77 12.45 13.34
C GLN A 122 7.83 11.17 12.51
N VAL A 123 6.86 11.02 11.61
CA VAL A 123 6.80 9.83 10.76
C VAL A 123 7.24 10.17 9.34
N PHE A 124 8.43 10.75 9.22
CA PHE A 124 8.95 11.13 7.91
C PHE A 124 10.48 11.28 7.96
N VAL A 125 10.98 11.79 9.09
CA VAL A 125 12.42 11.99 9.26
C VAL A 125 13.15 10.66 9.28
N ALA A 126 14.20 10.56 8.47
CA ALA A 126 14.99 9.33 8.40
C ALA A 126 16.22 9.42 9.30
N SER A 127 16.83 8.27 9.59
CA SER A 127 18.02 8.24 10.43
C SER A 127 18.58 6.82 10.51
N GLY A 128 19.65 6.56 9.76
CA GLY A 128 20.28 5.25 9.75
C GLY A 128 20.74 4.86 8.35
N ASP A 129 21.37 3.69 8.23
CA ASP A 129 21.84 3.22 6.93
C ASP A 129 20.69 2.60 6.15
N CYS A 130 20.61 2.94 4.86
CA CYS A 130 19.54 2.42 4.01
C CYS A 130 19.97 1.12 3.34
N ALA A 131 19.13 0.10 3.45
CA ALA A 131 19.40 -1.21 2.85
C ALA A 131 20.15 -2.10 3.84
N GLU A 132 20.45 -1.56 5.01
CA GLU A 132 21.15 -2.34 6.03
C GLU A 132 20.24 -3.45 6.55
N ARG A 133 20.83 -4.60 6.88
CA ARG A 133 20.07 -5.74 7.38
C ARG A 133 19.90 -5.64 8.89
N GLN A 134 18.66 -5.50 9.34
CA GLN A 134 18.37 -5.40 10.77
C GLN A 134 17.49 -6.56 11.21
N TRP A 135 16.79 -7.16 10.27
CA TRP A 135 15.91 -8.29 10.57
C TRP A 135 15.31 -8.86 9.28
N ASP A 136 15.43 -10.16 9.09
CA ASP A 136 14.91 -10.79 7.88
C ASP A 136 14.26 -12.14 8.15
N PHE A 137 13.40 -12.56 7.23
CA PHE A 137 12.71 -13.84 7.32
C PHE A 137 13.13 -14.71 6.13
N LEU A 138 13.35 -15.99 6.39
CA LEU A 138 13.75 -16.90 5.32
C LEU A 138 14.93 -16.31 4.54
N GLY A 139 15.60 -15.33 5.12
CA GLY A 139 16.74 -14.70 4.46
C GLY A 139 16.33 -13.49 3.62
N LEU A 140 15.17 -12.93 3.91
CA LEU A 140 14.67 -11.77 3.17
C LEU A 140 14.35 -10.63 4.14
N GLU A 141 14.73 -9.42 3.76
CA GLU A 141 14.48 -8.25 4.61
C GLU A 141 12.99 -7.92 4.64
N MET A 142 12.55 -7.36 5.76
CA MET A 142 11.14 -7.00 5.92
C MET A 142 10.65 -6.21 4.70
N PRO A 143 11.35 -5.16 4.32
CA PRO A 143 10.97 -4.32 3.16
C PRO A 143 10.55 -5.15 1.95
N GLN A 144 11.22 -6.28 1.74
CA GLN A 144 10.90 -7.14 0.61
C GLN A 144 9.56 -7.85 0.85
N TRP A 145 9.40 -8.38 2.06
CA TRP A 145 8.17 -9.08 2.40
C TRP A 145 7.00 -8.11 2.39
N LEU A 146 7.10 -7.04 3.18
CA LEU A 146 6.03 -6.05 3.23
C LEU A 146 5.55 -5.73 1.81
N LEU A 147 6.50 -5.67 0.87
CA LEU A 147 6.14 -5.40 -0.52
C LEU A 147 5.23 -6.52 -1.02
N GLY A 148 5.51 -7.72 -0.55
CA GLY A 148 4.69 -8.87 -0.95
C GLY A 148 3.23 -8.59 -0.64
N ILE A 149 2.99 -7.93 0.49
CA ILE A 149 1.64 -7.59 0.89
C ILE A 149 1.18 -6.33 0.17
N PHE A 150 2.14 -5.48 -0.20
CA PHE A 150 1.84 -4.24 -0.90
C PHE A 150 1.14 -4.55 -2.21
N ILE A 151 1.74 -5.44 -3.00
CA ILE A 151 1.18 -5.82 -4.29
C ILE A 151 -0.15 -6.52 -4.10
N ALA A 152 -0.21 -7.41 -3.10
CA ALA A 152 -1.44 -8.14 -2.81
C ALA A 152 -2.61 -7.16 -2.64
N TYR A 153 -2.39 -6.11 -1.85
CA TYR A 153 -3.42 -5.13 -1.60
C TYR A 153 -3.89 -4.50 -2.91
N LEU A 154 -2.96 -4.27 -3.82
CA LEU A 154 -3.29 -3.67 -5.11
C LEU A 154 -4.14 -4.62 -5.94
N ILE A 155 -3.92 -5.91 -5.77
CA ILE A 155 -4.67 -6.92 -6.53
C ILE A 155 -6.02 -7.18 -5.88
N VAL A 156 -6.07 -7.08 -4.55
CA VAL A 156 -7.31 -7.31 -3.82
C VAL A 156 -8.39 -6.34 -4.27
N ALA A 157 -8.03 -5.07 -4.43
CA ALA A 157 -8.99 -4.07 -4.85
C ALA A 157 -9.35 -4.22 -6.32
N VAL A 158 -8.33 -4.35 -7.17
CA VAL A 158 -8.56 -4.49 -8.61
C VAL A 158 -9.57 -5.60 -8.88
N LEU A 159 -9.42 -6.72 -8.19
CA LEU A 159 -10.32 -7.85 -8.38
C LEU A 159 -11.67 -7.58 -7.71
N VAL A 160 -11.64 -7.04 -6.50
CA VAL A 160 -12.86 -6.75 -5.76
C VAL A 160 -13.72 -5.73 -6.51
N VAL A 161 -13.07 -4.86 -7.27
CA VAL A 161 -13.80 -3.84 -8.02
C VAL A 161 -14.35 -4.45 -9.32
N ILE A 162 -13.50 -5.17 -10.02
CA ILE A 162 -13.90 -5.81 -11.27
C ILE A 162 -14.85 -6.97 -10.99
N SER A 163 -15.09 -7.23 -9.71
CA SER A 163 -15.98 -8.31 -9.31
C SER A 163 -17.39 -8.08 -9.84
N GLN A 164 -17.77 -6.82 -9.98
CA GLN A 164 -19.10 -6.49 -10.48
C GLN A 164 -19.21 -6.81 -11.97
N PRO A 165 -20.36 -7.23 -12.43
CA PRO A 165 -20.58 -7.58 -13.86
C PRO A 165 -20.57 -6.34 -14.76
N PHE A 166 -19.99 -5.26 -14.26
CA PHE A 166 -19.92 -4.02 -15.03
C PHE A 166 -21.29 -3.68 -15.62
N LYS A 167 -22.16 -3.11 -14.79
CA LYS A 167 -23.50 -2.75 -15.25
C LYS A 167 -23.44 -1.52 -16.14
N ALA A 168 -22.36 -1.41 -16.92
CA ALA A 168 -22.19 -0.27 -17.82
C ALA A 168 -22.32 1.04 -17.05
N LYS A 169 -21.98 2.14 -17.70
CA LYS A 169 -22.07 3.45 -17.07
C LYS A 169 -22.18 4.54 -18.14
N LYS A 170 -22.11 4.13 -19.40
CA LYS A 170 -22.20 5.09 -20.51
C LYS A 170 -22.73 4.39 -21.76
N ARG A 171 -23.84 4.90 -22.28
CA ARG A 171 -24.45 4.33 -23.48
C ARG A 171 -23.38 3.98 -24.51
N ASP A 172 -23.64 2.91 -25.27
CA ASP A 172 -22.69 2.48 -26.30
C ASP A 172 -23.42 1.72 -27.40
N LEU A 173 -22.68 1.35 -28.44
CA LEU A 173 -23.26 0.62 -29.57
C LEU A 173 -23.54 -0.83 -29.17
N PHE A 174 -23.93 -1.03 -27.91
CA PHE A 174 -24.24 -2.37 -27.41
C PHE A 174 -25.72 -2.68 -27.59
N GLY A 175 -26.18 -2.65 -28.83
CA GLY A 175 -27.58 -2.93 -29.13
C GLY A 175 -28.47 -1.78 -28.71
N ARG A 176 -29.78 -1.93 -28.90
CA ARG A 176 -30.72 -0.89 -28.54
C ARG A 176 -32.08 -1.49 -28.16
N GLY A 177 -32.04 -2.64 -27.52
CA GLY A 177 -33.27 -3.32 -27.11
C GLY A 177 -34.02 -2.50 -26.06
N HIS A 178 -33.30 -1.56 -25.44
CA HIS A 178 -33.91 -0.71 -24.42
C HIS A 178 -34.48 0.56 -25.04
N HIS A 179 -35.78 0.79 -24.82
CA HIS A 179 -36.43 1.96 -25.37
C HIS A 179 -37.79 2.18 -24.71
N HIS A 180 -38.31 3.41 -24.81
CA HIS A 180 -39.59 3.73 -24.21
C HIS A 180 -40.64 2.68 -24.58
N HIS A 181 -41.47 2.30 -23.62
CA HIS A 181 -42.51 1.30 -23.87
C HIS A 181 -43.56 1.35 -22.76
N HIS A 182 -43.33 2.19 -21.76
CA HIS A 182 -44.27 2.32 -20.66
C HIS A 182 -44.61 0.95 -20.08
N HIS A 183 -43.64 0.34 -19.42
CA HIS A 183 -43.86 -0.99 -18.83
C HIS A 183 -44.76 -0.89 -17.61
N MET A 1 -17.55 -19.70 -3.85
CA MET A 1 -18.57 -18.92 -4.61
C MET A 1 -18.13 -17.46 -4.71
N LEU A 2 -17.76 -17.04 -5.93
CA LEU A 2 -17.32 -15.67 -6.14
C LEU A 2 -18.41 -14.69 -5.71
N ARG A 3 -19.65 -15.08 -5.90
CA ARG A 3 -20.78 -14.23 -5.53
C ARG A 3 -20.65 -13.78 -4.08
N PHE A 4 -20.17 -14.69 -3.22
CA PHE A 4 -20.00 -14.38 -1.82
C PHE A 4 -18.82 -13.42 -1.62
N LEU A 5 -17.71 -13.72 -2.28
CA LEU A 5 -16.52 -12.88 -2.17
C LEU A 5 -16.90 -11.41 -2.30
N ASN A 6 -17.77 -11.11 -3.28
CA ASN A 6 -18.21 -9.74 -3.51
C ASN A 6 -19.14 -9.30 -2.38
N GLN A 7 -19.70 -10.27 -1.67
CA GLN A 7 -20.60 -9.96 -0.57
C GLN A 7 -19.82 -9.61 0.68
N ALA A 8 -18.81 -10.43 1.00
CA ALA A 8 -17.99 -10.19 2.17
C ALA A 8 -17.24 -8.87 2.05
N SER A 9 -16.88 -8.51 0.82
CA SER A 9 -16.16 -7.27 0.59
C SER A 9 -17.11 -6.08 0.67
N GLN A 10 -18.35 -6.29 0.22
CA GLN A 10 -19.34 -5.23 0.25
C GLN A 10 -19.82 -4.98 1.69
N GLY A 11 -19.12 -5.58 2.64
CA GLY A 11 -19.46 -5.42 4.06
C GLY A 11 -18.43 -4.50 4.73
N ARG A 12 -18.92 -3.65 5.61
CA ARG A 12 -18.06 -2.71 6.33
C ARG A 12 -17.05 -3.47 7.20
N GLY A 13 -17.37 -4.73 7.51
CA GLY A 13 -16.50 -5.55 8.34
C GLY A 13 -15.20 -5.88 7.62
N ALA A 14 -15.32 -6.31 6.37
CA ALA A 14 -14.15 -6.66 5.57
C ALA A 14 -13.25 -5.44 5.38
N TRP A 15 -13.85 -4.35 4.93
CA TRP A 15 -13.08 -3.13 4.71
C TRP A 15 -12.31 -2.74 5.97
N LEU A 16 -12.96 -2.88 7.12
CA LEU A 16 -12.32 -2.55 8.39
C LEU A 16 -11.31 -3.64 8.78
N LEU A 17 -11.58 -4.86 8.34
CA LEU A 17 -10.68 -5.98 8.64
C LEU A 17 -9.36 -5.82 7.90
N MET A 18 -9.44 -5.25 6.70
CA MET A 18 -8.23 -5.03 5.89
C MET A 18 -7.42 -3.88 6.48
N ALA A 19 -8.11 -2.88 7.01
CA ALA A 19 -7.43 -1.73 7.60
C ALA A 19 -6.59 -2.16 8.79
N PHE A 20 -7.19 -2.88 9.72
CA PHE A 20 -6.50 -3.34 10.92
C PHE A 20 -5.32 -4.25 10.53
N THR A 21 -5.49 -4.99 9.45
CA THR A 21 -4.43 -5.89 9.00
C THR A 21 -3.14 -5.12 8.75
N ALA A 22 -3.23 -4.09 7.91
CA ALA A 22 -2.06 -3.27 7.61
C ALA A 22 -1.50 -2.64 8.87
N LEU A 23 -2.38 -2.43 9.86
CA LEU A 23 -1.96 -1.83 11.12
C LEU A 23 -1.26 -2.86 12.01
N ALA A 24 -1.80 -4.07 12.04
CA ALA A 24 -1.23 -5.15 12.84
C ALA A 24 0.26 -5.30 12.56
N LEU A 25 0.61 -5.28 11.27
CA LEU A 25 2.01 -5.41 10.88
C LEU A 25 2.81 -4.18 11.29
N GLU A 26 2.15 -3.03 11.28
CA GLU A 26 2.81 -1.78 11.65
C GLU A 26 3.09 -1.75 13.15
N LEU A 27 2.10 -2.15 13.94
CA LEU A 27 2.25 -2.17 15.39
C LEU A 27 3.32 -3.17 15.82
N THR A 28 3.11 -4.44 15.45
CA THR A 28 4.05 -5.49 15.80
C THR A 28 5.48 -5.06 15.50
N ALA A 29 5.66 -4.31 14.41
CA ALA A 29 6.99 -3.85 14.02
C ALA A 29 7.39 -2.62 14.82
N LEU A 30 6.40 -1.81 15.21
CA LEU A 30 6.67 -0.60 15.98
C LEU A 30 7.29 -0.96 17.34
N TRP A 31 7.11 -2.21 17.75
CA TRP A 31 7.65 -2.66 19.03
C TRP A 31 9.09 -3.14 18.86
N PHE A 32 9.36 -3.84 17.77
CA PHE A 32 10.70 -4.34 17.51
C PHE A 32 11.70 -3.18 17.50
N GLN A 33 11.28 -2.05 16.96
CA GLN A 33 12.14 -0.88 16.91
C GLN A 33 12.15 -0.17 18.25
N HIS A 34 11.11 -0.38 19.04
CA HIS A 34 11.01 0.23 20.36
C HIS A 34 12.00 -0.42 21.31
N VAL A 35 12.33 -1.68 21.04
CA VAL A 35 13.26 -2.42 21.89
C VAL A 35 14.58 -2.63 21.16
N MET A 36 14.51 -3.01 19.89
CA MET A 36 15.71 -3.25 19.10
C MET A 36 16.33 -1.92 18.65
N LEU A 37 15.67 -0.83 18.99
CA LEU A 37 16.17 0.50 18.63
C LEU A 37 16.59 0.51 17.15
N LEU A 38 15.74 -0.04 16.31
CA LEU A 38 16.02 -0.08 14.87
C LEU A 38 16.03 1.34 14.30
N LYS A 39 16.89 1.57 13.31
CA LYS A 39 17.00 2.88 12.69
C LYS A 39 16.46 2.86 11.26
N PRO A 40 15.32 3.47 11.01
CA PRO A 40 14.72 3.51 9.65
C PRO A 40 15.37 4.59 8.79
N CYS A 41 15.50 4.31 7.49
CA CYS A 41 16.12 5.27 6.57
C CYS A 41 15.09 5.92 5.66
N VAL A 42 15.55 6.50 4.56
CA VAL A 42 14.67 7.16 3.61
C VAL A 42 13.70 6.16 2.99
N LEU A 43 14.22 4.99 2.63
CA LEU A 43 13.40 3.96 2.01
C LEU A 43 12.30 3.48 2.96
N SER A 44 12.68 3.18 4.19
CA SER A 44 11.72 2.70 5.19
C SER A 44 10.58 3.70 5.34
N ILE A 45 10.92 4.97 5.49
CA ILE A 45 9.91 6.01 5.66
C ILE A 45 9.03 6.09 4.41
N TYR A 46 9.68 6.08 3.24
CA TYR A 46 8.94 6.15 1.98
C TYR A 46 7.97 4.97 1.87
N GLU A 47 8.46 3.77 2.17
CA GLU A 47 7.64 2.58 2.09
C GLU A 47 6.46 2.69 3.05
N ARG A 48 6.75 3.07 4.30
CA ARG A 48 5.71 3.22 5.31
C ARG A 48 4.64 4.19 4.83
N ALA A 49 5.05 5.19 4.05
CA ALA A 49 4.12 6.19 3.53
C ALA A 49 3.17 5.55 2.52
N ALA A 50 3.71 4.65 1.71
CA ALA A 50 2.89 3.97 0.71
C ALA A 50 1.70 3.29 1.37
N LEU A 51 1.96 2.54 2.43
CA LEU A 51 0.91 1.85 3.14
C LEU A 51 0.07 2.84 3.95
N PHE A 52 0.74 3.68 4.73
CA PHE A 52 0.03 4.68 5.53
C PHE A 52 -1.06 5.33 4.69
N GLY A 53 -0.72 5.63 3.44
CA GLY A 53 -1.66 6.25 2.52
C GLY A 53 -2.80 5.30 2.19
N VAL A 54 -2.48 4.03 1.98
CA VAL A 54 -3.49 3.03 1.67
C VAL A 54 -4.45 2.89 2.85
N LEU A 55 -3.89 2.76 4.05
CA LEU A 55 -4.72 2.63 5.24
C LEU A 55 -5.82 3.67 5.21
N GLY A 56 -5.45 4.91 4.89
CA GLY A 56 -6.42 5.99 4.81
C GLY A 56 -7.44 5.70 3.71
N ALA A 57 -6.91 5.35 2.54
CA ALA A 57 -7.77 5.04 1.40
C ALA A 57 -8.81 4.00 1.79
N ALA A 58 -8.38 3.01 2.57
CA ALA A 58 -9.30 1.96 3.02
C ALA A 58 -10.41 2.56 3.87
N LEU A 59 -10.08 3.61 4.60
CA LEU A 59 -11.06 4.28 5.45
C LEU A 59 -12.06 5.05 4.59
N ILE A 60 -11.62 5.45 3.40
CA ILE A 60 -12.48 6.20 2.48
C ILE A 60 -13.37 5.25 1.70
N GLY A 61 -12.81 4.12 1.29
CA GLY A 61 -13.57 3.13 0.53
C GLY A 61 -14.63 2.46 1.40
N ALA A 62 -14.38 2.43 2.71
CA ALA A 62 -15.32 1.81 3.64
C ALA A 62 -16.54 2.70 3.83
N ILE A 63 -16.64 3.75 3.02
CA ILE A 63 -17.77 4.67 3.10
C ILE A 63 -18.99 4.09 2.39
N ALA A 64 -18.79 3.60 1.17
CA ALA A 64 -19.89 3.03 0.39
C ALA A 64 -19.38 2.55 -0.97
N PRO A 65 -18.78 1.38 -1.00
CA PRO A 65 -18.24 0.80 -2.27
C PRO A 65 -19.34 0.16 -3.11
N LYS A 66 -20.54 0.71 -3.03
CA LYS A 66 -21.68 0.21 -3.80
C LYS A 66 -22.06 1.19 -4.90
N THR A 67 -21.46 2.38 -4.84
CA THR A 67 -21.73 3.41 -5.83
C THR A 67 -20.47 3.67 -6.67
N PRO A 68 -20.59 4.43 -7.73
CA PRO A 68 -19.44 4.74 -8.61
C PRO A 68 -18.18 5.08 -7.82
N LEU A 69 -18.35 5.30 -6.52
CA LEU A 69 -17.22 5.63 -5.66
C LEU A 69 -16.02 4.73 -5.97
N ARG A 70 -16.29 3.50 -6.37
CA ARG A 70 -15.23 2.56 -6.69
C ARG A 70 -14.12 3.26 -7.48
N TYR A 71 -14.37 3.64 -8.73
CA TYR A 71 -13.35 4.30 -9.54
C TYR A 71 -12.82 5.54 -8.81
N VAL A 72 -13.64 6.14 -7.95
CA VAL A 72 -13.22 7.35 -7.23
C VAL A 72 -12.17 7.03 -6.17
N ALA A 73 -12.39 5.99 -5.37
CA ALA A 73 -11.43 5.61 -4.35
C ALA A 73 -10.23 4.91 -5.00
N MET A 74 -10.53 4.15 -6.05
CA MET A 74 -9.48 3.43 -6.77
C MET A 74 -8.45 4.41 -7.33
N VAL A 75 -8.79 5.69 -7.37
CA VAL A 75 -7.88 6.70 -7.89
C VAL A 75 -6.55 6.65 -7.14
N ILE A 76 -6.65 6.46 -5.82
CA ILE A 76 -5.48 6.37 -4.97
C ILE A 76 -4.94 4.95 -4.95
N TRP A 77 -5.84 3.98 -5.01
CA TRP A 77 -5.43 2.58 -5.01
C TRP A 77 -4.56 2.27 -6.22
N LEU A 78 -5.10 2.55 -7.41
CA LEU A 78 -4.36 2.31 -8.66
C LEU A 78 -3.10 3.16 -8.73
N TYR A 79 -3.26 4.46 -8.48
CA TYR A 79 -2.11 5.37 -8.53
C TYR A 79 -0.91 4.75 -7.84
N SER A 80 -1.15 4.15 -6.68
CA SER A 80 -0.07 3.51 -5.93
C SER A 80 0.23 2.13 -6.51
N ALA A 81 -0.72 1.56 -7.23
CA ALA A 81 -0.52 0.25 -7.81
C ALA A 81 0.65 0.24 -8.79
N PHE A 82 0.55 1.06 -9.83
CA PHE A 82 1.59 1.14 -10.85
C PHE A 82 2.85 1.83 -10.31
N ARG A 83 2.68 2.95 -9.63
CA ARG A 83 3.83 3.70 -9.13
C ARG A 83 4.42 3.08 -7.85
N GLY A 84 3.56 2.60 -6.96
CA GLY A 84 4.04 1.99 -5.73
C GLY A 84 4.93 0.78 -6.03
N VAL A 85 4.46 -0.11 -6.90
CA VAL A 85 5.23 -1.29 -7.25
C VAL A 85 6.48 -0.92 -8.03
N GLN A 86 6.33 -0.03 -9.00
CA GLN A 86 7.47 0.40 -9.81
C GLN A 86 8.58 0.93 -8.91
N LEU A 87 8.19 1.45 -7.75
CA LEU A 87 9.16 1.98 -6.80
C LEU A 87 9.90 0.85 -6.11
N THR A 88 9.18 -0.20 -5.74
CA THR A 88 9.78 -1.35 -5.07
C THR A 88 10.92 -1.90 -5.91
N TYR A 89 10.80 -1.76 -7.23
CA TYR A 89 11.82 -2.25 -8.15
C TYR A 89 13.13 -1.50 -7.95
N GLU A 90 13.06 -0.18 -7.90
CA GLU A 90 14.24 0.63 -7.71
C GLU A 90 14.95 0.26 -6.42
N HIS A 91 14.19 -0.18 -5.42
CA HIS A 91 14.76 -0.56 -4.14
C HIS A 91 15.41 -1.95 -4.23
N THR A 92 14.67 -2.89 -4.79
CA THR A 92 15.18 -4.26 -4.94
C THR A 92 16.38 -4.28 -5.88
N MET A 93 16.23 -3.64 -7.03
CA MET A 93 17.30 -3.61 -8.01
C MET A 93 18.59 -3.10 -7.38
N LEU A 94 18.50 -1.97 -6.69
CA LEU A 94 19.67 -1.39 -6.03
C LEU A 94 20.18 -2.32 -4.93
N GLN A 95 19.27 -2.77 -4.08
CA GLN A 95 19.64 -3.66 -2.98
C GLN A 95 20.44 -4.86 -3.52
N LEU A 96 19.96 -5.44 -4.62
CA LEU A 96 20.63 -6.58 -5.23
C LEU A 96 21.68 -6.11 -6.23
N TYR A 97 21.62 -4.82 -6.57
CA TYR A 97 22.57 -4.25 -7.52
C TYR A 97 23.10 -2.92 -7.00
N PRO A 98 23.92 -2.95 -5.99
CA PRO A 98 24.50 -1.73 -5.38
C PRO A 98 25.03 -0.74 -6.43
N SER A 99 24.50 0.48 -6.39
CA SER A 99 24.92 1.51 -7.33
C SER A 99 24.41 2.88 -6.89
N PRO A 100 24.87 3.34 -5.75
CA PRO A 100 24.45 4.66 -5.20
C PRO A 100 24.50 5.78 -6.24
N PHE A 101 23.34 6.30 -6.61
CA PHE A 101 23.27 7.37 -7.60
C PHE A 101 23.41 8.74 -6.92
N ALA A 102 24.44 9.48 -7.32
CA ALA A 102 24.68 10.80 -6.74
C ALA A 102 23.42 11.65 -6.82
N THR A 103 22.94 12.11 -5.67
CA THR A 103 21.75 12.95 -5.62
C THR A 103 21.71 13.73 -4.31
N SER A 104 21.77 13.02 -3.19
CA SER A 104 21.75 13.66 -1.88
C SER A 104 21.90 12.62 -0.77
N ASP A 105 20.80 11.99 -0.40
CA ASP A 105 20.83 10.98 0.66
C ASP A 105 21.44 11.55 1.94
N PHE A 106 21.48 10.73 2.98
CA PHE A 106 22.04 11.16 4.25
C PHE A 106 21.37 12.46 4.72
N MET A 107 20.26 12.31 5.43
CA MET A 107 19.53 13.48 5.93
C MET A 107 19.12 14.38 4.76
N VAL A 108 17.89 14.20 4.30
CA VAL A 108 17.39 15.00 3.19
C VAL A 108 16.66 16.24 3.70
N ARG A 109 16.02 16.96 2.78
CA ARG A 109 15.29 18.18 3.15
C ARG A 109 13.78 17.96 2.95
N PHE A 110 13.04 18.02 4.05
CA PHE A 110 11.59 17.83 3.99
C PHE A 110 10.92 19.02 3.30
N PRO A 111 9.85 18.80 2.59
CA PRO A 111 9.11 19.88 1.88
C PRO A 111 8.43 20.85 2.84
N GLU A 112 8.41 22.13 2.47
CA GLU A 112 7.79 23.16 3.30
C GLU A 112 6.36 23.44 2.83
N TRP A 113 5.92 22.68 1.83
CA TRP A 113 4.57 22.86 1.29
C TRP A 113 3.68 21.68 1.67
N LEU A 114 4.24 20.73 2.39
CA LEU A 114 3.50 19.55 2.82
C LEU A 114 3.34 19.54 4.34
N PRO A 115 2.24 20.06 4.85
CA PRO A 115 1.99 20.13 6.32
C PRO A 115 2.20 18.79 7.03
N LEU A 116 2.59 17.76 6.28
CA LEU A 116 2.82 16.45 6.86
C LEU A 116 4.07 16.45 7.74
N ASP A 117 5.00 17.35 7.42
CA ASP A 117 6.23 17.46 8.19
C ASP A 117 6.12 18.54 9.26
N LYS A 118 5.39 19.60 8.94
CA LYS A 118 5.19 20.69 9.88
C LYS A 118 4.36 20.22 11.08
N TRP A 119 3.42 19.33 10.81
CA TRP A 119 2.56 18.79 11.86
C TRP A 119 3.11 17.46 12.36
N VAL A 120 3.88 16.79 11.51
CA VAL A 120 4.47 15.50 11.87
C VAL A 120 5.80 15.30 11.16
N PRO A 121 6.89 15.76 11.74
CA PRO A 121 8.24 15.62 11.13
C PRO A 121 8.87 14.26 11.40
N GLN A 122 8.31 13.53 12.36
CA GLN A 122 8.85 12.23 12.72
C GLN A 122 8.27 11.12 11.84
N VAL A 123 7.35 11.47 10.96
CA VAL A 123 6.74 10.47 10.07
C VAL A 123 7.15 10.73 8.62
N PHE A 124 8.23 11.48 8.43
CA PHE A 124 8.72 11.79 7.10
C PHE A 124 10.24 11.91 7.11
N VAL A 125 10.77 12.58 8.13
CA VAL A 125 12.21 12.78 8.25
C VAL A 125 12.93 11.43 8.31
N ALA A 126 13.95 11.27 7.49
CA ALA A 126 14.73 10.03 7.45
C ALA A 126 16.00 10.15 8.27
N SER A 127 16.50 9.01 8.75
CA SER A 127 17.72 9.00 9.56
C SER A 127 18.36 7.62 9.53
N GLY A 128 19.39 7.45 8.70
CA GLY A 128 20.09 6.17 8.58
C GLY A 128 20.42 5.85 7.13
N ASP A 129 21.00 4.67 6.91
CA ASP A 129 21.36 4.25 5.56
C ASP A 129 20.28 3.35 4.98
N CYS A 130 20.12 3.38 3.66
CA CYS A 130 19.10 2.57 3.00
C CYS A 130 19.71 1.33 2.36
N ALA A 131 19.08 0.19 2.62
CA ALA A 131 19.52 -1.09 2.07
C ALA A 131 20.32 -1.88 3.11
N GLU A 132 20.67 -1.23 4.22
CA GLU A 132 21.41 -1.91 5.27
C GLU A 132 20.52 -2.94 5.95
N ARG A 133 21.01 -4.17 6.06
CA ARG A 133 20.24 -5.24 6.69
C ARG A 133 20.10 -4.95 8.18
N GLN A 134 18.88 -4.61 8.60
CA GLN A 134 18.61 -4.30 10.00
C GLN A 134 17.65 -5.32 10.60
N TRP A 135 16.86 -5.97 9.75
CA TRP A 135 15.90 -6.96 10.23
C TRP A 135 15.25 -7.70 9.07
N ASP A 136 15.20 -9.03 9.17
CA ASP A 136 14.62 -9.84 8.11
C ASP A 136 13.91 -11.08 8.66
N PHE A 137 13.02 -11.64 7.84
CA PHE A 137 12.27 -12.84 8.22
C PHE A 137 12.56 -13.93 7.18
N LEU A 138 12.73 -15.16 7.65
CA LEU A 138 13.01 -16.27 6.74
C LEU A 138 14.22 -15.93 5.87
N GLY A 139 15.00 -14.93 6.30
CA GLY A 139 16.19 -14.53 5.55
C GLY A 139 15.83 -13.51 4.47
N LEU A 140 14.69 -12.84 4.63
CA LEU A 140 14.24 -11.84 3.66
C LEU A 140 14.02 -10.50 4.36
N GLU A 141 14.51 -9.43 3.74
CA GLU A 141 14.35 -8.10 4.32
C GLU A 141 12.90 -7.64 4.23
N MET A 142 12.48 -6.84 5.20
CA MET A 142 11.11 -6.34 5.21
C MET A 142 10.72 -5.85 3.81
N PRO A 143 11.37 -4.84 3.31
CA PRO A 143 11.09 -4.27 1.95
C PRO A 143 10.62 -5.32 0.96
N GLN A 144 11.20 -6.52 1.03
CA GLN A 144 10.82 -7.60 0.13
C GLN A 144 9.45 -8.14 0.51
N TRP A 145 9.29 -8.48 1.78
CA TRP A 145 8.02 -9.00 2.25
C TRP A 145 6.91 -8.00 1.95
N LEU A 146 7.05 -6.79 2.45
CA LEU A 146 6.05 -5.75 2.20
C LEU A 146 5.64 -5.77 0.73
N LEU A 147 6.61 -6.00 -0.16
CA LEU A 147 6.31 -6.08 -1.58
C LEU A 147 5.25 -7.15 -1.81
N GLY A 148 5.35 -8.20 -1.01
CA GLY A 148 4.40 -9.30 -1.10
C GLY A 148 2.99 -8.82 -0.77
N ILE A 149 2.87 -8.10 0.34
CA ILE A 149 1.59 -7.58 0.78
C ILE A 149 1.14 -6.45 -0.14
N PHE A 150 2.11 -5.78 -0.76
CA PHE A 150 1.82 -4.67 -1.66
C PHE A 150 1.04 -5.16 -2.88
N ILE A 151 1.42 -6.30 -3.41
CA ILE A 151 0.76 -6.86 -4.58
C ILE A 151 -0.61 -7.42 -4.20
N ALA A 152 -0.72 -7.88 -2.97
CA ALA A 152 -1.99 -8.42 -2.48
C ALA A 152 -3.06 -7.35 -2.47
N TYR A 153 -2.76 -6.22 -1.85
CA TYR A 153 -3.72 -5.12 -1.76
C TYR A 153 -4.16 -4.69 -3.16
N LEU A 154 -3.20 -4.61 -4.08
CA LEU A 154 -3.48 -4.21 -5.45
C LEU A 154 -4.45 -5.18 -6.12
N ILE A 155 -4.38 -6.43 -5.70
CA ILE A 155 -5.25 -7.48 -6.26
C ILE A 155 -6.65 -7.41 -5.67
N VAL A 156 -6.76 -6.89 -4.45
CA VAL A 156 -8.05 -6.78 -3.79
C VAL A 156 -8.88 -5.68 -4.41
N ALA A 157 -8.22 -4.60 -4.83
CA ALA A 157 -8.92 -3.47 -5.43
C ALA A 157 -9.43 -3.82 -6.83
N VAL A 158 -8.53 -4.30 -7.69
CA VAL A 158 -8.93 -4.64 -9.05
C VAL A 158 -10.10 -5.61 -9.05
N LEU A 159 -10.03 -6.63 -8.22
CA LEU A 159 -11.09 -7.62 -8.14
C LEU A 159 -12.37 -7.01 -7.59
N VAL A 160 -12.21 -6.00 -6.72
CA VAL A 160 -13.36 -5.34 -6.11
C VAL A 160 -14.04 -4.40 -7.11
N VAL A 161 -13.28 -3.86 -8.05
CA VAL A 161 -13.83 -2.96 -9.06
C VAL A 161 -14.42 -3.77 -10.21
N ILE A 162 -13.62 -4.68 -10.75
CA ILE A 162 -14.06 -5.52 -11.86
C ILE A 162 -15.15 -6.50 -11.42
N SER A 163 -15.33 -6.63 -10.11
CA SER A 163 -16.35 -7.54 -9.60
C SER A 163 -17.70 -7.24 -10.26
N GLN A 164 -17.99 -5.95 -10.44
CA GLN A 164 -19.24 -5.55 -11.06
C GLN A 164 -20.43 -6.16 -10.33
N PRO A 165 -21.59 -5.57 -10.45
CA PRO A 165 -22.83 -6.09 -9.79
C PRO A 165 -23.30 -7.40 -10.41
N PHE A 166 -22.37 -8.13 -11.02
CA PHE A 166 -22.70 -9.40 -11.65
C PHE A 166 -23.83 -9.22 -12.66
N LYS A 167 -25.00 -9.75 -12.35
CA LYS A 167 -26.15 -9.64 -13.23
C LYS A 167 -25.91 -10.44 -14.51
N ALA A 168 -24.72 -11.03 -14.62
CA ALA A 168 -24.38 -11.82 -15.80
C ALA A 168 -23.23 -12.78 -15.48
N LYS A 169 -23.22 -13.93 -16.15
CA LYS A 169 -22.18 -14.91 -15.94
C LYS A 169 -22.16 -15.94 -17.07
N LYS A 170 -20.99 -16.18 -17.63
CA LYS A 170 -20.86 -17.13 -18.72
C LYS A 170 -19.41 -17.60 -18.87
N ARG A 171 -18.50 -16.63 -19.02
CA ARG A 171 -17.09 -16.94 -19.16
C ARG A 171 -16.87 -17.94 -20.30
N ASP A 172 -16.10 -18.99 -20.03
CA ASP A 172 -15.82 -20.00 -21.04
C ASP A 172 -15.44 -21.33 -20.38
N LEU A 173 -15.17 -22.33 -21.19
CA LEU A 173 -14.79 -23.64 -20.68
C LEU A 173 -13.37 -23.61 -20.11
N PHE A 174 -13.01 -24.64 -19.36
CA PHE A 174 -11.68 -24.72 -18.75
C PHE A 174 -10.70 -25.34 -19.74
N GLY A 175 -9.91 -24.50 -20.40
CA GLY A 175 -8.92 -24.98 -21.37
C GLY A 175 -8.33 -23.81 -22.15
N ARG A 176 -8.21 -24.00 -23.47
CA ARG A 176 -7.65 -22.96 -24.33
C ARG A 176 -8.30 -23.01 -25.71
N GLY A 177 -8.10 -24.11 -26.43
CA GLY A 177 -8.68 -24.27 -27.76
C GLY A 177 -7.77 -23.67 -28.82
N HIS A 178 -8.35 -23.34 -29.97
CA HIS A 178 -7.58 -22.75 -31.06
C HIS A 178 -8.50 -22.07 -32.08
N HIS A 179 -8.23 -22.30 -33.36
CA HIS A 179 -9.05 -21.69 -34.41
C HIS A 179 -9.25 -20.21 -34.14
N HIS A 180 -10.03 -19.55 -34.99
CA HIS A 180 -10.30 -18.13 -34.84
C HIS A 180 -10.95 -17.85 -33.49
N HIS A 181 -11.56 -18.87 -32.91
CA HIS A 181 -12.22 -18.72 -31.62
C HIS A 181 -13.14 -17.50 -31.61
N HIS A 182 -13.85 -17.30 -32.71
CA HIS A 182 -14.76 -16.17 -32.83
C HIS A 182 -16.09 -16.47 -32.12
N HIS A 183 -16.53 -17.72 -32.22
CA HIS A 183 -17.78 -18.12 -31.58
C HIS A 183 -17.59 -18.26 -30.07
N MET A 1 -18.43 -19.51 -4.80
CA MET A 1 -16.95 -19.34 -4.92
C MET A 1 -16.63 -17.87 -5.24
N LEU A 2 -16.71 -17.53 -6.52
CA LEU A 2 -16.43 -16.17 -6.95
C LEU A 2 -17.61 -15.26 -6.62
N ARG A 3 -18.82 -15.73 -6.91
CA ARG A 3 -20.02 -14.96 -6.63
C ARG A 3 -20.05 -14.55 -5.16
N PHE A 4 -19.58 -15.44 -4.29
CA PHE A 4 -19.57 -15.17 -2.86
C PHE A 4 -18.53 -14.08 -2.55
N LEU A 5 -17.37 -14.20 -3.17
CA LEU A 5 -16.31 -13.23 -2.96
C LEU A 5 -16.85 -11.81 -3.08
N ASN A 6 -17.75 -11.61 -4.03
CA ASN A 6 -18.35 -10.29 -4.25
C ASN A 6 -19.23 -9.92 -3.06
N GLN A 7 -19.77 -10.93 -2.39
CA GLN A 7 -20.64 -10.70 -1.24
C GLN A 7 -19.80 -10.34 -0.01
N ALA A 8 -18.77 -11.14 0.25
CA ALA A 8 -17.91 -10.89 1.40
C ALA A 8 -17.21 -9.53 1.25
N SER A 9 -16.86 -9.19 0.02
CA SER A 9 -16.19 -7.92 -0.24
C SER A 9 -17.18 -6.76 -0.19
N GLN A 10 -18.39 -7.01 -0.68
CA GLN A 10 -19.42 -5.97 -0.67
C GLN A 10 -19.90 -5.70 0.74
N GLY A 11 -19.21 -6.30 1.71
CA GLY A 11 -19.55 -6.11 3.12
C GLY A 11 -18.55 -5.16 3.77
N ARG A 12 -19.03 -4.36 4.71
CA ARG A 12 -18.18 -3.41 5.40
C ARG A 12 -17.24 -4.12 6.37
N GLY A 13 -17.79 -4.98 7.22
CA GLY A 13 -17.00 -5.72 8.18
C GLY A 13 -15.73 -6.24 7.53
N ALA A 14 -15.90 -6.85 6.36
CA ALA A 14 -14.77 -7.41 5.63
C ALA A 14 -13.77 -6.31 5.32
N TRP A 15 -14.26 -5.19 4.81
CA TRP A 15 -13.40 -4.06 4.48
C TRP A 15 -12.64 -3.62 5.73
N LEU A 16 -13.32 -3.66 6.87
CA LEU A 16 -12.71 -3.26 8.13
C LEU A 16 -11.61 -4.27 8.50
N LEU A 17 -11.79 -5.51 8.07
CA LEU A 17 -10.83 -6.57 8.35
C LEU A 17 -9.54 -6.33 7.56
N MET A 18 -9.67 -5.67 6.41
CA MET A 18 -8.51 -5.38 5.59
C MET A 18 -7.70 -4.24 6.19
N ALA A 19 -8.40 -3.30 6.82
CA ALA A 19 -7.75 -2.15 7.44
C ALA A 19 -6.92 -2.60 8.63
N PHE A 20 -7.54 -3.30 9.57
CA PHE A 20 -6.85 -3.77 10.75
C PHE A 20 -5.59 -4.54 10.37
N THR A 21 -5.74 -5.53 9.49
CA THR A 21 -4.61 -6.33 9.05
C THR A 21 -3.41 -5.44 8.74
N ALA A 22 -3.63 -4.41 7.92
CA ALA A 22 -2.56 -3.49 7.56
C ALA A 22 -2.04 -2.77 8.80
N LEU A 23 -2.87 -2.71 9.83
CA LEU A 23 -2.47 -2.04 11.07
C LEU A 23 -1.69 -2.99 11.98
N ALA A 24 -2.16 -4.24 12.06
CA ALA A 24 -1.50 -5.23 12.89
C ALA A 24 -0.02 -5.32 12.56
N LEU A 25 0.32 -5.26 11.28
CA LEU A 25 1.70 -5.34 10.85
C LEU A 25 2.45 -4.06 11.19
N GLU A 26 1.76 -2.94 11.09
CA GLU A 26 2.37 -1.65 11.40
C GLU A 26 2.77 -1.57 12.87
N LEU A 27 1.95 -2.17 13.73
CA LEU A 27 2.23 -2.17 15.17
C LEU A 27 3.36 -3.13 15.50
N THR A 28 3.21 -4.38 15.12
CA THR A 28 4.23 -5.39 15.38
C THR A 28 5.61 -4.85 15.04
N ALA A 29 5.70 -4.14 13.92
CA ALA A 29 6.97 -3.58 13.48
C ALA A 29 7.36 -2.40 14.35
N LEU A 30 6.37 -1.67 14.85
CA LEU A 30 6.62 -0.51 15.69
C LEU A 30 7.29 -0.95 17.00
N TRP A 31 7.16 -2.22 17.34
CA TRP A 31 7.75 -2.75 18.57
C TRP A 31 9.13 -3.33 18.30
N PHE A 32 9.39 -3.64 17.03
CA PHE A 32 10.69 -4.19 16.66
C PHE A 32 11.76 -3.11 16.68
N GLN A 33 11.48 -1.99 16.02
CA GLN A 33 12.41 -0.88 15.99
C GLN A 33 12.44 -0.18 17.35
N HIS A 34 11.51 -0.55 18.21
CA HIS A 34 11.43 0.04 19.54
C HIS A 34 12.49 -0.56 20.44
N VAL A 35 12.83 -1.83 20.20
CA VAL A 35 13.83 -2.52 20.99
C VAL A 35 15.12 -2.74 20.18
N MET A 36 15.04 -2.46 18.88
CA MET A 36 16.20 -2.63 18.00
C MET A 36 16.76 -1.27 17.60
N LEU A 37 16.10 -0.20 18.04
CA LEU A 37 16.55 1.15 17.72
C LEU A 37 16.87 1.26 16.22
N LEU A 38 15.93 0.81 15.40
CA LEU A 38 16.11 0.85 13.95
C LEU A 38 16.19 2.29 13.46
N LYS A 39 17.05 2.54 12.47
CA LYS A 39 17.22 3.87 11.91
C LYS A 39 16.59 3.96 10.51
N PRO A 40 15.40 4.49 10.40
CA PRO A 40 14.70 4.62 9.09
C PRO A 40 15.60 5.16 7.98
N CYS A 41 15.11 5.08 6.74
CA CYS A 41 15.87 5.56 5.59
C CYS A 41 14.98 6.44 4.71
N VAL A 42 15.61 7.24 3.85
CA VAL A 42 14.86 8.13 2.95
C VAL A 42 13.75 7.37 2.23
N LEU A 43 14.10 6.19 1.71
CA LEU A 43 13.13 5.38 0.97
C LEU A 43 12.13 4.74 1.92
N SER A 44 12.59 4.38 3.12
CA SER A 44 11.74 3.76 4.11
C SER A 44 10.53 4.64 4.43
N ILE A 45 10.78 5.93 4.64
CA ILE A 45 9.69 6.85 4.95
C ILE A 45 8.80 7.07 3.72
N TYR A 46 9.42 7.07 2.55
CA TYR A 46 8.66 7.25 1.31
C TYR A 46 7.71 6.08 1.11
N GLU A 47 8.24 4.87 1.27
CA GLU A 47 7.44 3.67 1.12
C GLU A 47 6.29 3.67 2.13
N ARG A 48 6.58 4.17 3.34
CA ARG A 48 5.57 4.23 4.38
C ARG A 48 4.43 5.15 3.96
N ALA A 49 4.76 6.18 3.18
CA ALA A 49 3.77 7.13 2.71
C ALA A 49 2.83 6.45 1.72
N ALA A 50 3.37 5.53 0.94
CA ALA A 50 2.57 4.81 -0.05
C ALA A 50 1.49 3.98 0.65
N LEU A 51 1.90 3.22 1.66
CA LEU A 51 0.96 2.39 2.41
C LEU A 51 0.10 3.26 3.31
N PHE A 52 0.74 4.05 4.16
CA PHE A 52 -0.02 4.93 5.06
C PHE A 52 -1.13 5.62 4.29
N GLY A 53 -0.83 6.00 3.04
CA GLY A 53 -1.81 6.66 2.19
C GLY A 53 -2.96 5.71 1.85
N VAL A 54 -2.62 4.46 1.56
CA VAL A 54 -3.63 3.47 1.22
C VAL A 54 -4.56 3.27 2.41
N LEU A 55 -3.96 3.10 3.59
CA LEU A 55 -4.73 2.91 4.82
C LEU A 55 -5.85 3.94 4.87
N GLY A 56 -5.51 5.18 4.55
CA GLY A 56 -6.51 6.25 4.55
C GLY A 56 -7.55 5.99 3.48
N ALA A 57 -7.14 5.30 2.42
CA ALA A 57 -8.03 4.98 1.32
C ALA A 57 -9.05 3.93 1.74
N ALA A 58 -8.58 2.91 2.44
CA ALA A 58 -9.45 1.83 2.91
C ALA A 58 -10.44 2.36 3.95
N LEU A 59 -10.09 3.48 4.58
CA LEU A 59 -10.95 4.08 5.59
C LEU A 59 -12.06 4.89 4.93
N ILE A 60 -11.73 5.54 3.83
CA ILE A 60 -12.69 6.36 3.11
C ILE A 60 -13.59 5.49 2.23
N GLY A 61 -13.01 4.42 1.68
CA GLY A 61 -13.75 3.52 0.82
C GLY A 61 -14.68 2.63 1.64
N ALA A 62 -14.26 2.28 2.85
CA ALA A 62 -15.06 1.43 3.71
C ALA A 62 -16.31 2.16 4.17
N ILE A 63 -16.53 3.36 3.63
CA ILE A 63 -17.70 4.16 4.00
C ILE A 63 -18.88 3.80 3.10
N ALA A 64 -18.59 3.25 1.92
CA ALA A 64 -19.64 2.88 0.98
C ALA A 64 -19.05 2.35 -0.32
N PRO A 65 -18.41 1.20 -0.27
CA PRO A 65 -17.78 0.58 -1.47
C PRO A 65 -18.83 -0.06 -2.38
N LYS A 66 -20.05 0.44 -2.30
CA LYS A 66 -21.15 -0.07 -3.12
C LYS A 66 -21.57 0.98 -4.14
N THR A 67 -20.99 2.16 -4.04
CA THR A 67 -21.30 3.25 -4.96
C THR A 67 -20.06 3.59 -5.79
N PRO A 68 -20.22 4.30 -6.87
CA PRO A 68 -19.09 4.69 -7.76
C PRO A 68 -17.85 5.10 -6.96
N LEU A 69 -18.03 5.33 -5.66
CA LEU A 69 -16.92 5.72 -4.80
C LEU A 69 -15.69 4.89 -5.12
N ARG A 70 -15.89 3.62 -5.48
CA ARG A 70 -14.78 2.74 -5.81
C ARG A 70 -13.70 3.50 -6.58
N TYR A 71 -13.99 3.93 -7.80
CA TYR A 71 -13.00 4.67 -8.59
C TYR A 71 -12.46 5.86 -7.81
N VAL A 72 -13.25 6.40 -6.89
CA VAL A 72 -12.81 7.55 -6.10
C VAL A 72 -11.76 7.17 -5.07
N ALA A 73 -12.04 6.14 -4.27
CA ALA A 73 -11.07 5.70 -3.26
C ALA A 73 -9.93 4.95 -3.94
N MET A 74 -10.26 4.21 -4.99
CA MET A 74 -9.26 3.46 -5.72
C MET A 74 -8.24 4.41 -6.34
N VAL A 75 -8.60 5.69 -6.39
CA VAL A 75 -7.71 6.69 -6.96
C VAL A 75 -6.36 6.68 -6.23
N ILE A 76 -6.43 6.44 -4.92
CA ILE A 76 -5.22 6.38 -4.10
C ILE A 76 -4.66 4.96 -4.12
N TRP A 77 -5.56 3.98 -4.18
CA TRP A 77 -5.13 2.58 -4.21
C TRP A 77 -4.27 2.33 -5.44
N LEU A 78 -4.80 2.67 -6.61
CA LEU A 78 -4.06 2.48 -7.86
C LEU A 78 -2.82 3.35 -7.87
N TYR A 79 -2.97 4.61 -7.47
CA TYR A 79 -1.84 5.53 -7.43
C TYR A 79 -0.62 4.86 -6.83
N SER A 80 -0.82 4.16 -5.72
CA SER A 80 0.27 3.47 -5.04
C SER A 80 0.58 2.14 -5.72
N ALA A 81 -0.40 1.61 -6.45
CA ALA A 81 -0.20 0.34 -7.14
C ALA A 81 0.93 0.45 -8.15
N PHE A 82 0.76 1.34 -9.13
CA PHE A 82 1.76 1.53 -10.16
C PHE A 82 2.99 2.25 -9.61
N ARG A 83 2.78 3.44 -9.04
CA ARG A 83 3.89 4.22 -8.51
C ARG A 83 4.54 3.56 -7.29
N GLY A 84 3.73 3.13 -6.33
CA GLY A 84 4.28 2.49 -5.14
C GLY A 84 5.15 1.30 -5.53
N VAL A 85 4.63 0.46 -6.42
CA VAL A 85 5.37 -0.72 -6.86
C VAL A 85 6.60 -0.31 -7.66
N GLN A 86 6.46 0.76 -8.44
CA GLN A 86 7.57 1.24 -9.25
C GLN A 86 8.77 1.56 -8.37
N LEU A 87 8.49 2.05 -7.17
CA LEU A 87 9.56 2.40 -6.23
C LEU A 87 10.07 1.15 -5.51
N THR A 88 9.14 0.31 -5.05
CA THR A 88 9.51 -0.91 -4.35
C THR A 88 10.63 -1.63 -5.07
N TYR A 89 10.65 -1.51 -6.40
CA TYR A 89 11.68 -2.15 -7.21
C TYR A 89 13.01 -1.43 -7.06
N GLU A 90 12.96 -0.10 -7.04
CA GLU A 90 14.16 0.70 -6.90
C GLU A 90 14.92 0.30 -5.63
N HIS A 91 14.18 0.00 -4.56
CA HIS A 91 14.78 -0.38 -3.30
C HIS A 91 15.45 -1.75 -3.44
N THR A 92 14.77 -2.68 -4.10
CA THR A 92 15.31 -4.02 -4.29
C THR A 92 16.54 -3.99 -5.19
N MET A 93 16.41 -3.34 -6.34
CA MET A 93 17.52 -3.25 -7.28
C MET A 93 18.78 -2.77 -6.57
N LEU A 94 18.65 -1.69 -5.80
CA LEU A 94 19.79 -1.15 -5.07
C LEU A 94 20.32 -2.18 -4.08
N GLN A 95 19.41 -2.77 -3.31
CA GLN A 95 19.80 -3.78 -2.33
C GLN A 95 20.61 -4.88 -3.00
N LEU A 96 20.22 -5.24 -4.22
CA LEU A 96 20.92 -6.29 -4.96
C LEU A 96 22.04 -5.69 -5.80
N TYR A 97 22.00 -4.37 -6.00
CA TYR A 97 23.03 -3.70 -6.78
C TYR A 97 23.93 -2.85 -5.87
N PRO A 98 25.19 -3.19 -5.76
CA PRO A 98 26.14 -2.43 -4.90
C PRO A 98 26.58 -1.12 -5.55
N SER A 99 25.93 -0.02 -5.18
CA SER A 99 26.27 1.28 -5.73
C SER A 99 25.49 2.38 -5.01
N PRO A 100 25.68 2.51 -3.73
CA PRO A 100 24.99 3.55 -2.91
C PRO A 100 25.38 4.97 -3.32
N PHE A 101 24.46 5.65 -4.00
CA PHE A 101 24.70 7.01 -4.45
C PHE A 101 26.09 7.14 -5.06
N ALA A 102 26.47 8.36 -5.43
CA ALA A 102 27.77 8.61 -6.04
C ALA A 102 27.89 10.06 -6.47
N THR A 103 26.93 10.88 -6.06
CA THR A 103 26.94 12.30 -6.41
C THR A 103 26.27 13.13 -5.32
N SER A 104 24.98 12.87 -5.09
CA SER A 104 24.22 13.59 -4.07
C SER A 104 23.16 12.69 -3.47
N ASP A 105 22.60 13.13 -2.34
CA ASP A 105 21.57 12.36 -1.66
C ASP A 105 20.71 13.26 -0.76
N PHE A 106 19.46 12.88 -0.57
CA PHE A 106 18.56 13.65 0.26
C PHE A 106 19.13 13.81 1.67
N MET A 107 18.43 14.55 2.51
CA MET A 107 18.88 14.77 3.89
C MET A 107 17.79 15.47 4.70
N VAL A 108 16.87 14.68 5.24
CA VAL A 108 15.78 15.21 6.05
C VAL A 108 15.31 16.57 5.52
N ARG A 109 15.18 16.67 4.20
CA ARG A 109 14.73 17.92 3.58
C ARG A 109 13.23 17.89 3.37
N PHE A 110 12.51 18.70 4.15
CA PHE A 110 11.05 18.76 4.05
C PHE A 110 10.62 19.77 2.98
N PRO A 111 9.54 19.48 2.28
CA PRO A 111 9.02 20.39 1.21
C PRO A 111 8.37 21.63 1.81
N GLU A 112 8.22 22.68 0.98
CA GLU A 112 7.62 23.92 1.43
C GLU A 112 6.17 24.02 0.96
N TRP A 113 5.67 22.95 0.33
CA TRP A 113 4.29 22.92 -0.17
C TRP A 113 3.53 21.73 0.39
N LEU A 114 4.25 20.85 1.09
CA LEU A 114 3.63 19.67 1.69
C LEU A 114 3.79 19.70 3.21
N PRO A 115 2.98 20.48 3.88
CA PRO A 115 3.07 20.61 5.37
C PRO A 115 2.72 19.30 6.08
N LEU A 116 2.64 18.22 5.32
CA LEU A 116 2.33 16.92 5.90
C LEU A 116 3.56 16.35 6.59
N ASP A 117 4.72 16.73 6.06
CA ASP A 117 5.99 16.28 6.62
C ASP A 117 6.54 17.34 7.57
N LYS A 118 6.43 18.60 7.15
CA LYS A 118 6.92 19.69 7.98
C LYS A 118 6.11 19.78 9.26
N TRP A 119 4.79 19.67 9.14
CA TRP A 119 3.91 19.72 10.30
C TRP A 119 3.97 18.41 11.06
N VAL A 120 4.55 17.39 10.43
CA VAL A 120 4.68 16.08 11.05
C VAL A 120 5.97 15.40 10.63
N PRO A 121 7.09 15.85 11.15
CA PRO A 121 8.42 15.27 10.82
C PRO A 121 8.70 13.98 11.61
N GLN A 122 7.87 13.75 12.62
CA GLN A 122 8.03 12.57 13.47
C GLN A 122 8.02 11.29 12.64
N VAL A 123 6.98 11.10 11.83
CA VAL A 123 6.88 9.89 11.01
C VAL A 123 7.17 10.21 9.55
N PHE A 124 7.97 11.25 9.30
CA PHE A 124 8.32 11.63 7.94
C PHE A 124 9.82 11.92 7.81
N VAL A 125 10.53 11.92 8.94
CA VAL A 125 11.97 12.18 8.92
C VAL A 125 12.74 10.87 8.80
N ALA A 126 13.71 10.85 7.89
CA ALA A 126 14.54 9.65 7.68
C ALA A 126 15.89 9.81 8.36
N SER A 127 16.51 8.67 8.70
CA SER A 127 17.81 8.68 9.36
C SER A 127 18.41 7.29 9.35
N GLY A 128 19.44 7.08 8.53
CA GLY A 128 20.11 5.78 8.45
C GLY A 128 20.42 5.42 7.00
N ASP A 129 20.91 4.21 6.79
CA ASP A 129 21.24 3.75 5.44
C ASP A 129 20.00 3.16 4.77
N CYS A 130 19.99 3.19 3.44
CA CYS A 130 18.86 2.66 2.68
C CYS A 130 19.18 1.28 2.11
N ALA A 131 18.26 0.34 2.30
CA ALA A 131 18.43 -1.02 1.81
C ALA A 131 19.17 -1.88 2.84
N GLU A 132 19.50 -1.30 3.98
CA GLU A 132 20.20 -2.04 5.03
C GLU A 132 19.28 -3.12 5.60
N ARG A 133 19.88 -4.11 6.25
CA ARG A 133 19.09 -5.20 6.86
C ARG A 133 18.95 -4.95 8.35
N GLN A 134 17.76 -5.24 8.88
CA GLN A 134 17.50 -5.05 10.31
C GLN A 134 16.81 -6.27 10.91
N TRP A 135 16.08 -7.01 10.09
CA TRP A 135 15.39 -8.20 10.58
C TRP A 135 14.71 -8.96 9.43
N ASP A 136 14.74 -10.30 9.51
CA ASP A 136 14.15 -11.12 8.45
C ASP A 136 13.32 -12.26 9.04
N PHE A 137 12.55 -12.91 8.17
CA PHE A 137 11.71 -14.03 8.58
C PHE A 137 11.64 -15.05 7.44
N LEU A 138 12.11 -16.27 7.69
CA LEU A 138 12.13 -17.29 6.66
C LEU A 138 13.31 -17.04 5.74
N GLY A 139 14.26 -16.23 6.21
CA GLY A 139 15.43 -15.91 5.41
C GLY A 139 15.13 -14.76 4.46
N LEU A 140 13.99 -14.10 4.66
CA LEU A 140 13.59 -12.98 3.80
C LEU A 140 13.50 -11.70 4.63
N GLU A 141 14.09 -10.63 4.12
CA GLU A 141 14.07 -9.35 4.81
C GLU A 141 12.66 -8.75 4.78
N MET A 142 12.35 -7.94 5.78
CA MET A 142 11.02 -7.32 5.84
C MET A 142 10.69 -6.64 4.51
N PRO A 143 11.50 -5.70 4.09
CA PRO A 143 11.29 -4.98 2.80
C PRO A 143 10.73 -5.90 1.71
N GLN A 144 11.27 -7.12 1.65
CA GLN A 144 10.83 -8.08 0.66
C GLN A 144 9.43 -8.59 1.00
N TRP A 145 9.22 -8.92 2.27
CA TRP A 145 7.93 -9.41 2.71
C TRP A 145 6.86 -8.36 2.47
N LEU A 146 7.07 -7.17 3.04
CA LEU A 146 6.11 -6.07 2.86
C LEU A 146 5.66 -6.00 1.40
N LEU A 147 6.62 -6.12 0.47
CA LEU A 147 6.30 -6.09 -0.95
C LEU A 147 5.23 -7.15 -1.22
N GLY A 148 5.37 -8.27 -0.51
CA GLY A 148 4.41 -9.36 -0.66
C GLY A 148 2.99 -8.89 -0.37
N ILE A 149 2.85 -8.08 0.67
CA ILE A 149 1.55 -7.55 1.06
C ILE A 149 1.17 -6.37 0.19
N PHE A 150 2.18 -5.63 -0.28
CA PHE A 150 1.94 -4.46 -1.12
C PHE A 150 1.17 -4.86 -2.37
N ILE A 151 1.63 -5.93 -3.03
CA ILE A 151 0.98 -6.40 -4.24
C ILE A 151 -0.40 -6.97 -3.93
N ALA A 152 -0.50 -7.72 -2.85
CA ALA A 152 -1.78 -8.31 -2.45
C ALA A 152 -2.87 -7.24 -2.45
N TYR A 153 -2.57 -6.09 -1.87
CA TYR A 153 -3.55 -5.01 -1.78
C TYR A 153 -3.90 -4.49 -3.17
N LEU A 154 -2.91 -4.39 -4.03
CA LEU A 154 -3.13 -3.88 -5.39
C LEU A 154 -4.13 -4.77 -6.16
N ILE A 155 -3.96 -6.08 -6.05
CA ILE A 155 -4.84 -7.01 -6.75
C ILE A 155 -6.21 -7.08 -6.07
N VAL A 156 -6.25 -6.80 -4.77
CA VAL A 156 -7.51 -6.83 -4.03
C VAL A 156 -8.41 -5.69 -4.49
N ALA A 157 -7.80 -4.56 -4.84
CA ALA A 157 -8.55 -3.39 -5.28
C ALA A 157 -9.15 -3.58 -6.67
N VAL A 158 -8.35 -4.07 -7.61
CA VAL A 158 -8.83 -4.27 -8.97
C VAL A 158 -9.83 -5.42 -9.04
N LEU A 159 -9.75 -6.34 -8.09
CA LEU A 159 -10.65 -7.48 -8.06
C LEU A 159 -12.04 -7.07 -7.56
N VAL A 160 -12.06 -6.23 -6.53
CA VAL A 160 -13.34 -5.79 -5.96
C VAL A 160 -13.95 -4.69 -6.83
N VAL A 161 -13.12 -4.01 -7.61
CA VAL A 161 -13.61 -2.94 -8.48
C VAL A 161 -14.35 -3.54 -9.68
N ILE A 162 -13.73 -4.52 -10.31
CA ILE A 162 -14.34 -5.16 -11.48
C ILE A 162 -15.56 -5.99 -11.06
N SER A 163 -15.54 -6.49 -9.83
CA SER A 163 -16.64 -7.29 -9.33
C SER A 163 -17.95 -6.53 -9.43
N GLN A 164 -17.86 -5.20 -9.56
CA GLN A 164 -19.04 -4.35 -9.66
C GLN A 164 -18.96 -3.50 -10.93
N PRO A 165 -19.24 -4.07 -12.06
CA PRO A 165 -19.20 -3.35 -13.36
C PRO A 165 -20.41 -2.45 -13.57
N PHE A 166 -21.02 -2.03 -12.47
CA PHE A 166 -22.20 -1.16 -12.52
C PHE A 166 -23.14 -1.59 -13.65
N LYS A 167 -24.10 -0.73 -13.96
CA LYS A 167 -25.07 -1.03 -15.01
C LYS A 167 -25.35 0.22 -15.85
N ALA A 168 -24.94 1.37 -15.34
CA ALA A 168 -25.15 2.63 -16.04
C ALA A 168 -24.18 3.69 -15.56
N LYS A 169 -22.98 3.70 -16.14
CA LYS A 169 -21.95 4.66 -15.76
C LYS A 169 -21.11 5.04 -16.97
N LYS A 170 -21.72 4.99 -18.15
CA LYS A 170 -21.01 5.32 -19.38
C LYS A 170 -20.52 6.77 -19.34
N ARG A 171 -21.30 7.66 -19.95
CA ARG A 171 -20.93 9.08 -19.99
C ARG A 171 -22.16 9.93 -20.28
N ASP A 172 -23.09 9.39 -21.05
CA ASP A 172 -24.30 10.11 -21.41
C ASP A 172 -23.96 11.43 -22.09
N LEU A 173 -24.98 12.10 -22.64
CA LEU A 173 -24.77 13.38 -23.31
C LEU A 173 -24.82 14.52 -22.31
N PHE A 174 -25.04 14.19 -21.04
CA PHE A 174 -25.10 15.21 -20.00
C PHE A 174 -23.72 15.49 -19.43
N GLY A 175 -23.15 14.50 -18.75
CA GLY A 175 -21.82 14.65 -18.17
C GLY A 175 -21.83 15.70 -17.05
N ARG A 176 -20.70 16.34 -16.83
CA ARG A 176 -20.60 17.36 -15.79
C ARG A 176 -21.24 18.66 -16.24
N GLY A 177 -22.50 18.57 -16.67
CA GLY A 177 -23.21 19.75 -17.13
C GLY A 177 -23.92 20.45 -15.98
N HIS A 178 -25.25 20.57 -16.08
CA HIS A 178 -26.03 21.22 -15.04
C HIS A 178 -25.91 20.45 -13.73
N HIS A 179 -26.19 21.13 -12.62
CA HIS A 179 -26.11 20.50 -11.30
C HIS A 179 -27.12 21.13 -10.34
N HIS A 180 -28.28 21.50 -10.88
CA HIS A 180 -29.32 22.11 -10.07
C HIS A 180 -30.62 22.25 -10.86
N HIS A 181 -30.54 22.00 -12.16
CA HIS A 181 -31.71 22.09 -13.03
C HIS A 181 -32.03 20.74 -13.65
N HIS A 182 -31.52 19.67 -13.03
CA HIS A 182 -31.75 18.33 -13.53
C HIS A 182 -33.04 17.75 -12.95
N HIS A 183 -34.17 18.13 -13.52
CA HIS A 183 -35.46 17.66 -13.04
C HIS A 183 -35.49 16.13 -13.00
N MET A 1 -16.46 -19.07 -4.78
CA MET A 1 -16.78 -18.58 -6.16
C MET A 1 -16.44 -17.09 -6.26
N LEU A 2 -16.23 -16.62 -7.49
CA LEU A 2 -15.91 -15.22 -7.70
C LEU A 2 -17.10 -14.35 -7.30
N ARG A 3 -18.30 -14.84 -7.58
CA ARG A 3 -19.52 -14.12 -7.24
C ARG A 3 -19.56 -13.83 -5.74
N PHE A 4 -18.99 -14.74 -4.96
CA PHE A 4 -18.97 -14.57 -3.52
C PHE A 4 -17.99 -13.46 -3.13
N LEU A 5 -16.83 -13.45 -3.78
CA LEU A 5 -15.82 -12.43 -3.50
C LEU A 5 -16.46 -11.04 -3.56
N ASN A 6 -17.36 -10.84 -4.51
CA ASN A 6 -18.03 -9.56 -4.66
C ASN A 6 -18.95 -9.29 -3.48
N GLN A 7 -19.48 -10.37 -2.91
CA GLN A 7 -20.39 -10.25 -1.76
C GLN A 7 -19.61 -10.03 -0.48
N ALA A 8 -18.61 -10.88 -0.25
CA ALA A 8 -17.79 -10.77 0.97
C ALA A 8 -17.07 -9.43 1.01
N SER A 9 -16.66 -8.94 -0.16
CA SER A 9 -15.95 -7.67 -0.23
C SER A 9 -16.92 -6.50 -0.08
N GLN A 10 -18.15 -6.70 -0.53
CA GLN A 10 -19.16 -5.65 -0.45
C GLN A 10 -19.63 -5.48 1.00
N GLY A 11 -18.98 -6.20 1.91
CA GLY A 11 -19.32 -6.12 3.33
C GLY A 11 -18.31 -5.23 4.06
N ARG A 12 -18.79 -4.53 5.07
CA ARG A 12 -17.94 -3.64 5.86
C ARG A 12 -16.92 -4.45 6.64
N GLY A 13 -17.20 -5.74 6.83
CA GLY A 13 -16.29 -6.62 7.57
C GLY A 13 -15.01 -6.85 6.78
N ALA A 14 -15.15 -7.10 5.49
CA ALA A 14 -14.00 -7.34 4.64
C ALA A 14 -13.12 -6.09 4.59
N TRP A 15 -13.73 -4.95 4.30
CA TRP A 15 -12.99 -3.70 4.23
C TRP A 15 -12.34 -3.39 5.59
N LEU A 16 -13.10 -3.58 6.66
CA LEU A 16 -12.60 -3.31 8.00
C LEU A 16 -11.46 -4.26 8.33
N LEU A 17 -11.57 -5.50 7.85
CA LEU A 17 -10.55 -6.51 8.11
C LEU A 17 -9.25 -6.19 7.36
N MET A 18 -9.37 -5.50 6.23
CA MET A 18 -8.20 -5.13 5.45
C MET A 18 -7.43 -4.03 6.14
N ALA A 19 -8.14 -3.16 6.84
CA ALA A 19 -7.51 -2.05 7.55
C ALA A 19 -6.68 -2.58 8.72
N PHE A 20 -7.30 -3.38 9.58
CA PHE A 20 -6.61 -3.94 10.73
C PHE A 20 -5.31 -4.62 10.32
N THR A 21 -5.37 -5.42 9.27
CA THR A 21 -4.18 -6.13 8.79
C THR A 21 -3.03 -5.15 8.56
N ALA A 22 -3.29 -4.12 7.77
CA ALA A 22 -2.26 -3.13 7.47
C ALA A 22 -1.73 -2.48 8.75
N LEU A 23 -2.62 -2.20 9.69
CA LEU A 23 -2.23 -1.57 10.95
C LEU A 23 -1.42 -2.56 11.80
N ALA A 24 -1.88 -3.81 11.84
CA ALA A 24 -1.19 -4.83 12.63
C ALA A 24 0.30 -4.84 12.33
N LEU A 25 0.65 -4.71 11.06
CA LEU A 25 2.06 -4.71 10.66
C LEU A 25 2.74 -3.42 11.08
N GLU A 26 1.99 -2.32 11.06
CA GLU A 26 2.55 -1.02 11.46
C GLU A 26 2.84 -1.00 12.95
N LEU A 27 1.92 -1.51 13.75
CA LEU A 27 2.09 -1.53 15.20
C LEU A 27 3.11 -2.60 15.60
N THR A 28 2.82 -3.84 15.23
CA THR A 28 3.72 -4.94 15.56
C THR A 28 5.18 -4.55 15.29
N ALA A 29 5.38 -3.71 14.27
CA ALA A 29 6.73 -3.28 13.93
C ALA A 29 7.14 -2.08 14.78
N LEU A 30 6.20 -1.15 15.00
CA LEU A 30 6.48 0.04 15.80
C LEU A 30 7.12 -0.35 17.12
N TRP A 31 6.93 -1.60 17.54
CA TRP A 31 7.50 -2.08 18.79
C TRP A 31 8.94 -2.57 18.57
N PHE A 32 9.20 -3.11 17.39
CA PHE A 32 10.52 -3.61 17.06
C PHE A 32 11.55 -2.48 17.18
N GLN A 33 11.21 -1.32 16.66
CA GLN A 33 12.10 -0.17 16.70
C GLN A 33 12.11 0.45 18.10
N HIS A 34 11.00 0.31 18.81
CA HIS A 34 10.89 0.85 20.16
C HIS A 34 11.86 0.14 21.10
N VAL A 35 12.10 -1.14 20.83
CA VAL A 35 13.01 -1.92 21.65
C VAL A 35 14.33 -2.17 20.93
N MET A 36 14.25 -2.60 19.67
CA MET A 36 15.45 -2.87 18.88
C MET A 36 16.13 -1.56 18.48
N LEU A 37 15.57 -0.44 18.92
CA LEU A 37 16.15 0.86 18.59
C LEU A 37 16.55 0.91 17.12
N LEU A 38 15.66 0.43 16.25
CA LEU A 38 15.92 0.42 14.83
C LEU A 38 15.92 1.84 14.27
N LYS A 39 16.75 2.09 13.27
CA LYS A 39 16.85 3.41 12.66
C LYS A 39 16.40 3.37 11.20
N PRO A 40 15.13 3.58 10.94
CA PRO A 40 14.57 3.55 9.55
C PRO A 40 15.36 4.42 8.58
N CYS A 41 15.11 4.23 7.28
CA CYS A 41 15.81 4.99 6.25
C CYS A 41 14.81 5.91 5.52
N VAL A 42 15.29 6.59 4.49
CA VAL A 42 14.44 7.50 3.73
C VAL A 42 13.41 6.70 2.94
N LEU A 43 13.83 5.55 2.42
CA LEU A 43 12.96 4.70 1.62
C LEU A 43 11.98 3.92 2.50
N SER A 44 12.51 3.26 3.53
CA SER A 44 11.67 2.47 4.42
C SER A 44 10.47 3.28 4.89
N ILE A 45 10.71 4.47 5.40
CA ILE A 45 9.63 5.33 5.87
C ILE A 45 8.73 5.72 4.72
N TYR A 46 9.32 5.98 3.55
CA TYR A 46 8.54 6.34 2.38
C TYR A 46 7.50 5.27 2.10
N GLU A 47 7.93 4.01 2.18
CA GLU A 47 7.03 2.89 1.94
C GLU A 47 5.84 2.95 2.89
N ARG A 48 6.12 3.17 4.18
CA ARG A 48 5.05 3.26 5.17
C ARG A 48 4.01 4.27 4.71
N ALA A 49 4.46 5.28 3.97
CA ALA A 49 3.55 6.31 3.48
C ALA A 49 2.64 5.75 2.40
N ALA A 50 3.20 4.88 1.56
CA ALA A 50 2.44 4.26 0.48
C ALA A 50 1.26 3.47 1.05
N LEU A 51 1.55 2.61 2.01
CA LEU A 51 0.49 1.80 2.63
C LEU A 51 -0.36 2.67 3.54
N PHE A 52 0.28 3.41 4.44
CA PHE A 52 -0.46 4.29 5.34
C PHE A 52 -1.53 5.03 4.55
N GLY A 53 -1.18 5.43 3.33
CA GLY A 53 -2.10 6.13 2.45
C GLY A 53 -3.27 5.23 2.05
N VAL A 54 -2.95 3.98 1.69
CA VAL A 54 -3.99 3.04 1.29
C VAL A 54 -4.93 2.80 2.47
N LEU A 55 -4.34 2.56 3.63
CA LEU A 55 -5.12 2.33 4.84
C LEU A 55 -6.26 3.36 4.92
N GLY A 56 -5.91 4.62 4.68
CA GLY A 56 -6.90 5.69 4.71
C GLY A 56 -7.93 5.49 3.62
N ALA A 57 -7.50 4.86 2.52
CA ALA A 57 -8.39 4.61 1.40
C ALA A 57 -9.46 3.59 1.77
N ALA A 58 -9.06 2.58 2.53
CA ALA A 58 -10.00 1.55 2.96
C ALA A 58 -10.91 2.06 4.06
N LEU A 59 -10.42 3.06 4.80
CA LEU A 59 -11.20 3.64 5.89
C LEU A 59 -12.33 4.51 5.34
N ILE A 60 -11.99 5.36 4.38
CA ILE A 60 -12.98 6.24 3.77
C ILE A 60 -13.90 5.46 2.84
N GLY A 61 -13.35 4.39 2.25
CA GLY A 61 -14.14 3.56 1.33
C GLY A 61 -15.13 2.69 2.10
N ALA A 62 -14.75 2.26 3.29
CA ALA A 62 -15.61 1.42 4.12
C ALA A 62 -16.84 2.20 4.55
N ILE A 63 -16.95 3.45 4.10
CA ILE A 63 -18.09 4.28 4.46
C ILE A 63 -19.26 4.03 3.52
N ALA A 64 -18.95 3.52 2.33
CA ALA A 64 -19.99 3.23 1.34
C ALA A 64 -19.35 2.73 0.05
N PRO A 65 -18.87 1.52 0.03
CA PRO A 65 -18.23 0.92 -1.17
C PRO A 65 -19.26 0.41 -2.18
N LYS A 66 -20.47 0.95 -2.10
CA LYS A 66 -21.55 0.55 -3.01
C LYS A 66 -21.96 1.73 -3.88
N THR A 67 -21.37 2.89 -3.60
CA THR A 67 -21.66 4.11 -4.35
C THR A 67 -20.45 4.49 -5.20
N PRO A 68 -20.65 5.28 -6.22
CA PRO A 68 -19.55 5.72 -7.13
C PRO A 68 -18.24 5.96 -6.36
N LEU A 69 -18.35 6.19 -5.06
CA LEU A 69 -17.16 6.41 -4.24
C LEU A 69 -16.08 5.40 -4.58
N ARG A 70 -16.49 4.24 -5.09
CA ARG A 70 -15.54 3.19 -5.46
C ARG A 70 -14.36 3.79 -6.22
N TYR A 71 -14.58 4.34 -7.40
CA TYR A 71 -13.48 4.94 -8.16
C TYR A 71 -12.77 5.99 -7.30
N VAL A 72 -13.53 6.74 -6.52
CA VAL A 72 -12.94 7.80 -5.69
C VAL A 72 -11.89 7.25 -4.74
N ALA A 73 -12.21 6.19 -4.00
CA ALA A 73 -11.24 5.60 -3.09
C ALA A 73 -10.15 4.87 -3.88
N MET A 74 -10.55 4.33 -5.02
CA MET A 74 -9.61 3.61 -5.87
C MET A 74 -8.52 4.55 -6.37
N VAL A 75 -8.73 5.84 -6.18
CA VAL A 75 -7.75 6.83 -6.63
C VAL A 75 -6.42 6.65 -5.90
N ILE A 76 -6.52 6.34 -4.61
CA ILE A 76 -5.34 6.15 -3.78
C ILE A 76 -4.80 4.73 -3.92
N TRP A 77 -5.69 3.76 -4.06
CA TRP A 77 -5.25 2.37 -4.21
C TRP A 77 -4.37 2.25 -5.46
N LEU A 78 -4.87 2.72 -6.59
CA LEU A 78 -4.11 2.67 -7.84
C LEU A 78 -2.80 3.42 -7.70
N TYR A 79 -2.88 4.67 -7.28
CA TYR A 79 -1.69 5.51 -7.11
C TYR A 79 -0.56 4.71 -6.46
N SER A 80 -0.90 3.97 -5.42
CA SER A 80 0.10 3.15 -4.72
C SER A 80 0.34 1.85 -5.46
N ALA A 81 -0.64 1.41 -6.24
CA ALA A 81 -0.51 0.16 -6.98
C ALA A 81 0.67 0.24 -7.95
N PHE A 82 0.60 1.17 -8.89
CA PHE A 82 1.66 1.32 -9.88
C PHE A 82 2.90 1.99 -9.27
N ARG A 83 2.70 3.15 -8.65
CA ARG A 83 3.81 3.89 -8.05
C ARG A 83 4.44 3.12 -6.89
N GLY A 84 3.62 2.57 -6.00
CA GLY A 84 4.16 1.81 -4.88
C GLY A 84 4.99 0.63 -5.37
N VAL A 85 4.45 -0.10 -6.34
CA VAL A 85 5.15 -1.26 -6.89
C VAL A 85 6.39 -0.83 -7.69
N GLN A 86 6.29 0.29 -8.39
CA GLN A 86 7.39 0.78 -9.19
C GLN A 86 8.53 1.30 -8.31
N LEU A 87 8.17 1.98 -7.22
CA LEU A 87 9.17 2.52 -6.31
C LEU A 87 9.81 1.40 -5.49
N THR A 88 8.98 0.49 -5.00
CA THR A 88 9.47 -0.62 -4.21
C THR A 88 10.59 -1.36 -4.95
N TYR A 89 10.31 -1.75 -6.19
CA TYR A 89 11.31 -2.46 -6.99
C TYR A 89 12.65 -1.76 -6.91
N GLU A 90 12.62 -0.42 -6.90
CA GLU A 90 13.85 0.36 -6.82
C GLU A 90 14.59 0.01 -5.53
N HIS A 91 13.84 -0.14 -4.45
CA HIS A 91 14.43 -0.48 -3.17
C HIS A 91 15.14 -1.83 -3.24
N THR A 92 14.58 -2.74 -4.02
CA THR A 92 15.17 -4.06 -4.17
C THR A 92 16.37 -4.00 -5.11
N MET A 93 16.24 -3.26 -6.20
CA MET A 93 17.32 -3.12 -7.16
C MET A 93 18.63 -2.74 -6.47
N LEU A 94 18.56 -1.72 -5.62
CA LEU A 94 19.74 -1.27 -4.90
C LEU A 94 20.24 -2.36 -3.96
N GLN A 95 19.33 -2.95 -3.20
CA GLN A 95 19.69 -4.02 -2.27
C GLN A 95 20.47 -5.11 -2.99
N LEU A 96 20.07 -5.40 -4.23
CA LEU A 96 20.74 -6.43 -5.02
C LEU A 96 21.81 -5.81 -5.91
N TYR A 97 21.75 -4.49 -6.08
CA TYR A 97 22.72 -3.79 -6.90
C TYR A 97 22.83 -2.32 -6.50
N PRO A 98 23.47 -2.05 -5.39
CA PRO A 98 23.65 -0.66 -4.88
C PRO A 98 24.29 0.27 -5.92
N SER A 99 24.12 1.57 -5.73
CA SER A 99 24.68 2.54 -6.66
C SER A 99 24.59 3.95 -6.08
N PRO A 100 25.23 4.18 -4.96
CA PRO A 100 25.23 5.50 -4.28
C PRO A 100 26.13 6.50 -4.99
N PHE A 101 25.62 7.12 -6.06
CA PHE A 101 26.40 8.09 -6.81
C PHE A 101 25.48 8.94 -7.70
N ALA A 102 25.05 8.36 -8.81
CA ALA A 102 24.18 9.07 -9.74
C ALA A 102 22.74 9.10 -9.20
N THR A 103 22.55 9.82 -8.09
CA THR A 103 21.24 9.94 -7.49
C THR A 103 21.22 11.05 -6.44
N SER A 104 20.21 11.92 -6.52
CA SER A 104 20.09 13.03 -5.59
C SER A 104 19.44 12.57 -4.30
N ASP A 105 19.90 11.43 -3.78
CA ASP A 105 19.36 10.88 -2.54
C ASP A 105 20.39 10.96 -1.41
N PHE A 106 20.02 11.58 -0.30
CA PHE A 106 20.92 11.72 0.83
C PHE A 106 20.13 12.04 2.10
N MET A 107 19.10 12.86 1.96
CA MET A 107 18.28 13.24 3.10
C MET A 107 16.89 13.68 2.65
N VAL A 108 15.92 13.60 3.54
CA VAL A 108 14.56 13.99 3.21
C VAL A 108 14.51 15.45 2.78
N ARG A 109 14.18 15.67 1.51
CA ARG A 109 14.11 17.02 0.98
C ARG A 109 13.01 17.13 -0.07
N PHE A 110 11.86 17.67 0.35
CA PHE A 110 10.72 17.82 -0.55
C PHE A 110 10.25 19.28 -0.56
N PRO A 111 9.74 19.75 -1.67
CA PRO A 111 9.25 21.15 -1.79
C PRO A 111 8.53 21.62 -0.53
N GLU A 112 8.89 22.81 -0.06
CA GLU A 112 8.28 23.37 1.14
C GLU A 112 6.83 23.75 0.87
N TRP A 113 6.31 23.32 -0.28
CA TRP A 113 4.94 23.62 -0.65
C TRP A 113 3.99 22.54 -0.12
N LEU A 114 4.56 21.52 0.51
CA LEU A 114 3.76 20.43 1.07
C LEU A 114 4.09 20.23 2.55
N PRO A 115 3.55 21.07 3.39
CA PRO A 115 3.81 20.99 4.86
C PRO A 115 3.50 19.62 5.45
N LEU A 116 3.25 18.65 4.58
CA LEU A 116 2.94 17.30 5.03
C LEU A 116 4.16 16.69 5.71
N ASP A 117 5.34 17.08 5.23
CA ASP A 117 6.59 16.59 5.81
C ASP A 117 7.15 17.62 6.78
N LYS A 118 7.04 18.90 6.41
CA LYS A 118 7.53 19.97 7.26
C LYS A 118 6.67 20.12 8.52
N TRP A 119 5.36 20.09 8.34
CA TRP A 119 4.44 20.22 9.48
C TRP A 119 4.38 18.90 10.25
N VAL A 120 4.94 17.85 9.66
CA VAL A 120 4.95 16.55 10.31
C VAL A 120 6.28 15.84 10.08
N PRO A 121 7.32 16.32 10.70
CA PRO A 121 8.69 15.72 10.58
C PRO A 121 8.83 14.44 11.40
N GLN A 122 7.94 14.28 12.38
CA GLN A 122 7.98 13.11 13.25
C GLN A 122 7.94 11.82 12.43
N VAL A 123 6.93 11.70 11.56
CA VAL A 123 6.80 10.50 10.72
C VAL A 123 7.19 10.80 9.28
N PHE A 124 8.43 11.25 9.10
CA PHE A 124 8.93 11.58 7.76
C PHE A 124 10.45 11.71 7.77
N VAL A 125 10.98 12.28 8.85
CA VAL A 125 12.42 12.47 8.97
C VAL A 125 13.14 11.12 8.88
N ALA A 126 14.15 11.05 8.02
CA ALA A 126 14.91 9.81 7.84
C ALA A 126 16.16 9.83 8.72
N SER A 127 16.63 8.64 9.11
CA SER A 127 17.82 8.53 9.94
C SER A 127 18.47 7.16 9.76
N GLY A 128 19.58 7.12 9.04
CA GLY A 128 20.30 5.87 8.80
C GLY A 128 20.63 5.70 7.32
N ASP A 129 21.08 4.50 6.96
CA ASP A 129 21.43 4.21 5.57
C ASP A 129 20.26 3.52 4.87
N CYS A 130 20.36 3.38 3.54
CA CYS A 130 19.32 2.74 2.76
C CYS A 130 19.85 1.49 2.06
N ALA A 131 19.13 0.38 2.25
CA ALA A 131 19.50 -0.90 1.64
C ALA A 131 20.20 -1.79 2.65
N GLU A 132 20.55 -1.24 3.81
CA GLU A 132 21.22 -2.03 4.84
C GLU A 132 20.22 -3.03 5.43
N ARG A 133 20.74 -4.18 5.87
CA ARG A 133 19.89 -5.21 6.45
C ARG A 133 19.95 -5.17 7.97
N GLN A 134 18.78 -5.24 8.60
CA GLN A 134 18.70 -5.22 10.06
C GLN A 134 17.79 -6.33 10.58
N TRP A 135 17.02 -6.93 9.68
CA TRP A 135 16.11 -8.01 10.08
C TRP A 135 15.44 -8.64 8.85
N ASP A 136 15.42 -9.96 8.81
CA ASP A 136 14.84 -10.66 7.66
C ASP A 136 14.14 -11.96 8.07
N PHE A 137 13.21 -12.40 7.22
CA PHE A 137 12.48 -13.64 7.45
C PHE A 137 12.86 -14.65 6.38
N LEU A 138 13.00 -15.91 6.77
CA LEU A 138 13.36 -16.96 5.81
C LEU A 138 14.57 -16.50 4.98
N GLY A 139 15.26 -15.48 5.46
CA GLY A 139 16.44 -14.97 4.74
C GLY A 139 16.08 -13.85 3.77
N LEU A 140 14.95 -13.19 4.00
CA LEU A 140 14.52 -12.09 3.12
C LEU A 140 14.23 -10.84 3.95
N GLU A 141 14.64 -9.68 3.44
CA GLU A 141 14.43 -8.42 4.13
C GLU A 141 12.95 -8.07 4.18
N MET A 142 12.52 -7.44 5.26
CA MET A 142 11.12 -7.05 5.42
C MET A 142 10.61 -6.38 4.13
N PRO A 143 11.28 -5.36 3.66
CA PRO A 143 10.87 -4.65 2.42
C PRO A 143 10.43 -5.62 1.33
N GLN A 144 11.05 -6.78 1.28
CA GLN A 144 10.70 -7.79 0.28
C GLN A 144 9.35 -8.41 0.64
N TRP A 145 9.19 -8.80 1.89
CA TRP A 145 7.94 -9.39 2.34
C TRP A 145 6.81 -8.39 2.14
N LEU A 146 6.94 -7.22 2.76
CA LEU A 146 5.92 -6.18 2.64
C LEU A 146 5.47 -6.06 1.17
N LEU A 147 6.42 -6.21 0.25
CA LEU A 147 6.09 -6.13 -1.17
C LEU A 147 5.07 -7.21 -1.50
N GLY A 148 5.22 -8.35 -0.82
CA GLY A 148 4.30 -9.46 -1.02
C GLY A 148 2.88 -9.05 -0.66
N ILE A 149 2.75 -8.30 0.42
CA ILE A 149 1.44 -7.84 0.87
C ILE A 149 0.96 -6.68 -0.01
N PHE A 150 1.90 -5.97 -0.61
CA PHE A 150 1.57 -4.84 -1.48
C PHE A 150 0.83 -5.33 -2.72
N ILE A 151 1.32 -6.40 -3.31
CA ILE A 151 0.70 -6.95 -4.51
C ILE A 151 -0.68 -7.52 -4.16
N ALA A 152 -0.78 -8.13 -2.99
CA ALA A 152 -2.06 -8.69 -2.56
C ALA A 152 -3.15 -7.63 -2.68
N TYR A 153 -2.88 -6.45 -2.15
CA TYR A 153 -3.86 -5.35 -2.21
C TYR A 153 -4.18 -4.99 -3.65
N LEU A 154 -3.16 -4.99 -4.50
CA LEU A 154 -3.36 -4.66 -5.91
C LEU A 154 -4.33 -5.65 -6.54
N ILE A 155 -4.32 -6.88 -6.03
CA ILE A 155 -5.19 -7.92 -6.54
C ILE A 155 -6.58 -7.81 -5.92
N VAL A 156 -6.64 -7.33 -4.68
CA VAL A 156 -7.91 -7.20 -3.97
C VAL A 156 -8.80 -6.12 -4.61
N ALA A 157 -8.21 -4.99 -4.99
CA ALA A 157 -9.01 -3.92 -5.58
C ALA A 157 -9.30 -4.18 -7.06
N VAL A 158 -8.26 -4.55 -7.81
CA VAL A 158 -8.43 -4.81 -9.25
C VAL A 158 -9.56 -5.80 -9.50
N LEU A 159 -9.74 -6.76 -8.59
CA LEU A 159 -10.78 -7.76 -8.74
C LEU A 159 -12.11 -7.24 -8.19
N VAL A 160 -12.04 -6.48 -7.10
CA VAL A 160 -13.24 -5.94 -6.48
C VAL A 160 -13.93 -4.92 -7.38
N VAL A 161 -13.14 -4.22 -8.19
CA VAL A 161 -13.71 -3.23 -9.10
C VAL A 161 -14.29 -3.93 -10.32
N ILE A 162 -13.50 -4.81 -10.91
CA ILE A 162 -13.95 -5.55 -12.10
C ILE A 162 -15.13 -6.45 -11.74
N SER A 163 -15.40 -6.57 -10.44
CA SER A 163 -16.51 -7.40 -9.98
C SER A 163 -17.81 -6.98 -10.66
N GLN A 164 -17.99 -5.67 -10.84
CA GLN A 164 -19.20 -5.15 -11.47
C GLN A 164 -19.00 -3.69 -11.90
N PRO A 165 -18.23 -3.47 -12.95
CA PRO A 165 -17.96 -2.10 -13.46
C PRO A 165 -19.09 -1.59 -14.35
N PHE A 166 -20.14 -2.40 -14.50
CA PHE A 166 -21.28 -2.02 -15.32
C PHE A 166 -22.56 -2.65 -14.80
N LYS A 167 -23.70 -2.16 -15.26
CA LYS A 167 -24.99 -2.69 -14.83
C LYS A 167 -25.37 -3.90 -15.66
N ALA A 168 -24.52 -4.92 -15.65
CA ALA A 168 -24.78 -6.13 -16.40
C ALA A 168 -26.02 -6.86 -15.85
N LYS A 169 -26.18 -8.12 -16.22
CA LYS A 169 -27.32 -8.91 -15.75
C LYS A 169 -26.90 -10.34 -15.45
N LYS A 170 -25.76 -10.49 -14.79
CA LYS A 170 -25.25 -11.82 -14.45
C LYS A 170 -26.09 -12.43 -13.33
N ARG A 171 -26.59 -13.64 -13.57
CA ARG A 171 -27.41 -14.34 -12.57
C ARG A 171 -26.85 -15.74 -12.32
N ASP A 172 -27.75 -16.72 -12.23
CA ASP A 172 -27.32 -18.10 -11.99
C ASP A 172 -26.31 -18.53 -13.05
N LEU A 173 -26.71 -18.41 -14.32
CA LEU A 173 -25.84 -18.79 -15.41
C LEU A 173 -25.43 -20.25 -15.31
N PHE A 174 -26.07 -21.10 -16.11
CA PHE A 174 -25.77 -22.53 -16.10
C PHE A 174 -24.66 -22.85 -17.10
N GLY A 175 -23.59 -22.05 -17.08
CA GLY A 175 -22.48 -22.27 -18.00
C GLY A 175 -21.96 -23.70 -17.88
N ARG A 176 -22.35 -24.55 -18.83
CA ARG A 176 -21.92 -25.95 -18.83
C ARG A 176 -22.33 -26.64 -17.53
N GLY A 177 -23.02 -27.76 -17.65
CA GLY A 177 -23.46 -28.51 -16.49
C GLY A 177 -22.40 -29.50 -16.03
N HIS A 178 -22.82 -30.73 -15.75
CA HIS A 178 -21.90 -31.76 -15.30
C HIS A 178 -22.51 -33.16 -15.47
N HIS A 179 -22.03 -33.89 -16.47
CA HIS A 179 -22.55 -35.22 -16.73
C HIS A 179 -21.52 -36.06 -17.51
N HIS A 180 -21.25 -35.63 -18.74
CA HIS A 180 -20.29 -36.34 -19.58
C HIS A 180 -20.55 -37.84 -19.53
N HIS A 181 -19.65 -38.58 -18.89
CA HIS A 181 -19.79 -40.03 -18.79
C HIS A 181 -20.38 -40.41 -17.44
N HIS A 182 -19.60 -41.11 -16.63
CA HIS A 182 -20.06 -41.53 -15.31
C HIS A 182 -18.94 -42.26 -14.56
N HIS A 183 -17.99 -42.80 -15.31
CA HIS A 183 -16.89 -43.53 -14.70
C HIS A 183 -15.74 -42.57 -14.37
#